data_2KMX
#
_entry.id   2KMX
#
loop_
_entity.id
_entity.type
_entity.pdbx_description
1 polymer 'Copper-transporting ATPase 1'
2 non-polymer "ADENOSINE-5'-TRIPHOSPHATE"
#
_entity_poly.entity_id   1
_entity_poly.type   'polypeptide(L)'
_entity_poly.pdbx_seq_one_letter_code
;SFTMHGTPVVNQVKVLTESNRISHHKILAIVGTAESNSEHPLGTAITKYCKQELDTETLGTCIDFQVVPGCGISCKVTNI
EGLLHKNNWNIEDNNIKNASLVQIDASNEQSSTSSSMIIDAQISNALNAQQYKVLIGNREWMIRNGLVINNDVNDFMTEH
ERKGRTAVLVAVDDELCGLIAIADT
;
_entity_poly.pdbx_strand_id   A
#
# COMPACT_ATOMS: atom_id res chain seq x y z
N SER A 1 9.84 -18.43 13.48
CA SER A 1 8.99 -19.63 13.62
C SER A 1 7.59 -19.23 14.10
N PHE A 2 6.68 -18.89 13.18
CA PHE A 2 5.26 -18.62 13.46
C PHE A 2 4.34 -19.01 12.28
N THR A 3 3.01 -18.96 12.49
CA THR A 3 1.97 -19.35 11.52
C THR A 3 1.78 -18.34 10.38
N MET A 4 1.36 -18.87 9.24
CA MET A 4 0.96 -18.11 8.04
C MET A 4 0.10 -18.96 7.08
N HIS A 5 -0.69 -19.89 7.63
CA HIS A 5 -1.38 -20.93 6.85
C HIS A 5 -2.68 -20.45 6.15
N GLY A 6 -3.38 -19.42 6.66
CA GLY A 6 -4.62 -18.94 6.06
C GLY A 6 -4.37 -18.03 4.85
N THR A 7 -3.91 -18.61 3.74
CA THR A 7 -3.40 -17.91 2.57
C THR A 7 -4.50 -17.24 1.73
N PRO A 8 -4.35 -15.96 1.37
CA PRO A 8 -5.26 -15.23 0.49
C PRO A 8 -4.85 -15.32 -0.99
N VAL A 9 -5.84 -15.29 -1.88
CA VAL A 9 -5.71 -15.28 -3.34
C VAL A 9 -6.57 -14.19 -3.99
N VAL A 10 -5.99 -13.38 -4.87
CA VAL A 10 -6.67 -12.24 -5.50
C VAL A 10 -7.67 -12.72 -6.55
N ASN A 11 -8.93 -12.29 -6.43
CA ASN A 11 -10.05 -12.87 -7.15
C ASN A 11 -10.81 -11.92 -8.11
N GLN A 12 -11.01 -10.64 -7.76
CA GLN A 12 -11.57 -9.64 -8.68
C GLN A 12 -11.02 -8.23 -8.39
N VAL A 13 -10.82 -7.40 -9.43
CA VAL A 13 -10.49 -5.97 -9.29
C VAL A 13 -11.45 -5.06 -10.07
N LYS A 14 -11.77 -3.89 -9.50
CA LYS A 14 -12.61 -2.84 -10.10
C LYS A 14 -12.01 -1.45 -9.87
N VAL A 15 -12.10 -0.56 -10.86
CA VAL A 15 -11.56 0.82 -10.81
C VAL A 15 -12.63 1.82 -10.38
N LEU A 16 -12.21 2.89 -9.69
CA LEU A 16 -13.06 4.00 -9.25
C LEU A 16 -12.61 5.38 -9.78
N THR A 17 -11.30 5.67 -9.86
CA THR A 17 -10.76 6.95 -10.38
C THR A 17 -10.69 7.00 -11.92
N GLU A 18 -11.59 6.29 -12.61
CA GLU A 18 -11.53 6.08 -14.08
C GLU A 18 -11.41 7.41 -14.85
N SER A 19 -10.48 7.49 -15.81
CA SER A 19 -10.11 8.69 -16.57
C SER A 19 -9.53 9.89 -15.78
N ASN A 20 -9.54 9.90 -14.45
CA ASN A 20 -9.23 11.09 -13.64
C ASN A 20 -7.77 11.18 -13.12
N ARG A 21 -7.09 10.04 -12.86
CA ARG A 21 -5.74 10.02 -12.23
C ARG A 21 -4.92 8.81 -12.68
N ILE A 22 -5.35 7.60 -12.31
CA ILE A 22 -4.64 6.32 -12.46
C ILE A 22 -5.52 5.27 -13.15
N SER A 23 -4.97 4.47 -14.06
CA SER A 23 -5.66 3.36 -14.73
C SER A 23 -5.28 1.98 -14.16
N HIS A 24 -6.11 0.95 -14.38
CA HIS A 24 -6.05 -0.38 -13.76
C HIS A 24 -4.65 -1.03 -13.74
N HIS A 25 -3.90 -0.92 -14.83
CA HIS A 25 -2.58 -1.48 -15.01
C HIS A 25 -1.52 -0.78 -14.15
N LYS A 26 -1.55 0.57 -14.06
CA LYS A 26 -0.71 1.32 -13.12
C LYS A 26 -1.15 1.09 -11.66
N ILE A 27 -2.45 0.91 -11.37
CA ILE A 27 -2.94 0.54 -10.02
C ILE A 27 -2.31 -0.78 -9.55
N LEU A 28 -2.39 -1.85 -10.36
CA LEU A 28 -1.81 -3.15 -9.96
C LEU A 28 -0.27 -3.11 -9.92
N ALA A 29 0.36 -2.28 -10.76
CA ALA A 29 1.81 -2.06 -10.72
C ALA A 29 2.26 -1.39 -9.40
N ILE A 30 1.62 -0.29 -8.96
CA ILE A 30 2.04 0.41 -7.73
C ILE A 30 1.72 -0.40 -6.46
N VAL A 31 0.61 -1.14 -6.41
CA VAL A 31 0.32 -2.04 -5.28
C VAL A 31 1.28 -3.23 -5.25
N GLY A 32 1.54 -3.87 -6.39
CA GLY A 32 2.46 -5.02 -6.48
C GLY A 32 3.92 -4.65 -6.20
N THR A 33 4.37 -3.45 -6.60
CA THR A 33 5.73 -2.97 -6.29
C THR A 33 5.87 -2.50 -4.83
N ALA A 34 4.81 -1.95 -4.23
CA ALA A 34 4.77 -1.63 -2.80
C ALA A 34 4.85 -2.89 -1.93
N GLU A 35 4.01 -3.89 -2.20
CA GLU A 35 4.02 -5.16 -1.46
C GLU A 35 5.25 -6.03 -1.76
N SER A 36 5.94 -5.79 -2.89
CA SER A 36 7.27 -6.34 -3.16
C SER A 36 8.35 -5.81 -2.21
N ASN A 37 8.11 -4.69 -1.51
CA ASN A 37 9.05 -4.06 -0.56
C ASN A 37 8.51 -4.00 0.89
N SER A 38 7.22 -4.33 1.11
CA SER A 38 6.61 -4.53 2.44
C SER A 38 6.82 -5.97 2.98
N GLU A 39 6.20 -6.29 4.12
CA GLU A 39 6.33 -7.57 4.85
C GLU A 39 4.98 -8.11 5.34
N HIS A 40 3.92 -7.84 4.60
CA HIS A 40 2.53 -8.21 4.96
C HIS A 40 2.07 -9.58 4.37
N PRO A 41 0.99 -10.17 4.93
CA PRO A 41 0.51 -11.51 4.55
C PRO A 41 -0.49 -11.52 3.39
N LEU A 42 -1.16 -10.39 3.13
CA LEU A 42 -2.34 -10.28 2.25
C LEU A 42 -2.05 -9.57 0.93
N GLY A 43 -1.46 -8.38 1.00
CA GLY A 43 -1.12 -7.59 -0.20
C GLY A 43 -0.08 -8.27 -1.13
N THR A 44 0.72 -9.17 -0.58
CA THR A 44 1.68 -10.00 -1.33
C THR A 44 1.03 -10.91 -2.38
N ALA A 45 -0.28 -11.19 -2.28
CA ALA A 45 -1.02 -11.85 -3.37
C ALA A 45 -1.06 -10.99 -4.64
N ILE A 46 -1.13 -9.66 -4.49
CA ILE A 46 -1.02 -8.69 -5.59
C ILE A 46 0.43 -8.58 -6.09
N THR A 47 1.45 -8.75 -5.23
CA THR A 47 2.86 -8.86 -5.70
C THR A 47 2.98 -9.95 -6.77
N LYS A 48 2.48 -11.18 -6.52
CA LYS A 48 2.48 -12.26 -7.51
C LYS A 48 1.67 -11.90 -8.76
N TYR A 49 0.46 -11.39 -8.61
CA TYR A 49 -0.44 -11.04 -9.74
C TYR A 49 0.24 -10.06 -10.72
N CYS A 50 0.95 -9.07 -10.16
CA CYS A 50 1.82 -8.15 -10.90
C CYS A 50 3.07 -8.86 -11.47
N LYS A 51 3.84 -9.60 -10.67
CA LYS A 51 5.10 -10.24 -11.11
C LYS A 51 4.86 -11.23 -12.27
N GLN A 52 3.79 -12.02 -12.19
CA GLN A 52 3.34 -12.97 -13.21
C GLN A 52 2.85 -12.24 -14.49
N GLU A 53 2.27 -11.04 -14.38
CA GLU A 53 1.93 -10.19 -15.53
C GLU A 53 3.19 -9.61 -16.20
N LEU A 54 4.11 -9.01 -15.44
CA LEU A 54 5.29 -8.30 -15.98
C LEU A 54 6.37 -9.23 -16.55
N ASP A 55 6.41 -10.50 -16.13
CA ASP A 55 7.38 -11.53 -16.57
C ASP A 55 8.86 -11.11 -16.36
N THR A 56 9.15 -10.53 -15.18
CA THR A 56 10.45 -9.88 -14.91
C THR A 56 11.08 -10.11 -13.52
N GLU A 57 10.30 -10.32 -12.45
CA GLU A 57 10.72 -10.40 -11.03
C GLU A 57 11.33 -9.12 -10.38
N THR A 58 11.93 -8.22 -11.16
CA THR A 58 12.73 -7.06 -10.69
C THR A 58 11.92 -5.80 -10.34
N LEU A 59 10.82 -5.98 -9.60
CA LEU A 59 9.85 -4.91 -9.27
C LEU A 59 9.96 -4.42 -7.81
N GLY A 60 9.60 -3.15 -7.52
CA GLY A 60 9.70 -2.55 -6.18
C GLY A 60 11.01 -1.81 -5.92
N THR A 61 10.88 -0.53 -5.56
CA THR A 61 11.93 0.43 -5.14
C THR A 61 11.47 1.08 -3.80
N CYS A 62 12.15 2.09 -3.27
CA CYS A 62 11.96 2.61 -1.91
C CYS A 62 10.52 3.09 -1.57
N ILE A 63 10.14 2.83 -0.31
CA ILE A 63 8.85 2.93 0.34
C ILE A 63 9.11 3.62 1.70
N ASP A 64 8.22 4.50 2.14
CA ASP A 64 8.25 5.12 3.47
C ASP A 64 6.90 4.88 4.16
N PHE A 65 6.78 3.80 4.96
CA PHE A 65 5.49 3.36 5.48
C PHE A 65 5.10 3.79 6.90
N GLN A 66 3.81 3.56 7.14
CA GLN A 66 2.98 3.74 8.33
C GLN A 66 1.96 2.56 8.38
N VAL A 67 2.13 1.55 9.25
CA VAL A 67 1.34 0.28 9.24
C VAL A 67 0.34 0.13 10.40
N VAL A 68 -0.78 -0.59 10.23
CA VAL A 68 -1.76 -0.91 11.29
C VAL A 68 -2.22 -2.38 11.18
N PRO A 69 -2.37 -3.15 12.28
CA PRO A 69 -3.00 -4.48 12.24
C PRO A 69 -4.50 -4.39 11.90
N GLY A 70 -4.95 -5.23 10.97
CA GLY A 70 -6.34 -5.34 10.49
C GLY A 70 -6.86 -4.16 9.65
N CYS A 71 -6.42 -2.92 9.95
CA CYS A 71 -6.96 -1.70 9.36
C CYS A 71 -6.27 -1.21 8.07
N GLY A 72 -5.28 -1.95 7.55
CA GLY A 72 -4.51 -1.59 6.37
C GLY A 72 -3.22 -0.79 6.66
N ILE A 73 -2.52 -0.37 5.61
CA ILE A 73 -1.28 0.42 5.70
C ILE A 73 -1.23 1.58 4.71
N SER A 74 -0.38 2.58 4.97
CA SER A 74 -0.07 3.71 4.08
C SER A 74 1.44 3.90 3.91
N CYS A 75 1.89 4.35 2.75
CA CYS A 75 3.30 4.61 2.44
C CYS A 75 3.50 5.65 1.34
N LYS A 76 4.76 6.03 1.10
CA LYS A 76 5.19 6.85 -0.04
C LYS A 76 6.12 5.96 -0.87
N VAL A 77 5.71 5.55 -2.07
CA VAL A 77 6.51 4.71 -2.99
C VAL A 77 7.14 5.49 -4.14
N THR A 78 8.45 5.33 -4.31
CA THR A 78 9.22 5.90 -5.43
C THR A 78 9.68 4.83 -6.42
N ASN A 79 9.97 5.31 -7.62
CA ASN A 79 10.77 4.70 -8.67
C ASN A 79 11.04 5.77 -9.74
N ILE A 80 10.02 6.56 -10.08
CA ILE A 80 10.01 7.59 -11.14
C ILE A 80 11.20 8.58 -11.14
N GLU A 81 11.71 9.01 -9.97
CA GLU A 81 12.99 9.72 -9.87
C GLU A 81 13.67 9.47 -8.51
N GLY A 82 13.68 8.20 -8.08
CA GLY A 82 14.25 7.74 -6.81
C GLY A 82 15.77 7.88 -6.70
N LEU A 83 16.45 8.29 -7.76
CA LEU A 83 17.92 8.42 -7.88
C LEU A 83 18.54 9.53 -7.03
N LEU A 84 17.72 10.29 -6.29
CA LEU A 84 18.17 11.27 -5.27
C LEU A 84 18.39 10.62 -3.90
N HIS A 85 17.56 9.63 -3.54
CA HIS A 85 17.47 8.97 -2.23
C HIS A 85 17.05 9.93 -1.09
N LYS A 86 15.87 9.69 -0.48
CA LYS A 86 15.18 10.61 0.45
C LYS A 86 15.62 10.54 1.92
N ASN A 87 15.41 11.65 2.63
CA ASN A 87 15.43 11.74 4.10
C ASN A 87 13.98 11.55 4.59
N ASN A 88 13.73 10.55 5.43
CA ASN A 88 12.38 10.09 5.79
C ASN A 88 12.14 10.05 7.32
N TRP A 89 12.95 10.72 8.15
CA TRP A 89 12.95 10.50 9.61
C TRP A 89 11.78 11.21 10.32
N ASN A 90 10.83 10.43 10.85
CA ASN A 90 9.62 10.89 11.57
C ASN A 90 8.78 11.89 10.75
N ILE A 91 8.94 11.88 9.43
CA ILE A 91 8.55 12.92 8.47
C ILE A 91 7.05 13.22 8.33
N GLU A 92 6.17 12.35 8.83
CA GLU A 92 4.73 12.60 8.96
C GLU A 92 4.40 13.61 10.08
N ASP A 93 5.34 13.80 11.02
CA ASP A 93 5.32 14.88 12.00
C ASP A 93 6.39 15.92 11.71
N ASN A 94 7.63 15.51 11.35
CA ASN A 94 8.83 16.35 11.23
C ASN A 94 8.49 17.75 10.70
N ASN A 95 8.37 18.71 11.61
CA ASN A 95 7.79 20.02 11.34
C ASN A 95 8.85 21.02 10.87
N ILE A 96 8.50 21.86 9.89
CA ILE A 96 9.33 22.99 9.47
C ILE A 96 9.37 24.08 10.54
N LYS A 97 8.23 24.34 11.22
CA LYS A 97 8.03 25.44 12.16
C LYS A 97 6.71 25.28 12.93
N ASN A 98 6.75 25.12 14.26
CA ASN A 98 5.54 25.12 15.10
C ASN A 98 5.03 26.54 15.46
N ALA A 99 5.14 27.48 14.54
CA ALA A 99 4.85 28.91 14.70
C ALA A 99 4.46 29.59 13.36
N SER A 100 4.13 30.88 13.42
CA SER A 100 3.70 31.74 12.30
C SER A 100 4.80 32.02 11.25
N LEU A 101 4.43 32.12 9.96
CA LEU A 101 5.36 32.32 8.82
C LEU A 101 4.82 32.96 7.52
N VAL A 102 3.50 33.10 7.34
CA VAL A 102 2.92 33.72 6.14
C VAL A 102 3.00 35.25 6.23
N GLN A 103 2.58 35.80 7.37
CA GLN A 103 2.76 37.21 7.75
C GLN A 103 2.78 37.35 9.27
N ILE A 104 3.98 37.29 9.85
CA ILE A 104 4.22 37.26 11.30
C ILE A 104 3.74 38.56 11.96
N ASP A 105 3.94 39.71 11.29
CA ASP A 105 3.51 41.02 11.81
C ASP A 105 1.98 41.15 11.97
N ALA A 106 1.20 40.34 11.24
CA ALA A 106 -0.25 40.24 11.35
C ALA A 106 -0.73 39.02 12.18
N SER A 107 0.16 38.06 12.49
CA SER A 107 -0.18 36.80 13.16
C SER A 107 0.89 36.35 14.15
N ASN A 108 0.67 36.71 15.43
CA ASN A 108 1.38 36.25 16.61
C ASN A 108 2.92 36.36 16.56
N GLU A 109 3.44 37.57 16.82
CA GLU A 109 4.87 37.86 16.85
C GLU A 109 5.56 37.34 18.13
N GLN A 110 5.67 36.02 18.31
CA GLN A 110 6.45 35.43 19.41
C GLN A 110 7.96 35.71 19.22
N SER A 111 8.50 35.41 18.03
CA SER A 111 9.94 35.39 17.74
C SER A 111 10.33 36.02 16.39
N SER A 112 11.64 36.15 16.20
CA SER A 112 12.40 36.48 14.98
C SER A 112 12.28 35.42 13.88
N THR A 113 12.24 34.14 14.24
CA THR A 113 12.08 32.93 13.39
C THR A 113 13.16 32.64 12.33
N SER A 114 13.38 31.35 12.05
CA SER A 114 14.16 30.86 10.89
C SER A 114 13.29 30.93 9.62
N SER A 115 13.85 31.28 8.45
CA SER A 115 13.11 31.30 7.17
C SER A 115 13.71 30.52 5.99
N SER A 116 14.87 29.85 6.15
CA SER A 116 15.36 28.83 5.18
C SER A 116 15.74 27.48 5.78
N MET A 117 16.25 27.39 7.01
CA MET A 117 16.69 26.09 7.55
C MET A 117 15.49 25.20 7.90
N ILE A 118 15.50 23.93 7.52
CA ILE A 118 14.45 22.91 7.76
C ILE A 118 13.13 23.18 6.98
N ILE A 119 12.71 24.44 6.82
CA ILE A 119 11.63 24.90 5.93
C ILE A 119 12.01 24.60 4.47
N ASP A 120 11.06 24.12 3.66
CA ASP A 120 11.26 23.57 2.29
C ASP A 120 12.16 22.32 2.20
N ALA A 121 13.03 22.04 3.18
CA ALA A 121 14.07 21.01 3.12
C ALA A 121 13.56 19.58 2.81
N GLN A 122 12.30 19.30 3.14
CA GLN A 122 11.62 18.04 2.87
C GLN A 122 10.72 18.07 1.64
N ILE A 123 10.23 19.26 1.25
CA ILE A 123 9.30 19.47 0.14
C ILE A 123 10.08 19.47 -1.18
N SER A 124 11.16 20.26 -1.25
CA SER A 124 12.04 20.29 -2.42
C SER A 124 12.79 18.96 -2.60
N ASN A 125 13.04 18.23 -1.51
CA ASN A 125 13.52 16.85 -1.54
C ASN A 125 12.51 15.95 -2.27
N ALA A 126 11.26 15.86 -1.81
CA ALA A 126 10.19 15.08 -2.44
C ALA A 126 9.84 15.51 -3.88
N LEU A 127 9.84 16.81 -4.18
CA LEU A 127 9.50 17.33 -5.52
C LEU A 127 10.60 17.07 -6.57
N ASN A 128 11.82 16.72 -6.16
CA ASN A 128 12.86 16.22 -7.07
C ASN A 128 12.95 14.68 -7.02
N ALA A 129 12.96 14.09 -5.82
CA ALA A 129 12.93 12.64 -5.57
C ALA A 129 11.50 12.10 -5.74
N GLN A 130 10.92 12.30 -6.93
CA GLN A 130 9.49 12.12 -7.17
C GLN A 130 8.92 10.78 -6.69
N GLN A 131 7.73 10.94 -6.12
CA GLN A 131 7.12 9.99 -5.21
C GLN A 131 5.59 9.93 -5.26
N TYR A 132 4.98 8.92 -4.62
CA TYR A 132 3.56 8.64 -4.71
C TYR A 132 2.98 8.14 -3.37
N LYS A 133 2.02 8.88 -2.81
CA LYS A 133 1.27 8.52 -1.59
C LYS A 133 0.21 7.46 -1.90
N VAL A 134 0.33 6.28 -1.30
CA VAL A 134 -0.61 5.15 -1.50
C VAL A 134 -0.99 4.47 -0.19
N LEU A 135 -2.24 4.02 -0.08
CA LEU A 135 -2.77 3.24 1.04
C LEU A 135 -3.81 2.20 0.60
N ILE A 136 -3.95 1.13 1.37
CA ILE A 136 -4.77 -0.04 1.02
C ILE A 136 -5.28 -0.74 2.29
N GLY A 137 -6.50 -1.30 2.23
CA GLY A 137 -7.04 -2.20 3.26
C GLY A 137 -8.36 -1.76 3.90
N ASN A 138 -8.98 -2.71 4.62
CA ASN A 138 -10.12 -2.52 5.52
C ASN A 138 -11.28 -1.69 4.90
N ARG A 139 -11.93 -0.82 5.67
CA ARG A 139 -12.90 0.19 5.21
C ARG A 139 -12.84 1.52 5.98
N GLU A 140 -12.52 1.53 7.28
CA GLU A 140 -12.56 2.78 8.07
C GLU A 140 -11.50 3.83 7.68
N TRP A 141 -10.27 3.42 7.34
CA TRP A 141 -9.26 4.38 6.84
C TRP A 141 -9.63 4.95 5.46
N MET A 142 -10.32 4.16 4.64
CA MET A 142 -10.87 4.59 3.33
C MET A 142 -11.87 5.76 3.50
N ILE A 143 -12.63 5.76 4.58
CA ILE A 143 -13.45 6.89 5.05
C ILE A 143 -12.52 8.04 5.49
N ARG A 144 -11.77 7.83 6.58
CA ARG A 144 -10.94 8.82 7.30
C ARG A 144 -9.93 9.59 6.43
N ASN A 145 -9.48 9.06 5.29
CA ASN A 145 -8.56 9.74 4.35
C ASN A 145 -9.24 10.89 3.54
N GLY A 146 -10.36 11.44 4.00
CA GLY A 146 -11.05 12.58 3.37
C GLY A 146 -11.82 12.25 2.07
N LEU A 147 -12.02 10.97 1.76
CA LEU A 147 -12.65 10.51 0.52
C LEU A 147 -14.19 10.53 0.62
N VAL A 148 -14.87 10.22 -0.48
CA VAL A 148 -16.33 9.98 -0.52
C VAL A 148 -16.58 8.55 -1.02
N ILE A 149 -17.42 7.77 -0.33
CA ILE A 149 -17.86 6.44 -0.77
C ILE A 149 -19.28 6.50 -1.36
N ASN A 150 -19.50 5.84 -2.49
CA ASN A 150 -20.78 5.79 -3.21
C ASN A 150 -21.61 4.54 -2.88
N ASN A 151 -22.92 4.57 -3.13
CA ASN A 151 -23.82 3.46 -2.78
C ASN A 151 -23.68 2.22 -3.69
N ASP A 152 -23.01 2.32 -4.85
CA ASP A 152 -22.81 1.19 -5.76
C ASP A 152 -21.59 0.34 -5.39
N VAL A 153 -20.46 0.98 -5.08
CA VAL A 153 -19.28 0.30 -4.54
C VAL A 153 -19.57 -0.32 -3.18
N ASN A 154 -20.41 0.31 -2.34
CA ASN A 154 -20.82 -0.29 -1.06
C ASN A 154 -21.71 -1.54 -1.24
N ASP A 155 -22.67 -1.49 -2.16
CA ASP A 155 -23.50 -2.65 -2.56
C ASP A 155 -22.65 -3.78 -3.20
N PHE A 156 -21.60 -3.45 -3.93
CA PHE A 156 -20.61 -4.39 -4.47
C PHE A 156 -19.69 -4.97 -3.36
N MET A 157 -19.33 -4.16 -2.35
CA MET A 157 -18.42 -4.50 -1.25
C MET A 157 -19.05 -5.49 -0.25
N THR A 158 -20.18 -5.12 0.35
CA THR A 158 -20.86 -5.94 1.37
C THR A 158 -21.33 -7.29 0.82
N GLU A 159 -21.62 -7.37 -0.47
CA GLU A 159 -21.91 -8.58 -1.23
C GLU A 159 -20.77 -9.62 -1.18
N HIS A 160 -19.52 -9.21 -1.41
CA HIS A 160 -18.36 -10.11 -1.22
C HIS A 160 -18.19 -10.53 0.25
N GLU A 161 -18.48 -9.63 1.19
CA GLU A 161 -18.49 -9.93 2.63
C GLU A 161 -19.64 -10.89 3.02
N ARG A 162 -20.78 -10.83 2.32
CA ARG A 162 -21.97 -11.71 2.48
C ARG A 162 -21.69 -13.12 1.97
N LYS A 163 -20.96 -13.20 0.85
CA LYS A 163 -20.35 -14.42 0.29
C LYS A 163 -19.17 -14.94 1.15
N GLY A 164 -18.84 -14.26 2.25
CA GLY A 164 -17.84 -14.72 3.24
C GLY A 164 -16.39 -14.59 2.80
N ARG A 165 -16.10 -13.79 1.75
CA ARG A 165 -14.76 -13.54 1.21
C ARG A 165 -14.14 -12.26 1.79
N THR A 166 -12.91 -11.94 1.38
CA THR A 166 -12.13 -10.79 1.84
C THR A 166 -12.35 -9.61 0.88
N ALA A 167 -12.83 -8.47 1.39
CA ALA A 167 -13.30 -7.35 0.57
C ALA A 167 -12.67 -6.01 1.02
N VAL A 168 -11.83 -5.39 0.17
CA VAL A 168 -10.98 -4.22 0.52
C VAL A 168 -10.88 -3.16 -0.58
N LEU A 169 -10.43 -1.95 -0.22
CA LEU A 169 -10.28 -0.79 -1.12
C LEU A 169 -8.84 -0.25 -1.16
N VAL A 170 -8.51 0.52 -2.22
CA VAL A 170 -7.20 1.16 -2.46
C VAL A 170 -7.34 2.67 -2.72
N ALA A 171 -6.62 3.50 -1.97
CA ALA A 171 -6.59 4.96 -2.12
C ALA A 171 -5.17 5.48 -2.45
N VAL A 172 -5.09 6.64 -3.10
CA VAL A 172 -3.86 7.24 -3.65
C VAL A 172 -3.94 8.77 -3.57
N ASP A 173 -2.99 9.43 -2.90
CA ASP A 173 -2.88 10.91 -2.86
C ASP A 173 -4.23 11.62 -2.62
N ASP A 174 -4.99 11.12 -1.65
CA ASP A 174 -6.32 11.59 -1.25
C ASP A 174 -7.43 11.48 -2.33
N GLU A 175 -7.28 10.50 -3.22
CA GLU A 175 -8.24 9.99 -4.22
C GLU A 175 -8.51 8.49 -3.98
N LEU A 176 -9.72 8.00 -4.29
CA LEU A 176 -10.01 6.56 -4.29
C LEU A 176 -9.77 5.95 -5.69
N CYS A 177 -8.79 5.04 -5.85
CA CYS A 177 -8.44 4.50 -7.17
C CYS A 177 -9.24 3.25 -7.56
N GLY A 178 -9.53 2.34 -6.61
CA GLY A 178 -10.31 1.14 -6.87
C GLY A 178 -10.46 0.19 -5.68
N LEU A 179 -10.95 -1.02 -5.96
CA LEU A 179 -11.30 -2.04 -4.96
C LEU A 179 -11.00 -3.47 -5.42
N ILE A 180 -10.81 -4.37 -4.44
CA ILE A 180 -10.32 -5.74 -4.63
C ILE A 180 -11.14 -6.76 -3.82
N ALA A 181 -11.54 -7.85 -4.47
CA ALA A 181 -12.13 -9.05 -3.86
C ALA A 181 -11.11 -10.19 -3.83
N ILE A 182 -11.04 -10.90 -2.70
CA ILE A 182 -10.01 -11.88 -2.36
C ILE A 182 -10.64 -13.09 -1.64
N ALA A 183 -10.08 -14.29 -1.81
CA ALA A 183 -10.57 -15.53 -1.19
C ALA A 183 -9.44 -16.33 -0.50
N ASP A 184 -9.79 -17.37 0.28
CA ASP A 184 -8.88 -18.14 1.14
C ASP A 184 -8.58 -19.55 0.56
N THR A 185 -7.32 -19.99 0.63
CA THR A 185 -6.81 -21.25 0.01
C THR A 185 -5.87 -22.09 0.90
N SER A 1 9.79 -18.75 1.97
CA SER A 1 9.14 -17.89 2.97
C SER A 1 8.53 -18.70 4.12
N PHE A 2 7.72 -19.75 3.84
CA PHE A 2 7.23 -20.78 4.77
C PHE A 2 6.49 -20.31 6.03
N THR A 3 6.07 -19.05 6.04
CA THR A 3 5.52 -18.29 7.18
C THR A 3 3.99 -18.11 7.10
N MET A 4 3.38 -18.41 5.96
CA MET A 4 1.93 -18.34 5.73
C MET A 4 1.48 -19.48 4.80
N HIS A 5 0.77 -20.50 5.33
CA HIS A 5 0.28 -21.65 4.54
C HIS A 5 -1.19 -21.53 4.10
N GLY A 6 -2.08 -21.14 5.00
CA GLY A 6 -3.48 -20.80 4.69
C GLY A 6 -3.53 -19.42 4.03
N THR A 7 -3.32 -19.37 2.71
CA THR A 7 -3.05 -18.13 1.95
C THR A 7 -4.25 -17.49 1.28
N PRO A 8 -4.34 -16.14 1.35
CA PRO A 8 -5.28 -15.37 0.57
C PRO A 8 -5.03 -15.50 -0.93
N VAL A 9 -6.08 -15.75 -1.72
CA VAL A 9 -6.05 -15.91 -3.18
C VAL A 9 -6.88 -14.82 -3.88
N VAL A 10 -6.28 -14.14 -4.86
CA VAL A 10 -6.88 -12.98 -5.53
C VAL A 10 -8.10 -13.38 -6.38
N ASN A 11 -9.23 -12.71 -6.18
CA ASN A 11 -10.54 -13.09 -6.70
C ASN A 11 -11.13 -12.09 -7.72
N GLN A 12 -10.91 -10.79 -7.55
CA GLN A 12 -11.19 -9.75 -8.54
C GLN A 12 -10.49 -8.42 -8.20
N VAL A 13 -10.18 -7.61 -9.21
CA VAL A 13 -9.74 -6.21 -9.06
C VAL A 13 -10.65 -5.30 -9.89
N LYS A 14 -11.10 -4.17 -9.32
CA LYS A 14 -12.11 -3.29 -9.93
C LYS A 14 -11.82 -1.80 -9.72
N VAL A 15 -12.22 -0.97 -10.68
CA VAL A 15 -12.06 0.50 -10.66
C VAL A 15 -13.26 1.21 -10.02
N LEU A 16 -13.00 2.38 -9.42
CA LEU A 16 -13.99 3.36 -8.95
C LEU A 16 -13.88 4.69 -9.72
N THR A 17 -12.65 5.09 -10.08
CA THR A 17 -12.36 6.42 -10.64
C THR A 17 -11.75 6.33 -12.03
N GLU A 18 -12.62 6.51 -13.03
CA GLU A 18 -12.27 6.54 -14.44
C GLU A 18 -11.99 8.00 -14.91
N SER A 19 -10.99 8.16 -15.78
CA SER A 19 -10.63 9.41 -16.46
C SER A 19 -10.41 10.65 -15.56
N ASN A 20 -9.97 10.48 -14.31
CA ASN A 20 -9.81 11.58 -13.32
C ASN A 20 -8.63 11.43 -12.32
N ARG A 21 -8.01 10.25 -12.20
CA ARG A 21 -6.88 9.97 -11.29
C ARG A 21 -5.99 8.87 -11.88
N ILE A 22 -6.16 7.62 -11.46
CA ILE A 22 -5.41 6.44 -11.91
C ILE A 22 -6.35 5.24 -12.07
N SER A 23 -6.08 4.36 -13.04
CA SER A 23 -6.89 3.19 -13.41
C SER A 23 -6.15 1.84 -13.36
N HIS A 24 -6.91 0.76 -13.55
CA HIS A 24 -6.55 -0.65 -13.25
C HIS A 24 -5.11 -1.08 -13.56
N HIS A 25 -4.59 -0.88 -14.78
CA HIS A 25 -3.25 -1.37 -15.13
C HIS A 25 -2.15 -0.70 -14.29
N LYS A 26 -2.31 0.60 -13.97
CA LYS A 26 -1.35 1.34 -13.15
C LYS A 26 -1.65 1.25 -11.64
N ILE A 27 -2.90 1.04 -11.22
CA ILE A 27 -3.23 0.71 -9.81
C ILE A 27 -2.51 -0.59 -9.42
N LEU A 28 -2.66 -1.67 -10.21
CA LEU A 28 -2.03 -2.95 -9.90
C LEU A 28 -0.50 -2.86 -9.97
N ALA A 29 0.04 -2.00 -10.86
CA ALA A 29 1.46 -1.69 -10.89
C ALA A 29 1.95 -1.06 -9.57
N ILE A 30 1.44 0.11 -9.16
CA ILE A 30 1.96 0.85 -7.98
C ILE A 30 1.70 0.16 -6.64
N VAL A 31 0.59 -0.59 -6.50
CA VAL A 31 0.37 -1.41 -5.30
C VAL A 31 1.39 -2.56 -5.25
N GLY A 32 1.65 -3.21 -6.38
CA GLY A 32 2.65 -4.29 -6.47
C GLY A 32 4.09 -3.80 -6.24
N THR A 33 4.48 -2.67 -6.83
CA THR A 33 5.84 -2.11 -6.65
C THR A 33 6.05 -1.51 -5.26
N ALA A 34 5.01 -1.01 -4.60
CA ALA A 34 5.08 -0.63 -3.19
C ALA A 34 5.22 -1.85 -2.26
N GLU A 35 4.25 -2.76 -2.29
CA GLU A 35 4.15 -3.92 -1.37
C GLU A 35 5.30 -4.93 -1.58
N SER A 36 6.00 -4.89 -2.71
CA SER A 36 7.26 -5.61 -2.96
C SER A 36 8.31 -5.39 -1.85
N ASN A 37 8.33 -4.21 -1.22
CA ASN A 37 9.25 -3.86 -0.12
C ASN A 37 8.85 -4.43 1.25
N SER A 38 7.77 -5.22 1.32
CA SER A 38 7.14 -5.72 2.55
C SER A 38 7.10 -7.26 2.62
N GLU A 39 6.51 -7.82 3.68
CA GLU A 39 6.48 -9.28 3.97
C GLU A 39 5.12 -9.75 4.52
N HIS A 40 4.02 -9.10 4.13
CA HIS A 40 2.69 -9.32 4.74
C HIS A 40 1.94 -10.54 4.18
N PRO A 41 1.07 -11.20 4.99
CA PRO A 41 0.39 -12.45 4.63
C PRO A 41 -0.56 -12.36 3.42
N LEU A 42 -1.07 -11.16 3.15
CA LEU A 42 -2.15 -10.89 2.19
C LEU A 42 -1.68 -10.03 1.02
N GLY A 43 -0.86 -8.99 1.29
CA GLY A 43 -0.23 -8.16 0.26
C GLY A 43 0.67 -8.95 -0.71
N THR A 44 1.31 -10.02 -0.23
CA THR A 44 2.15 -10.94 -1.03
C THR A 44 1.41 -11.62 -2.20
N ALA A 45 0.08 -11.77 -2.14
CA ALA A 45 -0.71 -12.27 -3.27
C ALA A 45 -0.79 -11.24 -4.42
N ILE A 46 -0.87 -9.95 -4.06
CA ILE A 46 -0.92 -8.82 -5.00
C ILE A 46 0.45 -8.60 -5.65
N THR A 47 1.54 -8.72 -4.89
CA THR A 47 2.90 -8.59 -5.44
C THR A 47 3.19 -9.68 -6.46
N LYS A 48 2.78 -10.94 -6.24
CA LYS A 48 2.83 -12.00 -7.25
C LYS A 48 2.00 -11.66 -8.50
N TYR A 49 0.75 -11.23 -8.33
CA TYR A 49 -0.15 -10.88 -9.43
C TYR A 49 0.47 -9.79 -10.33
N CYS A 50 1.11 -8.78 -9.72
CA CYS A 50 1.87 -7.75 -10.43
C CYS A 50 3.19 -8.28 -11.01
N LYS A 51 4.09 -8.88 -10.22
CA LYS A 51 5.39 -9.48 -10.62
C LYS A 51 5.26 -10.29 -11.92
N GLN A 52 4.29 -11.22 -11.94
CA GLN A 52 4.04 -12.09 -13.07
C GLN A 52 3.38 -11.34 -14.26
N GLU A 53 2.53 -10.33 -14.05
CA GLU A 53 1.99 -9.42 -15.08
C GLU A 53 3.08 -8.56 -15.75
N LEU A 54 4.04 -8.06 -14.98
CA LEU A 54 5.19 -7.30 -15.46
C LEU A 54 6.21 -8.17 -16.21
N ASP A 55 6.08 -9.50 -16.15
CA ASP A 55 7.01 -10.49 -16.71
C ASP A 55 8.46 -10.30 -16.20
N THR A 56 8.61 -9.86 -14.95
CA THR A 56 9.89 -9.56 -14.31
C THR A 56 10.16 -10.49 -13.13
N GLU A 57 11.42 -10.55 -12.70
CA GLU A 57 11.86 -11.20 -11.46
C GLU A 57 11.89 -10.20 -10.28
N THR A 58 11.86 -8.90 -10.57
CA THR A 58 12.09 -7.80 -9.60
C THR A 58 11.27 -6.57 -9.93
N LEU A 59 10.64 -5.98 -8.91
CA LEU A 59 9.83 -4.77 -9.04
C LEU A 59 9.88 -3.92 -7.77
N GLY A 60 9.73 -2.59 -7.91
CA GLY A 60 9.85 -1.64 -6.80
C GLY A 60 11.29 -1.24 -6.43
N THR A 61 11.37 -0.18 -5.61
CA THR A 61 12.59 0.51 -5.19
C THR A 61 12.46 1.20 -3.82
N CYS A 62 11.29 1.78 -3.51
CA CYS A 62 11.07 2.70 -2.40
C CYS A 62 9.81 2.41 -1.56
N ILE A 63 9.90 2.62 -0.24
CA ILE A 63 8.76 2.52 0.70
C ILE A 63 8.93 3.44 1.93
N ASP A 64 7.81 3.88 2.51
CA ASP A 64 7.73 4.58 3.81
C ASP A 64 7.01 3.78 4.93
N PHE A 65 6.24 2.74 4.55
CA PHE A 65 5.68 1.67 5.38
C PHE A 65 5.01 2.06 6.72
N GLN A 66 3.68 2.18 6.72
CA GLN A 66 2.82 2.43 7.89
C GLN A 66 1.85 1.26 8.06
N VAL A 67 2.00 0.48 9.14
CA VAL A 67 1.16 -0.70 9.44
C VAL A 67 0.08 -0.36 10.47
N VAL A 68 -1.15 -0.82 10.26
CA VAL A 68 -2.22 -0.78 11.26
C VAL A 68 -2.88 -2.17 11.33
N PRO A 69 -2.67 -2.95 12.41
CA PRO A 69 -3.31 -4.25 12.59
C PRO A 69 -4.82 -4.07 12.77
N GLY A 70 -5.61 -4.98 12.19
CA GLY A 70 -7.06 -4.83 12.08
C GLY A 70 -7.53 -3.72 11.13
N CYS A 71 -6.65 -3.19 10.28
CA CYS A 71 -6.97 -2.23 9.21
C CYS A 71 -6.24 -2.55 7.90
N GLY A 72 -5.01 -2.02 7.70
CA GLY A 72 -4.33 -2.06 6.40
C GLY A 72 -2.89 -1.52 6.42
N ILE A 73 -2.41 -0.97 5.29
CA ILE A 73 -1.05 -0.45 5.11
C ILE A 73 -1.02 0.84 4.26
N SER A 74 -0.09 1.76 4.55
CA SER A 74 0.14 3.04 3.85
C SER A 74 1.64 3.25 3.55
N CYS A 75 1.96 3.97 2.46
CA CYS A 75 3.34 4.29 2.09
C CYS A 75 3.50 5.44 1.07
N LYS A 76 4.73 5.93 0.93
CA LYS A 76 5.21 6.82 -0.14
C LYS A 76 6.16 6.01 -1.04
N VAL A 77 6.12 6.19 -2.36
CA VAL A 77 6.91 5.39 -3.30
C VAL A 77 7.33 6.13 -4.58
N THR A 78 8.56 5.87 -5.01
CA THR A 78 9.09 6.22 -6.35
C THR A 78 9.63 4.98 -7.06
N ASN A 79 9.68 5.08 -8.38
CA ASN A 79 10.48 4.28 -9.30
C ASN A 79 10.31 4.82 -10.73
N ILE A 80 9.09 5.16 -11.16
CA ILE A 80 8.72 5.53 -12.54
C ILE A 80 9.59 6.60 -13.24
N GLU A 81 10.22 7.54 -12.54
CA GLU A 81 11.27 8.41 -13.10
C GLU A 81 12.48 8.60 -12.15
N GLY A 82 12.51 7.83 -11.05
CA GLY A 82 13.43 7.97 -9.91
C GLY A 82 14.88 7.57 -10.14
N LEU A 83 15.31 7.28 -11.38
CA LEU A 83 16.71 7.02 -11.73
C LEU A 83 17.60 8.28 -11.78
N LEU A 84 17.01 9.46 -11.52
CA LEU A 84 17.69 10.76 -11.53
C LEU A 84 18.95 10.82 -10.64
N HIS A 85 18.95 10.10 -9.51
CA HIS A 85 20.07 9.89 -8.60
C HIS A 85 20.91 11.16 -8.35
N LYS A 86 20.37 12.10 -7.58
CA LYS A 86 21.06 13.36 -7.26
C LYS A 86 22.35 13.10 -6.49
N ASN A 87 23.46 13.69 -6.94
CA ASN A 87 24.72 13.73 -6.21
C ASN A 87 24.46 14.44 -4.87
N ASN A 88 24.68 13.73 -3.77
CA ASN A 88 24.21 14.09 -2.43
C ASN A 88 24.68 15.46 -1.89
N TRP A 89 23.80 16.09 -1.11
CA TRP A 89 24.00 17.40 -0.45
C TRP A 89 23.13 17.61 0.81
N ASN A 90 22.00 16.91 0.95
CA ASN A 90 21.03 17.07 2.04
C ASN A 90 20.62 15.77 2.74
N ILE A 91 21.09 14.60 2.28
CA ILE A 91 20.82 13.29 2.90
C ILE A 91 21.77 13.10 4.09
N GLU A 92 21.23 12.95 5.29
CA GLU A 92 22.00 12.81 6.54
C GLU A 92 22.12 11.37 7.03
N ASP A 93 21.26 10.46 6.53
CA ASP A 93 21.40 9.01 6.72
C ASP A 93 22.70 8.48 6.05
N ASN A 94 23.31 9.29 5.18
CA ASN A 94 24.65 9.10 4.62
C ASN A 94 25.77 9.26 5.67
N ASN A 95 25.49 9.94 6.79
CA ASN A 95 26.38 10.19 7.91
C ASN A 95 25.96 9.48 9.22
N ILE A 96 24.77 9.78 9.72
CA ILE A 96 24.32 9.40 11.07
C ILE A 96 23.83 7.95 11.11
N LYS A 97 24.54 7.11 11.89
CA LYS A 97 24.39 5.64 11.92
C LYS A 97 24.32 5.05 10.50
N ASN A 98 25.22 5.51 9.62
CA ASN A 98 25.14 5.20 8.19
C ASN A 98 25.30 3.71 7.85
N ALA A 99 25.73 2.86 8.79
CA ALA A 99 25.98 1.44 8.56
C ALA A 99 25.46 0.54 9.67
N SER A 100 26.24 0.29 10.73
CA SER A 100 25.86 -0.44 11.94
C SER A 100 25.60 -1.96 11.80
N LEU A 101 24.85 -2.39 10.78
CA LEU A 101 24.49 -3.78 10.48
C LEU A 101 24.02 -4.53 11.76
N VAL A 102 24.76 -5.56 12.17
CA VAL A 102 24.64 -6.27 13.46
C VAL A 102 26.03 -6.80 13.86
N GLN A 103 26.28 -7.11 15.14
CA GLN A 103 27.57 -7.65 15.65
C GLN A 103 27.86 -9.11 15.25
N ILE A 104 27.41 -9.53 14.06
CA ILE A 104 27.49 -10.89 13.48
C ILE A 104 27.74 -10.88 11.95
N ASP A 105 27.28 -9.86 11.22
CA ASP A 105 27.29 -9.82 9.74
C ASP A 105 27.65 -8.41 9.22
N ALA A 106 28.01 -8.29 7.94
CA ALA A 106 28.39 -7.02 7.29
C ALA A 106 27.54 -6.68 6.04
N SER A 107 26.45 -7.42 5.80
CA SER A 107 25.57 -7.39 4.63
C SER A 107 26.25 -7.65 3.27
N ASN A 108 25.61 -8.47 2.44
CA ASN A 108 25.98 -8.70 1.04
C ASN A 108 25.67 -7.49 0.12
N GLU A 109 24.89 -6.52 0.61
CA GLU A 109 24.50 -5.30 -0.10
C GLU A 109 25.22 -4.07 0.47
N GLN A 110 25.07 -2.91 -0.19
CA GLN A 110 25.63 -1.62 0.24
C GLN A 110 24.77 -0.44 -0.24
N SER A 111 24.84 0.70 0.45
CA SER A 111 24.27 1.99 0.01
C SER A 111 22.79 1.89 -0.38
N SER A 112 21.97 1.32 0.51
CA SER A 112 20.60 0.86 0.27
C SER A 112 19.51 1.50 1.16
N THR A 113 19.65 2.80 1.46
CA THR A 113 18.60 3.60 2.11
C THR A 113 17.46 3.93 1.12
N SER A 114 16.24 4.12 1.63
CA SER A 114 15.06 4.43 0.81
C SER A 114 15.05 5.89 0.33
N SER A 115 14.65 6.09 -0.93
CA SER A 115 14.48 7.39 -1.61
C SER A 115 13.36 8.25 -0.99
N SER A 116 12.63 7.73 0.01
CA SER A 116 11.69 8.48 0.86
C SER A 116 12.39 9.42 1.86
N MET A 117 13.71 9.48 1.84
CA MET A 117 14.59 10.44 2.53
C MET A 117 14.21 11.92 2.29
N ILE A 118 14.35 12.76 3.32
CA ILE A 118 14.10 14.22 3.29
C ILE A 118 12.78 14.55 2.55
N ILE A 119 11.70 13.84 2.91
CA ILE A 119 10.41 13.82 2.20
C ILE A 119 9.94 15.20 1.71
N ASP A 120 9.98 16.23 2.56
CA ASP A 120 9.41 17.54 2.19
C ASP A 120 10.26 18.33 1.19
N ALA A 121 11.56 18.02 1.08
CA ALA A 121 12.43 18.52 0.00
C ALA A 121 12.37 17.60 -1.23
N GLN A 122 11.86 16.37 -1.10
CA GLN A 122 11.75 15.39 -2.17
C GLN A 122 10.49 15.64 -3.00
N ILE A 123 9.36 15.95 -2.34
CA ILE A 123 8.10 16.37 -3.00
C ILE A 123 8.34 17.58 -3.91
N SER A 124 9.10 18.57 -3.45
CA SER A 124 9.41 19.76 -4.25
C SER A 124 10.38 19.50 -5.41
N ASN A 125 11.07 18.35 -5.43
CA ASN A 125 11.86 17.83 -6.56
C ASN A 125 11.12 16.79 -7.43
N ALA A 126 9.93 16.31 -7.03
CA ALA A 126 9.25 15.18 -7.66
C ALA A 126 8.93 15.37 -9.15
N LEU A 127 8.82 16.61 -9.61
CA LEU A 127 8.69 16.98 -11.03
C LEU A 127 9.68 16.24 -11.97
N ASN A 128 10.89 15.94 -11.48
CA ASN A 128 11.94 15.22 -12.21
C ASN A 128 12.07 13.72 -11.88
N ALA A 129 11.29 13.20 -10.92
CA ALA A 129 11.47 11.87 -10.35
C ALA A 129 10.20 11.00 -10.23
N GLN A 130 9.03 11.66 -10.17
CA GLN A 130 7.69 11.17 -9.83
C GLN A 130 7.57 10.30 -8.57
N GLN A 131 6.62 10.69 -7.72
CA GLN A 131 6.36 10.09 -6.41
C GLN A 131 4.86 9.98 -6.13
N TYR A 132 4.47 8.89 -5.49
CA TYR A 132 3.08 8.48 -5.26
C TYR A 132 2.86 8.15 -3.78
N LYS A 133 1.71 8.57 -3.23
CA LYS A 133 1.27 8.24 -1.86
C LYS A 133 0.14 7.21 -1.94
N VAL A 134 0.35 5.98 -1.47
CA VAL A 134 -0.63 4.89 -1.68
C VAL A 134 -0.96 4.13 -0.39
N LEU A 135 -2.24 3.79 -0.21
CA LEU A 135 -2.75 3.00 0.93
C LEU A 135 -3.87 2.03 0.53
N ILE A 136 -4.03 0.96 1.31
CA ILE A 136 -4.95 -0.16 1.05
C ILE A 136 -5.31 -0.88 2.37
N GLY A 137 -6.57 -1.32 2.51
CA GLY A 137 -7.00 -2.23 3.59
C GLY A 137 -8.18 -1.75 4.44
N ASN A 138 -8.99 -2.72 4.90
CA ASN A 138 -10.31 -2.51 5.55
C ASN A 138 -11.23 -1.59 4.69
N ARG A 139 -12.27 -0.97 5.29
CA ARG A 139 -13.14 0.01 4.59
C ARG A 139 -13.27 1.38 5.27
N GLU A 140 -13.38 1.49 6.59
CA GLU A 140 -13.46 2.79 7.27
C GLU A 140 -12.11 3.51 7.26
N TRP A 141 -11.02 2.79 7.48
CA TRP A 141 -9.65 3.32 7.38
C TRP A 141 -9.33 3.91 5.99
N MET A 142 -10.06 3.46 4.96
CA MET A 142 -10.07 4.04 3.61
C MET A 142 -10.85 5.36 3.54
N ILE A 143 -12.11 5.36 4.01
CA ILE A 143 -12.97 6.55 4.16
C ILE A 143 -12.21 7.68 4.88
N ARG A 144 -11.81 7.43 6.14
CA ARG A 144 -11.07 8.32 7.06
C ARG A 144 -9.84 9.04 6.49
N ASN A 145 -9.34 8.66 5.31
CA ASN A 145 -8.33 9.42 4.57
C ASN A 145 -8.96 10.59 3.77
N GLY A 146 -10.12 11.10 4.19
CA GLY A 146 -10.84 12.18 3.50
C GLY A 146 -11.43 11.81 2.14
N LEU A 147 -11.75 10.53 1.90
CA LEU A 147 -12.10 10.01 0.57
C LEU A 147 -13.61 9.97 0.29
N VAL A 148 -13.98 9.93 -0.99
CA VAL A 148 -15.37 9.84 -1.48
C VAL A 148 -15.68 8.44 -1.99
N ILE A 149 -16.75 7.84 -1.46
CA ILE A 149 -17.24 6.49 -1.82
C ILE A 149 -18.67 6.58 -2.38
N ASN A 150 -19.04 5.68 -3.30
CA ASN A 150 -20.28 5.76 -4.10
C ASN A 150 -21.13 4.47 -4.04
N ASN A 151 -22.39 4.52 -4.48
CA ASN A 151 -23.34 3.44 -4.28
C ASN A 151 -23.02 2.16 -5.09
N ASP A 152 -22.41 2.30 -6.27
CA ASP A 152 -22.01 1.18 -7.16
C ASP A 152 -20.96 0.29 -6.50
N VAL A 153 -19.99 0.93 -5.84
CA VAL A 153 -18.89 0.30 -5.11
C VAL A 153 -19.33 -0.23 -3.75
N ASN A 154 -20.17 0.49 -3.00
CA ASN A 154 -20.78 -0.01 -1.76
C ASN A 154 -21.60 -1.30 -2.00
N ASP A 155 -22.36 -1.37 -3.09
CA ASP A 155 -23.15 -2.54 -3.46
C ASP A 155 -22.30 -3.79 -3.80
N PHE A 156 -21.12 -3.60 -4.41
CA PHE A 156 -20.11 -4.65 -4.64
C PHE A 156 -19.34 -5.02 -3.36
N MET A 157 -19.00 -4.03 -2.53
CA MET A 157 -18.34 -4.21 -1.23
C MET A 157 -19.19 -5.12 -0.33
N THR A 158 -20.44 -4.74 -0.05
CA THR A 158 -21.34 -5.52 0.82
C THR A 158 -21.66 -6.91 0.25
N GLU A 159 -21.71 -7.07 -1.08
CA GLU A 159 -21.86 -8.39 -1.73
C GLU A 159 -20.74 -9.36 -1.35
N HIS A 160 -19.49 -8.92 -1.46
CA HIS A 160 -18.32 -9.72 -1.05
C HIS A 160 -18.14 -9.87 0.46
N GLU A 161 -18.50 -8.85 1.24
CA GLU A 161 -18.52 -8.96 2.71
C GLU A 161 -19.59 -9.98 3.19
N ARG A 162 -20.80 -9.96 2.62
CA ARG A 162 -21.88 -10.94 2.93
C ARG A 162 -21.58 -12.35 2.42
N LYS A 163 -20.74 -12.48 1.38
CA LYS A 163 -20.15 -13.76 0.92
C LYS A 163 -19.15 -14.35 1.93
N GLY A 164 -18.73 -13.58 2.93
CA GLY A 164 -17.77 -13.99 3.97
C GLY A 164 -16.33 -14.01 3.47
N ARG A 165 -16.01 -13.22 2.45
CA ARG A 165 -14.68 -13.09 1.84
C ARG A 165 -14.12 -11.68 2.07
N THR A 166 -12.86 -11.45 1.72
CA THR A 166 -12.16 -10.18 1.99
C THR A 166 -12.47 -9.13 0.93
N ALA A 167 -12.90 -7.95 1.38
CA ALA A 167 -13.34 -6.85 0.53
C ALA A 167 -12.73 -5.52 1.03
N VAL A 168 -11.78 -4.95 0.27
CA VAL A 168 -10.97 -3.78 0.67
C VAL A 168 -10.74 -2.80 -0.49
N LEU A 169 -10.50 -1.51 -0.19
CA LEU A 169 -10.29 -0.47 -1.21
C LEU A 169 -8.82 -0.02 -1.33
N VAL A 170 -8.51 0.78 -2.36
CA VAL A 170 -7.19 1.34 -2.67
C VAL A 170 -7.27 2.85 -2.92
N ALA A 171 -6.40 3.64 -2.27
CA ALA A 171 -6.35 5.09 -2.41
C ALA A 171 -4.94 5.59 -2.79
N VAL A 172 -4.90 6.71 -3.52
CA VAL A 172 -3.73 7.27 -4.21
C VAL A 172 -3.72 8.81 -4.13
N ASP A 173 -2.70 9.39 -3.49
CA ASP A 173 -2.55 10.83 -3.18
C ASP A 173 -3.86 11.45 -2.61
N ASP A 174 -4.37 10.82 -1.54
CA ASP A 174 -5.59 11.21 -0.81
C ASP A 174 -6.87 11.24 -1.69
N GLU A 175 -6.95 10.35 -2.68
CA GLU A 175 -8.07 10.19 -3.61
C GLU A 175 -8.32 8.70 -3.88
N LEU A 176 -9.58 8.25 -4.05
CA LEU A 176 -9.87 6.84 -4.40
C LEU A 176 -9.54 6.53 -5.86
N CYS A 177 -9.10 5.30 -6.13
CA CYS A 177 -8.93 4.76 -7.50
C CYS A 177 -9.75 3.47 -7.76
N GLY A 178 -9.76 2.51 -6.82
CA GLY A 178 -10.42 1.21 -7.02
C GLY A 178 -10.49 0.33 -5.75
N LEU A 179 -10.89 -0.93 -5.93
CA LEU A 179 -11.03 -1.93 -4.87
C LEU A 179 -10.65 -3.36 -5.29
N ILE A 180 -10.39 -4.21 -4.31
CA ILE A 180 -9.86 -5.58 -4.45
C ILE A 180 -10.72 -6.59 -3.67
N ALA A 181 -11.04 -7.71 -4.30
CA ALA A 181 -11.73 -8.87 -3.72
C ALA A 181 -10.76 -10.06 -3.61
N ILE A 182 -10.64 -10.64 -2.41
CA ILE A 182 -9.73 -11.77 -2.09
C ILE A 182 -10.47 -12.84 -1.27
N ALA A 183 -10.02 -14.09 -1.33
CA ALA A 183 -10.54 -15.22 -0.54
C ALA A 183 -9.43 -15.87 0.31
N ASP A 184 -9.59 -15.92 1.64
CA ASP A 184 -8.61 -16.51 2.57
C ASP A 184 -8.99 -17.94 3.02
N THR A 185 -7.99 -18.77 3.34
CA THR A 185 -8.14 -20.18 3.80
C THR A 185 -7.32 -20.47 5.05
N SER A 1 10.08 -22.02 15.30
CA SER A 1 9.05 -22.73 14.52
C SER A 1 7.79 -21.90 14.40
N PHE A 2 7.05 -22.09 13.32
CA PHE A 2 5.78 -21.41 13.06
C PHE A 2 4.72 -22.36 12.47
N THR A 3 3.45 -21.98 12.60
CA THR A 3 2.29 -22.73 12.14
C THR A 3 1.38 -21.85 11.29
N MET A 4 0.98 -22.37 10.14
CA MET A 4 -0.05 -21.80 9.27
C MET A 4 -0.58 -22.79 8.21
N HIS A 5 -1.86 -22.65 7.87
CA HIS A 5 -2.56 -23.38 6.81
C HIS A 5 -3.55 -22.51 6.02
N GLY A 6 -4.17 -21.52 6.66
CA GLY A 6 -5.27 -20.74 6.08
C GLY A 6 -4.80 -19.41 5.47
N THR A 7 -4.63 -19.37 4.15
CA THR A 7 -4.04 -18.23 3.43
C THR A 7 -5.04 -17.52 2.50
N PRO A 8 -4.91 -16.19 2.31
CA PRO A 8 -5.70 -15.43 1.32
C PRO A 8 -5.31 -15.77 -0.13
N VAL A 9 -6.30 -15.83 -1.02
CA VAL A 9 -6.18 -16.18 -2.45
C VAL A 9 -6.92 -15.14 -3.31
N VAL A 10 -6.26 -14.56 -4.33
CA VAL A 10 -6.81 -13.41 -5.07
C VAL A 10 -7.93 -13.78 -6.05
N ASN A 11 -9.12 -13.24 -5.79
CA ASN A 11 -10.37 -13.62 -6.43
C ASN A 11 -10.79 -12.64 -7.55
N GLN A 12 -10.76 -11.32 -7.30
CA GLN A 12 -11.07 -10.27 -8.28
C GLN A 12 -10.38 -8.93 -7.94
N VAL A 13 -10.13 -8.09 -8.94
CA VAL A 13 -9.70 -6.68 -8.78
C VAL A 13 -10.55 -5.77 -9.69
N LYS A 14 -10.91 -4.56 -9.25
CA LYS A 14 -11.72 -3.61 -10.03
C LYS A 14 -11.26 -2.16 -9.87
N VAL A 15 -11.39 -1.35 -10.93
CA VAL A 15 -11.08 0.07 -10.96
C VAL A 15 -12.29 0.93 -10.57
N LEU A 16 -12.05 1.92 -9.70
CA LEU A 16 -13.05 2.85 -9.14
C LEU A 16 -12.84 4.30 -9.61
N THR A 17 -11.62 4.66 -10.03
CA THR A 17 -11.26 5.91 -10.71
C THR A 17 -10.42 5.59 -11.94
N GLU A 18 -10.86 5.98 -13.15
CA GLU A 18 -10.24 5.57 -14.42
C GLU A 18 -10.06 6.72 -15.42
N SER A 19 -8.89 6.76 -16.09
CA SER A 19 -8.39 7.79 -17.03
C SER A 19 -8.21 9.19 -16.43
N ASN A 20 -9.23 9.71 -15.76
CA ASN A 20 -9.10 10.92 -14.96
C ASN A 20 -8.37 10.55 -13.66
N ARG A 21 -7.39 11.37 -13.29
CA ARG A 21 -6.38 11.14 -12.24
C ARG A 21 -5.41 9.96 -12.49
N ILE A 22 -5.90 8.74 -12.74
CA ILE A 22 -5.10 7.50 -12.82
C ILE A 22 -5.67 6.52 -13.87
N SER A 23 -4.85 5.63 -14.43
CA SER A 23 -5.24 4.60 -15.41
C SER A 23 -4.93 3.17 -14.97
N HIS A 24 -5.70 2.20 -15.49
CA HIS A 24 -5.74 0.81 -15.02
C HIS A 24 -4.38 0.08 -14.85
N HIS A 25 -3.50 0.10 -15.85
CA HIS A 25 -2.21 -0.59 -15.77
C HIS A 25 -1.21 0.15 -14.86
N LYS A 26 -1.33 1.48 -14.75
CA LYS A 26 -0.53 2.28 -13.82
C LYS A 26 -0.97 2.09 -12.36
N ILE A 27 -2.28 1.96 -12.08
CA ILE A 27 -2.81 1.57 -10.75
C ILE A 27 -2.17 0.25 -10.27
N LEU A 28 -2.29 -0.84 -11.05
CA LEU A 28 -1.81 -2.16 -10.60
C LEU A 28 -0.29 -2.20 -10.39
N ALA A 29 0.46 -1.39 -11.14
CA ALA A 29 1.90 -1.25 -10.97
C ALA A 29 2.29 -0.53 -9.65
N ILE A 30 1.66 0.61 -9.31
CA ILE A 30 2.01 1.36 -8.08
C ILE A 30 1.60 0.64 -6.79
N VAL A 31 0.55 -0.17 -6.81
CA VAL A 31 0.20 -1.08 -5.69
C VAL A 31 1.21 -2.21 -5.57
N GLY A 32 1.48 -2.94 -6.67
CA GLY A 32 2.33 -4.14 -6.63
C GLY A 32 3.81 -3.85 -6.35
N THR A 33 4.33 -2.68 -6.75
CA THR A 33 5.72 -2.30 -6.51
C THR A 33 6.02 -2.00 -5.04
N ALA A 34 5.15 -1.27 -4.35
CA ALA A 34 5.22 -1.08 -2.90
C ALA A 34 5.06 -2.43 -2.15
N GLU A 35 4.04 -3.20 -2.50
CA GLU A 35 3.73 -4.47 -1.83
C GLU A 35 4.83 -5.55 -2.04
N SER A 36 5.65 -5.43 -3.10
CA SER A 36 6.82 -6.28 -3.35
C SER A 36 7.96 -6.08 -2.34
N ASN A 37 8.21 -4.84 -1.90
CA ASN A 37 9.27 -4.45 -0.95
C ASN A 37 8.74 -4.37 0.50
N SER A 38 7.42 -4.34 0.68
CA SER A 38 6.72 -4.56 1.95
C SER A 38 6.91 -6.03 2.41
N GLU A 39 6.41 -6.40 3.59
CA GLU A 39 6.55 -7.73 4.19
C GLU A 39 5.27 -8.22 4.92
N HIS A 40 4.12 -8.06 4.27
CA HIS A 40 2.79 -8.41 4.80
C HIS A 40 2.31 -9.83 4.43
N PRO A 41 1.26 -10.37 5.10
CA PRO A 41 0.77 -11.73 4.87
C PRO A 41 -0.28 -11.85 3.73
N LEU A 42 -1.02 -10.78 3.44
CA LEU A 42 -2.20 -10.77 2.56
C LEU A 42 -1.96 -10.03 1.24
N GLY A 43 -1.40 -8.81 1.32
CA GLY A 43 -1.10 -8.00 0.13
C GLY A 43 -0.19 -8.70 -0.89
N THR A 44 0.63 -9.67 -0.45
CA THR A 44 1.51 -10.46 -1.34
C THR A 44 0.79 -11.26 -2.43
N ALA A 45 -0.52 -11.49 -2.30
CA ALA A 45 -1.33 -12.03 -3.40
C ALA A 45 -1.39 -11.04 -4.59
N ILE A 46 -1.47 -9.73 -4.30
CA ILE A 46 -1.42 -8.65 -5.30
C ILE A 46 0.00 -8.54 -5.89
N THR A 47 1.04 -8.69 -5.06
CA THR A 47 2.44 -8.78 -5.54
C THR A 47 2.62 -9.84 -6.62
N LYS A 48 2.09 -11.06 -6.40
CA LYS A 48 2.12 -12.14 -7.39
C LYS A 48 1.33 -11.81 -8.65
N TYR A 49 0.09 -11.35 -8.48
CA TYR A 49 -0.79 -10.94 -9.58
C TYR A 49 -0.12 -9.89 -10.49
N CYS A 50 0.56 -8.90 -9.88
CA CYS A 50 1.31 -7.86 -10.55
C CYS A 50 2.59 -8.40 -11.22
N LYS A 51 3.48 -9.10 -10.50
CA LYS A 51 4.75 -9.60 -11.03
C LYS A 51 4.54 -10.51 -12.25
N GLN A 52 3.56 -11.42 -12.20
CA GLN A 52 3.22 -12.31 -13.32
C GLN A 52 2.58 -11.56 -14.52
N GLU A 53 1.81 -10.49 -14.28
CA GLU A 53 1.29 -9.60 -15.32
C GLU A 53 2.42 -8.78 -15.99
N LEU A 54 3.31 -8.16 -15.21
CA LEU A 54 4.41 -7.33 -15.71
C LEU A 54 5.53 -8.14 -16.39
N ASP A 55 5.76 -9.38 -15.93
CA ASP A 55 6.80 -10.30 -16.41
C ASP A 55 8.23 -9.69 -16.41
N THR A 56 8.50 -8.75 -15.50
CA THR A 56 9.70 -7.89 -15.51
C THR A 56 10.83 -8.34 -14.58
N GLU A 57 10.56 -9.14 -13.54
CA GLU A 57 11.52 -9.60 -12.50
C GLU A 57 12.34 -8.52 -11.76
N THR A 58 11.90 -7.24 -11.79
CA THR A 58 12.66 -6.07 -11.30
C THR A 58 11.85 -5.06 -10.49
N LEU A 59 10.55 -5.30 -10.27
CA LEU A 59 9.64 -4.30 -9.70
C LEU A 59 9.91 -3.99 -8.21
N GLY A 60 9.47 -2.81 -7.75
CA GLY A 60 9.53 -2.42 -6.34
C GLY A 60 10.87 -1.81 -5.88
N THR A 61 10.76 -0.67 -5.21
CA THR A 61 11.83 0.21 -4.71
C THR A 61 11.39 0.80 -3.35
N CYS A 62 12.10 1.78 -2.80
CA CYS A 62 11.93 2.27 -1.42
C CYS A 62 10.54 2.85 -1.07
N ILE A 63 9.99 2.41 0.07
CA ILE A 63 8.79 2.94 0.75
C ILE A 63 9.01 3.48 2.17
N ASP A 64 8.20 4.49 2.50
CA ASP A 64 7.91 4.94 3.87
C ASP A 64 6.66 4.14 4.31
N PHE A 65 6.54 3.74 5.58
CA PHE A 65 5.52 2.79 6.07
C PHE A 65 4.65 3.40 7.19
N GLN A 66 3.32 3.27 7.12
CA GLN A 66 2.33 3.57 8.17
C GLN A 66 1.34 2.40 8.28
N VAL A 67 1.52 1.50 9.26
CA VAL A 67 0.78 0.23 9.35
C VAL A 67 -0.34 0.26 10.39
N VAL A 68 -1.44 -0.49 10.17
CA VAL A 68 -2.50 -0.76 11.16
C VAL A 68 -2.79 -2.27 11.12
N PRO A 69 -2.46 -3.06 12.16
CA PRO A 69 -2.62 -4.52 12.14
C PRO A 69 -4.07 -4.98 11.89
N GLY A 70 -4.25 -5.95 11.02
CA GLY A 70 -5.55 -6.56 10.67
C GLY A 70 -6.61 -5.60 10.09
N CYS A 71 -6.20 -4.51 9.45
CA CYS A 71 -7.11 -3.44 9.01
C CYS A 71 -6.69 -2.75 7.71
N GLY A 72 -5.42 -2.33 7.57
CA GLY A 72 -4.89 -1.69 6.37
C GLY A 72 -3.63 -0.87 6.62
N ILE A 73 -2.95 -0.42 5.57
CA ILE A 73 -1.72 0.39 5.68
C ILE A 73 -1.67 1.54 4.66
N SER A 74 -0.80 2.51 4.91
CA SER A 74 -0.38 3.57 4.01
C SER A 74 1.14 3.53 3.83
N CYS A 75 1.63 3.85 2.63
CA CYS A 75 3.05 3.92 2.33
C CYS A 75 3.38 4.95 1.24
N LYS A 76 4.65 5.39 1.14
CA LYS A 76 5.09 6.39 0.14
C LYS A 76 6.16 5.77 -0.74
N VAL A 77 5.86 5.42 -1.98
CA VAL A 77 6.71 4.60 -2.86
C VAL A 77 7.38 5.45 -3.94
N THR A 78 8.66 5.17 -4.20
CA THR A 78 9.47 5.86 -5.23
C THR A 78 9.98 4.97 -6.36
N ASN A 79 10.55 5.65 -7.36
CA ASN A 79 11.39 5.27 -8.52
C ASN A 79 11.07 6.23 -9.69
N ILE A 80 11.31 7.51 -9.41
CA ILE A 80 10.97 8.70 -10.21
C ILE A 80 12.03 9.79 -9.98
N GLU A 81 12.10 10.37 -8.77
CA GLU A 81 13.18 11.28 -8.38
C GLU A 81 13.70 11.06 -6.94
N GLY A 82 13.70 9.80 -6.49
CA GLY A 82 14.25 9.35 -5.21
C GLY A 82 15.78 9.52 -5.06
N LEU A 83 16.48 9.92 -6.12
CA LEU A 83 17.91 10.25 -6.14
C LEU A 83 18.34 11.36 -5.15
N LEU A 84 17.37 12.03 -4.51
CA LEU A 84 17.56 12.92 -3.36
C LEU A 84 18.31 12.17 -2.22
N HIS A 85 17.98 10.89 -2.05
CA HIS A 85 18.62 9.85 -1.24
C HIS A 85 19.31 10.36 0.04
N LYS A 86 18.51 10.89 0.96
CA LYS A 86 18.96 11.43 2.24
C LYS A 86 19.62 10.36 3.11
N ASN A 87 20.82 10.65 3.60
CA ASN A 87 21.60 9.74 4.45
C ASN A 87 21.26 9.84 5.95
N ASN A 88 20.32 10.74 6.33
CA ASN A 88 19.92 11.13 7.69
C ASN A 88 21.08 11.76 8.49
N TRP A 89 20.94 13.01 8.93
CA TRP A 89 22.04 13.81 9.51
C TRP A 89 21.60 14.69 10.69
N ASN A 90 20.30 14.97 10.82
CA ASN A 90 19.69 15.70 11.92
C ASN A 90 18.68 14.80 12.69
N ILE A 91 18.62 13.52 12.32
CA ILE A 91 17.66 12.52 12.78
C ILE A 91 18.41 11.20 12.98
N GLU A 92 18.34 10.57 14.14
CA GLU A 92 18.94 9.24 14.37
C GLU A 92 17.90 8.12 14.35
N ASP A 93 16.64 8.41 14.73
CA ASP A 93 15.60 7.41 15.01
C ASP A 93 14.76 6.93 13.81
N ASN A 94 14.91 7.56 12.64
CA ASN A 94 14.09 7.45 11.45
C ASN A 94 13.80 6.02 10.91
N ASN A 95 14.76 5.10 10.88
CA ASN A 95 14.56 3.72 10.44
C ASN A 95 15.61 2.69 10.91
N ILE A 96 16.90 3.07 11.03
CA ILE A 96 17.99 2.10 11.24
C ILE A 96 17.91 1.43 12.63
N LYS A 97 17.97 0.10 12.63
CA LYS A 97 17.70 -0.76 13.79
C LYS A 97 18.34 -2.15 13.63
N ASN A 98 18.39 -2.94 14.71
CA ASN A 98 19.15 -4.21 14.81
C ASN A 98 18.44 -5.42 14.14
N ALA A 99 17.96 -5.24 12.90
CA ALA A 99 17.45 -6.30 12.01
C ALA A 99 16.46 -7.30 12.64
N SER A 100 15.50 -6.75 13.36
CA SER A 100 14.54 -7.41 14.24
C SER A 100 13.25 -7.89 13.55
N LEU A 101 13.16 -7.77 12.22
CA LEU A 101 12.03 -8.19 11.37
C LEU A 101 11.87 -9.72 11.28
N VAL A 102 12.66 -10.48 12.04
CA VAL A 102 12.73 -11.94 12.03
C VAL A 102 13.19 -12.43 13.41
N GLN A 103 12.88 -13.68 13.78
CA GLN A 103 13.16 -14.28 15.10
C GLN A 103 14.59 -14.87 15.26
N ILE A 104 15.54 -14.39 14.45
CA ILE A 104 16.95 -14.82 14.41
C ILE A 104 17.91 -13.64 14.11
N ASP A 105 19.14 -13.72 14.61
CA ASP A 105 20.16 -12.67 14.54
C ASP A 105 20.85 -12.56 13.16
N ALA A 106 20.95 -11.33 12.65
CA ALA A 106 21.62 -10.98 11.39
C ALA A 106 23.05 -10.43 11.58
N SER A 107 23.43 -10.08 12.82
CA SER A 107 24.67 -9.44 13.25
C SER A 107 25.01 -8.07 12.62
N ASN A 108 24.25 -7.60 11.64
CA ASN A 108 24.35 -6.26 11.02
C ASN A 108 23.08 -5.41 11.19
N GLU A 109 23.21 -4.09 11.13
CA GLU A 109 22.10 -3.13 11.22
C GLU A 109 21.44 -2.93 9.85
N GLN A 110 20.10 -2.81 9.79
CA GLN A 110 19.37 -2.73 8.52
C GLN A 110 18.22 -1.72 8.51
N SER A 111 17.05 -2.09 9.03
CA SER A 111 15.78 -1.35 8.86
C SER A 111 14.78 -1.64 9.98
N SER A 112 13.63 -0.98 9.98
CA SER A 112 12.48 -1.28 10.83
C SER A 112 11.13 -0.89 10.19
N THR A 113 10.04 -1.40 10.77
CA THR A 113 8.63 -1.21 10.33
C THR A 113 7.74 -0.59 11.44
N SER A 114 8.36 0.08 12.41
CA SER A 114 7.73 0.70 13.58
C SER A 114 7.27 2.13 13.28
N SER A 115 6.11 2.28 12.63
CA SER A 115 5.65 3.55 12.04
C SER A 115 5.33 4.72 13.00
N SER A 116 5.46 4.54 14.32
CA SER A 116 5.31 5.63 15.30
C SER A 116 6.61 6.40 15.58
N MET A 117 7.73 5.99 14.98
CA MET A 117 9.00 6.74 14.97
C MET A 117 8.96 7.99 14.06
N ILE A 118 10.06 8.74 13.97
CA ILE A 118 10.21 9.97 13.17
C ILE A 118 10.18 9.69 11.66
N ILE A 119 8.97 9.49 11.12
CA ILE A 119 8.70 9.23 9.70
C ILE A 119 8.16 10.44 8.94
N ASP A 120 7.63 11.46 9.63
CA ASP A 120 7.18 12.73 9.00
C ASP A 120 8.33 13.42 8.26
N ALA A 121 9.58 13.16 8.65
CA ALA A 121 10.80 13.53 7.93
C ALA A 121 10.74 13.26 6.42
N GLN A 122 10.19 12.10 6.05
CA GLN A 122 10.18 11.57 4.69
C GLN A 122 8.99 12.12 3.91
N ILE A 123 7.87 12.28 4.60
CA ILE A 123 6.63 12.85 4.05
C ILE A 123 6.86 14.30 3.60
N SER A 124 7.54 15.12 4.40
CA SER A 124 7.81 16.53 4.03
C SER A 124 8.78 16.68 2.84
N ASN A 125 9.53 15.63 2.50
CA ASN A 125 10.38 15.56 1.30
C ASN A 125 9.70 14.84 0.10
N ALA A 126 8.50 14.27 0.28
CA ALA A 126 7.83 13.45 -0.72
C ALA A 126 7.29 14.24 -1.94
N LEU A 127 7.03 15.55 -1.79
CA LEU A 127 6.75 16.45 -2.92
C LEU A 127 7.98 16.65 -3.82
N ASN A 128 9.17 16.75 -3.22
CA ASN A 128 10.43 16.98 -3.91
C ASN A 128 10.93 15.71 -4.61
N ALA A 129 11.04 14.60 -3.87
CA ALA A 129 11.32 13.29 -4.45
C ALA A 129 10.17 12.72 -5.30
N GLN A 130 9.02 13.41 -5.35
CA GLN A 130 7.76 13.08 -6.03
C GLN A 130 7.03 11.81 -5.56
N GLN A 131 7.72 10.95 -4.80
CA GLN A 131 7.23 9.81 -3.98
C GLN A 131 5.70 9.73 -3.84
N TYR A 132 5.12 8.64 -4.33
CA TYR A 132 3.69 8.42 -4.48
C TYR A 132 3.07 7.88 -3.18
N LYS A 133 2.06 8.56 -2.63
CA LYS A 133 1.29 8.03 -1.48
C LYS A 133 0.30 6.96 -1.94
N VAL A 134 0.37 5.76 -1.40
CA VAL A 134 -0.58 4.65 -1.68
C VAL A 134 -1.03 3.96 -0.39
N LEU A 135 -2.33 3.72 -0.24
CA LEU A 135 -2.94 3.08 0.95
C LEU A 135 -4.04 2.08 0.60
N ILE A 136 -4.19 1.02 1.40
CA ILE A 136 -5.04 -0.15 1.09
C ILE A 136 -5.59 -0.77 2.39
N GLY A 137 -6.85 -1.22 2.39
CA GLY A 137 -7.46 -1.93 3.52
C GLY A 137 -8.98 -1.83 3.62
N ASN A 138 -9.48 -1.99 4.85
CA ASN A 138 -10.91 -1.88 5.20
C ASN A 138 -11.38 -0.41 5.15
N ARG A 139 -12.70 -0.19 5.07
CA ARG A 139 -13.33 1.15 4.92
C ARG A 139 -13.00 2.12 6.06
N GLU A 140 -12.52 1.63 7.21
CA GLU A 140 -12.03 2.47 8.31
C GLU A 140 -10.90 3.43 7.88
N TRP A 141 -10.02 2.98 6.98
CA TRP A 141 -8.96 3.80 6.38
C TRP A 141 -9.52 4.79 5.33
N MET A 142 -10.37 4.32 4.41
CA MET A 142 -10.98 5.15 3.37
C MET A 142 -11.83 6.30 3.97
N ILE A 143 -12.40 6.07 5.15
CA ILE A 143 -12.99 7.07 6.05
C ILE A 143 -11.88 8.01 6.55
N ARG A 144 -10.95 7.49 7.35
CA ARG A 144 -9.78 8.20 7.93
C ARG A 144 -8.95 9.06 6.94
N ASN A 145 -8.98 8.78 5.63
CA ASN A 145 -8.30 9.57 4.59
C ASN A 145 -9.25 10.51 3.79
N GLY A 146 -10.47 10.76 4.28
CA GLY A 146 -11.41 11.76 3.75
C GLY A 146 -11.98 11.49 2.34
N LEU A 147 -11.89 10.26 1.85
CA LEU A 147 -12.20 9.91 0.46
C LEU A 147 -13.72 9.80 0.22
N VAL A 148 -14.17 9.99 -1.03
CA VAL A 148 -15.57 9.73 -1.42
C VAL A 148 -15.72 8.30 -1.95
N ILE A 149 -16.67 7.53 -1.41
CA ILE A 149 -17.09 6.21 -1.90
C ILE A 149 -18.51 6.23 -2.48
N ASN A 150 -18.79 5.33 -3.42
CA ASN A 150 -19.98 5.33 -4.26
C ASN A 150 -20.99 4.19 -3.98
N ASN A 151 -22.25 4.43 -4.35
CA ASN A 151 -23.38 3.53 -4.08
C ASN A 151 -23.32 2.20 -4.89
N ASP A 152 -22.87 2.23 -6.14
CA ASP A 152 -22.75 1.01 -6.98
C ASP A 152 -21.61 0.09 -6.50
N VAL A 153 -20.50 0.64 -5.99
CA VAL A 153 -19.39 -0.17 -5.42
C VAL A 153 -19.74 -0.72 -4.03
N ASN A 154 -20.43 0.05 -3.18
CA ASN A 154 -20.87 -0.44 -1.86
C ASN A 154 -21.82 -1.65 -1.97
N ASP A 155 -22.69 -1.69 -3.00
CA ASP A 155 -23.57 -2.84 -3.29
C ASP A 155 -22.83 -4.17 -3.54
N PHE A 156 -21.70 -4.14 -4.26
CA PHE A 156 -20.81 -5.29 -4.43
C PHE A 156 -19.98 -5.57 -3.16
N MET A 157 -19.41 -4.54 -2.55
CA MET A 157 -18.52 -4.66 -1.38
C MET A 157 -19.23 -5.32 -0.19
N THR A 158 -20.37 -4.78 0.25
CA THR A 158 -21.13 -5.29 1.40
C THR A 158 -21.72 -6.69 1.14
N GLU A 159 -22.06 -6.98 -0.11
CA GLU A 159 -22.49 -8.32 -0.56
C GLU A 159 -21.38 -9.35 -0.37
N HIS A 160 -20.14 -9.01 -0.77
CA HIS A 160 -18.95 -9.84 -0.61
C HIS A 160 -18.54 -10.01 0.86
N GLU A 161 -18.67 -8.95 1.66
CA GLU A 161 -18.47 -8.99 3.10
C GLU A 161 -19.49 -9.91 3.80
N ARG A 162 -20.78 -9.82 3.45
CA ARG A 162 -21.87 -10.59 4.09
C ARG A 162 -21.83 -12.08 3.73
N LYS A 163 -21.17 -12.45 2.62
CA LYS A 163 -20.83 -13.85 2.28
C LYS A 163 -19.52 -14.37 2.90
N GLY A 164 -18.90 -13.58 3.80
CA GLY A 164 -17.76 -14.01 4.61
C GLY A 164 -16.44 -14.16 3.86
N ARG A 165 -16.27 -13.51 2.70
CA ARG A 165 -15.01 -13.51 1.92
C ARG A 165 -14.36 -12.12 1.96
N THR A 166 -13.03 -12.07 1.99
CA THR A 166 -12.24 -10.85 2.23
C THR A 166 -12.47 -9.78 1.17
N ALA A 167 -12.86 -8.58 1.60
CA ALA A 167 -13.18 -7.44 0.73
C ALA A 167 -12.42 -6.19 1.21
N VAL A 168 -11.63 -5.53 0.34
CA VAL A 168 -10.82 -4.33 0.66
C VAL A 168 -10.79 -3.28 -0.46
N LEU A 169 -10.47 -2.04 -0.11
CA LEU A 169 -10.36 -0.87 -1.00
C LEU A 169 -8.89 -0.40 -1.13
N VAL A 170 -8.55 0.33 -2.20
CA VAL A 170 -7.21 0.90 -2.42
C VAL A 170 -7.26 2.33 -3.01
N ALA A 171 -6.55 3.25 -2.37
CA ALA A 171 -6.55 4.69 -2.59
C ALA A 171 -5.12 5.23 -2.75
N VAL A 172 -4.92 6.34 -3.47
CA VAL A 172 -3.59 6.93 -3.73
C VAL A 172 -3.62 8.45 -3.75
N ASP A 173 -2.64 9.08 -3.10
CA ASP A 173 -2.48 10.54 -2.97
C ASP A 173 -3.82 11.24 -2.69
N ASP A 174 -4.51 10.72 -1.68
CA ASP A 174 -5.76 11.24 -1.13
C ASP A 174 -6.99 11.21 -2.05
N GLU A 175 -6.99 10.34 -3.07
CA GLU A 175 -8.12 9.98 -3.94
C GLU A 175 -8.31 8.44 -3.97
N LEU A 176 -9.52 7.93 -4.17
CA LEU A 176 -9.74 6.48 -4.35
C LEU A 176 -9.32 6.01 -5.77
N CYS A 177 -8.74 4.80 -5.92
CA CYS A 177 -8.39 4.26 -7.24
C CYS A 177 -9.10 2.95 -7.60
N GLY A 178 -9.29 2.03 -6.66
CA GLY A 178 -9.83 0.69 -6.95
C GLY A 178 -10.18 -0.15 -5.72
N LEU A 179 -10.54 -1.42 -5.94
CA LEU A 179 -10.90 -2.40 -4.92
C LEU A 179 -10.39 -3.81 -5.23
N ILE A 180 -10.14 -4.61 -4.20
CA ILE A 180 -9.63 -5.99 -4.26
C ILE A 180 -10.56 -6.93 -3.49
N ALA A 181 -10.84 -8.10 -4.07
CA ALA A 181 -11.66 -9.16 -3.50
C ALA A 181 -10.88 -10.49 -3.44
N ILE A 182 -10.97 -11.17 -2.29
CA ILE A 182 -10.16 -12.32 -1.89
C ILE A 182 -11.02 -13.38 -1.18
N ALA A 183 -10.61 -14.65 -1.24
CA ALA A 183 -11.17 -15.75 -0.44
C ALA A 183 -10.02 -16.51 0.26
N ASP A 184 -10.34 -17.46 1.15
CA ASP A 184 -9.30 -18.32 1.77
C ASP A 184 -9.04 -19.61 0.96
N THR A 185 -7.81 -20.13 1.05
CA THR A 185 -7.36 -21.40 0.45
C THR A 185 -6.49 -22.21 1.41
N SER A 1 8.55 -24.86 1.60
CA SER A 1 7.26 -24.30 1.19
C SER A 1 6.97 -22.93 1.81
N PHE A 2 7.06 -22.77 3.13
CA PHE A 2 6.73 -21.54 3.86
C PHE A 2 5.31 -21.01 3.61
N THR A 3 4.36 -21.93 3.41
CA THR A 3 2.94 -21.67 3.19
C THR A 3 2.25 -21.34 4.53
N MET A 4 1.33 -20.39 4.50
CA MET A 4 0.66 -19.86 5.69
C MET A 4 -0.66 -20.59 6.05
N HIS A 5 -1.25 -20.23 7.19
CA HIS A 5 -2.54 -20.77 7.64
C HIS A 5 -3.72 -20.31 6.76
N GLY A 6 -4.33 -19.17 7.07
CA GLY A 6 -5.48 -18.60 6.34
C GLY A 6 -5.05 -17.89 5.06
N THR A 7 -4.95 -18.66 3.96
CA THR A 7 -4.30 -18.27 2.70
C THR A 7 -5.05 -17.22 1.87
N PRO A 8 -4.38 -16.19 1.32
CA PRO A 8 -5.00 -15.20 0.44
C PRO A 8 -5.07 -15.68 -1.03
N VAL A 9 -6.18 -16.28 -1.45
CA VAL A 9 -6.39 -16.70 -2.85
C VAL A 9 -7.04 -15.57 -3.65
N VAL A 10 -6.29 -14.93 -4.56
CA VAL A 10 -6.77 -13.71 -5.27
C VAL A 10 -7.85 -14.04 -6.30
N ASN A 11 -8.97 -13.31 -6.25
CA ASN A 11 -10.18 -13.66 -6.98
C ASN A 11 -10.65 -12.63 -8.02
N GLN A 12 -10.77 -11.35 -7.65
CA GLN A 12 -11.29 -10.29 -8.54
C GLN A 12 -10.68 -8.91 -8.25
N VAL A 13 -10.55 -8.06 -9.27
CA VAL A 13 -10.08 -6.66 -9.15
C VAL A 13 -11.06 -5.70 -9.86
N LYS A 14 -11.25 -4.48 -9.33
CA LYS A 14 -12.15 -3.47 -9.90
C LYS A 14 -11.60 -2.04 -9.81
N VAL A 15 -11.77 -1.25 -10.88
CA VAL A 15 -11.50 0.20 -10.88
C VAL A 15 -12.67 0.98 -10.30
N LEU A 16 -12.39 1.95 -9.41
CA LEU A 16 -13.38 2.80 -8.73
C LEU A 16 -13.39 4.24 -9.26
N THR A 17 -12.24 4.76 -9.68
CA THR A 17 -12.11 6.07 -10.36
C THR A 17 -11.55 5.82 -11.76
N GLU A 18 -12.43 5.80 -12.77
CA GLU A 18 -12.07 5.58 -14.18
C GLU A 18 -11.90 6.92 -14.91
N SER A 19 -10.91 7.04 -15.82
CA SER A 19 -10.73 8.19 -16.72
C SER A 19 -10.67 9.58 -16.04
N ASN A 20 -10.23 9.67 -14.79
CA ASN A 20 -10.20 10.91 -13.99
C ASN A 20 -8.90 11.12 -13.17
N ARG A 21 -8.09 10.08 -12.94
CA ARG A 21 -6.86 10.16 -12.11
C ARG A 21 -5.76 9.16 -12.50
N ILE A 22 -6.08 7.86 -12.66
CA ILE A 22 -5.10 6.76 -12.80
C ILE A 22 -5.62 5.67 -13.78
N SER A 23 -4.76 5.08 -14.60
CA SER A 23 -5.08 3.89 -15.44
C SER A 23 -4.86 2.57 -14.68
N HIS A 24 -5.66 1.53 -14.98
CA HIS A 24 -5.65 0.26 -14.21
C HIS A 24 -4.27 -0.42 -14.07
N HIS A 25 -3.41 -0.40 -15.10
CA HIS A 25 -2.06 -0.98 -15.00
C HIS A 25 -1.17 -0.18 -14.03
N LYS A 26 -1.30 1.14 -13.99
CA LYS A 26 -0.59 1.99 -13.01
C LYS A 26 -1.07 1.70 -11.58
N ILE A 27 -2.37 1.43 -11.38
CA ILE A 27 -2.91 0.99 -10.07
C ILE A 27 -2.27 -0.34 -9.62
N LEU A 28 -2.32 -1.38 -10.46
CA LEU A 28 -1.78 -2.70 -10.05
C LEU A 28 -0.25 -2.66 -9.87
N ALA A 29 0.45 -1.86 -10.67
CA ALA A 29 1.89 -1.67 -10.54
C ALA A 29 2.28 -1.07 -9.18
N ILE A 30 1.68 0.07 -8.76
CA ILE A 30 2.07 0.76 -7.50
C ILE A 30 1.68 -0.02 -6.23
N VAL A 31 0.61 -0.84 -6.26
CA VAL A 31 0.32 -1.78 -5.17
C VAL A 31 1.35 -2.91 -5.15
N GLY A 32 1.69 -3.46 -6.32
CA GLY A 32 2.67 -4.54 -6.44
C GLY A 32 4.08 -4.12 -6.03
N THR A 33 4.52 -2.89 -6.34
CA THR A 33 5.83 -2.38 -5.91
C THR A 33 5.86 -2.03 -4.42
N ALA A 34 4.78 -1.48 -3.85
CA ALA A 34 4.66 -1.25 -2.41
C ALA A 34 4.77 -2.54 -1.58
N GLU A 35 4.06 -3.59 -2.00
CA GLU A 35 4.16 -4.89 -1.35
C GLU A 35 5.45 -5.66 -1.73
N SER A 36 6.13 -5.34 -2.85
CA SER A 36 7.43 -5.91 -3.24
C SER A 36 8.52 -5.69 -2.18
N ASN A 37 8.67 -4.48 -1.65
CA ASN A 37 9.65 -4.18 -0.59
C ASN A 37 9.18 -4.65 0.81
N SER A 38 7.96 -5.21 0.90
CA SER A 38 7.25 -5.61 2.13
C SER A 38 7.11 -7.14 2.23
N GLU A 39 6.46 -7.66 3.28
CA GLU A 39 6.17 -9.09 3.45
C GLU A 39 4.90 -9.38 4.29
N HIS A 40 3.78 -8.76 3.94
CA HIS A 40 2.49 -8.93 4.63
C HIS A 40 1.81 -10.29 4.36
N PRO A 41 1.07 -10.87 5.34
CA PRO A 41 0.47 -12.20 5.23
C PRO A 41 -0.52 -12.36 4.07
N LEU A 42 -1.28 -11.29 3.79
CA LEU A 42 -2.33 -11.20 2.76
C LEU A 42 -1.80 -10.49 1.51
N GLY A 43 -1.13 -9.34 1.69
CA GLY A 43 -0.62 -8.52 0.60
C GLY A 43 0.41 -9.23 -0.30
N THR A 44 1.23 -10.14 0.23
CA THR A 44 2.33 -10.75 -0.53
C THR A 44 1.87 -11.65 -1.70
N ALA A 45 0.59 -12.05 -1.73
CA ALA A 45 -0.03 -12.69 -2.89
C ALA A 45 -0.32 -11.70 -4.03
N ILE A 46 -0.52 -10.42 -3.72
CA ILE A 46 -0.62 -9.34 -4.71
C ILE A 46 0.75 -9.09 -5.33
N THR A 47 1.83 -9.11 -4.53
CA THR A 47 3.20 -9.06 -5.08
C THR A 47 3.42 -10.13 -6.14
N LYS A 48 2.95 -11.37 -5.92
CA LYS A 48 3.00 -12.44 -6.91
C LYS A 48 2.13 -12.14 -8.15
N TYR A 49 0.86 -11.78 -7.96
CA TYR A 49 -0.06 -11.43 -9.05
C TYR A 49 0.54 -10.35 -9.97
N CYS A 50 1.09 -9.29 -9.36
CA CYS A 50 1.75 -8.19 -10.04
C CYS A 50 3.08 -8.61 -10.69
N LYS A 51 4.00 -9.24 -9.95
CA LYS A 51 5.30 -9.73 -10.46
C LYS A 51 5.13 -10.55 -11.75
N GLN A 52 4.20 -11.49 -11.74
CA GLN A 52 3.89 -12.34 -12.88
C GLN A 52 3.14 -11.57 -14.00
N GLU A 53 2.26 -10.62 -13.69
CA GLU A 53 1.55 -9.80 -14.69
C GLU A 53 2.46 -8.80 -15.42
N LEU A 54 3.46 -8.22 -14.73
CA LEU A 54 4.40 -7.24 -15.30
C LEU A 54 5.40 -7.85 -16.30
N ASP A 55 5.41 -9.18 -16.44
CA ASP A 55 6.34 -9.93 -17.28
C ASP A 55 7.82 -9.63 -16.95
N THR A 56 8.13 -9.50 -15.65
CA THR A 56 9.45 -9.13 -15.12
C THR A 56 9.89 -10.09 -13.99
N GLU A 57 11.12 -9.92 -13.52
CA GLU A 57 11.69 -10.64 -12.37
C GLU A 57 12.00 -9.70 -11.19
N THR A 58 11.82 -8.38 -11.34
CA THR A 58 12.11 -7.35 -10.32
C THR A 58 11.16 -6.16 -10.43
N LEU A 59 10.74 -5.57 -9.30
CA LEU A 59 9.89 -4.37 -9.26
C LEU A 59 10.03 -3.59 -7.94
N GLY A 60 9.93 -2.26 -7.99
CA GLY A 60 10.06 -1.36 -6.84
C GLY A 60 11.50 -1.00 -6.48
N THR A 61 11.75 0.29 -6.20
CA THR A 61 13.01 0.81 -5.63
C THR A 61 12.83 1.19 -4.16
N CYS A 62 11.99 2.19 -3.90
CA CYS A 62 11.81 2.74 -2.56
C CYS A 62 10.33 3.00 -2.28
N ILE A 63 9.91 2.53 -1.11
CA ILE A 63 8.60 2.39 -0.52
C ILE A 63 8.85 2.69 0.96
N ASP A 64 7.95 3.37 1.64
CA ASP A 64 8.10 3.59 3.08
C ASP A 64 6.78 3.44 3.80
N PHE A 65 6.60 2.33 4.54
CA PHE A 65 5.29 1.91 5.04
C PHE A 65 4.95 2.21 6.51
N GLN A 66 3.66 2.47 6.69
CA GLN A 66 2.95 2.96 7.86
C GLN A 66 1.75 2.02 8.07
N VAL A 67 1.83 1.13 9.06
CA VAL A 67 0.90 0.00 9.25
C VAL A 67 -0.16 0.34 10.31
N VAL A 68 -1.43 -0.04 10.10
CA VAL A 68 -2.51 0.02 11.11
C VAL A 68 -3.18 -1.37 11.24
N PRO A 69 -2.85 -2.16 12.29
CA PRO A 69 -3.29 -3.54 12.45
C PRO A 69 -4.80 -3.76 12.29
N GLY A 70 -5.16 -4.75 11.47
CA GLY A 70 -6.52 -5.08 11.03
C GLY A 70 -7.11 -4.14 9.98
N CYS A 71 -6.84 -2.83 10.06
CA CYS A 71 -7.51 -1.81 9.25
C CYS A 71 -6.90 -1.64 7.84
N GLY A 72 -5.58 -1.53 7.72
CA GLY A 72 -4.90 -1.25 6.44
C GLY A 72 -3.50 -0.68 6.61
N ILE A 73 -2.83 -0.36 5.50
CA ILE A 73 -1.50 0.28 5.52
C ILE A 73 -1.36 1.39 4.46
N SER A 74 -0.42 2.31 4.70
CA SER A 74 -0.10 3.45 3.83
C SER A 74 1.42 3.55 3.59
N CYS A 75 1.87 4.08 2.46
CA CYS A 75 3.29 4.26 2.16
C CYS A 75 3.59 5.40 1.18
N LYS A 76 4.87 5.80 1.10
CA LYS A 76 5.38 6.75 0.11
C LYS A 76 6.27 6.00 -0.88
N VAL A 77 6.15 6.26 -2.17
CA VAL A 77 6.75 5.46 -3.25
C VAL A 77 7.54 6.33 -4.23
N THR A 78 8.71 5.84 -4.67
CA THR A 78 9.54 6.53 -5.69
C THR A 78 10.34 5.63 -6.64
N ASN A 79 10.57 6.20 -7.82
CA ASN A 79 11.58 5.97 -8.85
C ASN A 79 11.27 6.97 -9.98
N ILE A 80 11.44 8.25 -9.64
CA ILE A 80 11.07 9.43 -10.44
C ILE A 80 12.06 10.56 -10.09
N GLU A 81 11.79 11.40 -9.09
CA GLU A 81 12.75 12.40 -8.60
C GLU A 81 12.91 12.42 -7.06
N GLY A 82 12.34 11.45 -6.34
CA GLY A 82 12.44 11.36 -4.88
C GLY A 82 13.88 11.27 -4.35
N LEU A 83 14.80 10.74 -5.15
CA LEU A 83 16.25 10.64 -4.86
C LEU A 83 16.98 11.97 -4.64
N LEU A 84 16.31 13.12 -4.87
CA LEU A 84 16.79 14.45 -4.50
C LEU A 84 16.97 14.54 -2.97
N HIS A 85 16.02 13.99 -2.21
CA HIS A 85 15.90 14.08 -0.75
C HIS A 85 15.80 15.50 -0.16
N LYS A 86 16.90 16.25 -0.17
CA LYS A 86 17.09 17.50 0.58
C LYS A 86 18.17 18.39 -0.05
N ASN A 87 18.12 19.70 0.23
CA ASN A 87 19.24 20.60 -0.01
C ASN A 87 20.28 20.30 1.10
N ASN A 88 21.52 19.98 0.71
CA ASN A 88 22.53 19.38 1.59
C ASN A 88 23.96 19.93 1.40
N TRP A 89 24.77 19.81 2.45
CA TRP A 89 26.15 20.34 2.51
C TRP A 89 26.97 19.68 3.63
N ASN A 90 27.30 18.40 3.43
CA ASN A 90 28.27 17.63 4.23
C ASN A 90 27.93 17.47 5.73
N ILE A 91 26.66 17.67 6.12
CA ILE A 91 26.22 17.66 7.52
C ILE A 91 26.40 16.27 8.13
N GLU A 92 27.15 16.16 9.22
CA GLU A 92 27.34 14.88 9.94
C GLU A 92 26.21 14.60 10.94
N ASP A 93 25.54 15.63 11.48
CA ASP A 93 24.35 15.51 12.34
C ASP A 93 23.12 14.86 11.64
N ASN A 94 23.17 14.68 10.32
CA ASN A 94 22.23 13.94 9.48
C ASN A 94 22.18 12.41 9.76
N ASN A 95 23.27 11.86 10.33
CA ASN A 95 23.43 10.47 10.76
C ASN A 95 22.40 10.04 11.83
N ILE A 96 22.23 8.75 12.10
CA ILE A 96 21.27 8.25 13.09
C ILE A 96 21.71 8.58 14.53
N LYS A 97 20.95 9.45 15.20
CA LYS A 97 21.27 10.11 16.49
C LYS A 97 20.04 10.22 17.39
N ASN A 98 20.22 10.51 18.69
CA ASN A 98 19.10 10.70 19.61
C ASN A 98 18.50 12.12 19.56
N ALA A 99 19.25 13.09 19.03
CA ALA A 99 18.76 14.42 18.69
C ALA A 99 19.14 14.80 17.26
N SER A 100 18.26 15.54 16.59
CA SER A 100 18.40 15.97 15.18
C SER A 100 17.99 17.44 15.00
N LEU A 101 16.90 17.86 15.66
CA LEU A 101 16.47 19.26 15.78
C LEU A 101 16.21 19.97 14.43
N VAL A 102 15.87 21.26 14.44
CA VAL A 102 15.60 22.04 13.22
C VAL A 102 15.98 23.53 13.35
N GLN A 103 16.24 24.18 12.21
CA GLN A 103 16.43 25.63 12.03
C GLN A 103 15.96 26.07 10.63
N ILE A 104 15.68 27.37 10.49
CA ILE A 104 15.42 28.14 9.26
C ILE A 104 14.14 27.77 8.48
N ASP A 105 13.31 28.76 8.16
CA ASP A 105 12.16 28.66 7.23
C ASP A 105 11.20 27.48 7.50
N ALA A 106 11.06 27.06 8.76
CA ALA A 106 10.37 25.82 9.17
C ALA A 106 8.82 25.88 9.19
N SER A 107 8.26 26.94 8.60
CA SER A 107 6.83 27.15 8.30
C SER A 107 5.84 26.76 9.42
N ASN A 108 5.07 25.69 9.20
CA ASN A 108 3.99 25.21 10.06
C ASN A 108 3.95 23.67 10.12
N GLU A 109 3.09 23.13 10.97
CA GLU A 109 3.07 21.70 11.34
C GLU A 109 1.68 21.04 11.34
N GLN A 110 1.66 19.71 11.15
CA GLN A 110 0.54 18.78 11.35
C GLN A 110 1.12 17.41 11.73
N SER A 111 0.43 16.67 12.60
CA SER A 111 0.73 15.28 13.01
C SER A 111 2.10 15.08 13.67
N SER A 112 2.27 14.01 14.46
CA SER A 112 3.58 13.71 15.08
C SER A 112 4.61 13.21 14.05
N THR A 113 4.17 12.38 13.09
CA THR A 113 4.97 11.86 11.96
C THR A 113 4.07 11.58 10.77
N SER A 114 4.44 12.10 9.60
CA SER A 114 3.77 11.81 8.32
C SER A 114 4.09 10.41 7.79
N SER A 115 5.27 9.86 8.14
CA SER A 115 5.74 8.56 7.65
C SER A 115 6.69 7.82 8.60
N SER A 116 7.90 8.33 8.78
CA SER A 116 9.06 7.60 9.36
C SER A 116 9.71 8.19 10.61
N MET A 117 9.10 9.20 11.23
CA MET A 117 9.65 10.03 12.29
C MET A 117 10.89 10.85 11.92
N ILE A 118 10.83 12.16 12.22
CA ILE A 118 11.82 13.17 11.85
C ILE A 118 12.07 13.21 10.33
N ILE A 119 10.98 13.10 9.57
CA ILE A 119 10.94 13.34 8.12
C ILE A 119 10.01 14.51 7.70
N ASP A 120 9.22 15.05 8.64
CA ASP A 120 8.25 16.12 8.36
C ASP A 120 8.90 17.43 7.86
N ALA A 121 10.17 17.66 8.20
CA ALA A 121 10.99 18.77 7.69
C ALA A 121 11.45 18.60 6.21
N GLN A 122 11.13 17.47 5.58
CA GLN A 122 11.53 17.13 4.20
C GLN A 122 10.38 17.22 3.18
N ILE A 123 9.12 17.07 3.63
CA ILE A 123 7.89 17.03 2.81
C ILE A 123 7.80 18.22 1.83
N SER A 124 8.26 19.40 2.26
CA SER A 124 8.27 20.64 1.47
C SER A 124 9.15 20.60 0.20
N ASN A 125 9.90 19.51 -0.04
CA ASN A 125 10.64 19.26 -1.28
C ASN A 125 9.84 18.45 -2.33
N ALA A 126 8.75 17.77 -1.95
CA ALA A 126 8.06 16.78 -2.81
C ALA A 126 7.53 17.31 -4.16
N LEU A 127 7.24 18.61 -4.26
CA LEU A 127 6.84 19.28 -5.50
C LEU A 127 7.94 19.23 -6.59
N ASN A 128 9.21 19.14 -6.20
CA ASN A 128 10.36 18.86 -7.07
C ASN A 128 10.86 17.41 -6.93
N ALA A 129 11.00 16.93 -5.70
CA ALA A 129 11.42 15.56 -5.35
C ALA A 129 10.25 14.57 -5.50
N GLN A 130 9.78 14.42 -6.74
CA GLN A 130 8.54 13.72 -7.10
C GLN A 130 8.38 12.33 -6.47
N GLN A 131 7.17 12.06 -5.96
CA GLN A 131 6.81 10.86 -5.21
C GLN A 131 5.29 10.61 -5.21
N TYR A 132 4.88 9.37 -5.00
CA TYR A 132 3.48 8.93 -4.81
C TYR A 132 3.18 8.63 -3.34
N LYS A 133 1.98 8.95 -2.85
CA LYS A 133 1.44 8.56 -1.53
C LYS A 133 0.31 7.54 -1.75
N VAL A 134 0.43 6.30 -1.30
CA VAL A 134 -0.54 5.23 -1.62
C VAL A 134 -0.94 4.40 -0.39
N LEU A 135 -2.22 4.01 -0.30
CA LEU A 135 -2.77 3.26 0.83
C LEU A 135 -3.83 2.21 0.41
N ILE A 136 -3.93 1.13 1.19
CA ILE A 136 -4.78 -0.05 0.94
C ILE A 136 -5.39 -0.54 2.26
N GLY A 137 -6.69 -0.87 2.29
CA GLY A 137 -7.36 -1.28 3.54
C GLY A 137 -8.89 -1.44 3.48
N ASN A 138 -9.49 -1.57 4.66
CA ASN A 138 -10.93 -1.79 4.88
C ASN A 138 -11.81 -0.54 4.67
N ARG A 139 -13.13 -0.77 4.58
CA ARG A 139 -14.18 0.22 4.26
C ARG A 139 -14.18 1.51 5.08
N GLU A 140 -14.04 1.50 6.42
CA GLU A 140 -13.99 2.74 7.22
C GLU A 140 -12.64 3.46 7.10
N TRP A 141 -11.55 2.71 6.92
CA TRP A 141 -10.21 3.27 6.89
C TRP A 141 -9.99 4.23 5.70
N MET A 142 -10.60 3.93 4.55
CA MET A 142 -10.67 4.84 3.40
C MET A 142 -11.46 6.14 3.68
N ILE A 143 -12.54 6.08 4.47
CA ILE A 143 -13.25 7.26 5.00
C ILE A 143 -12.26 8.16 5.75
N ARG A 144 -11.62 7.61 6.79
CA ARG A 144 -10.61 8.27 7.64
C ARG A 144 -9.45 8.99 6.91
N ASN A 145 -9.14 8.70 5.64
CA ASN A 145 -8.20 9.51 4.82
C ASN A 145 -8.88 10.77 4.20
N GLY A 146 -10.09 11.12 4.63
CA GLY A 146 -10.87 12.24 4.09
C GLY A 146 -11.34 12.03 2.64
N LEU A 147 -11.69 10.79 2.26
CA LEU A 147 -12.15 10.44 0.91
C LEU A 147 -13.68 10.30 0.86
N VAL A 148 -14.28 10.51 -0.32
CA VAL A 148 -15.69 10.20 -0.58
C VAL A 148 -15.83 8.72 -0.97
N ILE A 149 -16.78 8.00 -0.37
CA ILE A 149 -17.17 6.63 -0.76
C ILE A 149 -18.65 6.59 -1.20
N ASN A 150 -18.97 5.83 -2.26
CA ASN A 150 -20.26 5.89 -2.94
C ASN A 150 -21.11 4.59 -2.87
N ASN A 151 -22.38 4.68 -3.26
CA ASN A 151 -23.39 3.63 -3.05
C ASN A 151 -23.18 2.34 -3.87
N ASP A 152 -22.90 2.45 -5.18
CA ASP A 152 -22.79 1.27 -6.06
C ASP A 152 -21.55 0.41 -5.74
N VAL A 153 -20.49 1.01 -5.17
CA VAL A 153 -19.34 0.30 -4.59
C VAL A 153 -19.64 -0.24 -3.19
N ASN A 154 -20.38 0.47 -2.32
CA ASN A 154 -20.84 -0.08 -1.04
C ASN A 154 -21.72 -1.33 -1.26
N ASP A 155 -22.61 -1.29 -2.25
CA ASP A 155 -23.44 -2.41 -2.70
C ASP A 155 -22.61 -3.62 -3.20
N PHE A 156 -21.53 -3.40 -3.94
CA PHE A 156 -20.59 -4.45 -4.37
C PHE A 156 -19.72 -4.98 -3.21
N MET A 157 -19.25 -4.08 -2.34
CA MET A 157 -18.46 -4.38 -1.15
C MET A 157 -19.24 -5.29 -0.20
N THR A 158 -20.43 -4.86 0.23
CA THR A 158 -21.27 -5.60 1.17
C THR A 158 -21.76 -6.93 0.59
N GLU A 159 -22.00 -7.00 -0.73
CA GLU A 159 -22.31 -8.25 -1.44
C GLU A 159 -21.17 -9.27 -1.32
N HIS A 160 -19.95 -8.90 -1.69
CA HIS A 160 -18.78 -9.81 -1.61
C HIS A 160 -18.32 -10.09 -0.17
N GLU A 161 -18.42 -9.11 0.75
CA GLU A 161 -18.21 -9.34 2.19
C GLU A 161 -19.20 -10.39 2.73
N ARG A 162 -20.50 -10.25 2.45
CA ARG A 162 -21.57 -11.16 2.92
C ARG A 162 -21.57 -12.53 2.22
N LYS A 163 -20.87 -12.66 1.09
CA LYS A 163 -20.51 -13.94 0.41
C LYS A 163 -19.37 -14.67 1.13
N GLY A 164 -18.78 -14.04 2.15
CA GLY A 164 -17.76 -14.62 3.02
C GLY A 164 -16.33 -14.52 2.49
N ARG A 165 -16.06 -13.52 1.62
CA ARG A 165 -14.74 -13.25 1.02
C ARG A 165 -14.14 -11.96 1.63
N THR A 166 -12.83 -11.74 1.47
CA THR A 166 -12.15 -10.49 1.81
C THR A 166 -12.43 -9.43 0.73
N ALA A 167 -12.77 -8.22 1.14
CA ALA A 167 -13.09 -7.09 0.28
C ALA A 167 -12.44 -5.78 0.79
N VAL A 168 -11.53 -5.20 0.00
CA VAL A 168 -10.65 -4.07 0.40
C VAL A 168 -10.46 -3.04 -0.72
N LEU A 169 -10.12 -1.80 -0.37
CA LEU A 169 -9.98 -0.65 -1.28
C LEU A 169 -8.51 -0.19 -1.42
N VAL A 170 -8.20 0.59 -2.46
CA VAL A 170 -6.90 1.27 -2.68
C VAL A 170 -7.06 2.74 -3.13
N ALA A 171 -6.40 3.65 -2.41
CA ALA A 171 -6.43 5.10 -2.61
C ALA A 171 -5.01 5.69 -2.77
N VAL A 172 -4.91 6.87 -3.41
CA VAL A 172 -3.64 7.50 -3.83
C VAL A 172 -3.70 9.03 -3.74
N ASP A 173 -2.66 9.66 -3.16
CA ASP A 173 -2.48 11.11 -3.00
C ASP A 173 -3.78 11.86 -2.63
N ASP A 174 -4.52 11.29 -1.67
CA ASP A 174 -5.81 11.76 -1.13
C ASP A 174 -7.00 11.75 -2.13
N GLU A 175 -7.09 10.70 -2.97
CA GLU A 175 -8.23 10.36 -3.84
C GLU A 175 -8.35 8.82 -3.98
N LEU A 176 -9.54 8.24 -4.11
CA LEU A 176 -9.72 6.80 -4.36
C LEU A 176 -9.37 6.39 -5.81
N CYS A 177 -8.84 5.17 -6.04
CA CYS A 177 -8.64 4.64 -7.40
C CYS A 177 -9.31 3.27 -7.68
N GLY A 178 -9.32 2.32 -6.73
CA GLY A 178 -9.81 0.94 -7.00
C GLY A 178 -10.13 0.10 -5.76
N LEU A 179 -10.58 -1.14 -5.98
CA LEU A 179 -10.85 -2.16 -4.96
C LEU A 179 -10.51 -3.59 -5.42
N ILE A 180 -10.22 -4.47 -4.46
CA ILE A 180 -9.76 -5.85 -4.65
C ILE A 180 -10.60 -6.83 -3.80
N ALA A 181 -10.89 -8.02 -4.35
CA ALA A 181 -11.61 -9.10 -3.68
C ALA A 181 -10.77 -10.41 -3.67
N ILE A 182 -10.67 -11.03 -2.48
CA ILE A 182 -9.77 -12.16 -2.18
C ILE A 182 -10.52 -13.23 -1.38
N ALA A 183 -10.20 -14.51 -1.60
CA ALA A 183 -10.89 -15.66 -1.02
C ALA A 183 -9.93 -16.60 -0.24
N ASP A 184 -10.47 -17.74 0.20
CA ASP A 184 -9.90 -18.72 1.13
C ASP A 184 -9.74 -18.21 2.59
N THR A 185 -8.84 -17.26 2.85
CA THR A 185 -8.72 -16.52 4.13
C THR A 185 -10.06 -16.05 4.69
N SER A 1 13.63 -20.95 4.84
CA SER A 1 13.64 -20.95 3.36
C SER A 1 12.32 -20.51 2.76
N PHE A 2 11.18 -21.14 3.10
CA PHE A 2 9.86 -20.83 2.53
C PHE A 2 8.81 -20.55 3.62
N THR A 3 7.94 -19.57 3.35
CA THR A 3 7.00 -18.98 4.34
C THR A 3 5.74 -19.83 4.56
N MET A 4 5.08 -19.63 5.70
CA MET A 4 3.75 -20.13 6.09
C MET A 4 2.77 -20.27 4.90
N HIS A 5 2.05 -21.40 4.82
CA HIS A 5 1.22 -21.74 3.65
C HIS A 5 -0.23 -21.24 3.75
N GLY A 6 -0.79 -21.03 4.95
CA GLY A 6 -2.20 -20.66 5.20
C GLY A 6 -2.55 -19.23 4.76
N THR A 7 -2.70 -19.03 3.45
CA THR A 7 -2.75 -17.72 2.78
C THR A 7 -4.09 -17.37 2.11
N PRO A 8 -4.45 -16.08 2.03
CA PRO A 8 -5.54 -15.62 1.17
C PRO A 8 -5.26 -15.97 -0.31
N VAL A 9 -6.26 -15.86 -1.18
CA VAL A 9 -6.11 -16.02 -2.64
C VAL A 9 -6.86 -14.92 -3.41
N VAL A 10 -6.22 -14.25 -4.35
CA VAL A 10 -6.86 -13.16 -5.12
C VAL A 10 -7.99 -13.69 -6.00
N ASN A 11 -9.14 -12.99 -5.99
CA ASN A 11 -10.36 -13.45 -6.65
C ASN A 11 -10.92 -12.42 -7.66
N GLN A 12 -10.77 -11.12 -7.42
CA GLN A 12 -11.00 -10.09 -8.43
C GLN A 12 -10.29 -8.76 -8.08
N VAL A 13 -9.79 -8.06 -9.09
CA VAL A 13 -9.32 -6.67 -8.96
C VAL A 13 -10.21 -5.75 -9.79
N LYS A 14 -10.65 -4.61 -9.24
CA LYS A 14 -11.68 -3.76 -9.84
C LYS A 14 -11.39 -2.26 -9.69
N VAL A 15 -11.76 -1.49 -10.70
CA VAL A 15 -11.46 -0.06 -10.83
C VAL A 15 -12.66 0.80 -10.45
N LEU A 16 -12.42 1.78 -9.58
CA LEU A 16 -13.38 2.76 -9.09
C LEU A 16 -13.17 4.16 -9.68
N THR A 17 -11.94 4.48 -10.11
CA THR A 17 -11.58 5.72 -10.83
C THR A 17 -10.63 5.40 -11.99
N GLU A 18 -10.91 5.90 -13.20
CA GLU A 18 -10.10 5.69 -14.42
C GLU A 18 -9.97 6.99 -15.23
N SER A 19 -8.81 7.21 -15.86
CA SER A 19 -8.50 8.30 -16.81
C SER A 19 -8.75 9.73 -16.30
N ASN A 20 -8.96 9.88 -14.98
CA ASN A 20 -9.25 11.11 -14.24
C ASN A 20 -8.47 11.20 -12.90
N ARG A 21 -7.47 10.32 -12.71
CA ARG A 21 -6.51 10.37 -11.59
C ARG A 21 -5.28 9.50 -11.88
N ILE A 22 -5.51 8.20 -12.13
CA ILE A 22 -4.58 7.15 -12.56
C ILE A 22 -5.34 6.17 -13.49
N SER A 23 -4.64 5.40 -14.32
CA SER A 23 -5.22 4.33 -15.18
C SER A 23 -4.92 2.90 -14.68
N HIS A 24 -5.78 1.94 -15.07
CA HIS A 24 -5.82 0.58 -14.49
C HIS A 24 -4.49 -0.21 -14.43
N HIS A 25 -3.63 -0.16 -15.45
CA HIS A 25 -2.35 -0.90 -15.43
C HIS A 25 -1.31 -0.19 -14.55
N LYS A 26 -1.38 1.14 -14.40
CA LYS A 26 -0.60 1.86 -13.39
C LYS A 26 -1.08 1.57 -11.97
N ILE A 27 -2.38 1.38 -11.71
CA ILE A 27 -2.87 0.94 -10.39
C ILE A 27 -2.21 -0.38 -9.97
N LEU A 28 -2.28 -1.42 -10.80
CA LEU A 28 -1.69 -2.73 -10.44
C LEU A 28 -0.15 -2.66 -10.33
N ALA A 29 0.51 -1.80 -11.12
CA ALA A 29 1.94 -1.55 -11.01
C ALA A 29 2.32 -0.88 -9.68
N ILE A 30 1.68 0.22 -9.26
CA ILE A 30 2.06 0.94 -8.03
C ILE A 30 1.72 0.15 -6.76
N VAL A 31 0.62 -0.60 -6.73
CA VAL A 31 0.28 -1.49 -5.60
C VAL A 31 1.21 -2.71 -5.54
N GLY A 32 1.51 -3.36 -6.67
CA GLY A 32 2.41 -4.52 -6.69
C GLY A 32 3.87 -4.15 -6.39
N THR A 33 4.34 -2.99 -6.84
CA THR A 33 5.69 -2.48 -6.52
C THR A 33 5.79 -1.97 -5.08
N ALA A 34 4.67 -1.55 -4.47
CA ALA A 34 4.60 -1.28 -3.03
C ALA A 34 4.78 -2.57 -2.21
N GLU A 35 3.95 -3.58 -2.48
CA GLU A 35 3.95 -4.85 -1.74
C GLU A 35 5.20 -5.70 -2.02
N SER A 36 5.92 -5.49 -3.14
CA SER A 36 7.24 -6.08 -3.41
C SER A 36 8.27 -5.76 -2.30
N ASN A 37 8.18 -4.59 -1.67
CA ASN A 37 9.04 -4.19 -0.56
C ASN A 37 8.54 -4.68 0.82
N SER A 38 7.33 -5.26 0.90
CA SER A 38 6.63 -5.62 2.13
C SER A 38 6.75 -7.11 2.50
N GLU A 39 6.11 -7.48 3.61
CA GLU A 39 6.18 -8.80 4.28
C GLU A 39 4.81 -9.32 4.78
N HIS A 40 3.72 -8.65 4.40
CA HIS A 40 2.38 -8.85 4.96
C HIS A 40 1.56 -9.97 4.24
N PRO A 41 0.66 -10.67 4.95
CA PRO A 41 -0.02 -11.89 4.47
C PRO A 41 -0.98 -11.70 3.29
N LEU A 42 -1.57 -10.50 3.18
CA LEU A 42 -2.71 -10.22 2.31
C LEU A 42 -2.32 -9.43 1.07
N GLY A 43 -1.55 -8.36 1.24
CA GLY A 43 -1.03 -7.54 0.13
C GLY A 43 -0.07 -8.31 -0.81
N THR A 44 0.66 -9.29 -0.29
CA THR A 44 1.56 -10.14 -1.11
C THR A 44 0.84 -11.00 -2.16
N ALA A 45 -0.48 -11.20 -2.05
CA ALA A 45 -1.29 -11.79 -3.11
C ALA A 45 -1.28 -10.93 -4.39
N ILE A 46 -1.28 -9.61 -4.22
CA ILE A 46 -1.20 -8.60 -5.28
C ILE A 46 0.23 -8.54 -5.85
N THR A 47 1.26 -8.71 -5.01
CA THR A 47 2.66 -8.84 -5.50
C THR A 47 2.78 -9.92 -6.57
N LYS A 48 2.20 -11.11 -6.37
CA LYS A 48 2.16 -12.19 -7.37
C LYS A 48 1.40 -11.79 -8.63
N TYR A 49 0.19 -11.24 -8.48
CA TYR A 49 -0.66 -10.81 -9.61
C TYR A 49 0.07 -9.80 -10.51
N CYS A 50 0.81 -8.86 -9.89
CA CYS A 50 1.67 -7.89 -10.55
C CYS A 50 2.94 -8.54 -11.15
N LYS A 51 3.72 -9.30 -10.38
CA LYS A 51 4.94 -10.00 -10.82
C LYS A 51 4.70 -10.86 -12.07
N GLN A 52 3.60 -11.61 -12.12
CA GLN A 52 3.19 -12.39 -13.29
C GLN A 52 2.73 -11.50 -14.47
N GLU A 53 2.09 -10.35 -14.22
CA GLU A 53 1.78 -9.38 -15.26
C GLU A 53 3.03 -8.71 -15.85
N LEU A 54 3.94 -8.21 -15.02
CA LEU A 54 5.16 -7.52 -15.47
C LEU A 54 6.18 -8.48 -16.10
N ASP A 55 6.23 -9.72 -15.62
CA ASP A 55 7.23 -10.75 -15.95
C ASP A 55 8.67 -10.25 -15.68
N THR A 56 8.93 -9.78 -14.45
CA THR A 56 10.20 -9.13 -14.09
C THR A 56 10.60 -9.36 -12.63
N GLU A 57 11.89 -9.52 -12.37
CA GLU A 57 12.47 -9.83 -11.05
C GLU A 57 13.01 -8.56 -10.34
N THR A 58 12.52 -7.37 -10.71
CA THR A 58 13.06 -6.05 -10.33
C THR A 58 12.05 -5.02 -9.80
N LEU A 59 10.78 -5.38 -9.65
CA LEU A 59 9.70 -4.41 -9.41
C LEU A 59 9.78 -3.67 -8.05
N GLY A 60 9.49 -2.37 -8.05
CA GLY A 60 9.61 -1.50 -6.87
C GLY A 60 11.04 -1.19 -6.43
N THR A 61 11.19 -0.27 -5.46
CA THR A 61 12.49 0.10 -4.87
C THR A 61 12.35 0.72 -3.48
N CYS A 62 11.35 1.59 -3.27
CA CYS A 62 11.15 2.34 -2.01
C CYS A 62 9.70 2.32 -1.51
N ILE A 63 9.49 2.26 -0.19
CA ILE A 63 8.22 2.36 0.52
C ILE A 63 8.46 3.05 1.88
N ASP A 64 7.69 4.10 2.22
CA ASP A 64 7.86 4.85 3.48
C ASP A 64 7.17 4.21 4.69
N PHE A 65 6.12 3.42 4.43
CA PHE A 65 5.33 2.62 5.36
C PHE A 65 4.63 3.41 6.49
N GLN A 66 3.33 3.16 6.67
CA GLN A 66 2.51 3.61 7.80
C GLN A 66 1.41 2.56 8.04
N VAL A 67 1.50 1.77 9.11
CA VAL A 67 0.56 0.66 9.37
C VAL A 67 -0.41 0.97 10.51
N VAL A 68 -1.65 0.48 10.37
CA VAL A 68 -2.68 0.47 11.41
C VAL A 68 -3.23 -0.97 11.49
N PRO A 69 -2.83 -1.77 12.49
CA PRO A 69 -3.30 -3.15 12.66
C PRO A 69 -4.82 -3.26 12.80
N GLY A 70 -5.40 -4.24 12.11
CA GLY A 70 -6.85 -4.39 11.94
C GLY A 70 -7.49 -3.32 11.03
N CYS A 71 -6.70 -2.67 10.17
CA CYS A 71 -7.14 -1.62 9.26
C CYS A 71 -6.39 -1.64 7.91
N GLY A 72 -5.06 -1.68 7.89
CA GLY A 72 -4.24 -1.82 6.68
C GLY A 72 -3.01 -0.90 6.61
N ILE A 73 -2.55 -0.56 5.40
CA ILE A 73 -1.30 0.16 5.13
C ILE A 73 -1.55 1.48 4.38
N SER A 74 -0.70 2.46 4.65
CA SER A 74 -0.51 3.69 3.88
C SER A 74 0.98 3.95 3.67
N CYS A 75 1.42 4.56 2.57
CA CYS A 75 2.84 4.78 2.29
C CYS A 75 3.11 5.75 1.13
N LYS A 76 4.39 6.05 0.85
CA LYS A 76 4.84 6.69 -0.40
C LYS A 76 5.80 5.72 -1.05
N VAL A 77 5.70 5.53 -2.38
CA VAL A 77 6.48 4.53 -3.11
C VAL A 77 7.14 5.09 -4.36
N THR A 78 8.23 4.43 -4.77
CA THR A 78 8.90 4.73 -6.05
C THR A 78 9.84 3.65 -6.58
N ASN A 79 10.14 3.85 -7.85
CA ASN A 79 11.20 3.34 -8.72
C ASN A 79 11.27 4.24 -9.98
N ILE A 80 10.16 4.89 -10.37
CA ILE A 80 10.12 5.97 -11.39
C ILE A 80 11.26 7.00 -11.26
N GLU A 81 11.77 7.24 -10.05
CA GLU A 81 13.05 7.95 -9.83
C GLU A 81 13.78 7.40 -8.57
N GLY A 82 13.82 6.06 -8.44
CA GLY A 82 14.36 5.30 -7.29
C GLY A 82 15.88 5.32 -7.11
N LEU A 83 16.56 6.20 -7.85
CA LEU A 83 18.00 6.42 -7.81
C LEU A 83 18.46 7.42 -6.74
N LEU A 84 17.54 8.16 -6.13
CA LEU A 84 17.85 9.32 -5.27
C LEU A 84 18.22 8.90 -3.83
N HIS A 85 17.23 8.51 -3.03
CA HIS A 85 17.38 8.29 -1.58
C HIS A 85 16.26 7.41 -1.00
N LYS A 86 16.46 6.90 0.22
CA LYS A 86 15.40 6.27 1.02
C LYS A 86 14.21 7.23 1.18
N ASN A 87 13.03 6.67 1.47
CA ASN A 87 11.87 7.49 1.80
C ASN A 87 12.04 8.12 3.19
N ASN A 88 12.52 7.36 4.17
CA ASN A 88 13.00 7.89 5.45
C ASN A 88 14.10 6.99 6.06
N TRP A 89 15.08 7.61 6.70
CA TRP A 89 16.08 6.96 7.54
C TRP A 89 16.54 7.86 8.69
N ASN A 90 16.82 9.14 8.41
CA ASN A 90 17.34 10.12 9.38
C ASN A 90 16.54 11.45 9.40
N ILE A 91 15.35 11.52 8.78
CA ILE A 91 14.59 12.76 8.55
C ILE A 91 13.27 12.77 9.35
N GLU A 92 13.21 13.60 10.39
CA GLU A 92 12.07 13.72 11.31
C GLU A 92 10.82 14.40 10.67
N ASP A 93 10.94 14.89 9.44
CA ASP A 93 9.84 15.39 8.60
C ASP A 93 9.25 14.34 7.63
N ASN A 94 9.91 13.19 7.42
CA ASN A 94 9.54 12.24 6.35
C ASN A 94 8.52 11.17 6.77
N ASN A 95 7.36 11.62 7.27
CA ASN A 95 6.14 10.87 7.52
C ASN A 95 4.99 11.43 6.65
N ILE A 96 3.86 10.73 6.53
CA ILE A 96 2.64 11.33 5.95
C ILE A 96 2.11 12.44 6.87
N LYS A 97 1.35 13.37 6.30
CA LYS A 97 0.88 14.59 6.97
C LYS A 97 -0.64 14.75 6.85
N ASN A 98 -1.38 13.70 7.24
CA ASN A 98 -2.85 13.61 7.23
C ASN A 98 -3.49 14.49 8.33
N ALA A 99 -3.28 15.80 8.23
CA ALA A 99 -3.77 16.82 9.16
C ALA A 99 -4.93 17.62 8.58
N SER A 100 -5.94 17.90 9.42
CA SER A 100 -7.05 18.80 9.12
C SER A 100 -7.85 18.35 7.88
N LEU A 101 -8.62 17.27 8.04
CA LEU A 101 -9.27 16.49 6.96
C LEU A 101 -10.46 17.18 6.25
N VAL A 102 -10.79 18.42 6.60
CA VAL A 102 -11.78 19.27 5.88
C VAL A 102 -11.14 20.19 4.83
N GLN A 103 -9.81 20.12 4.65
CA GLN A 103 -9.05 20.91 3.66
C GLN A 103 -8.31 19.95 2.71
N ILE A 104 -9.04 19.41 1.74
CA ILE A 104 -8.62 18.30 0.84
C ILE A 104 -9.14 18.49 -0.60
N ASP A 105 -8.59 17.74 -1.57
CA ASP A 105 -9.02 17.82 -2.97
C ASP A 105 -10.38 17.16 -3.23
N ALA A 106 -11.28 17.87 -3.91
CA ALA A 106 -12.58 17.38 -4.40
C ALA A 106 -12.73 17.46 -5.94
N SER A 107 -11.64 17.82 -6.64
CA SER A 107 -11.54 17.94 -8.10
C SER A 107 -10.09 17.63 -8.52
N ASN A 108 -9.88 16.98 -9.67
CA ASN A 108 -8.55 16.51 -10.10
C ASN A 108 -7.57 17.65 -10.45
N GLU A 109 -8.06 18.72 -11.10
CA GLU A 109 -7.29 19.91 -11.52
C GLU A 109 -6.14 19.64 -12.52
N GLN A 110 -6.26 18.53 -13.28
CA GLN A 110 -5.48 18.07 -14.45
C GLN A 110 -3.98 17.81 -14.25
N SER A 111 -3.23 18.75 -13.69
CA SER A 111 -1.79 18.67 -13.50
C SER A 111 -1.36 18.84 -12.05
N SER A 112 -2.03 19.71 -11.29
CA SER A 112 -1.93 19.75 -9.83
C SER A 112 -3.03 20.60 -9.17
N THR A 113 -3.38 20.20 -7.95
CA THR A 113 -4.19 20.97 -6.99
C THR A 113 -3.22 21.56 -5.95
N SER A 114 -3.65 22.47 -5.08
CA SER A 114 -2.82 22.81 -3.92
C SER A 114 -3.57 23.30 -2.69
N SER A 115 -4.07 22.31 -1.92
CA SER A 115 -4.46 22.51 -0.53
C SER A 115 -3.08 22.59 0.15
N SER A 116 -2.58 23.82 0.29
CA SER A 116 -1.18 24.17 0.55
C SER A 116 -0.44 23.49 1.71
N MET A 117 -1.16 22.85 2.64
CA MET A 117 -0.59 22.15 3.78
C MET A 117 -0.33 20.67 3.45
N ILE A 118 -1.39 19.92 3.12
CA ILE A 118 -1.31 18.47 2.88
C ILE A 118 -0.41 18.10 1.69
N ILE A 119 -0.28 18.99 0.70
CA ILE A 119 0.51 18.72 -0.51
C ILE A 119 2.02 18.88 -0.31
N ASP A 120 2.48 19.58 0.74
CA ASP A 120 3.92 19.79 0.97
C ASP A 120 4.67 18.47 1.26
N ALA A 121 3.95 17.50 1.82
CA ALA A 121 4.41 16.12 2.01
C ALA A 121 4.60 15.35 0.68
N GLN A 122 3.98 15.79 -0.42
CA GLN A 122 4.08 15.16 -1.75
C GLN A 122 4.90 16.04 -2.71
N ILE A 123 4.28 17.07 -3.28
CA ILE A 123 4.79 17.87 -4.41
C ILE A 123 6.14 18.54 -4.10
N SER A 124 6.36 18.94 -2.85
CA SER A 124 7.62 19.61 -2.46
C SER A 124 8.84 18.67 -2.44
N ASN A 125 8.63 17.34 -2.49
CA ASN A 125 9.70 16.36 -2.81
C ASN A 125 9.55 15.82 -4.23
N ALA A 126 8.34 15.37 -4.59
CA ALA A 126 8.01 14.64 -5.81
C ALA A 126 8.31 15.36 -7.15
N LEU A 127 8.59 16.67 -7.13
CA LEU A 127 9.09 17.41 -8.28
C LEU A 127 10.43 16.84 -8.81
N ASN A 128 11.41 16.58 -7.93
CA ASN A 128 12.65 15.85 -8.24
C ASN A 128 12.60 14.37 -7.80
N ALA A 129 12.08 14.09 -6.61
CA ALA A 129 12.04 12.75 -6.00
C ALA A 129 10.74 12.00 -6.37
N GLN A 130 10.47 11.86 -7.68
CA GLN A 130 9.18 11.38 -8.20
C GLN A 130 8.59 10.19 -7.43
N GLN A 131 7.29 10.29 -7.12
CA GLN A 131 6.64 9.42 -6.14
C GLN A 131 5.12 9.26 -6.35
N TYR A 132 4.55 8.29 -5.64
CA TYR A 132 3.12 8.06 -5.49
C TYR A 132 2.79 7.78 -4.01
N LYS A 133 1.84 8.50 -3.40
CA LYS A 133 1.29 8.19 -2.07
C LYS A 133 0.17 7.16 -2.23
N VAL A 134 0.26 5.98 -1.62
CA VAL A 134 -0.69 4.87 -1.83
C VAL A 134 -1.12 4.21 -0.52
N LEU A 135 -2.39 3.83 -0.41
CA LEU A 135 -2.96 3.15 0.77
C LEU A 135 -4.04 2.13 0.39
N ILE A 136 -4.22 1.10 1.23
CA ILE A 136 -5.08 -0.05 0.97
C ILE A 136 -5.59 -0.67 2.27
N GLY A 137 -6.88 -1.04 2.32
CA GLY A 137 -7.46 -1.84 3.40
C GLY A 137 -8.95 -1.59 3.71
N ASN A 138 -9.27 -1.63 5.00
CA ASN A 138 -10.58 -1.39 5.62
C ASN A 138 -11.32 -0.17 5.05
N ARG A 139 -12.66 -0.18 5.08
CA ARG A 139 -13.48 1.03 4.78
C ARG A 139 -13.12 2.22 5.68
N GLU A 140 -12.66 2.00 6.92
CA GLU A 140 -12.17 3.07 7.81
C GLU A 140 -10.97 3.85 7.25
N TRP A 141 -10.08 3.24 6.45
CA TRP A 141 -8.98 3.98 5.79
C TRP A 141 -9.50 5.02 4.77
N MET A 142 -10.69 4.78 4.20
CA MET A 142 -11.33 5.74 3.29
C MET A 142 -11.85 6.98 4.05
N ILE A 143 -12.39 6.75 5.26
CA ILE A 143 -12.75 7.79 6.22
C ILE A 143 -11.48 8.57 6.61
N ARG A 144 -10.58 7.93 7.36
CA ARG A 144 -9.32 8.47 7.92
C ARG A 144 -8.56 9.40 6.97
N ASN A 145 -8.38 9.00 5.71
CA ASN A 145 -7.56 9.73 4.73
C ASN A 145 -8.29 10.92 4.05
N GLY A 146 -9.48 11.30 4.52
CA GLY A 146 -10.26 12.42 3.97
C GLY A 146 -10.95 12.12 2.63
N LEU A 147 -11.16 10.84 2.30
CA LEU A 147 -11.87 10.40 1.09
C LEU A 147 -13.38 10.27 1.40
N VAL A 148 -14.20 10.16 0.35
CA VAL A 148 -15.64 9.90 0.44
C VAL A 148 -16.01 8.66 -0.37
N ILE A 149 -16.43 7.59 0.31
CA ILE A 149 -16.97 6.36 -0.27
C ILE A 149 -18.49 6.47 -0.49
N ASN A 150 -19.02 5.81 -1.52
CA ASN A 150 -20.41 5.93 -1.97
C ASN A 150 -21.21 4.61 -1.84
N ASN A 151 -22.51 4.66 -2.18
CA ASN A 151 -23.47 3.59 -1.91
C ASN A 151 -23.33 2.30 -2.75
N ASP A 152 -22.91 2.37 -4.02
CA ASP A 152 -22.87 1.19 -4.91
C ASP A 152 -21.62 0.34 -4.75
N VAL A 153 -20.47 0.94 -4.41
CA VAL A 153 -19.28 0.16 -4.00
C VAL A 153 -19.53 -0.55 -2.67
N ASN A 154 -20.18 0.08 -1.68
CA ASN A 154 -20.49 -0.64 -0.45
C ASN A 154 -21.53 -1.76 -0.66
N ASP A 155 -22.50 -1.56 -1.57
CA ASP A 155 -23.46 -2.60 -1.97
C ASP A 155 -22.80 -3.81 -2.66
N PHE A 156 -21.81 -3.58 -3.54
CA PHE A 156 -20.96 -4.60 -4.15
C PHE A 156 -20.04 -5.27 -3.12
N MET A 157 -19.48 -4.47 -2.21
CA MET A 157 -18.57 -4.92 -1.17
C MET A 157 -19.30 -5.88 -0.22
N THR A 158 -20.41 -5.46 0.38
CA THR A 158 -21.21 -6.28 1.31
C THR A 158 -21.83 -7.51 0.61
N GLU A 159 -22.17 -7.43 -0.68
CA GLU A 159 -22.62 -8.57 -1.49
C GLU A 159 -21.56 -9.66 -1.60
N HIS A 160 -20.34 -9.30 -1.99
CA HIS A 160 -19.21 -10.25 -2.05
C HIS A 160 -18.71 -10.69 -0.67
N GLU A 161 -18.79 -9.84 0.36
CA GLU A 161 -18.54 -10.23 1.75
C GLU A 161 -19.57 -11.24 2.25
N ARG A 162 -20.84 -11.15 1.81
CA ARG A 162 -21.90 -12.16 2.07
C ARG A 162 -21.68 -13.47 1.29
N LYS A 163 -21.06 -13.43 0.10
CA LYS A 163 -20.57 -14.63 -0.64
C LYS A 163 -19.35 -15.29 0.01
N GLY A 164 -18.90 -14.79 1.15
CA GLY A 164 -17.89 -15.43 2.02
C GLY A 164 -16.44 -15.11 1.65
N ARG A 165 -16.21 -14.02 0.91
CA ARG A 165 -14.89 -13.53 0.49
C ARG A 165 -14.49 -12.24 1.25
N THR A 166 -13.20 -11.96 1.30
CA THR A 166 -12.59 -10.75 1.88
C THR A 166 -12.64 -9.61 0.86
N ALA A 167 -12.98 -8.39 1.32
CA ALA A 167 -13.18 -7.23 0.46
C ALA A 167 -12.57 -5.93 1.06
N VAL A 168 -11.70 -5.27 0.30
CA VAL A 168 -10.92 -4.07 0.70
C VAL A 168 -10.79 -3.03 -0.43
N LEU A 169 -10.51 -1.76 -0.09
CA LEU A 169 -10.36 -0.65 -1.04
C LEU A 169 -8.91 -0.17 -1.19
N VAL A 170 -8.63 0.60 -2.26
CA VAL A 170 -7.29 1.12 -2.65
C VAL A 170 -7.37 2.59 -3.06
N ALA A 171 -6.67 3.48 -2.35
CA ALA A 171 -6.62 4.91 -2.59
C ALA A 171 -5.19 5.40 -2.89
N VAL A 172 -5.06 6.52 -3.61
CA VAL A 172 -3.81 7.02 -4.22
C VAL A 172 -3.79 8.56 -4.31
N ASP A 173 -2.70 9.20 -3.90
CA ASP A 173 -2.51 10.66 -3.79
C ASP A 173 -3.75 11.39 -3.24
N ASP A 174 -4.31 10.85 -2.15
CA ASP A 174 -5.53 11.28 -1.47
C ASP A 174 -6.84 11.23 -2.30
N GLU A 175 -6.98 10.26 -3.19
CA GLU A 175 -8.24 9.95 -3.88
C GLU A 175 -8.42 8.45 -4.15
N LEU A 176 -9.65 7.95 -4.16
CA LEU A 176 -9.93 6.53 -4.48
C LEU A 176 -9.55 6.13 -5.92
N CYS A 177 -9.02 4.92 -6.13
CA CYS A 177 -8.81 4.35 -7.47
C CYS A 177 -9.44 2.97 -7.70
N GLY A 178 -9.51 2.07 -6.69
CA GLY A 178 -10.02 0.70 -6.92
C GLY A 178 -10.33 -0.11 -5.66
N LEU A 179 -10.71 -1.37 -5.85
CA LEU A 179 -11.02 -2.35 -4.80
C LEU A 179 -10.57 -3.78 -5.16
N ILE A 180 -10.30 -4.59 -4.14
CA ILE A 180 -9.79 -5.96 -4.24
C ILE A 180 -10.73 -6.93 -3.51
N ALA A 181 -11.06 -8.05 -4.17
CA ALA A 181 -11.86 -9.16 -3.65
C ALA A 181 -11.00 -10.45 -3.59
N ILE A 182 -11.05 -11.16 -2.46
CA ILE A 182 -10.14 -12.25 -2.08
C ILE A 182 -10.88 -13.43 -1.42
N ALA A 183 -10.42 -14.66 -1.60
CA ALA A 183 -10.91 -15.85 -0.91
C ALA A 183 -9.82 -16.51 -0.04
N ASP A 184 -10.03 -17.76 0.38
CA ASP A 184 -9.13 -18.54 1.24
C ASP A 184 -8.62 -19.82 0.57
N THR A 185 -7.41 -20.27 0.93
CA THR A 185 -6.76 -21.48 0.38
C THR A 185 -7.21 -22.78 1.03
N SER A 1 -4.40 -16.11 12.98
CA SER A 1 -5.14 -17.10 12.19
C SER A 1 -4.45 -18.48 12.23
N PHE A 2 -3.38 -18.71 11.47
CA PHE A 2 -2.70 -20.02 11.32
C PHE A 2 -1.16 -19.88 11.22
N THR A 3 -0.43 -20.95 11.53
CA THR A 3 1.04 -20.91 11.69
C THR A 3 1.83 -20.68 10.39
N MET A 4 1.51 -21.34 9.28
CA MET A 4 2.31 -21.26 8.03
C MET A 4 1.54 -21.35 6.71
N HIS A 5 0.43 -22.09 6.64
CA HIS A 5 -0.29 -22.39 5.39
C HIS A 5 -1.42 -21.40 5.05
N GLY A 6 -1.75 -20.47 5.94
CA GLY A 6 -2.85 -19.52 5.78
C GLY A 6 -2.50 -18.34 4.86
N THR A 7 -2.39 -18.60 3.55
CA THR A 7 -1.85 -17.64 2.57
C THR A 7 -2.90 -17.06 1.61
N PRO A 8 -2.77 -15.79 1.19
CA PRO A 8 -3.78 -15.08 0.39
C PRO A 8 -3.65 -15.32 -1.13
N VAL A 9 -4.76 -15.19 -1.86
CA VAL A 9 -4.83 -15.20 -3.33
C VAL A 9 -5.81 -14.13 -3.84
N VAL A 10 -5.38 -13.24 -4.74
CA VAL A 10 -6.29 -12.20 -5.26
C VAL A 10 -7.33 -12.83 -6.20
N ASN A 11 -8.56 -12.33 -6.15
CA ASN A 11 -9.70 -12.96 -6.79
C ASN A 11 -10.37 -12.06 -7.84
N GLN A 12 -10.56 -10.76 -7.56
CA GLN A 12 -11.04 -9.80 -8.55
C GLN A 12 -10.56 -8.37 -8.25
N VAL A 13 -10.32 -7.56 -9.27
CA VAL A 13 -9.93 -6.15 -9.14
C VAL A 13 -10.78 -5.25 -10.04
N LYS A 14 -11.24 -4.11 -9.50
CA LYS A 14 -12.10 -3.16 -10.23
C LYS A 14 -11.70 -1.70 -9.98
N VAL A 15 -11.90 -0.85 -10.98
CA VAL A 15 -11.55 0.59 -10.95
C VAL A 15 -12.74 1.43 -10.44
N LEU A 16 -12.45 2.40 -9.58
CA LEU A 16 -13.40 3.36 -9.00
C LEU A 16 -13.25 4.78 -9.58
N THR A 17 -12.08 5.10 -10.13
CA THR A 17 -11.79 6.35 -10.88
C THR A 17 -11.81 6.17 -12.41
N GLU A 18 -12.60 5.21 -12.91
CA GLU A 18 -12.60 4.77 -14.32
C GLU A 18 -12.93 5.94 -15.26
N SER A 19 -12.03 6.16 -16.23
CA SER A 19 -12.00 7.30 -17.15
C SER A 19 -12.29 8.66 -16.49
N ASN A 20 -11.73 8.88 -15.29
CA ASN A 20 -11.75 10.16 -14.58
C ASN A 20 -10.36 10.58 -14.02
N ARG A 21 -9.46 9.64 -13.67
CA ARG A 21 -8.09 9.96 -13.20
C ARG A 21 -7.00 8.96 -13.61
N ILE A 22 -7.15 7.68 -13.26
CA ILE A 22 -6.12 6.63 -13.37
C ILE A 22 -6.68 5.33 -13.97
N SER A 23 -5.90 4.63 -14.77
CA SER A 23 -6.26 3.35 -15.42
C SER A 23 -5.72 2.12 -14.67
N HIS A 24 -6.34 0.95 -14.91
CA HIS A 24 -6.11 -0.29 -14.16
C HIS A 24 -4.64 -0.77 -14.13
N HIS A 25 -3.87 -0.62 -15.22
CA HIS A 25 -2.51 -1.18 -15.29
C HIS A 25 -1.50 -0.35 -14.47
N LYS A 26 -1.63 0.98 -14.43
CA LYS A 26 -0.84 1.81 -13.50
C LYS A 26 -1.24 1.54 -12.04
N ILE A 27 -2.54 1.38 -11.75
CA ILE A 27 -3.02 1.03 -10.39
C ILE A 27 -2.40 -0.30 -9.92
N LEU A 28 -2.49 -1.38 -10.70
CA LEU A 28 -1.91 -2.68 -10.31
C LEU A 28 -0.37 -2.64 -10.24
N ALA A 29 0.28 -1.81 -11.06
CA ALA A 29 1.71 -1.60 -10.99
C ALA A 29 2.14 -0.92 -9.67
N ILE A 30 1.58 0.25 -9.30
CA ILE A 30 2.01 0.97 -8.08
C ILE A 30 1.66 0.22 -6.78
N VAL A 31 0.52 -0.48 -6.73
CA VAL A 31 0.16 -1.32 -5.56
C VAL A 31 1.04 -2.57 -5.49
N GLY A 32 1.25 -3.27 -6.61
CA GLY A 32 2.05 -4.51 -6.62
C GLY A 32 3.55 -4.30 -6.45
N THR A 33 4.07 -3.14 -6.87
CA THR A 33 5.46 -2.71 -6.62
C THR A 33 5.66 -2.21 -5.19
N ALA A 34 4.65 -1.61 -4.56
CA ALA A 34 4.67 -1.29 -3.13
C ALA A 34 4.68 -2.57 -2.26
N GLU A 35 3.79 -3.52 -2.56
CA GLU A 35 3.68 -4.77 -1.82
C GLU A 35 4.91 -5.70 -1.97
N SER A 36 5.79 -5.50 -2.96
CA SER A 36 7.02 -6.31 -3.12
C SER A 36 8.07 -6.13 -2.02
N ASN A 37 7.94 -5.06 -1.21
CA ASN A 37 8.72 -4.86 0.01
C ASN A 37 7.98 -5.35 1.28
N SER A 38 6.66 -5.54 1.25
CA SER A 38 5.82 -5.79 2.44
C SER A 38 5.91 -7.22 2.99
N GLU A 39 5.43 -7.39 4.22
CA GLU A 39 5.46 -8.63 5.02
C GLU A 39 4.10 -8.93 5.66
N HIS A 40 3.02 -8.40 5.07
CA HIS A 40 1.66 -8.49 5.59
C HIS A 40 0.92 -9.79 5.16
N PRO A 41 -0.16 -10.19 5.86
CA PRO A 41 -0.82 -11.50 5.69
C PRO A 41 -1.80 -11.62 4.51
N LEU A 42 -1.95 -10.54 3.72
CA LEU A 42 -3.00 -10.38 2.71
C LEU A 42 -2.49 -9.70 1.44
N GLY A 43 -1.75 -8.59 1.59
CA GLY A 43 -1.20 -7.81 0.47
C GLY A 43 -0.18 -8.53 -0.43
N THR A 44 0.48 -9.57 0.10
CA THR A 44 1.45 -10.41 -0.64
C THR A 44 0.83 -11.09 -1.88
N ALA A 45 -0.49 -11.30 -1.90
CA ALA A 45 -1.22 -11.77 -3.07
C ALA A 45 -1.20 -10.78 -4.24
N ILE A 46 -1.26 -9.48 -3.94
CA ILE A 46 -1.31 -8.39 -4.92
C ILE A 46 0.06 -8.18 -5.56
N THR A 47 1.15 -8.23 -4.78
CA THR A 47 2.50 -8.18 -5.39
C THR A 47 2.77 -9.38 -6.29
N LYS A 48 2.34 -10.60 -5.93
CA LYS A 48 2.45 -11.80 -6.78
C LYS A 48 1.70 -11.64 -8.10
N TYR A 49 0.43 -11.24 -8.02
CA TYR A 49 -0.42 -10.93 -9.18
C TYR A 49 0.27 -9.97 -10.17
N CYS A 50 0.89 -8.91 -9.64
CA CYS A 50 1.67 -7.94 -10.40
C CYS A 50 2.98 -8.53 -10.95
N LYS A 51 3.83 -9.16 -10.13
CA LYS A 51 5.07 -9.86 -10.52
C LYS A 51 4.86 -10.85 -11.69
N GLN A 52 3.74 -11.57 -11.69
CA GLN A 52 3.30 -12.42 -12.80
C GLN A 52 2.77 -11.63 -14.03
N GLU A 53 2.01 -10.55 -13.87
CA GLU A 53 1.54 -9.70 -15.00
C GLU A 53 2.66 -8.89 -15.67
N LEU A 54 3.65 -8.42 -14.91
CA LEU A 54 4.82 -7.68 -15.40
C LEU A 54 5.86 -8.55 -16.14
N ASP A 55 5.71 -9.88 -16.13
CA ASP A 55 6.61 -10.83 -16.79
C ASP A 55 8.11 -10.67 -16.40
N THR A 56 8.38 -10.21 -15.17
CA THR A 56 9.70 -9.80 -14.67
C THR A 56 10.12 -10.58 -13.40
N GLU A 57 11.33 -10.34 -12.90
CA GLU A 57 11.85 -10.86 -11.62
C GLU A 57 12.15 -9.76 -10.57
N THR A 58 11.99 -8.48 -10.93
CA THR A 58 12.21 -7.33 -10.03
C THR A 58 11.22 -6.19 -10.27
N LEU A 59 10.52 -5.77 -9.21
CA LEU A 59 9.50 -4.72 -9.23
C LEU A 59 9.49 -3.95 -7.89
N GLY A 60 9.22 -2.64 -7.90
CA GLY A 60 9.39 -1.78 -6.73
C GLY A 60 10.85 -1.58 -6.31
N THR A 61 11.08 -0.78 -5.26
CA THR A 61 12.42 -0.47 -4.71
C THR A 61 12.36 -0.02 -3.24
N CYS A 62 11.70 1.11 -2.91
CA CYS A 62 11.65 1.65 -1.54
C CYS A 62 10.23 2.10 -1.14
N ILE A 63 9.88 1.87 0.13
CA ILE A 63 8.60 1.98 0.84
C ILE A 63 8.92 2.49 2.26
N ASP A 64 7.99 3.22 2.90
CA ASP A 64 8.24 3.87 4.20
C ASP A 64 7.38 3.36 5.39
N PHE A 65 6.39 2.50 5.13
CA PHE A 65 5.46 1.81 6.06
C PHE A 65 4.83 2.63 7.22
N GLN A 66 3.53 2.87 7.12
CA GLN A 66 2.64 3.35 8.19
C GLN A 66 1.51 2.32 8.30
N VAL A 67 1.65 1.36 9.21
CA VAL A 67 0.81 0.15 9.30
C VAL A 67 -0.23 0.22 10.43
N VAL A 68 -1.42 -0.38 10.22
CA VAL A 68 -2.46 -0.58 11.25
C VAL A 68 -3.07 -1.99 11.10
N PRO A 69 -3.09 -2.86 12.13
CA PRO A 69 -3.57 -4.24 12.03
C PRO A 69 -5.09 -4.34 11.92
N GLY A 70 -5.56 -5.35 11.17
CA GLY A 70 -6.98 -5.61 10.92
C GLY A 70 -7.75 -4.39 10.39
N CYS A 71 -7.06 -3.55 9.59
CA CYS A 71 -7.51 -2.24 9.18
C CYS A 71 -6.95 -1.86 7.79
N GLY A 72 -5.70 -1.37 7.71
CA GLY A 72 -5.09 -0.88 6.47
C GLY A 72 -3.68 -0.33 6.67
N ILE A 73 -2.97 -0.03 5.58
CA ILE A 73 -1.65 0.60 5.63
C ILE A 73 -1.50 1.72 4.59
N SER A 74 -0.56 2.65 4.84
CA SER A 74 -0.13 3.71 3.92
C SER A 74 1.40 3.76 3.82
N CYS A 75 1.94 4.31 2.74
CA CYS A 75 3.39 4.38 2.48
C CYS A 75 3.77 5.40 1.41
N LYS A 76 5.07 5.70 1.31
CA LYS A 76 5.67 6.49 0.22
C LYS A 76 6.57 5.59 -0.61
N VAL A 77 6.27 5.43 -1.90
CA VAL A 77 6.97 4.48 -2.77
C VAL A 77 7.82 5.17 -3.83
N THR A 78 9.02 4.63 -4.07
CA THR A 78 9.85 4.97 -5.25
C THR A 78 10.30 3.72 -6.00
N ASN A 79 10.49 3.95 -7.29
CA ASN A 79 11.27 3.21 -8.27
C ASN A 79 11.45 4.18 -9.46
N ILE A 80 11.89 5.40 -9.14
CA ILE A 80 11.94 6.57 -10.02
C ILE A 80 13.37 7.13 -9.98
N GLU A 81 13.86 7.46 -8.77
CA GLU A 81 15.25 7.88 -8.47
C GLU A 81 15.85 7.01 -7.35
N GLY A 82 15.31 5.81 -7.10
CA GLY A 82 15.65 4.97 -5.95
C GLY A 82 17.10 4.47 -5.91
N LEU A 83 17.77 4.44 -7.07
CA LEU A 83 19.21 4.17 -7.23
C LEU A 83 20.16 5.22 -6.60
N LEU A 84 19.59 6.23 -5.94
CA LEU A 84 20.30 7.31 -5.25
C LEU A 84 20.90 6.86 -3.92
N HIS A 85 20.12 6.15 -3.10
CA HIS A 85 20.47 5.57 -1.78
C HIS A 85 21.08 6.52 -0.71
N LYS A 86 20.86 6.27 0.59
CA LYS A 86 21.57 6.94 1.69
C LYS A 86 21.68 6.15 3.00
N ASN A 87 22.66 6.58 3.79
CA ASN A 87 22.77 6.37 5.23
C ASN A 87 22.47 7.77 5.84
N ASN A 88 22.39 7.91 7.16
CA ASN A 88 22.23 9.24 7.76
C ASN A 88 23.38 10.18 7.34
N TRP A 89 23.11 11.49 7.25
CA TRP A 89 23.97 12.48 6.59
C TRP A 89 24.10 13.83 7.28
N ASN A 90 23.13 14.23 8.11
CA ASN A 90 23.02 15.58 8.67
C ASN A 90 22.32 15.65 10.04
N ILE A 91 21.87 14.53 10.61
CA ILE A 91 21.05 14.48 11.83
C ILE A 91 21.87 13.84 12.95
N GLU A 92 22.14 14.61 14.00
CA GLU A 92 23.11 14.31 15.06
C GLU A 92 22.73 13.12 15.98
N ASP A 93 23.01 11.91 15.49
CA ASP A 93 22.97 10.62 16.21
C ASP A 93 21.56 10.15 16.65
N ASN A 94 20.51 10.66 15.99
CA ASN A 94 19.09 10.39 16.27
C ASN A 94 18.71 8.89 16.24
N ASN A 95 17.68 8.48 17.00
CA ASN A 95 17.20 7.09 17.00
C ASN A 95 16.67 6.65 15.61
N ILE A 96 17.21 5.54 15.10
CA ILE A 96 16.83 4.87 13.84
C ILE A 96 16.46 3.39 14.03
N LYS A 97 16.43 2.89 15.28
CA LYS A 97 16.22 1.47 15.64
C LYS A 97 14.82 0.99 15.26
N ASN A 98 14.74 0.05 14.31
CA ASN A 98 13.46 -0.42 13.74
C ASN A 98 12.54 -1.14 14.75
N ALA A 99 13.14 -1.80 15.76
CA ALA A 99 12.54 -2.52 16.89
C ALA A 99 11.62 -3.69 16.52
N SER A 100 11.90 -4.87 17.08
CA SER A 100 11.12 -6.10 16.90
C SER A 100 10.10 -6.31 18.03
N LEU A 101 8.98 -6.96 17.70
CA LEU A 101 7.82 -7.22 18.56
C LEU A 101 7.40 -6.01 19.44
N VAL A 102 6.97 -6.27 20.67
CA VAL A 102 6.65 -5.27 21.71
C VAL A 102 7.63 -5.39 22.90
N GLN A 103 7.95 -4.26 23.53
CA GLN A 103 8.89 -4.20 24.66
C GLN A 103 8.33 -3.38 25.83
N ILE A 104 7.96 -4.05 26.92
CA ILE A 104 7.58 -3.42 28.21
C ILE A 104 8.82 -2.96 28.99
N ASP A 105 9.97 -3.59 28.77
CA ASP A 105 11.25 -3.22 29.39
C ASP A 105 11.83 -1.91 28.80
N ALA A 106 12.40 -1.05 29.64
CA ALA A 106 13.02 0.22 29.21
C ALA A 106 14.30 0.03 28.37
N SER A 107 15.02 -1.09 28.59
CA SER A 107 16.13 -1.55 27.75
C SER A 107 16.21 -3.07 27.72
N ASN A 108 16.18 -3.65 26.51
CA ASN A 108 16.45 -5.07 26.26
C ASN A 108 16.92 -5.32 24.81
N GLU A 109 16.43 -4.56 23.82
CA GLU A 109 16.84 -4.72 22.42
C GLU A 109 18.05 -3.84 22.07
N GLN A 110 19.20 -4.48 21.95
CA GLN A 110 20.44 -3.92 21.40
C GLN A 110 20.55 -4.27 19.89
N SER A 111 21.72 -4.01 19.30
CA SER A 111 22.06 -4.43 17.94
C SER A 111 21.69 -5.86 17.60
N SER A 112 20.96 -6.05 16.49
CA SER A 112 20.73 -7.34 15.85
C SER A 112 21.83 -7.68 14.84
N THR A 113 22.86 -6.83 14.72
CA THR A 113 23.95 -6.86 13.72
C THR A 113 23.51 -6.79 12.25
N SER A 114 22.23 -6.51 12.01
CA SER A 114 21.57 -6.54 10.69
C SER A 114 21.41 -5.14 10.08
N SER A 115 21.22 -5.06 8.76
CA SER A 115 20.81 -3.80 8.11
C SER A 115 19.32 -3.51 8.33
N SER A 116 18.51 -4.55 8.63
CA SER A 116 17.07 -4.44 8.91
C SER A 116 16.73 -3.66 10.20
N MET A 117 17.71 -3.30 11.02
CA MET A 117 17.53 -2.45 12.22
C MET A 117 17.73 -0.94 11.95
N ILE A 118 18.29 -0.57 10.79
CA ILE A 118 18.69 0.81 10.41
C ILE A 118 18.09 1.27 9.07
N ILE A 119 16.89 0.79 8.73
CA ILE A 119 16.20 1.18 7.48
C ILE A 119 15.65 2.61 7.50
N ASP A 120 15.43 3.21 8.68
CA ASP A 120 15.01 4.61 8.80
C ASP A 120 16.06 5.58 8.24
N ALA A 121 17.34 5.20 8.29
CA ALA A 121 18.43 5.94 7.65
C ALA A 121 18.33 5.95 6.11
N GLN A 122 17.68 4.94 5.51
CA GLN A 122 17.50 4.86 4.06
C GLN A 122 16.43 5.84 3.57
N ILE A 123 15.35 6.06 4.34
CA ILE A 123 14.27 7.02 4.01
C ILE A 123 14.82 8.42 3.69
N SER A 124 15.98 8.79 4.24
CA SER A 124 16.67 10.04 3.92
C SER A 124 17.08 10.19 2.44
N ASN A 125 16.97 9.13 1.62
CA ASN A 125 17.10 9.22 0.16
C ASN A 125 15.94 9.97 -0.52
N ALA A 126 14.74 10.00 0.06
CA ALA A 126 13.53 10.56 -0.58
C ALA A 126 13.55 12.09 -0.78
N LEU A 127 14.30 12.83 0.04
CA LEU A 127 14.60 14.27 -0.14
C LEU A 127 15.12 14.58 -1.57
N ASN A 128 15.91 13.66 -2.13
CA ASN A 128 16.36 13.68 -3.51
C ASN A 128 15.50 12.81 -4.43
N ALA A 129 15.26 11.55 -4.04
CA ALA A 129 14.64 10.55 -4.89
C ALA A 129 13.10 10.50 -4.79
N GLN A 130 12.42 11.09 -5.78
CA GLN A 130 10.96 11.29 -5.84
C GLN A 130 10.10 10.06 -5.47
N GLN A 131 8.95 10.33 -4.84
CA GLN A 131 8.04 9.35 -4.24
C GLN A 131 6.55 9.63 -4.49
N TYR A 132 5.78 8.56 -4.66
CA TYR A 132 4.30 8.55 -4.77
C TYR A 132 3.68 8.09 -3.44
N LYS A 133 2.47 8.56 -3.10
CA LYS A 133 1.76 8.20 -1.84
C LYS A 133 0.63 7.21 -2.10
N VAL A 134 0.69 6.01 -1.52
CA VAL A 134 -0.31 4.95 -1.76
C VAL A 134 -0.80 4.28 -0.47
N LEU A 135 -2.10 3.96 -0.40
CA LEU A 135 -2.76 3.30 0.73
C LEU A 135 -3.86 2.32 0.32
N ILE A 136 -4.12 1.32 1.16
CA ILE A 136 -5.06 0.22 0.91
C ILE A 136 -5.64 -0.27 2.24
N GLY A 137 -6.92 -0.65 2.29
CA GLY A 137 -7.53 -1.13 3.53
C GLY A 137 -9.07 -1.14 3.62
N ASN A 138 -9.54 -1.19 4.87
CA ASN A 138 -10.91 -1.08 5.37
C ASN A 138 -11.68 0.14 4.81
N ARG A 139 -13.02 0.04 4.80
CA ARG A 139 -13.93 1.17 4.50
C ARG A 139 -13.70 2.40 5.39
N GLU A 140 -13.63 2.24 6.71
CA GLU A 140 -13.44 3.36 7.66
C GLU A 140 -12.07 4.06 7.46
N TRP A 141 -11.05 3.28 7.11
CA TRP A 141 -9.69 3.75 6.81
C TRP A 141 -9.60 4.59 5.52
N MET A 142 -10.54 4.39 4.58
CA MET A 142 -10.71 5.26 3.41
C MET A 142 -11.43 6.58 3.72
N ILE A 143 -12.43 6.56 4.60
CA ILE A 143 -13.05 7.77 5.18
C ILE A 143 -11.95 8.65 5.77
N ARG A 144 -11.25 8.12 6.78
CA ARG A 144 -10.07 8.68 7.48
C ARG A 144 -9.01 9.35 6.59
N ASN A 145 -8.74 8.90 5.35
CA ASN A 145 -7.83 9.62 4.42
C ASN A 145 -8.49 10.88 3.78
N GLY A 146 -9.66 11.31 4.24
CA GLY A 146 -10.37 12.48 3.71
C GLY A 146 -10.91 12.28 2.28
N LEU A 147 -11.20 11.03 1.89
CA LEU A 147 -11.77 10.68 0.57
C LEU A 147 -13.30 10.59 0.64
N VAL A 148 -13.97 10.65 -0.52
CA VAL A 148 -15.42 10.44 -0.62
C VAL A 148 -15.71 8.96 -0.93
N ILE A 149 -16.45 8.29 -0.05
CA ILE A 149 -16.97 6.92 -0.23
C ILE A 149 -18.49 6.96 -0.50
N ASN A 150 -18.99 6.00 -1.28
CA ASN A 150 -20.36 6.03 -1.84
C ASN A 150 -21.07 4.67 -1.79
N ASN A 151 -22.41 4.66 -1.95
CA ASN A 151 -23.25 3.48 -1.79
C ASN A 151 -22.95 2.34 -2.81
N ASP A 152 -22.42 2.64 -4.00
CA ASP A 152 -22.11 1.62 -5.01
C ASP A 152 -20.83 0.82 -4.72
N VAL A 153 -19.82 1.42 -4.06
CA VAL A 153 -18.67 0.69 -3.51
C VAL A 153 -19.04 -0.05 -2.23
N ASN A 154 -19.86 0.54 -1.35
CA ASN A 154 -20.30 -0.14 -0.12
C ASN A 154 -21.12 -1.41 -0.42
N ASP A 155 -22.02 -1.36 -1.41
CA ASP A 155 -22.84 -2.52 -1.82
C ASP A 155 -22.02 -3.65 -2.45
N PHE A 156 -21.07 -3.33 -3.35
CA PHE A 156 -20.07 -4.28 -3.85
C PHE A 156 -19.26 -4.91 -2.71
N MET A 157 -18.93 -4.12 -1.68
CA MET A 157 -18.12 -4.55 -0.54
C MET A 157 -18.86 -5.61 0.30
N THR A 158 -20.12 -5.37 0.70
CA THR A 158 -20.94 -6.39 1.38
C THR A 158 -21.24 -7.59 0.48
N GLU A 159 -21.50 -7.37 -0.81
CA GLU A 159 -21.73 -8.45 -1.78
C GLU A 159 -20.57 -9.46 -1.83
N HIS A 160 -19.35 -8.97 -2.04
CA HIS A 160 -18.15 -9.81 -2.07
C HIS A 160 -17.72 -10.34 -0.69
N GLU A 161 -17.94 -9.59 0.39
CA GLU A 161 -17.77 -10.12 1.76
C GLU A 161 -18.68 -11.34 1.99
N ARG A 162 -19.94 -11.29 1.52
CA ARG A 162 -20.94 -12.37 1.58
C ARG A 162 -20.70 -13.53 0.60
N LYS A 163 -19.92 -13.33 -0.48
CA LYS A 163 -19.41 -14.42 -1.35
C LYS A 163 -18.35 -15.30 -0.67
N GLY A 164 -17.85 -14.82 0.46
CA GLY A 164 -16.85 -15.49 1.32
C GLY A 164 -15.41 -15.09 0.99
N ARG A 165 -15.23 -14.05 0.18
CA ARG A 165 -13.95 -13.37 -0.07
C ARG A 165 -13.77 -12.21 0.92
N THR A 166 -12.54 -11.79 1.18
CA THR A 166 -12.21 -10.56 1.90
C THR A 166 -12.26 -9.40 0.91
N ALA A 167 -12.95 -8.32 1.25
CA ALA A 167 -13.21 -7.18 0.35
C ALA A 167 -12.58 -5.89 0.91
N VAL A 168 -11.82 -5.17 0.09
CA VAL A 168 -11.02 -3.98 0.48
C VAL A 168 -11.00 -2.87 -0.59
N LEU A 169 -10.59 -1.66 -0.21
CA LEU A 169 -10.47 -0.48 -1.07
C LEU A 169 -9.00 -0.08 -1.28
N VAL A 170 -8.68 0.68 -2.34
CA VAL A 170 -7.35 1.25 -2.60
C VAL A 170 -7.40 2.70 -3.10
N ALA A 171 -6.54 3.55 -2.54
CA ALA A 171 -6.48 4.99 -2.80
C ALA A 171 -5.02 5.48 -2.97
N VAL A 172 -4.82 6.56 -3.72
CA VAL A 172 -3.49 7.05 -4.13
C VAL A 172 -3.45 8.57 -4.27
N ASP A 173 -2.37 9.19 -3.77
CA ASP A 173 -2.15 10.64 -3.71
C ASP A 173 -3.42 11.45 -3.34
N ASP A 174 -4.14 10.97 -2.31
CA ASP A 174 -5.41 11.48 -1.78
C ASP A 174 -6.66 11.40 -2.69
N GLU A 175 -6.76 10.40 -3.58
CA GLU A 175 -7.98 10.06 -4.32
C GLU A 175 -8.21 8.54 -4.38
N LEU A 176 -9.48 8.10 -4.34
CA LEU A 176 -9.85 6.68 -4.45
C LEU A 176 -9.72 6.19 -5.90
N CYS A 177 -8.91 5.14 -6.14
CA CYS A 177 -8.67 4.61 -7.49
C CYS A 177 -9.37 3.28 -7.77
N GLY A 178 -9.57 2.39 -6.78
CA GLY A 178 -10.17 1.07 -7.00
C GLY A 178 -10.66 0.32 -5.76
N LEU A 179 -11.22 -0.87 -5.99
CA LEU A 179 -11.70 -1.83 -4.99
C LEU A 179 -11.39 -3.27 -5.40
N ILE A 180 -11.07 -4.12 -4.41
CA ILE A 180 -10.47 -5.46 -4.60
C ILE A 180 -11.23 -6.54 -3.79
N ALA A 181 -11.31 -7.76 -4.35
CA ALA A 181 -11.79 -8.97 -3.69
C ALA A 181 -10.68 -10.05 -3.66
N ILE A 182 -10.47 -10.69 -2.51
CA ILE A 182 -9.36 -11.63 -2.21
C ILE A 182 -9.90 -12.87 -1.48
N ALA A 183 -9.25 -14.01 -1.64
CA ALA A 183 -9.52 -15.25 -0.89
C ALA A 183 -8.21 -15.85 -0.32
N ASP A 184 -8.26 -17.07 0.21
CA ASP A 184 -7.09 -17.79 0.74
C ASP A 184 -6.91 -19.18 0.10
N THR A 185 -5.75 -19.80 0.32
CA THR A 185 -5.35 -21.11 -0.24
C THR A 185 -6.10 -22.30 0.35
N SER A 1 2.97 -14.98 2.30
CA SER A 1 3.86 -15.10 3.47
C SER A 1 4.78 -16.31 3.38
N PHE A 2 5.93 -16.23 4.07
CA PHE A 2 6.92 -17.29 4.22
C PHE A 2 6.54 -18.32 5.31
N THR A 3 5.82 -17.87 6.36
CA THR A 3 5.19 -18.73 7.38
C THR A 3 3.84 -18.18 7.78
N MET A 4 2.85 -19.09 7.90
CA MET A 4 1.44 -18.77 8.13
C MET A 4 0.61 -20.04 8.36
N HIS A 5 -0.71 -19.87 8.46
CA HIS A 5 -1.70 -20.95 8.50
C HIS A 5 -2.69 -20.82 7.32
N GLY A 6 -3.31 -19.64 7.15
CA GLY A 6 -4.32 -19.37 6.12
C GLY A 6 -3.88 -18.34 5.07
N THR A 7 -3.32 -18.79 3.94
CA THR A 7 -2.89 -17.91 2.82
C THR A 7 -4.09 -17.30 2.06
N PRO A 8 -4.02 -16.03 1.61
CA PRO A 8 -4.97 -15.41 0.68
C PRO A 8 -4.57 -15.59 -0.80
N VAL A 9 -5.54 -15.54 -1.69
CA VAL A 9 -5.38 -15.58 -3.17
C VAL A 9 -6.25 -14.52 -3.85
N VAL A 10 -5.64 -13.64 -4.64
CA VAL A 10 -6.36 -12.53 -5.28
C VAL A 10 -7.22 -13.04 -6.44
N ASN A 11 -8.45 -12.54 -6.53
CA ASN A 11 -9.52 -13.11 -7.34
C ASN A 11 -10.13 -12.17 -8.41
N GLN A 12 -10.20 -10.85 -8.16
CA GLN A 12 -10.60 -9.84 -9.14
C GLN A 12 -9.97 -8.46 -8.82
N VAL A 13 -9.69 -7.63 -9.84
CA VAL A 13 -9.20 -6.25 -9.64
C VAL A 13 -10.02 -5.24 -10.45
N LYS A 14 -10.48 -4.15 -9.81
CA LYS A 14 -11.46 -3.21 -10.37
C LYS A 14 -11.08 -1.74 -10.15
N VAL A 15 -11.39 -0.89 -11.13
CA VAL A 15 -11.20 0.57 -11.04
C VAL A 15 -12.47 1.25 -10.49
N LEU A 16 -12.29 2.19 -9.55
CA LEU A 16 -13.36 3.07 -9.04
C LEU A 16 -13.37 4.41 -9.80
N THR A 17 -12.19 4.97 -10.07
CA THR A 17 -11.98 6.23 -10.80
C THR A 17 -12.02 6.06 -12.34
N GLU A 18 -12.92 5.19 -12.84
CA GLU A 18 -12.95 4.74 -14.24
C GLU A 18 -13.08 5.94 -15.21
N SER A 19 -12.10 6.13 -16.07
CA SER A 19 -11.91 7.28 -16.98
C SER A 19 -11.86 8.66 -16.30
N ASN A 20 -11.49 8.77 -15.02
CA ASN A 20 -11.54 10.02 -14.24
C ASN A 20 -10.23 10.49 -13.60
N ARG A 21 -9.22 9.62 -13.38
CA ARG A 21 -7.90 10.04 -12.87
C ARG A 21 -6.76 9.10 -13.29
N ILE A 22 -6.82 7.83 -12.88
CA ILE A 22 -5.77 6.81 -13.07
C ILE A 22 -6.41 5.55 -13.66
N SER A 23 -5.65 4.78 -14.44
CA SER A 23 -6.11 3.59 -15.15
C SER A 23 -5.59 2.26 -14.58
N HIS A 24 -6.29 1.18 -14.97
CA HIS A 24 -6.15 -0.19 -14.50
C HIS A 24 -4.71 -0.74 -14.34
N HIS A 25 -3.86 -0.61 -15.37
CA HIS A 25 -2.52 -1.21 -15.34
C HIS A 25 -1.54 -0.42 -14.46
N LYS A 26 -1.66 0.91 -14.36
CA LYS A 26 -0.90 1.71 -13.39
C LYS A 26 -1.30 1.38 -11.94
N ILE A 27 -2.59 1.23 -11.66
CA ILE A 27 -3.10 0.90 -10.30
C ILE A 27 -2.51 -0.42 -9.80
N LEU A 28 -2.53 -1.49 -10.61
CA LEU A 28 -1.94 -2.78 -10.20
C LEU A 28 -0.41 -2.71 -10.09
N ALA A 29 0.26 -1.90 -10.93
CA ALA A 29 1.71 -1.75 -10.91
C ALA A 29 2.21 -1.06 -9.62
N ILE A 30 1.56 0.01 -9.15
CA ILE A 30 1.97 0.68 -7.90
C ILE A 30 1.68 -0.15 -6.65
N VAL A 31 0.55 -0.88 -6.58
CA VAL A 31 0.29 -1.80 -5.46
C VAL A 31 1.29 -2.96 -5.47
N GLY A 32 1.56 -3.58 -6.62
CA GLY A 32 2.48 -4.71 -6.73
C GLY A 32 3.94 -4.34 -6.43
N THR A 33 4.40 -3.16 -6.86
CA THR A 33 5.76 -2.68 -6.56
C THR A 33 5.91 -2.26 -5.10
N ALA A 34 4.92 -1.59 -4.52
CA ALA A 34 4.94 -1.22 -3.09
C ALA A 34 4.91 -2.46 -2.17
N GLU A 35 3.96 -3.38 -2.37
CA GLU A 35 3.83 -4.57 -1.53
C GLU A 35 5.04 -5.52 -1.64
N SER A 36 5.80 -5.47 -2.75
CA SER A 36 7.07 -6.20 -2.88
C SER A 36 8.17 -5.75 -1.92
N ASN A 37 8.05 -4.55 -1.33
CA ASN A 37 8.94 -4.01 -0.29
C ASN A 37 8.27 -4.03 1.11
N SER A 38 7.08 -4.63 1.22
CA SER A 38 6.31 -4.81 2.47
C SER A 38 6.35 -6.27 2.97
N GLU A 39 5.64 -6.53 4.06
CA GLU A 39 5.69 -7.78 4.86
C GLU A 39 4.30 -8.41 5.13
N HIS A 40 3.27 -8.02 4.35
CA HIS A 40 1.87 -8.36 4.60
C HIS A 40 1.39 -9.69 3.98
N PRO A 41 0.45 -10.43 4.62
CA PRO A 41 -0.10 -11.66 4.06
C PRO A 41 -0.94 -11.41 2.80
N LEU A 42 -1.82 -10.39 2.82
CA LEU A 42 -2.56 -9.98 1.62
C LEU A 42 -1.62 -9.34 0.56
N GLY A 43 -0.72 -8.47 1.01
CA GLY A 43 0.23 -7.76 0.16
C GLY A 43 1.13 -8.68 -0.66
N THR A 44 1.68 -9.72 -0.03
CA THR A 44 2.50 -10.74 -0.71
C THR A 44 1.70 -11.53 -1.75
N ALA A 45 0.40 -11.79 -1.52
CA ALA A 45 -0.47 -12.42 -2.51
C ALA A 45 -0.72 -11.54 -3.75
N ILE A 46 -0.96 -10.23 -3.55
CA ILE A 46 -1.10 -9.26 -4.65
C ILE A 46 0.24 -9.08 -5.39
N THR A 47 1.35 -9.04 -4.65
CA THR A 47 2.71 -8.96 -5.21
C THR A 47 2.97 -10.08 -6.21
N LYS A 48 2.61 -11.33 -5.88
CA LYS A 48 2.71 -12.47 -6.81
C LYS A 48 1.88 -12.27 -8.07
N TYR A 49 0.60 -11.88 -7.94
CA TYR A 49 -0.32 -11.66 -9.07
C TYR A 49 0.16 -10.55 -10.01
N CYS A 50 0.65 -9.44 -9.44
CA CYS A 50 1.25 -8.33 -10.18
C CYS A 50 2.59 -8.72 -10.81
N LYS A 51 3.48 -9.41 -10.08
CA LYS A 51 4.76 -9.89 -10.61
C LYS A 51 4.57 -10.92 -11.74
N GLN A 52 3.50 -11.71 -11.70
CA GLN A 52 3.08 -12.55 -12.83
C GLN A 52 2.63 -11.69 -14.03
N GLU A 53 1.83 -10.64 -13.80
CA GLU A 53 1.38 -9.71 -14.86
C GLU A 53 2.54 -8.99 -15.56
N LEU A 54 3.48 -8.41 -14.81
CA LEU A 54 4.55 -7.55 -15.38
C LEU A 54 5.59 -8.31 -16.22
N ASP A 55 5.76 -9.61 -15.99
CA ASP A 55 6.80 -10.45 -16.61
C ASP A 55 8.21 -9.82 -16.53
N THR A 56 8.62 -9.50 -15.30
CA THR A 56 9.81 -8.70 -14.97
C THR A 56 10.75 -9.36 -13.95
N GLU A 57 10.30 -10.40 -13.24
CA GLU A 57 10.92 -11.07 -12.07
C GLU A 57 11.20 -10.15 -10.86
N THR A 58 11.85 -9.01 -11.06
CA THR A 58 12.29 -8.04 -10.03
C THR A 58 11.50 -6.74 -10.16
N LEU A 59 11.04 -6.19 -9.03
CA LEU A 59 10.21 -4.99 -8.97
C LEU A 59 10.31 -4.24 -7.62
N GLY A 60 9.69 -3.06 -7.50
CA GLY A 60 9.71 -2.25 -6.28
C GLY A 60 11.03 -1.52 -6.00
N THR A 61 10.91 -0.44 -5.23
CA THR A 61 12.00 0.41 -4.73
C THR A 61 11.53 1.01 -3.39
N CYS A 62 12.21 2.03 -2.86
CA CYS A 62 12.04 2.57 -1.52
C CYS A 62 10.61 3.07 -1.20
N ILE A 63 10.21 2.83 0.05
CA ILE A 63 8.87 2.90 0.63
C ILE A 63 8.92 3.49 2.06
N ASP A 64 7.77 3.65 2.71
CA ASP A 64 7.63 3.95 4.14
C ASP A 64 6.51 3.07 4.74
N PHE A 65 6.31 3.04 6.06
CA PHE A 65 5.24 2.24 6.67
C PHE A 65 4.39 3.01 7.68
N GLN A 66 3.08 2.75 7.64
CA GLN A 66 2.05 3.09 8.61
C GLN A 66 1.07 1.91 8.62
N VAL A 67 1.19 1.02 9.60
CA VAL A 67 0.46 -0.26 9.67
C VAL A 67 -0.75 -0.14 10.61
N VAL A 68 -1.90 -0.71 10.25
CA VAL A 68 -3.05 -0.87 11.13
C VAL A 68 -3.57 -2.32 11.00
N PRO A 69 -3.28 -3.22 11.96
CA PRO A 69 -3.64 -4.63 11.84
C PRO A 69 -5.16 -4.86 11.72
N GLY A 70 -5.58 -5.65 10.73
CA GLY A 70 -6.99 -5.88 10.40
C GLY A 70 -7.71 -4.67 9.79
N CYS A 71 -7.00 -3.69 9.22
CA CYS A 71 -7.57 -2.45 8.69
C CYS A 71 -6.86 -1.94 7.41
N GLY A 72 -5.52 -1.95 7.36
CA GLY A 72 -4.75 -1.66 6.14
C GLY A 72 -3.28 -1.28 6.37
N ILE A 73 -2.65 -0.71 5.34
CA ILE A 73 -1.33 -0.05 5.39
C ILE A 73 -1.27 1.23 4.53
N SER A 74 -0.40 2.18 4.87
CA SER A 74 -0.05 3.36 4.07
C SER A 74 1.47 3.59 3.95
N CYS A 75 1.92 4.12 2.81
CA CYS A 75 3.34 4.31 2.48
C CYS A 75 3.63 5.48 1.52
N LYS A 76 4.92 5.85 1.40
CA LYS A 76 5.46 6.81 0.43
C LYS A 76 6.40 6.07 -0.53
N VAL A 77 5.95 5.67 -1.72
CA VAL A 77 6.70 4.77 -2.62
C VAL A 77 7.27 5.47 -3.85
N THR A 78 8.56 5.26 -4.11
CA THR A 78 9.29 5.82 -5.28
C THR A 78 9.78 4.77 -6.26
N ASN A 79 10.20 5.27 -7.41
CA ASN A 79 11.05 4.65 -8.45
C ASN A 79 11.22 5.67 -9.59
N ILE A 80 10.11 6.27 -10.03
CA ILE A 80 10.03 7.23 -11.15
C ILE A 80 10.73 8.58 -10.93
N GLU A 81 11.19 8.87 -9.70
CA GLU A 81 12.06 10.00 -9.36
C GLU A 81 13.18 9.57 -8.38
N GLY A 82 13.57 8.28 -8.42
CA GLY A 82 14.47 7.66 -7.41
C GLY A 82 15.87 8.27 -7.31
N LEU A 83 16.33 9.00 -8.33
CA LEU A 83 17.57 9.78 -8.30
C LEU A 83 17.46 11.17 -7.65
N LEU A 84 16.25 11.61 -7.27
CA LEU A 84 15.96 12.89 -6.59
C LEU A 84 15.78 12.68 -5.08
N HIS A 85 14.89 11.77 -4.68
CA HIS A 85 14.72 11.32 -3.29
C HIS A 85 14.25 9.86 -3.22
N LYS A 86 14.84 9.07 -2.32
CA LYS A 86 14.55 7.63 -2.16
C LYS A 86 13.48 7.30 -1.12
N ASN A 87 13.59 7.86 0.09
CA ASN A 87 12.87 7.44 1.30
C ASN A 87 13.49 6.13 1.83
N ASN A 88 14.80 6.19 2.14
CA ASN A 88 15.65 5.08 2.59
C ASN A 88 16.00 5.21 4.08
N TRP A 89 15.90 4.10 4.85
CA TRP A 89 15.99 4.04 6.32
C TRP A 89 15.00 5.00 7.00
N ASN A 90 15.07 5.17 8.32
CA ASN A 90 14.23 6.13 9.06
C ASN A 90 12.73 5.81 8.94
N ILE A 91 12.46 4.51 8.89
CA ILE A 91 11.16 3.83 8.68
C ILE A 91 10.92 2.84 9.85
N GLU A 92 9.66 2.46 10.08
CA GLU A 92 9.25 1.44 11.07
C GLU A 92 10.10 0.14 10.93
N ASP A 93 10.35 -0.28 9.68
CA ASP A 93 11.30 -1.31 9.23
C ASP A 93 11.63 -1.01 7.74
N ASN A 94 12.90 -0.89 7.35
CA ASN A 94 13.30 -0.66 5.96
C ASN A 94 13.72 -1.97 5.27
N ASN A 95 14.53 -2.78 5.96
CA ASN A 95 15.04 -4.05 5.49
C ASN A 95 14.01 -5.20 5.65
N ILE A 96 14.23 -6.31 4.96
CA ILE A 96 13.40 -7.51 5.04
C ILE A 96 13.35 -8.12 6.47
N LYS A 97 12.18 -8.65 6.84
CA LYS A 97 11.93 -9.32 8.13
C LYS A 97 11.70 -10.83 7.94
N ASN A 98 12.49 -11.66 8.61
CA ASN A 98 12.58 -13.11 8.39
C ASN A 98 12.52 -13.96 9.68
N ALA A 99 12.18 -13.38 10.84
CA ALA A 99 12.28 -14.01 12.16
C ALA A 99 10.90 -14.20 12.85
N SER A 100 9.95 -14.83 12.14
CA SER A 100 8.55 -15.05 12.56
C SER A 100 7.73 -13.75 12.77
N LEU A 101 6.41 -13.90 12.95
CA LEU A 101 5.46 -12.78 13.02
C LEU A 101 5.26 -12.23 14.45
N VAL A 102 5.52 -13.07 15.47
CA VAL A 102 5.57 -12.72 16.90
C VAL A 102 4.23 -12.25 17.49
N GLN A 103 3.61 -13.10 18.33
CA GLN A 103 2.29 -12.93 18.97
C GLN A 103 1.09 -12.81 18.00
N ILE A 104 -0.13 -12.71 18.55
CA ILE A 104 -1.40 -12.82 17.80
C ILE A 104 -2.14 -11.48 17.62
N ASP A 105 -1.92 -10.47 18.46
CA ASP A 105 -2.52 -9.12 18.30
C ASP A 105 -1.47 -8.04 17.99
N ALA A 106 -0.39 -7.99 18.77
CA ALA A 106 0.75 -7.07 18.65
C ALA A 106 0.39 -5.55 18.58
N SER A 107 -0.80 -5.15 19.04
CA SER A 107 -1.28 -3.75 18.97
C SER A 107 -1.68 -3.18 20.34
N ASN A 108 -2.49 -3.90 21.13
CA ASN A 108 -3.11 -3.41 22.37
C ASN A 108 -3.84 -2.06 22.15
N GLU A 109 -4.63 -2.00 21.08
CA GLU A 109 -5.30 -0.81 20.54
C GLU A 109 -4.36 0.39 20.38
N GLN A 110 -3.46 0.32 19.38
CA GLN A 110 -2.51 1.39 19.06
C GLN A 110 -3.15 2.75 18.76
N SER A 111 -2.30 3.77 18.75
CA SER A 111 -2.64 5.15 18.36
C SER A 111 -3.02 5.30 16.88
N SER A 112 -3.74 6.38 16.57
CA SER A 112 -4.42 6.64 15.28
C SER A 112 -3.63 7.46 14.24
N THR A 113 -2.38 7.82 14.53
CA THR A 113 -1.53 8.77 13.77
C THR A 113 -2.06 10.21 13.75
N SER A 114 -1.13 11.17 13.64
CA SER A 114 -1.41 12.62 13.72
C SER A 114 -0.24 13.53 13.33
N SER A 115 1.01 13.08 13.51
CA SER A 115 2.20 13.93 13.43
C SER A 115 2.53 14.46 12.03
N SER A 116 2.74 15.77 11.94
CA SER A 116 3.06 16.52 10.71
C SER A 116 4.54 16.90 10.60
N MET A 117 5.44 16.22 11.31
CA MET A 117 6.83 16.65 11.49
C MET A 117 7.80 16.11 10.44
N ILE A 118 8.62 17.02 9.92
CA ILE A 118 9.52 16.87 8.75
C ILE A 118 8.79 16.50 7.43
N ILE A 119 7.60 15.88 7.48
CA ILE A 119 6.86 15.50 6.26
C ILE A 119 6.45 16.71 5.41
N ASP A 120 6.31 17.89 6.02
CA ASP A 120 6.03 19.14 5.33
C ASP A 120 7.17 19.62 4.41
N ALA A 121 8.41 19.19 4.69
CA ALA A 121 9.54 19.37 3.78
C ALA A 121 9.44 18.47 2.53
N GLN A 122 8.75 17.33 2.63
CA GLN A 122 8.61 16.33 1.56
C GLN A 122 7.39 16.66 0.68
N ILE A 123 6.33 17.23 1.28
CA ILE A 123 5.19 17.86 0.57
C ILE A 123 5.68 19.07 -0.23
N SER A 124 6.60 19.85 0.35
CA SER A 124 7.18 21.03 -0.32
C SER A 124 8.01 20.67 -1.55
N ASN A 125 8.50 19.44 -1.65
CA ASN A 125 9.29 18.93 -2.75
C ASN A 125 8.47 18.27 -3.88
N ALA A 126 7.17 18.00 -3.68
CA ALA A 126 6.31 17.17 -4.53
C ALA A 126 6.42 17.37 -6.05
N LEU A 127 6.43 18.63 -6.53
CA LEU A 127 6.52 18.95 -7.96
C LEU A 127 7.80 18.39 -8.62
N ASN A 128 8.88 18.19 -7.84
CA ASN A 128 10.12 17.54 -8.26
C ASN A 128 10.14 16.06 -7.80
N ALA A 129 9.63 15.79 -6.60
CA ALA A 129 9.51 14.48 -5.98
C ALA A 129 8.09 13.90 -6.17
N GLN A 130 7.75 13.55 -7.42
CA GLN A 130 6.42 13.01 -7.77
C GLN A 130 5.97 11.85 -6.87
N GLN A 131 6.95 11.07 -6.39
CA GLN A 131 6.94 10.12 -5.26
C GLN A 131 5.52 9.88 -4.69
N TYR A 132 4.98 8.68 -4.98
CA TYR A 132 3.57 8.36 -4.81
C TYR A 132 3.21 7.96 -3.36
N LYS A 133 2.29 8.72 -2.75
CA LYS A 133 1.64 8.39 -1.46
C LYS A 133 0.49 7.42 -1.71
N VAL A 134 0.58 6.19 -1.20
CA VAL A 134 -0.42 5.13 -1.49
C VAL A 134 -0.82 4.33 -0.24
N LEU A 135 -2.11 3.97 -0.15
CA LEU A 135 -2.66 3.13 0.90
C LEU A 135 -3.69 2.11 0.39
N ILE A 136 -3.82 1.00 1.12
CA ILE A 136 -4.74 -0.11 0.83
C ILE A 136 -5.33 -0.60 2.15
N GLY A 137 -6.64 -0.88 2.20
CA GLY A 137 -7.35 -1.23 3.43
C GLY A 137 -8.79 -1.68 3.19
N ASN A 138 -9.44 -2.24 4.20
CA ASN A 138 -10.75 -2.88 4.01
C ASN A 138 -11.91 -1.90 3.70
N ARG A 139 -12.10 -0.81 4.47
CA ARG A 139 -13.03 0.30 4.12
C ARG A 139 -12.98 1.51 5.07
N GLU A 140 -12.77 1.33 6.37
CA GLU A 140 -12.79 2.44 7.34
C GLU A 140 -11.71 3.51 7.07
N TRP A 141 -10.54 3.12 6.54
CA TRP A 141 -9.50 4.10 6.19
C TRP A 141 -9.90 5.03 5.03
N MET A 142 -10.84 4.65 4.17
CA MET A 142 -11.33 5.53 3.10
C MET A 142 -12.11 6.73 3.66
N ILE A 143 -12.74 6.56 4.83
CA ILE A 143 -13.32 7.62 5.66
C ILE A 143 -12.19 8.45 6.26
N ARG A 144 -11.39 7.83 7.15
CA ARG A 144 -10.27 8.44 7.89
C ARG A 144 -9.29 9.26 7.03
N ASN A 145 -9.05 8.89 5.77
CA ASN A 145 -8.14 9.61 4.86
C ASN A 145 -8.78 10.81 4.13
N GLY A 146 -10.03 11.18 4.44
CA GLY A 146 -10.68 12.36 3.85
C GLY A 146 -11.12 12.18 2.38
N LEU A 147 -11.55 10.97 2.01
CA LEU A 147 -12.04 10.63 0.68
C LEU A 147 -13.58 10.63 0.65
N VAL A 148 -14.19 10.77 -0.52
CA VAL A 148 -15.63 10.56 -0.72
C VAL A 148 -15.84 9.15 -1.26
N ILE A 149 -16.65 8.31 -0.57
CA ILE A 149 -16.97 6.96 -1.03
C ILE A 149 -18.43 6.81 -1.49
N ASN A 150 -18.63 6.06 -2.58
CA ASN A 150 -19.88 5.98 -3.32
C ASN A 150 -20.76 4.77 -2.95
N ASN A 151 -22.07 4.94 -3.10
CA ASN A 151 -23.09 4.03 -2.56
C ASN A 151 -23.13 2.66 -3.26
N ASP A 152 -22.71 2.57 -4.53
CA ASP A 152 -22.72 1.33 -5.31
C ASP A 152 -21.46 0.48 -5.07
N VAL A 153 -20.26 1.07 -5.01
CA VAL A 153 -19.05 0.35 -4.58
C VAL A 153 -19.15 -0.08 -3.11
N ASN A 154 -19.78 0.71 -2.22
CA ASN A 154 -20.03 0.30 -0.84
C ASN A 154 -20.95 -0.93 -0.77
N ASP A 155 -22.04 -0.93 -1.55
CA ASP A 155 -22.96 -2.07 -1.69
C ASP A 155 -22.26 -3.31 -2.28
N PHE A 156 -21.27 -3.17 -3.17
CA PHE A 156 -20.44 -4.29 -3.64
C PHE A 156 -19.46 -4.80 -2.57
N MET A 157 -18.79 -3.88 -1.86
CA MET A 157 -17.79 -4.16 -0.83
C MET A 157 -18.35 -5.01 0.31
N THR A 158 -19.52 -4.63 0.83
CA THR A 158 -20.20 -5.39 1.89
C THR A 158 -20.87 -6.66 1.37
N GLU A 159 -21.48 -6.67 0.18
CA GLU A 159 -22.02 -7.87 -0.46
C GLU A 159 -20.99 -9.00 -0.58
N HIS A 160 -19.78 -8.65 -1.01
CA HIS A 160 -18.65 -9.57 -1.17
C HIS A 160 -18.21 -10.19 0.18
N GLU A 161 -18.13 -9.37 1.22
CA GLU A 161 -17.82 -9.79 2.58
C GLU A 161 -18.99 -10.57 3.26
N ARG A 162 -20.25 -10.29 2.90
CA ARG A 162 -21.46 -11.07 3.28
C ARG A 162 -21.55 -12.44 2.57
N LYS A 163 -20.78 -12.65 1.49
CA LYS A 163 -20.59 -13.95 0.81
C LYS A 163 -19.22 -14.61 1.10
N GLY A 164 -18.60 -14.26 2.22
CA GLY A 164 -17.44 -14.96 2.79
C GLY A 164 -16.06 -14.65 2.18
N ARG A 165 -15.95 -13.82 1.15
CA ARG A 165 -14.68 -13.50 0.48
C ARG A 165 -14.16 -12.11 0.85
N THR A 166 -12.85 -11.96 0.88
CA THR A 166 -12.14 -10.78 1.40
C THR A 166 -12.20 -9.59 0.44
N ALA A 167 -12.61 -8.42 0.93
CA ALA A 167 -12.87 -7.22 0.11
C ALA A 167 -12.09 -5.99 0.64
N VAL A 168 -11.31 -5.32 -0.23
CA VAL A 168 -10.46 -4.15 0.11
C VAL A 168 -10.44 -3.05 -0.98
N LEU A 169 -10.12 -1.82 -0.58
CA LEU A 169 -10.06 -0.59 -1.40
C LEU A 169 -8.63 -0.01 -1.45
N VAL A 170 -8.32 0.79 -2.49
CA VAL A 170 -6.98 1.35 -2.77
C VAL A 170 -7.09 2.86 -3.06
N ALA A 171 -6.42 3.68 -2.23
CA ALA A 171 -6.43 5.14 -2.32
C ALA A 171 -5.00 5.71 -2.50
N VAL A 172 -4.86 6.82 -3.23
CA VAL A 172 -3.58 7.36 -3.68
C VAL A 172 -3.55 8.90 -3.68
N ASP A 173 -2.62 9.48 -2.93
CA ASP A 173 -2.42 10.91 -2.69
C ASP A 173 -3.74 11.70 -2.47
N ASP A 174 -4.54 11.14 -1.56
CA ASP A 174 -5.84 11.62 -1.07
C ASP A 174 -7.01 11.56 -2.06
N GLU A 175 -6.96 10.67 -3.06
CA GLU A 175 -8.08 10.31 -3.94
C GLU A 175 -8.23 8.79 -4.08
N LEU A 176 -9.46 8.26 -4.16
CA LEU A 176 -9.72 6.84 -4.44
C LEU A 176 -9.39 6.47 -5.90
N CYS A 177 -8.73 5.32 -6.13
CA CYS A 177 -8.48 4.80 -7.49
C CYS A 177 -9.22 3.48 -7.79
N GLY A 178 -9.24 2.50 -6.89
CA GLY A 178 -9.79 1.17 -7.17
C GLY A 178 -10.02 0.27 -5.96
N LEU A 179 -10.37 -0.99 -6.24
CA LEU A 179 -10.65 -2.03 -5.26
C LEU A 179 -10.15 -3.41 -5.72
N ILE A 180 -9.86 -4.29 -4.75
CA ILE A 180 -9.36 -5.65 -4.96
C ILE A 180 -10.26 -6.64 -4.20
N ALA A 181 -10.57 -7.76 -4.85
CA ALA A 181 -11.38 -8.85 -4.34
C ALA A 181 -10.52 -10.13 -4.22
N ILE A 182 -10.57 -10.80 -3.07
CA ILE A 182 -9.68 -11.90 -2.67
C ILE A 182 -10.45 -13.06 -2.01
N ALA A 183 -9.89 -14.27 -2.06
CA ALA A 183 -10.39 -15.46 -1.39
C ALA A 183 -9.30 -16.15 -0.54
N ASP A 184 -9.66 -17.18 0.25
CA ASP A 184 -8.79 -17.84 1.22
C ASP A 184 -8.48 -19.30 0.83
N THR A 185 -7.21 -19.73 0.81
CA THR A 185 -6.75 -21.07 0.36
C THR A 185 -6.26 -21.99 1.47
N SER A 1 6.18 -12.62 7.42
CA SER A 1 5.05 -13.40 7.96
C SER A 1 4.86 -14.70 7.19
N PHE A 2 4.12 -15.64 7.79
CA PHE A 2 3.71 -16.92 7.21
C PHE A 2 2.19 -17.14 7.34
N THR A 3 1.65 -18.07 6.57
CA THR A 3 0.25 -18.54 6.69
C THR A 3 0.13 -19.60 7.80
N MET A 4 -1.01 -19.59 8.49
CA MET A 4 -1.43 -20.59 9.45
C MET A 4 -2.14 -21.76 8.74
N HIS A 5 -3.30 -21.51 8.13
CA HIS A 5 -4.16 -22.55 7.52
C HIS A 5 -4.35 -22.38 6.00
N GLY A 6 -4.74 -21.18 5.52
CA GLY A 6 -5.13 -20.94 4.12
C GLY A 6 -4.61 -19.64 3.52
N THR A 7 -3.86 -19.72 2.42
CA THR A 7 -3.19 -18.55 1.82
C THR A 7 -4.16 -17.71 0.97
N PRO A 8 -4.09 -16.36 1.03
CA PRO A 8 -4.90 -15.47 0.20
C PRO A 8 -4.44 -15.47 -1.26
N VAL A 9 -5.40 -15.23 -2.17
CA VAL A 9 -5.18 -15.01 -3.61
C VAL A 9 -6.02 -13.82 -4.07
N VAL A 10 -5.45 -12.88 -4.84
CA VAL A 10 -6.28 -11.81 -5.45
C VAL A 10 -7.12 -12.41 -6.57
N ASN A 11 -8.44 -12.27 -6.43
CA ASN A 11 -9.43 -12.99 -7.22
C ASN A 11 -10.14 -12.13 -8.28
N GLN A 12 -10.55 -10.92 -7.91
CA GLN A 12 -11.19 -9.93 -8.80
C GLN A 12 -10.74 -8.50 -8.44
N VAL A 13 -10.65 -7.58 -9.41
CA VAL A 13 -10.37 -6.14 -9.19
C VAL A 13 -11.40 -5.26 -9.91
N LYS A 14 -11.73 -4.07 -9.35
CA LYS A 14 -12.59 -3.07 -10.02
C LYS A 14 -12.12 -1.63 -9.80
N VAL A 15 -12.33 -0.73 -10.77
CA VAL A 15 -11.83 0.66 -10.74
C VAL A 15 -12.97 1.66 -10.44
N LEU A 16 -12.67 2.64 -9.58
CA LEU A 16 -13.54 3.75 -9.13
C LEU A 16 -13.10 5.11 -9.69
N THR A 17 -11.81 5.25 -10.03
CA THR A 17 -11.25 6.39 -10.78
C THR A 17 -10.36 5.88 -11.92
N GLU A 18 -10.80 6.06 -13.17
CA GLU A 18 -10.03 5.79 -14.38
C GLU A 18 -9.80 7.04 -15.25
N SER A 19 -8.73 7.02 -16.05
CA SER A 19 -8.46 7.94 -17.15
C SER A 19 -8.39 9.44 -16.83
N ASN A 20 -8.49 9.84 -15.56
CA ASN A 20 -8.59 11.24 -15.11
C ASN A 20 -7.55 11.63 -14.04
N ARG A 21 -6.87 10.64 -13.46
CA ARG A 21 -5.88 10.76 -12.39
C ARG A 21 -4.94 9.55 -12.37
N ILE A 22 -5.53 8.35 -12.42
CA ILE A 22 -4.90 7.01 -12.46
C ILE A 22 -5.71 6.13 -13.46
N SER A 23 -5.15 4.99 -13.88
CA SER A 23 -5.77 4.01 -14.80
C SER A 23 -5.43 2.56 -14.39
N HIS A 24 -6.18 1.57 -14.89
CA HIS A 24 -6.16 0.15 -14.44
C HIS A 24 -4.76 -0.47 -14.23
N HIS A 25 -3.87 -0.39 -15.23
CA HIS A 25 -2.54 -1.02 -15.16
C HIS A 25 -1.58 -0.24 -14.26
N LYS A 26 -1.75 1.08 -14.13
CA LYS A 26 -1.02 1.89 -13.14
C LYS A 26 -1.49 1.60 -11.71
N ILE A 27 -2.80 1.45 -11.47
CA ILE A 27 -3.36 1.06 -10.17
C ILE A 27 -2.79 -0.29 -9.70
N LEU A 28 -2.87 -1.34 -10.53
CA LEU A 28 -2.36 -2.66 -10.12
C LEU A 28 -0.84 -2.68 -9.91
N ALA A 29 -0.09 -1.87 -10.67
CA ALA A 29 1.35 -1.73 -10.52
C ALA A 29 1.73 -1.09 -9.17
N ILE A 30 1.14 0.06 -8.81
CA ILE A 30 1.52 0.76 -7.56
C ILE A 30 1.06 0.02 -6.29
N VAL A 31 -0.07 -0.71 -6.34
CA VAL A 31 -0.49 -1.57 -5.23
C VAL A 31 0.40 -2.81 -5.11
N GLY A 32 0.67 -3.53 -6.20
CA GLY A 32 1.48 -4.75 -6.15
C GLY A 32 2.94 -4.51 -5.81
N THR A 33 3.50 -3.38 -6.26
CA THR A 33 4.90 -2.99 -5.97
C THR A 33 5.08 -2.50 -4.53
N ALA A 34 4.10 -1.79 -3.96
CA ALA A 34 4.13 -1.35 -2.56
C ALA A 34 4.30 -2.50 -1.53
N GLU A 35 3.76 -3.67 -1.84
CA GLU A 35 3.92 -4.89 -1.04
C GLU A 35 5.26 -5.64 -1.22
N SER A 36 6.09 -5.27 -2.21
CA SER A 36 7.29 -6.03 -2.59
C SER A 36 8.33 -6.16 -1.46
N ASN A 37 8.73 -5.04 -0.85
CA ASN A 37 9.70 -5.01 0.27
C ASN A 37 9.06 -5.34 1.64
N SER A 38 7.75 -5.64 1.66
CA SER A 38 6.97 -5.81 2.88
C SER A 38 7.14 -7.18 3.54
N GLU A 39 6.48 -7.33 4.68
CA GLU A 39 6.42 -8.53 5.53
C GLU A 39 4.99 -9.05 5.76
N HIS A 40 3.97 -8.42 5.16
CA HIS A 40 2.55 -8.69 5.46
C HIS A 40 1.98 -9.94 4.75
N PRO A 41 0.88 -10.52 5.28
CA PRO A 41 0.36 -11.80 4.82
C PRO A 41 -0.57 -11.69 3.60
N LEU A 42 -1.31 -10.59 3.47
CA LEU A 42 -2.40 -10.46 2.50
C LEU A 42 -1.97 -9.72 1.23
N GLY A 43 -1.43 -8.51 1.40
CA GLY A 43 -1.06 -7.65 0.26
C GLY A 43 0.02 -8.24 -0.66
N THR A 44 0.91 -9.07 -0.12
CA THR A 44 1.95 -9.79 -0.85
C THR A 44 1.40 -10.75 -1.92
N ALA A 45 0.16 -11.22 -1.83
CA ALA A 45 -0.51 -11.95 -2.91
C ALA A 45 -0.74 -11.07 -4.16
N ILE A 46 -0.95 -9.77 -3.96
CA ILE A 46 -1.07 -8.76 -5.02
C ILE A 46 0.31 -8.48 -5.66
N THR A 47 1.40 -8.52 -4.87
CA THR A 47 2.76 -8.48 -5.45
C THR A 47 2.94 -9.57 -6.52
N LYS A 48 2.54 -10.83 -6.25
CA LYS A 48 2.59 -11.91 -7.24
C LYS A 48 1.75 -11.63 -8.48
N TYR A 49 0.50 -11.18 -8.33
CA TYR A 49 -0.39 -10.79 -9.44
C TYR A 49 0.26 -9.73 -10.35
N CYS A 50 0.86 -8.69 -9.76
CA CYS A 50 1.61 -7.66 -10.49
C CYS A 50 2.89 -8.23 -11.12
N LYS A 51 3.75 -8.90 -10.35
CA LYS A 51 5.05 -9.43 -10.81
C LYS A 51 4.91 -10.43 -11.96
N GLN A 52 3.84 -11.22 -11.97
CA GLN A 52 3.45 -12.07 -13.10
C GLN A 52 3.00 -11.25 -14.31
N GLU A 53 2.10 -10.27 -14.13
CA GLU A 53 1.62 -9.38 -15.21
C GLU A 53 2.73 -8.55 -15.87
N LEU A 54 3.71 -8.07 -15.09
CA LEU A 54 4.86 -7.30 -15.56
C LEU A 54 5.94 -8.12 -16.28
N ASP A 55 5.97 -9.45 -16.14
CA ASP A 55 7.05 -10.34 -16.61
C ASP A 55 8.45 -10.00 -16.05
N THR A 56 8.52 -9.44 -14.84
CA THR A 56 9.78 -9.14 -14.12
C THR A 56 9.99 -10.11 -12.94
N GLU A 57 11.23 -10.23 -12.47
CA GLU A 57 11.57 -10.93 -11.22
C GLU A 57 11.74 -9.93 -10.04
N THR A 58 11.76 -8.63 -10.34
CA THR A 58 12.11 -7.52 -9.43
C THR A 58 11.21 -6.30 -9.68
N LEU A 59 10.65 -5.74 -8.61
CA LEU A 59 9.65 -4.65 -8.64
C LEU A 59 9.53 -3.97 -7.26
N GLY A 60 8.96 -2.75 -7.18
CA GLY A 60 8.82 -1.99 -5.93
C GLY A 60 10.15 -1.73 -5.21
N THR A 61 10.92 -0.77 -5.72
CA THR A 61 12.31 -0.55 -5.29
C THR A 61 12.41 -0.03 -3.85
N CYS A 62 11.64 1.02 -3.52
CA CYS A 62 11.50 1.54 -2.16
C CYS A 62 10.03 1.87 -1.84
N ILE A 63 9.63 1.60 -0.59
CA ILE A 63 8.35 1.93 0.03
C ILE A 63 8.65 2.60 1.37
N ASP A 64 7.78 3.52 1.79
CA ASP A 64 7.81 4.18 3.10
C ASP A 64 6.49 3.90 3.83
N PHE A 65 6.38 2.73 4.46
CA PHE A 65 5.10 2.22 4.97
C PHE A 65 4.77 2.60 6.43
N GLN A 66 3.51 2.98 6.62
CA GLN A 66 2.82 3.40 7.83
C GLN A 66 1.67 2.39 8.03
N VAL A 67 1.84 1.43 8.95
CA VAL A 67 0.94 0.27 9.10
C VAL A 67 -0.10 0.42 10.22
N VAL A 68 -1.32 -0.07 10.01
CA VAL A 68 -2.37 -0.21 11.03
C VAL A 68 -3.00 -1.61 10.93
N PRO A 69 -2.50 -2.61 11.68
CA PRO A 69 -2.99 -3.99 11.63
C PRO A 69 -4.49 -4.11 11.93
N GLY A 70 -5.15 -5.12 11.33
CA GLY A 70 -6.60 -5.32 11.44
C GLY A 70 -7.45 -4.23 10.76
N CYS A 71 -6.86 -3.41 9.89
CA CYS A 71 -7.54 -2.29 9.22
C CYS A 71 -6.99 -2.03 7.82
N GLY A 72 -5.76 -1.51 7.70
CA GLY A 72 -5.11 -1.16 6.43
C GLY A 72 -3.73 -0.53 6.62
N ILE A 73 -3.05 -0.18 5.53
CA ILE A 73 -1.75 0.52 5.58
C ILE A 73 -1.69 1.65 4.53
N SER A 74 -0.76 2.60 4.72
CA SER A 74 -0.40 3.64 3.75
C SER A 74 1.11 3.67 3.50
N CYS A 75 1.56 4.04 2.30
CA CYS A 75 3.00 4.16 1.99
C CYS A 75 3.32 5.12 0.83
N LYS A 76 4.62 5.38 0.59
CA LYS A 76 5.13 6.12 -0.59
C LYS A 76 6.04 5.21 -1.38
N VAL A 77 5.78 4.97 -2.67
CA VAL A 77 6.56 4.08 -3.54
C VAL A 77 7.41 4.91 -4.51
N THR A 78 8.58 4.41 -4.90
CA THR A 78 9.39 5.00 -5.98
C THR A 78 10.24 4.02 -6.80
N ASN A 79 10.56 4.52 -7.99
CA ASN A 79 11.65 4.23 -8.93
C ASN A 79 11.48 5.20 -10.12
N ILE A 80 11.45 6.49 -9.79
CA ILE A 80 11.10 7.62 -10.68
C ILE A 80 11.89 8.89 -10.34
N GLU A 81 12.25 9.12 -9.07
CA GLU A 81 13.22 10.15 -8.62
C GLU A 81 14.02 9.64 -7.39
N GLY A 82 14.07 8.31 -7.21
CA GLY A 82 14.47 7.57 -6.00
C GLY A 82 15.83 7.88 -5.36
N LEU A 83 16.68 8.67 -5.99
CA LEU A 83 17.90 9.23 -5.40
C LEU A 83 17.62 10.30 -4.30
N LEU A 84 16.35 10.68 -4.14
CA LEU A 84 15.86 11.64 -3.15
C LEU A 84 15.39 10.97 -1.83
N HIS A 85 14.77 9.79 -1.92
CA HIS A 85 14.02 9.16 -0.82
C HIS A 85 14.70 9.06 0.56
N LYS A 86 13.89 9.32 1.60
CA LYS A 86 14.14 9.16 3.05
C LYS A 86 12.85 8.76 3.80
N ASN A 87 12.99 8.04 4.91
CA ASN A 87 11.94 7.79 5.90
C ASN A 87 11.81 9.00 6.83
N ASN A 88 12.96 9.51 7.29
CA ASN A 88 13.14 10.66 8.19
C ASN A 88 14.50 11.32 7.85
N TRP A 89 14.58 12.65 7.87
CA TRP A 89 15.79 13.39 7.49
C TRP A 89 16.62 13.85 8.69
N ASN A 90 15.95 14.36 9.74
CA ASN A 90 16.60 15.13 10.83
C ASN A 90 16.03 14.90 12.25
N ILE A 91 14.90 14.20 12.38
CA ILE A 91 14.05 14.22 13.58
C ILE A 91 14.39 13.12 14.61
N GLU A 92 14.89 13.53 15.78
CA GLU A 92 15.10 12.66 16.95
C GLU A 92 13.83 12.53 17.81
N ASP A 93 12.96 13.56 17.82
CA ASP A 93 11.74 13.61 18.65
C ASP A 93 10.71 12.51 18.34
N ASN A 94 10.89 11.82 17.21
CA ASN A 94 10.15 10.69 16.72
C ASN A 94 10.46 9.35 17.46
N ASN A 95 11.48 9.29 18.31
CA ASN A 95 11.94 8.07 19.01
C ASN A 95 11.03 7.59 20.16
N ILE A 96 9.75 7.38 19.84
CA ILE A 96 8.64 7.00 20.74
C ILE A 96 7.66 6.04 20.04
N LYS A 97 6.85 5.32 20.83
CA LYS A 97 5.72 4.52 20.32
C LYS A 97 4.53 5.41 19.92
N ASN A 98 3.80 4.99 18.88
CA ASN A 98 2.85 5.81 18.12
C ASN A 98 1.41 5.99 18.64
N ALA A 99 1.06 5.51 19.83
CA ALA A 99 -0.32 5.49 20.34
C ALA A 99 -0.50 6.27 21.68
N SER A 100 -1.75 6.39 22.16
CA SER A 100 -2.12 7.13 23.39
C SER A 100 -3.27 6.42 24.17
N LEU A 101 -3.02 5.20 24.64
CA LEU A 101 -4.02 4.35 25.31
C LEU A 101 -3.48 3.45 26.45
N VAL A 102 -4.33 3.21 27.45
CA VAL A 102 -3.98 2.57 28.73
C VAL A 102 -4.67 1.21 28.90
N GLN A 103 -3.92 0.20 29.38
CA GLN A 103 -4.40 -1.15 29.72
C GLN A 103 -5.01 -1.93 28.55
N ILE A 104 -4.42 -1.81 27.35
CA ILE A 104 -4.86 -2.49 26.11
C ILE A 104 -3.74 -3.40 25.58
N ASP A 105 -4.00 -4.72 25.56
CA ASP A 105 -3.03 -5.75 25.15
C ASP A 105 -2.59 -5.63 23.68
N ALA A 106 -1.34 -6.02 23.40
CA ALA A 106 -0.69 -5.96 22.07
C ALA A 106 -1.17 -7.03 21.06
N SER A 107 -2.40 -7.55 21.23
CA SER A 107 -3.05 -8.59 20.41
C SER A 107 -3.04 -8.33 18.89
N ASN A 108 -3.00 -7.07 18.48
CA ASN A 108 -3.02 -6.60 17.08
C ASN A 108 -2.06 -5.40 16.89
N GLU A 109 -0.93 -5.42 17.61
CA GLU A 109 0.21 -4.52 17.42
C GLU A 109 1.36 -5.29 16.75
N GLN A 110 1.68 -4.94 15.49
CA GLN A 110 2.65 -5.64 14.63
C GLN A 110 3.75 -4.70 14.11
N SER A 111 4.86 -5.29 13.63
CA SER A 111 5.98 -4.61 12.95
C SER A 111 6.59 -3.42 13.73
N SER A 112 7.29 -2.52 13.04
CA SER A 112 7.99 -1.35 13.59
C SER A 112 7.45 -0.03 13.01
N THR A 113 7.06 0.89 13.89
CA THR A 113 6.40 2.17 13.56
C THR A 113 6.62 3.22 14.66
N SER A 114 6.51 4.50 14.30
CA SER A 114 6.83 5.67 15.13
C SER A 114 5.78 6.78 14.98
N SER A 115 5.88 7.86 15.77
CA SER A 115 4.89 8.95 15.76
C SER A 115 4.80 9.65 14.39
N SER A 116 3.61 10.06 14.00
CA SER A 116 3.31 10.53 12.63
C SER A 116 3.85 11.92 12.28
N MET A 117 4.41 12.66 13.24
CA MET A 117 4.99 14.00 13.05
C MET A 117 5.96 14.10 11.85
N ILE A 118 6.60 13.00 11.46
CA ILE A 118 7.57 12.93 10.35
C ILE A 118 6.92 12.91 8.96
N ILE A 119 5.64 12.54 8.80
CA ILE A 119 4.98 12.51 7.48
C ILE A 119 4.51 13.92 7.07
N ASP A 120 4.02 14.71 8.03
CA ASP A 120 3.64 16.12 7.83
C ASP A 120 4.87 17.04 7.64
N ALA A 121 6.04 16.61 8.15
CA ALA A 121 7.34 17.26 7.94
C ALA A 121 7.91 17.08 6.51
N GLN A 122 7.33 16.17 5.72
CA GLN A 122 7.82 15.77 4.39
C GLN A 122 6.91 16.16 3.21
N ILE A 123 5.75 16.74 3.53
CA ILE A 123 4.81 17.35 2.55
C ILE A 123 5.51 18.40 1.68
N SER A 124 6.49 19.10 2.27
CA SER A 124 7.29 20.14 1.61
C SER A 124 8.24 19.64 0.50
N ASN A 125 8.38 18.32 0.30
CA ASN A 125 9.19 17.72 -0.78
C ASN A 125 8.38 17.42 -2.07
N ALA A 126 7.05 17.61 -2.07
CA ALA A 126 6.16 17.16 -3.16
C ALA A 126 6.45 17.79 -4.55
N LEU A 127 6.94 19.02 -4.61
CA LEU A 127 7.36 19.66 -5.88
C LEU A 127 8.47 18.85 -6.60
N ASN A 128 9.42 18.28 -5.85
CA ASN A 128 10.50 17.42 -6.35
C ASN A 128 10.07 15.96 -6.55
N ALA A 129 9.13 15.47 -5.73
CA ALA A 129 8.73 14.07 -5.73
C ALA A 129 7.62 13.74 -6.75
N GLN A 130 7.84 12.72 -7.58
CA GLN A 130 6.81 12.10 -8.41
C GLN A 130 6.07 11.04 -7.57
N GLN A 131 6.83 10.29 -6.76
CA GLN A 131 6.45 9.28 -5.75
C GLN A 131 4.95 9.09 -5.48
N TYR A 132 4.52 7.85 -5.69
CA TYR A 132 3.14 7.41 -5.56
C TYR A 132 2.76 7.15 -4.09
N LYS A 133 1.89 8.00 -3.53
CA LYS A 133 1.25 7.80 -2.21
C LYS A 133 0.09 6.82 -2.36
N VAL A 134 0.13 5.66 -1.69
CA VAL A 134 -0.88 4.60 -1.84
C VAL A 134 -1.30 3.99 -0.50
N LEU A 135 -2.60 3.72 -0.35
CA LEU A 135 -3.18 3.02 0.80
C LEU A 135 -4.29 2.02 0.41
N ILE A 136 -4.44 0.97 1.20
CA ILE A 136 -5.34 -0.18 0.94
C ILE A 136 -5.87 -0.74 2.27
N GLY A 137 -7.15 -1.15 2.30
CA GLY A 137 -7.75 -1.80 3.47
C GLY A 137 -9.24 -1.51 3.68
N ASN A 138 -9.64 -1.45 4.95
CA ASN A 138 -11.01 -1.27 5.42
C ASN A 138 -11.58 0.14 5.16
N ARG A 139 -12.91 0.22 5.15
CA ARG A 139 -13.74 1.42 4.94
C ARG A 139 -13.40 2.60 5.87
N GLU A 140 -12.90 2.34 7.08
CA GLU A 140 -12.61 3.38 8.10
C GLU A 140 -11.58 4.42 7.64
N TRP A 141 -10.52 4.00 6.91
CA TRP A 141 -9.48 4.91 6.41
C TRP A 141 -9.85 5.53 5.05
N MET A 142 -10.77 4.91 4.29
CA MET A 142 -11.34 5.53 3.09
C MET A 142 -12.09 6.82 3.46
N ILE A 143 -12.72 6.82 4.63
CA ILE A 143 -13.28 8.02 5.26
C ILE A 143 -12.13 8.94 5.71
N ARG A 144 -11.35 8.52 6.71
CA ARG A 144 -10.30 9.32 7.40
C ARG A 144 -9.23 9.95 6.49
N ASN A 145 -8.94 9.41 5.29
CA ASN A 145 -8.02 10.04 4.33
C ASN A 145 -8.68 11.25 3.60
N GLY A 146 -9.83 11.74 4.04
CA GLY A 146 -10.52 12.90 3.48
C GLY A 146 -11.28 12.63 2.17
N LEU A 147 -11.52 11.36 1.82
CA LEU A 147 -12.20 10.96 0.58
C LEU A 147 -13.74 10.92 0.77
N VAL A 148 -14.47 10.52 -0.27
CA VAL A 148 -15.91 10.24 -0.24
C VAL A 148 -16.17 8.80 -0.74
N ILE A 149 -17.01 8.03 -0.04
CA ILE A 149 -17.47 6.70 -0.47
C ILE A 149 -18.93 6.74 -0.97
N ASN A 150 -19.22 6.03 -2.06
CA ASN A 150 -20.57 5.83 -2.62
C ASN A 150 -21.22 4.50 -2.19
N ASN A 151 -22.54 4.40 -2.28
CA ASN A 151 -23.25 3.21 -1.82
C ASN A 151 -23.13 2.02 -2.79
N ASP A 152 -22.82 2.26 -4.06
CA ASP A 152 -22.69 1.20 -5.06
C ASP A 152 -21.41 0.37 -4.89
N VAL A 153 -20.31 1.00 -4.46
CA VAL A 153 -19.10 0.28 -4.01
C VAL A 153 -19.32 -0.34 -2.63
N ASN A 154 -20.10 0.30 -1.75
CA ASN A 154 -20.49 -0.28 -0.45
C ASN A 154 -21.27 -1.59 -0.64
N ASP A 155 -22.13 -1.66 -1.66
CA ASP A 155 -22.86 -2.87 -2.06
C ASP A 155 -21.92 -3.98 -2.55
N PHE A 156 -20.96 -3.64 -3.43
CA PHE A 156 -19.91 -4.55 -3.92
C PHE A 156 -19.08 -5.11 -2.74
N MET A 157 -18.77 -4.26 -1.76
CA MET A 157 -17.93 -4.60 -0.59
C MET A 157 -18.58 -5.68 0.29
N THR A 158 -19.80 -5.43 0.78
CA THR A 158 -20.52 -6.41 1.63
C THR A 158 -20.91 -7.66 0.87
N GLU A 159 -21.18 -7.59 -0.43
CA GLU A 159 -21.49 -8.75 -1.26
C GLU A 159 -20.32 -9.76 -1.25
N HIS A 160 -19.08 -9.28 -1.39
CA HIS A 160 -17.89 -10.12 -1.24
C HIS A 160 -17.63 -10.55 0.22
N GLU A 161 -17.90 -9.70 1.21
CA GLU A 161 -17.83 -10.12 2.63
C GLU A 161 -18.85 -11.24 2.95
N ARG A 162 -20.06 -11.21 2.37
CA ARG A 162 -21.13 -12.23 2.49
C ARG A 162 -20.80 -13.54 1.76
N LYS A 163 -20.03 -13.46 0.67
CA LYS A 163 -19.39 -14.59 -0.03
C LYS A 163 -18.22 -15.19 0.76
N GLY A 164 -17.86 -14.58 1.89
CA GLY A 164 -16.92 -15.10 2.90
C GLY A 164 -15.44 -14.83 2.63
N ARG A 165 -15.10 -14.08 1.57
CA ARG A 165 -13.72 -13.72 1.24
C ARG A 165 -13.39 -12.29 1.72
N THR A 166 -12.11 -11.93 1.79
CA THR A 166 -11.70 -10.58 2.20
C THR A 166 -12.00 -9.56 1.09
N ALA A 167 -12.64 -8.45 1.47
CA ALA A 167 -13.08 -7.37 0.60
C ALA A 167 -12.43 -6.04 1.07
N VAL A 168 -11.69 -5.34 0.20
CA VAL A 168 -10.96 -4.10 0.55
C VAL A 168 -11.02 -3.03 -0.55
N LEU A 169 -10.89 -1.76 -0.14
CA LEU A 169 -10.79 -0.59 -1.03
C LEU A 169 -9.33 -0.13 -1.19
N VAL A 170 -9.07 0.67 -2.23
CA VAL A 170 -7.76 1.26 -2.55
C VAL A 170 -7.91 2.76 -2.83
N ALA A 171 -7.07 3.56 -2.16
CA ALA A 171 -6.97 5.00 -2.39
C ALA A 171 -5.51 5.42 -2.64
N VAL A 172 -5.30 6.46 -3.44
CA VAL A 172 -3.97 6.89 -3.90
C VAL A 172 -3.92 8.40 -4.10
N ASP A 173 -2.91 9.07 -3.54
CA ASP A 173 -2.71 10.53 -3.55
C ASP A 173 -4.03 11.31 -3.33
N ASP A 174 -4.73 10.93 -2.26
CA ASP A 174 -6.00 11.50 -1.79
C ASP A 174 -7.18 11.40 -2.79
N GLU A 175 -7.22 10.33 -3.58
CA GLU A 175 -8.34 9.94 -4.44
C GLU A 175 -8.66 8.44 -4.30
N LEU A 176 -9.94 8.06 -4.24
CA LEU A 176 -10.36 6.65 -4.29
C LEU A 176 -10.26 6.11 -5.72
N CYS A 177 -9.38 5.12 -5.96
CA CYS A 177 -9.08 4.60 -7.29
C CYS A 177 -9.72 3.24 -7.59
N GLY A 178 -9.97 2.37 -6.61
CA GLY A 178 -10.56 1.05 -6.88
C GLY A 178 -10.83 0.18 -5.65
N LEU A 179 -11.17 -1.09 -5.90
CA LEU A 179 -11.38 -2.13 -4.90
C LEU A 179 -10.86 -3.50 -5.35
N ILE A 180 -10.51 -4.36 -4.39
CA ILE A 180 -9.93 -5.69 -4.57
C ILE A 180 -10.76 -6.73 -3.81
N ALA A 181 -11.06 -7.85 -4.49
CA ALA A 181 -11.66 -9.04 -3.91
C ALA A 181 -10.63 -10.19 -3.83
N ILE A 182 -10.58 -10.86 -2.69
CA ILE A 182 -9.65 -11.96 -2.38
C ILE A 182 -10.39 -13.31 -2.48
N ALA A 183 -9.65 -14.41 -2.40
CA ALA A 183 -10.17 -15.78 -2.22
C ALA A 183 -9.18 -16.68 -1.45
N ASP A 184 -9.43 -17.99 -1.45
CA ASP A 184 -8.69 -19.03 -0.73
C ASP A 184 -8.03 -20.04 -1.69
N THR A 185 -6.82 -20.52 -1.36
CA THR A 185 -6.05 -21.50 -2.16
C THR A 185 -5.97 -22.89 -1.52
N SER A 1 5.91 -12.90 7.38
CA SER A 1 4.49 -12.66 7.10
C SER A 1 3.67 -12.78 8.39
N PHE A 2 2.34 -12.84 8.31
CA PHE A 2 1.43 -13.08 9.43
C PHE A 2 0.54 -14.31 9.14
N THR A 3 0.57 -15.27 10.07
CA THR A 3 0.03 -16.63 9.96
C THR A 3 0.73 -17.46 8.88
N MET A 4 1.14 -18.69 9.22
CA MET A 4 1.85 -19.54 8.27
C MET A 4 0.92 -20.22 7.26
N HIS A 5 -0.11 -20.93 7.74
CA HIS A 5 -1.04 -21.69 6.91
C HIS A 5 -2.08 -20.78 6.22
N GLY A 6 -2.56 -19.77 6.96
CA GLY A 6 -3.63 -18.87 6.54
C GLY A 6 -3.16 -17.82 5.54
N THR A 7 -3.26 -18.13 4.24
CA THR A 7 -2.84 -17.27 3.13
C THR A 7 -3.99 -16.79 2.26
N PRO A 8 -4.33 -15.50 2.34
CA PRO A 8 -5.27 -14.87 1.43
C PRO A 8 -4.85 -15.02 -0.05
N VAL A 9 -5.82 -15.18 -0.96
CA VAL A 9 -5.59 -15.30 -2.42
C VAL A 9 -6.35 -14.21 -3.20
N VAL A 10 -5.68 -13.49 -4.10
CA VAL A 10 -6.33 -12.39 -4.83
C VAL A 10 -7.28 -12.94 -5.90
N ASN A 11 -8.51 -12.45 -5.88
CA ASN A 11 -9.64 -12.98 -6.64
C ASN A 11 -10.02 -12.09 -7.84
N GLN A 12 -10.09 -10.76 -7.65
CA GLN A 12 -10.35 -9.75 -8.69
C GLN A 12 -9.79 -8.36 -8.32
N VAL A 13 -9.61 -7.49 -9.32
CA VAL A 13 -9.28 -6.06 -9.15
C VAL A 13 -10.26 -5.15 -9.92
N LYS A 14 -10.64 -4.00 -9.36
CA LYS A 14 -11.52 -3.01 -10.00
C LYS A 14 -11.09 -1.56 -9.75
N VAL A 15 -11.32 -0.68 -10.72
CA VAL A 15 -11.09 0.77 -10.63
C VAL A 15 -12.31 1.48 -9.98
N LEU A 16 -12.06 2.64 -9.37
CA LEU A 16 -13.08 3.59 -8.89
C LEU A 16 -12.94 4.97 -9.54
N THR A 17 -11.72 5.41 -9.86
CA THR A 17 -11.41 6.68 -10.56
C THR A 17 -11.42 6.56 -12.10
N GLU A 18 -12.29 5.69 -12.63
CA GLU A 18 -12.39 5.35 -14.05
C GLU A 18 -12.69 6.60 -14.90
N SER A 19 -11.81 6.90 -15.85
CA SER A 19 -11.82 8.14 -16.65
C SER A 19 -11.91 9.44 -15.82
N ASN A 20 -11.31 9.44 -14.62
CA ASN A 20 -11.22 10.58 -13.72
C ASN A 20 -9.83 10.84 -13.13
N ARG A 21 -8.91 9.86 -13.09
CA ARG A 21 -7.50 10.11 -12.72
C ARG A 21 -6.50 9.05 -13.23
N ILE A 22 -6.71 7.78 -12.89
CA ILE A 22 -5.75 6.66 -13.05
C ILE A 22 -6.47 5.39 -13.58
N SER A 23 -5.74 4.48 -14.24
CA SER A 23 -6.27 3.25 -14.86
C SER A 23 -5.70 1.94 -14.26
N HIS A 24 -6.33 0.80 -14.57
CA HIS A 24 -6.12 -0.49 -13.89
C HIS A 24 -4.69 -1.04 -13.87
N HIS A 25 -3.95 -0.99 -14.98
CA HIS A 25 -2.59 -1.55 -15.09
C HIS A 25 -1.56 -0.71 -14.32
N LYS A 26 -1.79 0.60 -14.17
CA LYS A 26 -1.02 1.46 -13.25
C LYS A 26 -1.37 1.14 -11.79
N ILE A 27 -2.66 1.07 -11.45
CA ILE A 27 -3.14 0.79 -10.08
C ILE A 27 -2.64 -0.58 -9.57
N LEU A 28 -2.75 -1.64 -10.37
CA LEU A 28 -2.25 -2.97 -9.97
C LEU A 28 -0.73 -3.01 -9.83
N ALA A 29 0.00 -2.26 -10.66
CA ALA A 29 1.46 -2.18 -10.54
C ALA A 29 1.91 -1.49 -9.24
N ILE A 30 1.35 -0.32 -8.89
CA ILE A 30 1.78 0.40 -7.67
C ILE A 30 1.43 -0.34 -6.37
N VAL A 31 0.39 -1.18 -6.35
CA VAL A 31 0.15 -2.12 -5.23
C VAL A 31 1.19 -3.25 -5.24
N GLY A 32 1.49 -3.82 -6.41
CA GLY A 32 2.47 -4.90 -6.56
C GLY A 32 3.90 -4.48 -6.17
N THR A 33 4.33 -3.26 -6.49
CA THR A 33 5.65 -2.73 -6.13
C THR A 33 5.75 -2.35 -4.64
N ALA A 34 4.68 -1.79 -4.05
CA ALA A 34 4.61 -1.53 -2.61
C ALA A 34 4.73 -2.80 -1.77
N GLU A 35 3.93 -3.82 -2.09
CA GLU A 35 3.93 -5.10 -1.38
C GLU A 35 5.19 -5.93 -1.67
N SER A 36 5.89 -5.68 -2.79
CA SER A 36 7.22 -6.25 -3.04
C SER A 36 8.28 -5.80 -2.01
N ASN A 37 8.05 -4.67 -1.31
CA ASN A 37 8.91 -4.15 -0.25
C ASN A 37 8.41 -4.52 1.18
N SER A 38 7.33 -5.31 1.29
CA SER A 38 6.61 -5.57 2.55
C SER A 38 6.81 -7.00 3.10
N GLU A 39 6.17 -7.28 4.23
CA GLU A 39 6.12 -8.55 4.96
C GLU A 39 4.69 -8.88 5.44
N HIS A 40 3.67 -8.47 4.66
CA HIS A 40 2.25 -8.65 4.97
C HIS A 40 1.62 -9.89 4.29
N PRO A 41 0.53 -10.45 4.86
CA PRO A 41 -0.08 -11.69 4.36
C PRO A 41 -1.05 -11.52 3.19
N LEU A 42 -1.68 -10.35 3.07
CA LEU A 42 -2.81 -10.13 2.17
C LEU A 42 -2.37 -9.41 0.89
N GLY A 43 -1.61 -8.33 1.03
CA GLY A 43 -1.10 -7.55 -0.11
C GLY A 43 -0.05 -8.29 -0.96
N THR A 44 0.74 -9.19 -0.37
CA THR A 44 1.76 -9.98 -1.08
C THR A 44 1.17 -11.00 -2.08
N ALA A 45 -0.15 -11.23 -2.03
CA ALA A 45 -0.89 -11.96 -3.07
C ALA A 45 -0.94 -11.15 -4.38
N ILE A 46 -1.09 -9.82 -4.28
CA ILE A 46 -1.03 -8.89 -5.41
C ILE A 46 0.40 -8.76 -5.95
N THR A 47 1.44 -8.87 -5.10
CA THR A 47 2.84 -8.98 -5.58
C THR A 47 3.02 -10.12 -6.60
N LYS A 48 2.54 -11.34 -6.31
CA LYS A 48 2.60 -12.48 -7.23
C LYS A 48 1.76 -12.26 -8.49
N TYR A 49 0.52 -11.81 -8.33
CA TYR A 49 -0.40 -11.48 -9.43
C TYR A 49 0.23 -10.49 -10.42
N CYS A 50 0.89 -9.45 -9.89
CA CYS A 50 1.60 -8.45 -10.68
C CYS A 50 2.87 -9.02 -11.32
N LYS A 51 3.80 -9.61 -10.53
CA LYS A 51 5.08 -10.14 -11.04
C LYS A 51 4.90 -11.11 -12.20
N GLN A 52 3.98 -12.07 -12.08
CA GLN A 52 3.70 -13.04 -13.14
C GLN A 52 2.96 -12.42 -14.34
N GLU A 53 2.15 -11.37 -14.14
CA GLU A 53 1.53 -10.62 -15.23
C GLU A 53 2.54 -9.78 -16.04
N LEU A 54 3.43 -9.03 -15.38
CA LEU A 54 4.36 -8.12 -16.06
C LEU A 54 5.47 -8.83 -16.86
N ASP A 55 5.81 -10.07 -16.46
CA ASP A 55 6.95 -10.89 -16.92
C ASP A 55 8.32 -10.15 -16.91
N THR A 56 8.41 -9.05 -16.16
CA THR A 56 9.54 -8.09 -16.12
C THR A 56 10.69 -8.51 -15.19
N GLU A 57 10.50 -9.61 -14.44
CA GLU A 57 11.42 -10.24 -13.47
C GLU A 57 11.83 -9.41 -12.24
N THR A 58 11.84 -8.07 -12.32
CA THR A 58 12.21 -7.17 -11.21
C THR A 58 11.39 -5.87 -11.22
N LEU A 59 10.81 -5.49 -10.07
CA LEU A 59 9.90 -4.35 -9.91
C LEU A 59 10.02 -3.67 -8.53
N GLY A 60 9.69 -2.38 -8.45
CA GLY A 60 9.68 -1.56 -7.23
C GLY A 60 11.06 -1.09 -6.76
N THR A 61 11.10 -0.20 -5.76
CA THR A 61 12.36 0.36 -5.22
C THR A 61 12.28 0.73 -3.73
N CYS A 62 11.54 1.78 -3.33
CA CYS A 62 11.53 2.30 -1.95
C CYS A 62 10.11 2.67 -1.47
N ILE A 63 9.80 2.35 -0.21
CA ILE A 63 8.51 2.35 0.50
C ILE A 63 8.81 2.87 1.92
N ASP A 64 7.95 3.70 2.52
CA ASP A 64 8.21 4.33 3.84
C ASP A 64 7.50 3.67 5.06
N PHE A 65 6.54 2.78 4.81
CA PHE A 65 5.89 1.81 5.73
C PHE A 65 5.25 2.34 7.04
N GLN A 66 3.98 2.78 6.96
CA GLN A 66 3.11 3.09 8.11
C GLN A 66 2.02 2.00 8.22
N VAL A 67 2.16 1.07 9.17
CA VAL A 67 1.28 -0.12 9.32
C VAL A 67 0.23 0.10 10.42
N VAL A 68 -1.04 -0.31 10.20
CA VAL A 68 -2.11 -0.32 11.22
C VAL A 68 -2.84 -1.69 11.25
N PRO A 69 -2.93 -2.39 12.39
CA PRO A 69 -3.57 -3.71 12.47
C PRO A 69 -5.11 -3.61 12.36
N GLY A 70 -5.70 -4.58 11.65
CA GLY A 70 -7.15 -4.68 11.44
C GLY A 70 -7.78 -3.51 10.66
N CYS A 71 -6.97 -2.77 9.89
CA CYS A 71 -7.33 -1.50 9.25
C CYS A 71 -6.78 -1.40 7.82
N GLY A 72 -5.44 -1.42 7.68
CA GLY A 72 -4.73 -1.26 6.41
C GLY A 72 -3.30 -0.77 6.63
N ILE A 73 -2.59 -0.45 5.55
CA ILE A 73 -1.28 0.23 5.62
C ILE A 73 -1.22 1.41 4.65
N SER A 74 -0.31 2.35 4.93
CA SER A 74 0.01 3.50 4.08
C SER A 74 1.52 3.65 3.92
N CYS A 75 2.00 4.21 2.80
CA CYS A 75 3.41 4.51 2.59
C CYS A 75 3.65 5.55 1.48
N LYS A 76 4.91 5.98 1.32
CA LYS A 76 5.36 6.86 0.25
C LYS A 76 6.31 6.09 -0.65
N VAL A 77 6.04 6.00 -1.95
CA VAL A 77 6.76 5.11 -2.88
C VAL A 77 7.43 5.84 -4.04
N THR A 78 8.70 5.53 -4.30
CA THR A 78 9.41 6.00 -5.51
C THR A 78 9.90 4.86 -6.41
N ASN A 79 10.02 5.20 -7.68
CA ASN A 79 10.75 4.59 -8.80
C ASN A 79 10.62 5.50 -10.04
N ILE A 80 9.54 6.31 -10.11
CA ILE A 80 9.32 7.39 -11.09
C ILE A 80 10.51 8.35 -11.29
N GLU A 81 11.39 8.52 -10.29
CA GLU A 81 12.70 9.15 -10.44
C GLU A 81 13.72 8.51 -9.47
N GLY A 82 13.64 7.17 -9.36
CA GLY A 82 14.35 6.34 -8.38
C GLY A 82 15.83 6.08 -8.68
N LEU A 83 16.40 6.78 -9.66
CA LEU A 83 17.82 6.73 -10.07
C LEU A 83 18.82 7.19 -8.99
N LEU A 84 18.31 7.58 -7.83
CA LEU A 84 19.03 8.29 -6.76
C LEU A 84 19.76 7.35 -5.79
N HIS A 85 19.02 6.80 -4.83
CA HIS A 85 19.53 6.09 -3.63
C HIS A 85 20.40 7.00 -2.73
N LYS A 86 20.60 6.62 -1.46
CA LYS A 86 21.47 7.31 -0.49
C LYS A 86 22.82 6.59 -0.38
N ASN A 87 23.90 7.32 -0.11
CA ASN A 87 25.24 6.69 -0.13
C ASN A 87 25.45 5.65 0.98
N ASN A 88 24.80 5.86 2.15
CA ASN A 88 24.88 5.06 3.38
C ASN A 88 26.30 4.95 4.01
N TRP A 89 26.34 4.67 5.32
CA TRP A 89 27.52 4.69 6.18
C TRP A 89 27.50 3.50 7.18
N ASN A 90 28.33 3.58 8.23
CA ASN A 90 28.36 2.69 9.40
C ASN A 90 27.01 2.47 10.13
N ILE A 91 26.07 3.44 10.06
CA ILE A 91 24.65 3.40 10.48
C ILE A 91 24.35 2.46 11.66
N GLU A 92 24.36 3.01 12.88
CA GLU A 92 24.14 2.27 14.13
C GLU A 92 22.69 1.82 14.33
N ASP A 93 21.70 2.56 13.83
CA ASP A 93 20.29 2.18 13.95
C ASP A 93 19.95 0.89 13.17
N ASN A 94 20.77 0.54 12.17
CA ASN A 94 20.71 -0.67 11.37
C ASN A 94 21.42 -1.88 12.02
N ASN A 95 22.27 -1.68 13.04
CA ASN A 95 22.90 -2.74 13.83
C ASN A 95 21.85 -3.49 14.70
N ILE A 96 22.00 -4.82 14.82
CA ILE A 96 21.04 -5.69 15.52
C ILE A 96 21.05 -5.54 17.05
N LYS A 97 19.96 -5.98 17.69
CA LYS A 97 19.69 -5.84 19.13
C LYS A 97 18.96 -7.07 19.69
N ASN A 98 19.25 -7.43 20.95
CA ASN A 98 18.65 -8.57 21.64
C ASN A 98 17.19 -8.32 22.08
N ALA A 99 16.82 -7.05 22.24
CA ALA A 99 15.46 -6.53 22.46
C ALA A 99 14.77 -6.96 23.77
N SER A 100 15.57 -7.26 24.78
CA SER A 100 15.09 -7.85 26.03
C SER A 100 16.14 -7.85 27.15
N LEU A 101 15.66 -7.91 28.39
CA LEU A 101 16.47 -7.89 29.63
C LEU A 101 15.94 -8.87 30.71
N VAL A 102 15.18 -9.89 30.28
CA VAL A 102 14.44 -10.83 31.13
C VAL A 102 14.43 -12.26 30.55
N GLN A 103 14.16 -13.25 31.41
CA GLN A 103 13.87 -14.64 31.05
C GLN A 103 12.60 -15.11 31.78
N ILE A 104 11.85 -16.04 31.19
CA ILE A 104 10.53 -16.52 31.67
C ILE A 104 9.64 -15.33 32.10
N ASP A 105 9.50 -14.38 31.18
CA ASP A 105 8.76 -13.12 31.33
C ASP A 105 7.24 -13.36 31.42
N ALA A 106 6.53 -12.45 32.08
CA ALA A 106 5.07 -12.37 32.09
C ALA A 106 4.48 -11.86 30.74
N SER A 107 5.23 -11.96 29.65
CA SER A 107 4.96 -11.33 28.34
C SER A 107 4.68 -9.81 28.45
N ASN A 108 5.43 -9.11 29.30
CA ASN A 108 5.23 -7.69 29.60
C ASN A 108 5.75 -6.79 28.44
N GLU A 109 5.69 -5.46 28.61
CA GLU A 109 6.05 -4.45 27.61
C GLU A 109 5.13 -4.50 26.36
N GLN A 110 3.82 -4.34 26.57
CA GLN A 110 2.83 -4.37 25.46
C GLN A 110 2.93 -3.15 24.53
N SER A 111 3.71 -2.13 24.89
CA SER A 111 3.89 -0.89 24.13
C SER A 111 5.25 -0.26 24.39
N SER A 112 5.86 0.34 23.36
CA SER A 112 7.11 1.09 23.45
C SER A 112 7.19 2.27 22.48
N THR A 113 8.00 3.26 22.83
CA THR A 113 8.35 4.42 21.97
C THR A 113 9.56 4.13 21.08
N SER A 114 9.86 5.03 20.14
CA SER A 114 11.07 4.94 19.32
C SER A 114 11.69 6.31 18.99
N SER A 115 13.01 6.40 19.13
CA SER A 115 13.84 7.58 18.87
C SER A 115 13.62 8.17 17.47
N SER A 116 13.87 9.48 17.29
CA SER A 116 13.57 10.20 16.04
C SER A 116 14.58 9.89 14.93
N MET A 117 15.87 9.80 15.27
CA MET A 117 16.99 9.32 14.44
C MET A 117 17.31 10.13 13.16
N ILE A 118 18.47 9.84 12.54
CA ILE A 118 18.93 10.35 11.21
C ILE A 118 18.26 9.66 10.00
N ILE A 119 17.05 9.14 10.20
CA ILE A 119 16.20 8.51 9.18
C ILE A 119 15.65 9.51 8.15
N ASP A 120 15.82 10.82 8.38
CA ASP A 120 15.49 11.89 7.43
C ASP A 120 16.29 11.81 6.12
N ALA A 121 17.29 10.93 6.03
CA ALA A 121 17.92 10.53 4.77
C ALA A 121 16.86 10.19 3.69
N GLN A 122 15.76 9.51 4.08
CA GLN A 122 14.68 9.16 3.15
C GLN A 122 13.84 10.37 2.66
N ILE A 123 13.81 11.46 3.42
CA ILE A 123 13.18 12.73 3.01
C ILE A 123 14.09 13.45 2.01
N SER A 124 15.41 13.39 2.25
CA SER A 124 16.44 13.91 1.33
C SER A 124 16.44 13.13 0.01
N ASN A 125 16.10 11.84 0.03
CA ASN A 125 15.84 11.05 -1.18
C ASN A 125 14.56 11.53 -1.87
N ALA A 126 13.41 11.57 -1.17
CA ALA A 126 12.12 11.96 -1.76
C ALA A 126 12.09 13.37 -2.39
N LEU A 127 12.96 14.27 -1.93
CA LEU A 127 13.17 15.62 -2.46
C LEU A 127 13.41 15.63 -3.99
N ASN A 128 14.30 14.77 -4.49
CA ASN A 128 14.57 14.56 -5.93
C ASN A 128 13.98 13.26 -6.51
N ALA A 129 13.84 12.20 -5.71
CA ALA A 129 13.25 10.93 -6.10
C ALA A 129 11.76 10.91 -5.73
N GLN A 130 10.95 11.64 -6.51
CA GLN A 130 9.53 11.93 -6.24
C GLN A 130 8.71 10.72 -5.79
N GLN A 131 7.74 10.96 -4.90
CA GLN A 131 7.01 9.92 -4.19
C GLN A 131 5.47 10.02 -4.30
N TYR A 132 4.87 8.90 -4.69
CA TYR A 132 3.43 8.67 -4.63
C TYR A 132 3.03 8.30 -3.20
N LYS A 133 2.05 8.96 -2.59
CA LYS A 133 1.45 8.49 -1.33
C LYS A 133 0.43 7.41 -1.68
N VAL A 134 0.53 6.22 -1.10
CA VAL A 134 -0.38 5.09 -1.37
C VAL A 134 -0.86 4.44 -0.08
N LEU A 135 -2.15 4.09 0.00
CA LEU A 135 -2.74 3.32 1.10
C LEU A 135 -3.76 2.29 0.61
N ILE A 136 -3.93 1.21 1.38
CA ILE A 136 -4.82 0.08 1.08
C ILE A 136 -5.37 -0.50 2.39
N GLY A 137 -6.65 -0.89 2.43
CA GLY A 137 -7.29 -1.33 3.67
C GLY A 137 -8.80 -1.57 3.59
N ASN A 138 -9.43 -1.80 4.74
CA ASN A 138 -10.88 -2.02 4.87
C ASN A 138 -11.68 -0.71 4.90
N ARG A 139 -12.99 -0.78 4.58
CA ARG A 139 -13.88 0.37 4.30
C ARG A 139 -13.76 1.52 5.28
N GLU A 140 -13.85 1.29 6.59
CA GLU A 140 -13.95 2.43 7.52
C GLU A 140 -12.60 3.15 7.71
N TRP A 141 -11.47 2.44 7.68
CA TRP A 141 -10.16 3.09 7.71
C TRP A 141 -9.89 3.87 6.42
N MET A 142 -10.25 3.28 5.27
CA MET A 142 -10.15 3.94 3.96
C MET A 142 -11.06 5.19 3.84
N ILE A 143 -12.22 5.18 4.50
CA ILE A 143 -13.08 6.37 4.73
C ILE A 143 -12.28 7.42 5.50
N ARG A 144 -11.87 7.11 6.75
CA ARG A 144 -11.09 7.96 7.67
C ARG A 144 -9.84 8.65 7.07
N ASN A 145 -9.39 8.34 5.85
CA ASN A 145 -8.36 9.12 5.12
C ASN A 145 -8.96 10.36 4.37
N GLY A 146 -10.21 10.75 4.65
CA GLY A 146 -10.88 11.90 4.03
C GLY A 146 -11.24 11.71 2.55
N LEU A 147 -11.65 10.50 2.16
CA LEU A 147 -11.92 10.12 0.77
C LEU A 147 -13.43 10.15 0.42
N VAL A 148 -13.75 10.08 -0.87
CA VAL A 148 -15.12 9.98 -1.39
C VAL A 148 -15.38 8.54 -1.88
N ILE A 149 -16.30 7.84 -1.21
CA ILE A 149 -16.79 6.50 -1.61
C ILE A 149 -18.22 6.61 -2.16
N ASN A 150 -18.56 5.76 -3.15
CA ASN A 150 -19.79 5.88 -3.95
C ASN A 150 -20.72 4.65 -3.79
N ASN A 151 -21.94 4.73 -4.33
CA ASN A 151 -22.99 3.71 -4.18
C ASN A 151 -22.73 2.39 -4.95
N ASP A 152 -22.21 2.45 -6.18
CA ASP A 152 -22.12 1.25 -7.05
C ASP A 152 -20.98 0.29 -6.67
N VAL A 153 -19.90 0.83 -6.09
CA VAL A 153 -18.82 0.05 -5.47
C VAL A 153 -19.28 -0.59 -4.14
N ASN A 154 -19.99 0.15 -3.29
CA ASN A 154 -20.32 -0.31 -1.95
C ASN A 154 -21.30 -1.51 -1.95
N ASP A 155 -22.27 -1.50 -2.87
CA ASP A 155 -23.20 -2.63 -3.05
C ASP A 155 -22.47 -3.95 -3.37
N PHE A 156 -21.48 -3.91 -4.26
CA PHE A 156 -20.64 -5.07 -4.60
C PHE A 156 -19.74 -5.48 -3.43
N MET A 157 -19.10 -4.51 -2.78
CA MET A 157 -18.16 -4.73 -1.69
C MET A 157 -18.81 -5.45 -0.48
N THR A 158 -19.98 -4.98 -0.05
CA THR A 158 -20.72 -5.59 1.08
C THR A 158 -21.37 -6.92 0.71
N GLU A 159 -21.84 -7.07 -0.54
CA GLU A 159 -22.34 -8.34 -1.09
C GLU A 159 -21.27 -9.45 -1.02
N HIS A 160 -20.03 -9.11 -1.41
CA HIS A 160 -18.86 -9.98 -1.42
C HIS A 160 -18.38 -10.32 0.01
N GLU A 161 -18.29 -9.34 0.91
CA GLU A 161 -17.96 -9.56 2.32
C GLU A 161 -19.03 -10.40 3.04
N ARG A 162 -20.32 -10.28 2.67
CA ARG A 162 -21.42 -11.18 3.13
C ARG A 162 -21.36 -12.59 2.57
N LYS A 163 -20.71 -12.81 1.41
CA LYS A 163 -20.36 -14.15 0.89
C LYS A 163 -19.16 -14.79 1.62
N GLY A 164 -18.61 -14.06 2.59
CA GLY A 164 -17.54 -14.50 3.49
C GLY A 164 -16.13 -14.35 2.91
N ARG A 165 -15.98 -13.56 1.83
CA ARG A 165 -14.74 -13.35 1.09
C ARG A 165 -14.31 -11.88 1.18
N THR A 166 -13.06 -11.62 1.49
CA THR A 166 -12.56 -10.28 1.86
C THR A 166 -12.64 -9.26 0.72
N ALA A 167 -13.06 -8.03 1.05
CA ALA A 167 -13.21 -6.93 0.08
C ALA A 167 -12.60 -5.62 0.63
N VAL A 168 -11.59 -5.08 -0.06
CA VAL A 168 -10.74 -3.95 0.39
C VAL A 168 -10.56 -2.87 -0.68
N LEU A 169 -10.22 -1.65 -0.26
CA LEU A 169 -10.08 -0.46 -1.11
C LEU A 169 -8.61 -0.01 -1.20
N VAL A 170 -8.25 0.71 -2.26
CA VAL A 170 -6.92 1.33 -2.46
C VAL A 170 -7.05 2.80 -2.89
N ALA A 171 -6.26 3.66 -2.26
CA ALA A 171 -6.28 5.11 -2.42
C ALA A 171 -4.85 5.68 -2.56
N VAL A 172 -4.72 6.83 -3.22
CA VAL A 172 -3.43 7.45 -3.57
C VAL A 172 -3.49 8.98 -3.56
N ASP A 173 -2.48 9.63 -2.98
CA ASP A 173 -2.40 11.08 -2.74
C ASP A 173 -3.74 11.68 -2.23
N ASP A 174 -4.32 11.04 -1.21
CA ASP A 174 -5.62 11.37 -0.57
C ASP A 174 -6.84 11.44 -1.54
N GLU A 175 -6.84 10.59 -2.57
CA GLU A 175 -7.94 10.32 -3.52
C GLU A 175 -8.15 8.80 -3.69
N LEU A 176 -9.39 8.31 -3.80
CA LEU A 176 -9.64 6.87 -4.07
C LEU A 176 -9.35 6.49 -5.53
N CYS A 177 -8.59 5.41 -5.78
CA CYS A 177 -8.34 4.91 -7.14
C CYS A 177 -9.07 3.60 -7.46
N GLY A 178 -9.23 2.66 -6.53
CA GLY A 178 -9.86 1.35 -6.81
C GLY A 178 -10.11 0.44 -5.60
N LEU A 179 -10.43 -0.83 -5.88
CA LEU A 179 -10.69 -1.89 -4.91
C LEU A 179 -10.14 -3.25 -5.38
N ILE A 180 -9.86 -4.12 -4.41
CA ILE A 180 -9.39 -5.50 -4.60
C ILE A 180 -10.34 -6.48 -3.86
N ALA A 181 -10.68 -7.59 -4.51
CA ALA A 181 -11.45 -8.70 -3.96
C ALA A 181 -10.55 -9.92 -3.73
N ILE A 182 -10.72 -10.60 -2.60
CA ILE A 182 -9.84 -11.66 -2.08
C ILE A 182 -10.66 -12.84 -1.53
N ALA A 183 -10.08 -14.04 -1.57
CA ALA A 183 -10.58 -15.25 -0.91
C ALA A 183 -9.54 -15.89 0.03
N ASP A 184 -9.85 -17.11 0.50
CA ASP A 184 -9.16 -17.84 1.57
C ASP A 184 -9.39 -17.16 2.95
N THR A 185 -8.37 -17.11 3.83
CA THR A 185 -8.52 -16.73 5.25
C THR A 185 -9.05 -15.33 5.55
N SER A 1 12.35 -16.76 3.77
CA SER A 1 10.96 -17.04 3.34
C SER A 1 10.18 -17.73 4.47
N PHE A 2 8.85 -17.72 4.40
CA PHE A 2 7.96 -18.32 5.40
C PHE A 2 7.10 -19.46 4.82
N THR A 3 6.38 -20.17 5.70
CA THR A 3 5.57 -21.37 5.41
C THR A 3 4.58 -21.14 4.27
N MET A 4 3.79 -20.06 4.36
CA MET A 4 2.89 -19.54 3.32
C MET A 4 1.71 -20.44 2.88
N HIS A 5 1.61 -21.71 3.30
CA HIS A 5 0.63 -22.68 2.79
C HIS A 5 -0.83 -22.16 2.78
N GLY A 6 -1.37 -21.76 3.95
CA GLY A 6 -2.74 -21.24 4.08
C GLY A 6 -2.79 -19.71 4.02
N THR A 7 -2.52 -19.15 2.84
CA THR A 7 -2.50 -17.70 2.56
C THR A 7 -3.55 -17.26 1.55
N PRO A 8 -4.05 -16.02 1.69
CA PRO A 8 -5.07 -15.50 0.79
C PRO A 8 -4.65 -15.49 -0.69
N VAL A 9 -5.61 -15.66 -1.60
CA VAL A 9 -5.43 -15.65 -3.06
C VAL A 9 -6.28 -14.54 -3.70
N VAL A 10 -5.65 -13.63 -4.46
CA VAL A 10 -6.38 -12.50 -5.04
C VAL A 10 -7.29 -12.98 -6.17
N ASN A 11 -8.54 -12.53 -6.10
CA ASN A 11 -9.65 -13.07 -6.88
C ASN A 11 -10.19 -12.13 -7.95
N GLN A 12 -10.31 -10.83 -7.66
CA GLN A 12 -10.92 -9.85 -8.57
C GLN A 12 -10.46 -8.41 -8.25
N VAL A 13 -10.33 -7.56 -9.28
CA VAL A 13 -10.10 -6.11 -9.14
C VAL A 13 -11.14 -5.29 -9.93
N LYS A 14 -11.54 -4.13 -9.39
CA LYS A 14 -12.36 -3.12 -10.10
C LYS A 14 -11.80 -1.72 -9.86
N VAL A 15 -11.84 -0.87 -10.88
CA VAL A 15 -11.41 0.54 -10.81
C VAL A 15 -12.60 1.45 -10.47
N LEU A 16 -12.39 2.38 -9.52
CA LEU A 16 -13.37 3.34 -9.02
C LEU A 16 -13.18 4.73 -9.68
N THR A 17 -12.05 5.37 -9.43
CA THR A 17 -11.61 6.56 -10.19
C THR A 17 -11.03 6.08 -11.52
N GLU A 18 -11.92 5.68 -12.42
CA GLU A 18 -11.59 5.21 -13.76
C GLU A 18 -11.40 6.43 -14.68
N SER A 19 -10.23 6.51 -15.31
CA SER A 19 -9.76 7.66 -16.10
C SER A 19 -9.63 8.98 -15.32
N ASN A 20 -9.12 10.02 -15.97
CA ASN A 20 -9.05 11.42 -15.52
C ASN A 20 -8.17 11.72 -14.28
N ARG A 21 -7.52 10.72 -13.68
CA ARG A 21 -6.45 10.89 -12.67
C ARG A 21 -5.39 9.79 -12.72
N ILE A 22 -5.81 8.52 -12.85
CA ILE A 22 -4.95 7.32 -12.95
C ILE A 22 -5.39 6.46 -14.16
N SER A 23 -4.55 5.52 -14.61
CA SER A 23 -4.87 4.47 -15.60
C SER A 23 -4.68 3.07 -15.00
N HIS A 24 -5.51 2.09 -15.39
CA HIS A 24 -5.61 0.76 -14.78
C HIS A 24 -4.27 0.01 -14.57
N HIS A 25 -3.42 -0.13 -15.60
CA HIS A 25 -2.13 -0.84 -15.45
C HIS A 25 -1.08 -0.02 -14.66
N LYS A 26 -1.31 1.29 -14.47
CA LYS A 26 -0.52 2.11 -13.53
C LYS A 26 -0.99 1.92 -12.09
N ILE A 27 -2.30 1.77 -11.83
CA ILE A 27 -2.83 1.40 -10.49
C ILE A 27 -2.16 0.11 -9.99
N LEU A 28 -2.20 -0.97 -10.78
CA LEU A 28 -1.64 -2.25 -10.32
C LEU A 28 -0.11 -2.21 -10.18
N ALA A 29 0.58 -1.43 -11.03
CA ALA A 29 2.03 -1.24 -10.91
C ALA A 29 2.42 -0.54 -9.59
N ILE A 30 1.76 0.55 -9.19
CA ILE A 30 2.09 1.26 -7.93
C ILE A 30 1.68 0.47 -6.67
N VAL A 31 0.62 -0.35 -6.72
CA VAL A 31 0.27 -1.29 -5.63
C VAL A 31 1.31 -2.42 -5.54
N GLY A 32 1.59 -3.10 -6.64
CA GLY A 32 2.49 -4.25 -6.66
C GLY A 32 3.94 -3.88 -6.33
N THR A 33 4.42 -2.71 -6.76
CA THR A 33 5.77 -2.24 -6.41
C THR A 33 5.89 -1.82 -4.94
N ALA A 34 4.84 -1.22 -4.36
CA ALA A 34 4.81 -0.90 -2.93
C ALA A 34 4.80 -2.16 -2.02
N GLU A 35 3.92 -3.13 -2.30
CA GLU A 35 3.83 -4.39 -1.55
C GLU A 35 5.01 -5.34 -1.83
N SER A 36 5.79 -5.12 -2.90
CA SER A 36 7.08 -5.82 -3.12
C SER A 36 8.14 -5.44 -2.08
N ASN A 37 8.01 -4.29 -1.40
CA ASN A 37 8.83 -3.91 -0.24
C ASN A 37 8.21 -4.37 1.11
N SER A 38 7.08 -5.08 1.08
CA SER A 38 6.32 -5.53 2.27
C SER A 38 6.49 -7.02 2.61
N GLU A 39 6.05 -7.41 3.80
CA GLU A 39 6.01 -8.78 4.31
C GLU A 39 4.60 -9.20 4.81
N HIS A 40 3.55 -8.42 4.51
CA HIS A 40 2.20 -8.60 5.07
C HIS A 40 1.48 -9.85 4.52
N PRO A 41 0.61 -10.49 5.33
CA PRO A 41 0.03 -11.81 5.01
C PRO A 41 -0.93 -11.82 3.81
N LEU A 42 -1.63 -10.71 3.60
CA LEU A 42 -2.76 -10.59 2.67
C LEU A 42 -2.37 -9.86 1.38
N GLY A 43 -1.76 -8.69 1.52
CA GLY A 43 -1.32 -7.87 0.38
C GLY A 43 -0.35 -8.59 -0.56
N THR A 44 0.51 -9.46 -0.04
CA THR A 44 1.46 -10.26 -0.83
C THR A 44 0.80 -11.21 -1.85
N ALA A 45 -0.50 -11.48 -1.75
CA ALA A 45 -1.26 -12.17 -2.79
C ALA A 45 -1.34 -11.33 -4.08
N ILE A 46 -1.44 -10.00 -3.94
CA ILE A 46 -1.37 -9.01 -5.02
C ILE A 46 0.05 -8.94 -5.55
N THR A 47 1.09 -9.01 -4.69
CA THR A 47 2.49 -8.99 -5.15
C THR A 47 2.80 -10.11 -6.13
N LYS A 48 2.36 -11.36 -5.90
CA LYS A 48 2.52 -12.45 -6.89
C LYS A 48 1.71 -12.18 -8.16
N TYR A 49 0.45 -11.78 -8.03
CA TYR A 49 -0.40 -11.46 -9.17
C TYR A 49 0.24 -10.37 -10.07
N CYS A 50 0.81 -9.33 -9.46
CA CYS A 50 1.55 -8.27 -10.14
C CYS A 50 2.88 -8.77 -10.72
N LYS A 51 3.73 -9.47 -9.94
CA LYS A 51 5.01 -10.04 -10.37
C LYS A 51 4.86 -10.85 -11.66
N GLN A 52 3.86 -11.74 -11.70
CA GLN A 52 3.52 -12.52 -12.87
C GLN A 52 2.89 -11.67 -13.99
N GLU A 53 2.02 -10.70 -13.67
CA GLU A 53 1.35 -9.84 -14.66
C GLU A 53 2.33 -8.90 -15.39
N LEU A 54 3.34 -8.39 -14.71
CA LEU A 54 4.38 -7.51 -15.28
C LEU A 54 5.38 -8.24 -16.22
N ASP A 55 5.34 -9.58 -16.28
CA ASP A 55 6.35 -10.42 -16.94
C ASP A 55 7.79 -10.07 -16.50
N THR A 56 8.03 -10.01 -15.19
CA THR A 56 9.32 -9.64 -14.59
C THR A 56 9.68 -10.53 -13.38
N GLU A 57 10.93 -10.42 -12.93
CA GLU A 57 11.43 -10.99 -11.67
C GLU A 57 11.56 -9.91 -10.58
N THR A 58 11.58 -8.63 -10.95
CA THR A 58 11.94 -7.51 -10.06
C THR A 58 11.01 -6.30 -10.19
N LEU A 59 10.54 -5.80 -9.04
CA LEU A 59 9.70 -4.61 -8.90
C LEU A 59 9.77 -4.08 -7.45
N GLY A 60 9.44 -2.79 -7.23
CA GLY A 60 9.59 -2.13 -5.93
C GLY A 60 11.03 -1.73 -5.59
N THR A 61 11.23 -0.45 -5.24
CA THR A 61 12.55 0.13 -4.92
C THR A 61 12.61 0.76 -3.53
N CYS A 62 11.95 1.89 -3.28
CA CYS A 62 11.93 2.55 -1.96
C CYS A 62 10.53 3.03 -1.56
N ILE A 63 10.22 2.91 -0.26
CA ILE A 63 8.97 3.00 0.46
C ILE A 63 9.15 3.92 1.69
N ASP A 64 8.05 4.39 2.27
CA ASP A 64 7.99 5.04 3.60
C ASP A 64 6.67 4.58 4.23
N PHE A 65 6.69 3.42 4.92
CA PHE A 65 5.49 2.67 5.31
C PHE A 65 4.93 2.95 6.72
N GLN A 66 3.60 2.85 6.84
CA GLN A 66 2.79 3.16 8.02
C GLN A 66 1.72 2.07 8.21
N VAL A 67 1.74 1.35 9.33
CA VAL A 67 0.95 0.12 9.56
C VAL A 67 -0.15 0.27 10.63
N VAL A 68 -1.33 -0.33 10.38
CA VAL A 68 -2.44 -0.54 11.32
C VAL A 68 -3.00 -1.96 11.06
N PRO A 69 -2.94 -2.91 12.03
CA PRO A 69 -3.33 -4.30 11.78
C PRO A 69 -4.84 -4.46 11.59
N GLY A 70 -5.23 -5.38 10.71
CA GLY A 70 -6.62 -5.69 10.38
C GLY A 70 -7.41 -4.58 9.66
N CYS A 71 -6.79 -3.44 9.35
CA CYS A 71 -7.48 -2.26 8.81
C CYS A 71 -6.76 -1.55 7.65
N GLY A 72 -5.42 -1.54 7.55
CA GLY A 72 -4.74 -1.08 6.33
C GLY A 72 -3.29 -0.60 6.49
N ILE A 73 -2.64 -0.42 5.34
CA ILE A 73 -1.24 0.04 5.24
C ILE A 73 -1.13 1.18 4.23
N SER A 74 -0.36 2.21 4.56
CA SER A 74 -0.13 3.41 3.73
C SER A 74 1.37 3.63 3.56
N CYS A 75 1.81 4.11 2.40
CA CYS A 75 3.22 4.44 2.15
C CYS A 75 3.43 5.51 1.07
N LYS A 76 4.69 5.92 0.88
CA LYS A 76 5.14 6.73 -0.26
C LYS A 76 6.12 5.86 -1.00
N VAL A 77 5.91 5.61 -2.28
CA VAL A 77 6.73 4.70 -3.07
C VAL A 77 7.42 5.44 -4.22
N THR A 78 8.65 5.03 -4.54
CA THR A 78 9.46 5.62 -5.61
C THR A 78 10.15 4.62 -6.53
N ASN A 79 10.40 5.16 -7.71
CA ASN A 79 11.35 4.82 -8.77
C ASN A 79 11.09 5.88 -9.87
N ILE A 80 11.24 7.15 -9.45
CA ILE A 80 11.08 8.39 -10.23
C ILE A 80 12.07 9.46 -9.75
N GLU A 81 11.88 10.06 -8.56
CA GLU A 81 12.76 11.12 -8.04
C GLU A 81 13.06 11.06 -6.52
N GLY A 82 12.37 10.23 -5.73
CA GLY A 82 12.52 10.09 -4.28
C GLY A 82 13.88 9.59 -3.74
N LEU A 83 14.89 9.50 -4.61
CA LEU A 83 16.30 9.17 -4.35
C LEU A 83 17.19 10.38 -3.99
N LEU A 84 16.61 11.58 -3.96
CA LEU A 84 17.34 12.86 -3.84
C LEU A 84 18.21 12.92 -2.57
N HIS A 85 17.60 12.59 -1.43
CA HIS A 85 18.22 12.47 -0.09
C HIS A 85 18.92 13.75 0.42
N LYS A 86 19.34 13.71 1.69
CA LYS A 86 20.29 14.66 2.31
C LYS A 86 21.72 14.16 2.09
N ASN A 87 22.69 15.07 2.02
CA ASN A 87 24.12 14.75 2.04
C ASN A 87 24.55 14.51 3.50
N ASN A 88 25.13 13.34 3.76
CA ASN A 88 25.36 12.83 5.12
C ASN A 88 26.63 13.43 5.78
N TRP A 89 26.63 14.71 6.18
CA TRP A 89 27.82 15.37 6.75
C TRP A 89 27.60 16.12 8.07
N ASN A 90 26.47 16.81 8.22
CA ASN A 90 26.10 17.61 9.39
C ASN A 90 24.74 17.18 10.01
N ILE A 91 24.12 16.10 9.51
CA ILE A 91 22.72 15.73 9.80
C ILE A 91 22.53 15.49 11.31
N GLU A 92 21.73 16.36 11.93
CA GLU A 92 21.42 16.31 13.36
C GLU A 92 20.29 15.31 13.68
N ASP A 93 19.46 14.98 12.67
CA ASP A 93 18.43 13.95 12.75
C ASP A 93 19.00 12.51 12.88
N ASN A 94 20.29 12.31 12.58
CA ASN A 94 21.04 11.06 12.72
C ASN A 94 21.49 10.76 14.16
N ASN A 95 20.57 10.86 15.12
CA ASN A 95 20.74 10.54 16.53
C ASN A 95 19.53 9.74 17.04
N ILE A 96 19.68 8.99 18.14
CA ILE A 96 18.64 8.05 18.60
C ILE A 96 17.46 8.70 19.35
N LYS A 97 16.26 8.30 18.92
CA LYS A 97 14.93 8.76 19.33
C LYS A 97 14.01 7.53 19.48
N ASN A 98 13.06 7.56 20.42
CA ASN A 98 12.36 6.37 20.92
C ASN A 98 11.18 5.80 20.10
N ALA A 99 11.48 5.39 18.87
CA ALA A 99 10.61 4.56 18.02
C ALA A 99 11.32 3.24 17.74
N SER A 100 10.66 2.12 18.09
CA SER A 100 11.24 0.77 18.10
C SER A 100 12.43 0.58 19.06
N LEU A 101 12.74 -0.67 19.41
CA LEU A 101 13.65 -1.06 20.48
C LEU A 101 13.37 -0.23 21.76
N VAL A 102 12.08 -0.07 22.07
CA VAL A 102 11.56 0.90 23.05
C VAL A 102 12.16 0.70 24.44
N GLN A 103 12.81 1.75 24.94
CA GLN A 103 13.51 1.77 26.23
C GLN A 103 13.48 3.17 26.84
N ILE A 104 13.44 3.24 28.18
CA ILE A 104 13.35 4.49 28.96
C ILE A 104 14.55 4.61 29.91
N ASP A 105 14.92 3.52 30.58
CA ASP A 105 15.92 3.48 31.65
C ASP A 105 16.89 2.29 31.56
N ALA A 106 16.89 1.56 30.43
CA ALA A 106 17.76 0.40 30.21
C ALA A 106 19.12 0.74 29.57
N SER A 107 19.22 1.85 28.83
CA SER A 107 20.43 2.33 28.14
C SER A 107 21.21 1.20 27.47
N ASN A 108 20.51 0.46 26.60
CA ASN A 108 21.00 -0.78 26.01
C ASN A 108 21.71 -0.57 24.67
N GLU A 109 21.18 0.33 23.83
CA GLU A 109 21.73 0.64 22.50
C GLU A 109 21.90 2.15 22.27
N GLN A 110 22.81 2.48 21.35
CA GLN A 110 23.19 3.85 20.96
C GLN A 110 22.85 4.19 19.50
N SER A 111 22.56 3.20 18.65
CA SER A 111 22.41 3.40 17.20
C SER A 111 21.48 2.39 16.49
N SER A 112 20.43 1.91 17.18
CA SER A 112 19.36 1.08 16.57
C SER A 112 18.14 1.94 16.16
N THR A 113 16.95 1.68 16.72
CA THR A 113 15.68 2.42 16.50
C THR A 113 15.16 2.45 15.05
N SER A 114 13.95 2.99 14.89
CA SER A 114 13.30 3.36 13.62
C SER A 114 13.19 4.89 13.44
N SER A 115 14.02 5.67 14.17
CA SER A 115 13.89 7.13 14.28
C SER A 115 15.19 7.90 13.98
N SER A 116 16.33 7.21 13.81
CA SER A 116 17.65 7.78 13.54
C SER A 116 18.13 7.67 12.09
N MET A 117 17.60 6.71 11.31
CA MET A 117 18.10 6.31 9.98
C MET A 117 17.74 7.27 8.81
N ILE A 118 17.68 8.57 9.10
CA ILE A 118 17.43 9.71 8.17
C ILE A 118 16.02 9.65 7.52
N ILE A 119 15.06 9.06 8.24
CA ILE A 119 13.72 8.69 7.78
C ILE A 119 12.71 9.83 7.58
N ASP A 120 12.97 11.01 8.16
CA ASP A 120 12.06 12.17 8.11
C ASP A 120 12.74 13.49 7.73
N ALA A 121 14.07 13.58 7.83
CA ALA A 121 14.88 14.70 7.33
C ALA A 121 14.73 14.95 5.83
N GLN A 122 14.24 13.95 5.09
CA GLN A 122 14.02 13.94 3.63
C GLN A 122 12.61 14.36 3.19
N ILE A 123 11.65 14.54 4.11
CA ILE A 123 10.26 14.92 3.77
C ILE A 123 10.21 16.33 3.18
N SER A 124 11.00 17.27 3.70
CA SER A 124 11.07 18.66 3.23
C SER A 124 11.37 18.79 1.72
N ASN A 125 12.05 17.80 1.15
CA ASN A 125 12.51 17.75 -0.24
C ASN A 125 11.46 17.16 -1.20
N ALA A 126 10.32 16.63 -0.73
CA ALA A 126 9.33 15.90 -1.51
C ALA A 126 8.89 16.61 -2.81
N LEU A 127 8.68 17.94 -2.76
CA LEU A 127 8.36 18.79 -3.91
C LEU A 127 9.25 18.53 -5.14
N ASN A 128 10.54 18.27 -4.92
CA ASN A 128 11.53 17.90 -5.94
C ASN A 128 11.79 16.39 -5.99
N ALA A 129 11.76 15.72 -4.83
CA ALA A 129 12.03 14.30 -4.63
C ALA A 129 10.74 13.45 -4.79
N GLN A 130 10.02 13.65 -5.89
CA GLN A 130 8.67 13.12 -6.12
C GLN A 130 8.52 11.61 -5.87
N GLN A 131 7.36 11.26 -5.32
CA GLN A 131 6.88 9.90 -5.04
C GLN A 131 5.40 9.75 -5.40
N TYR A 132 4.89 8.52 -5.30
CA TYR A 132 3.47 8.20 -5.37
C TYR A 132 2.98 7.80 -3.97
N LYS A 133 1.92 8.42 -3.46
CA LYS A 133 1.29 8.02 -2.19
C LYS A 133 0.28 6.91 -2.46
N VAL A 134 0.42 5.75 -1.82
CA VAL A 134 -0.52 4.64 -1.99
C VAL A 134 -0.95 4.04 -0.65
N LEU A 135 -2.24 3.71 -0.53
CA LEU A 135 -2.81 3.01 0.62
C LEU A 135 -3.88 1.99 0.23
N ILE A 136 -3.99 0.91 0.99
CA ILE A 136 -4.92 -0.20 0.77
C ILE A 136 -5.45 -0.69 2.12
N GLY A 137 -6.75 -0.99 2.22
CA GLY A 137 -7.35 -1.35 3.51
C GLY A 137 -8.87 -1.50 3.55
N ASN A 138 -9.36 -1.53 4.78
CA ASN A 138 -10.71 -1.87 5.24
C ASN A 138 -11.64 -0.62 5.25
N ARG A 139 -12.96 -0.83 5.29
CA ARG A 139 -13.99 0.21 5.05
C ARG A 139 -13.73 1.56 5.75
N GLU A 140 -13.73 1.64 7.08
CA GLU A 140 -13.67 2.94 7.77
C GLU A 140 -12.30 3.62 7.67
N TRP A 141 -11.20 2.87 7.66
CA TRP A 141 -9.86 3.44 7.55
C TRP A 141 -9.59 4.05 6.16
N MET A 142 -10.27 3.53 5.13
CA MET A 142 -10.27 4.13 3.79
C MET A 142 -11.07 5.45 3.74
N ILE A 143 -12.24 5.49 4.38
CA ILE A 143 -13.01 6.72 4.65
C ILE A 143 -12.08 7.80 5.26
N ARG A 144 -11.51 7.51 6.44
CA ARG A 144 -10.63 8.40 7.21
C ARG A 144 -9.43 9.02 6.47
N ASN A 145 -9.05 8.62 5.25
CA ASN A 145 -8.10 9.38 4.40
C ASN A 145 -8.78 10.64 3.77
N GLY A 146 -9.95 11.05 4.28
CA GLY A 146 -10.73 12.19 3.77
C GLY A 146 -11.46 11.93 2.45
N LEU A 147 -11.55 10.68 2.00
CA LEU A 147 -12.16 10.31 0.71
C LEU A 147 -13.70 10.23 0.83
N VAL A 148 -14.40 10.32 -0.30
CA VAL A 148 -15.85 10.05 -0.42
C VAL A 148 -16.06 8.61 -0.85
N ILE A 149 -16.81 7.82 -0.07
CA ILE A 149 -17.30 6.49 -0.46
C ILE A 149 -18.74 6.58 -1.00
N ASN A 150 -18.98 5.95 -2.15
CA ASN A 150 -20.29 5.93 -2.82
C ASN A 150 -21.14 4.70 -2.42
N ASN A 151 -22.47 4.80 -2.51
CA ASN A 151 -23.41 3.72 -2.19
C ASN A 151 -23.23 2.49 -3.09
N ASP A 152 -22.85 2.67 -4.35
CA ASP A 152 -22.65 1.60 -5.32
C ASP A 152 -21.47 0.69 -4.95
N VAL A 153 -20.32 1.27 -4.56
CA VAL A 153 -19.17 0.48 -4.10
C VAL A 153 -19.41 -0.09 -2.70
N ASN A 154 -20.18 0.57 -1.82
CA ASN A 154 -20.52 0.00 -0.51
C ASN A 154 -21.39 -1.27 -0.66
N ASP A 155 -22.32 -1.28 -1.63
CA ASP A 155 -23.17 -2.44 -1.95
C ASP A 155 -22.35 -3.60 -2.56
N PHE A 156 -21.30 -3.29 -3.34
CA PHE A 156 -20.28 -4.23 -3.84
C PHE A 156 -19.42 -4.81 -2.71
N MET A 157 -18.99 -3.95 -1.78
CA MET A 157 -18.08 -4.27 -0.67
C MET A 157 -18.72 -5.30 0.26
N THR A 158 -19.96 -5.06 0.70
CA THR A 158 -20.69 -6.01 1.56
C THR A 158 -21.15 -7.25 0.80
N GLU A 159 -21.46 -7.18 -0.50
CA GLU A 159 -21.80 -8.33 -1.35
C GLU A 159 -20.69 -9.40 -1.36
N HIS A 160 -19.44 -9.00 -1.62
CA HIS A 160 -18.31 -9.95 -1.62
C HIS A 160 -17.96 -10.46 -0.21
N GLU A 161 -18.17 -9.65 0.84
CA GLU A 161 -18.08 -10.10 2.23
C GLU A 161 -19.18 -11.14 2.58
N ARG A 162 -20.42 -10.93 2.12
CA ARG A 162 -21.59 -11.84 2.29
C ARG A 162 -21.53 -13.12 1.45
N LYS A 163 -20.76 -13.11 0.35
CA LYS A 163 -20.37 -14.29 -0.48
C LYS A 163 -19.34 -15.21 0.18
N GLY A 164 -18.83 -14.81 1.33
CA GLY A 164 -17.94 -15.59 2.19
C GLY A 164 -16.45 -15.32 2.02
N ARG A 165 -16.07 -14.26 1.28
CA ARG A 165 -14.67 -13.90 0.96
C ARG A 165 -14.27 -12.56 1.61
N THR A 166 -13.06 -12.08 1.35
CA THR A 166 -12.47 -10.85 1.90
C THR A 166 -12.50 -9.72 0.87
N ALA A 167 -12.84 -8.50 1.31
CA ALA A 167 -13.10 -7.34 0.46
C ALA A 167 -12.36 -6.09 0.98
N VAL A 168 -11.59 -5.41 0.12
CA VAL A 168 -10.78 -4.23 0.48
C VAL A 168 -10.79 -3.14 -0.59
N LEU A 169 -10.47 -1.90 -0.20
CA LEU A 169 -10.39 -0.72 -1.06
C LEU A 169 -8.93 -0.28 -1.25
N VAL A 170 -8.62 0.42 -2.36
CA VAL A 170 -7.29 1.02 -2.62
C VAL A 170 -7.40 2.48 -3.11
N ALA A 171 -6.63 3.38 -2.49
CA ALA A 171 -6.60 4.81 -2.77
C ALA A 171 -5.16 5.32 -2.97
N VAL A 172 -5.02 6.42 -3.71
CA VAL A 172 -3.71 6.93 -4.18
C VAL A 172 -3.68 8.45 -4.31
N ASP A 173 -2.66 9.08 -3.73
CA ASP A 173 -2.48 10.55 -3.65
C ASP A 173 -3.80 11.29 -3.34
N ASP A 174 -4.57 10.76 -2.39
CA ASP A 174 -5.86 11.27 -1.92
C ASP A 174 -7.06 11.19 -2.90
N GLU A 175 -7.11 10.20 -3.79
CA GLU A 175 -8.28 9.79 -4.60
C GLU A 175 -8.49 8.26 -4.49
N LEU A 176 -9.74 7.79 -4.41
CA LEU A 176 -10.05 6.35 -4.37
C LEU A 176 -9.98 5.73 -5.77
N CYS A 177 -8.97 4.89 -6.04
CA CYS A 177 -8.71 4.40 -7.40
C CYS A 177 -9.37 3.05 -7.69
N GLY A 178 -9.62 2.20 -6.69
CA GLY A 178 -10.20 0.88 -6.92
C GLY A 178 -10.60 0.08 -5.68
N LEU A 179 -11.06 -1.16 -5.92
CA LEU A 179 -11.41 -2.16 -4.93
C LEU A 179 -11.00 -3.58 -5.37
N ILE A 180 -10.77 -4.46 -4.38
CA ILE A 180 -10.19 -5.79 -4.58
C ILE A 180 -10.95 -6.84 -3.76
N ALA A 181 -11.24 -8.00 -4.36
CA ALA A 181 -11.78 -9.18 -3.70
C ALA A 181 -10.70 -10.29 -3.61
N ILE A 182 -10.62 -10.97 -2.46
CA ILE A 182 -9.59 -11.96 -2.12
C ILE A 182 -10.24 -13.10 -1.35
N ALA A 183 -9.74 -14.32 -1.54
CA ALA A 183 -10.20 -15.52 -0.82
C ALA A 183 -9.13 -16.06 0.13
N ASP A 184 -9.43 -16.23 1.41
CA ASP A 184 -8.55 -16.89 2.39
C ASP A 184 -8.50 -18.41 2.18
N THR A 185 -7.33 -19.02 2.39
CA THR A 185 -7.10 -20.48 2.33
C THR A 185 -6.51 -21.04 3.63
N SER A 1 12.36 -19.53 13.50
CA SER A 1 11.56 -18.34 13.14
C SER A 1 10.17 -18.73 12.66
N PHE A 2 9.31 -17.75 12.36
CA PHE A 2 7.93 -17.95 11.93
C PHE A 2 7.80 -18.26 10.42
N THR A 3 6.70 -18.93 10.03
CA THR A 3 6.28 -19.19 8.64
C THR A 3 4.81 -18.80 8.47
N MET A 4 4.41 -18.32 7.30
CA MET A 4 3.09 -17.78 6.97
C MET A 4 2.34 -18.77 6.06
N HIS A 5 1.51 -19.64 6.65
CA HIS A 5 0.93 -20.80 5.96
C HIS A 5 -0.42 -20.57 5.26
N GLY A 6 -1.38 -19.87 5.89
CA GLY A 6 -2.74 -19.70 5.37
C GLY A 6 -2.83 -18.55 4.37
N THR A 7 -2.31 -18.76 3.17
CA THR A 7 -2.05 -17.74 2.14
C THR A 7 -3.29 -17.26 1.37
N PRO A 8 -3.30 -15.98 0.94
CA PRO A 8 -4.36 -15.37 0.13
C PRO A 8 -4.23 -15.68 -1.38
N VAL A 9 -5.33 -15.57 -2.13
CA VAL A 9 -5.39 -15.68 -3.61
C VAL A 9 -6.35 -14.65 -4.21
N VAL A 10 -5.90 -13.90 -5.23
CA VAL A 10 -6.73 -12.83 -5.83
C VAL A 10 -7.81 -13.39 -6.76
N ASN A 11 -9.05 -12.95 -6.54
CA ASN A 11 -10.25 -13.53 -7.13
C ASN A 11 -10.99 -12.59 -8.09
N GLN A 12 -11.10 -11.29 -7.79
CA GLN A 12 -11.57 -10.24 -8.70
C GLN A 12 -10.91 -8.88 -8.40
N VAL A 13 -10.75 -8.01 -9.40
CA VAL A 13 -10.29 -6.61 -9.23
C VAL A 13 -11.15 -5.63 -10.06
N LYS A 14 -11.35 -4.41 -9.56
CA LYS A 14 -12.16 -3.36 -10.21
C LYS A 14 -11.56 -1.96 -10.05
N VAL A 15 -11.60 -1.16 -11.12
CA VAL A 15 -11.22 0.27 -11.10
C VAL A 15 -12.42 1.16 -10.75
N LEU A 16 -12.16 2.22 -9.97
CA LEU A 16 -13.11 3.31 -9.69
C LEU A 16 -12.74 4.60 -10.44
N THR A 17 -11.45 4.94 -10.54
CA THR A 17 -10.99 6.25 -11.03
C THR A 17 -10.02 6.13 -12.20
N GLU A 18 -10.55 6.27 -13.42
CA GLU A 18 -9.80 6.43 -14.66
C GLU A 18 -10.59 7.37 -15.59
N SER A 19 -10.06 8.58 -15.82
CA SER A 19 -10.62 9.63 -16.71
C SER A 19 -9.70 10.85 -16.75
N ASN A 20 -9.33 11.39 -15.57
CA ASN A 20 -8.44 12.54 -15.40
C ASN A 20 -7.65 12.50 -14.06
N ARG A 21 -7.11 11.32 -13.66
CA ARG A 21 -6.19 11.19 -12.51
C ARG A 21 -5.15 10.08 -12.72
N ILE A 22 -5.58 8.84 -12.92
CA ILE A 22 -4.73 7.63 -12.98
C ILE A 22 -5.14 6.75 -14.18
N SER A 23 -4.23 5.92 -14.69
CA SER A 23 -4.52 4.91 -15.72
C SER A 23 -4.41 3.50 -15.13
N HIS A 24 -5.28 2.57 -15.55
CA HIS A 24 -5.47 1.25 -14.92
C HIS A 24 -4.21 0.38 -14.73
N HIS A 25 -3.30 0.28 -15.70
CA HIS A 25 -2.04 -0.47 -15.52
C HIS A 25 -1.10 0.20 -14.51
N LYS A 26 -1.17 1.54 -14.38
CA LYS A 26 -0.41 2.27 -13.35
C LYS A 26 -0.95 1.98 -11.95
N ILE A 27 -2.28 1.89 -11.77
CA ILE A 27 -2.91 1.51 -10.49
C ILE A 27 -2.37 0.16 -9.99
N LEU A 28 -2.45 -0.89 -10.82
CA LEU A 28 -2.00 -2.23 -10.37
C LEU A 28 -0.47 -2.29 -10.16
N ALA A 29 0.30 -1.54 -10.94
CA ALA A 29 1.75 -1.48 -10.80
C ALA A 29 2.18 -0.83 -9.46
N ILE A 30 1.59 0.31 -9.06
CA ILE A 30 1.98 0.98 -7.80
C ILE A 30 1.57 0.19 -6.55
N VAL A 31 0.46 -0.55 -6.59
CA VAL A 31 0.09 -1.49 -5.51
C VAL A 31 1.03 -2.71 -5.48
N GLY A 32 1.24 -3.37 -6.63
CA GLY A 32 2.03 -4.61 -6.72
C GLY A 32 3.51 -4.40 -6.39
N THR A 33 4.08 -3.24 -6.74
CA THR A 33 5.45 -2.86 -6.38
C THR A 33 5.59 -2.48 -4.91
N ALA A 34 4.61 -1.79 -4.32
CA ALA A 34 4.61 -1.45 -2.90
C ALA A 34 4.55 -2.68 -1.98
N GLU A 35 3.65 -3.63 -2.26
CA GLU A 35 3.58 -4.88 -1.46
C GLU A 35 4.82 -5.77 -1.62
N SER A 36 5.62 -5.58 -2.68
CA SER A 36 6.92 -6.25 -2.82
C SER A 36 7.93 -5.82 -1.72
N ASN A 37 7.68 -4.71 -1.01
CA ASN A 37 8.56 -4.16 0.03
C ASN A 37 7.84 -3.88 1.38
N SER A 38 6.50 -3.75 1.39
CA SER A 38 5.70 -3.62 2.64
C SER A 38 5.66 -4.93 3.43
N GLU A 39 5.43 -6.06 2.72
CA GLU A 39 5.53 -7.43 3.22
C GLU A 39 4.42 -7.86 4.21
N HIS A 40 3.21 -7.33 4.05
CA HIS A 40 1.98 -7.75 4.76
C HIS A 40 1.34 -9.01 4.15
N PRO A 41 0.70 -9.89 4.95
CA PRO A 41 0.24 -11.23 4.54
C PRO A 41 -0.75 -11.23 3.37
N LEU A 42 -1.85 -10.48 3.48
CA LEU A 42 -2.92 -10.40 2.48
C LEU A 42 -2.44 -9.71 1.19
N GLY A 43 -1.54 -8.74 1.35
CA GLY A 43 -0.83 -8.06 0.27
C GLY A 43 0.07 -8.97 -0.59
N THR A 44 0.51 -10.12 -0.05
CA THR A 44 1.43 -11.04 -0.77
C THR A 44 0.83 -11.58 -2.07
N ALA A 45 -0.49 -11.85 -2.08
CA ALA A 45 -1.23 -12.21 -3.29
C ALA A 45 -1.10 -11.15 -4.40
N ILE A 46 -1.17 -9.87 -4.05
CA ILE A 46 -1.16 -8.76 -5.01
C ILE A 46 0.23 -8.57 -5.63
N THR A 47 1.30 -8.63 -4.80
CA THR A 47 2.68 -8.53 -5.34
C THR A 47 3.04 -9.74 -6.21
N LYS A 48 2.65 -10.96 -5.83
CA LYS A 48 2.80 -12.16 -6.67
C LYS A 48 1.98 -12.05 -7.97
N TYR A 49 0.71 -11.67 -7.90
CA TYR A 49 -0.12 -11.47 -9.10
C TYR A 49 0.50 -10.46 -10.07
N CYS A 50 1.03 -9.34 -9.56
CA CYS A 50 1.76 -8.36 -10.37
C CYS A 50 3.01 -8.99 -11.00
N LYS A 51 3.90 -9.62 -10.22
CA LYS A 51 5.13 -10.27 -10.71
C LYS A 51 4.85 -11.38 -11.75
N GLN A 52 3.72 -12.08 -11.62
CA GLN A 52 3.20 -13.05 -12.58
C GLN A 52 2.66 -12.40 -13.87
N GLU A 53 1.81 -11.36 -13.78
CA GLU A 53 1.22 -10.68 -14.94
C GLU A 53 2.27 -9.87 -15.75
N LEU A 54 3.22 -9.21 -15.07
CA LEU A 54 4.36 -8.53 -15.70
C LEU A 54 5.42 -9.50 -16.25
N ASP A 55 5.44 -10.74 -15.73
CA ASP A 55 6.49 -11.75 -15.94
C ASP A 55 7.93 -11.24 -15.68
N THR A 56 8.09 -10.24 -14.80
CA THR A 56 9.36 -9.51 -14.59
C THR A 56 9.81 -9.44 -13.14
N GLU A 57 11.11 -9.61 -12.90
CA GLU A 57 11.75 -9.40 -11.60
C GLU A 57 11.97 -7.91 -11.27
N THR A 58 11.78 -7.02 -12.25
CA THR A 58 12.11 -5.58 -12.22
C THR A 58 11.05 -4.71 -11.49
N LEU A 59 10.63 -5.12 -10.30
CA LEU A 59 9.56 -4.46 -9.53
C LEU A 59 9.90 -4.24 -8.03
N GLY A 60 9.37 -3.15 -7.46
CA GLY A 60 9.47 -2.80 -6.05
C GLY A 60 10.84 -2.24 -5.64
N THR A 61 10.83 -1.07 -4.98
CA THR A 61 11.99 -0.41 -4.35
C THR A 61 11.48 0.37 -3.11
N CYS A 62 12.15 1.43 -2.65
CA CYS A 62 11.89 2.06 -1.36
C CYS A 62 10.45 2.58 -1.12
N ILE A 63 10.02 2.39 0.13
CA ILE A 63 8.72 2.53 0.74
C ILE A 63 8.93 3.09 2.17
N ASP A 64 7.94 3.79 2.70
CA ASP A 64 7.86 4.21 4.11
C ASP A 64 6.40 4.04 4.51
N PHE A 65 6.06 3.19 5.49
CA PHE A 65 4.67 2.79 5.77
C PHE A 65 4.04 3.33 7.06
N GLN A 66 2.71 3.20 7.19
CA GLN A 66 1.90 3.49 8.37
C GLN A 66 0.95 2.31 8.59
N VAL A 67 0.86 1.80 9.83
CA VAL A 67 0.16 0.55 10.16
C VAL A 67 -1.14 0.80 10.92
N VAL A 68 -2.21 0.07 10.55
CA VAL A 68 -3.47 -0.01 11.29
C VAL A 68 -3.92 -1.49 11.29
N PRO A 69 -3.98 -2.19 12.43
CA PRO A 69 -4.22 -3.63 12.48
C PRO A 69 -5.68 -4.00 12.14
N GLY A 70 -5.89 -5.16 11.52
CA GLY A 70 -7.20 -5.62 11.04
C GLY A 70 -7.83 -4.71 9.97
N CYS A 71 -7.04 -3.84 9.35
CA CYS A 71 -7.52 -2.76 8.49
C CYS A 71 -6.64 -2.55 7.24
N GLY A 72 -5.36 -2.18 7.36
CA GLY A 72 -4.49 -2.07 6.17
C GLY A 72 -3.26 -1.18 6.32
N ILE A 73 -2.79 -0.61 5.21
CA ILE A 73 -1.51 0.09 5.07
C ILE A 73 -1.62 1.39 4.28
N SER A 74 -0.73 2.34 4.63
CA SER A 74 -0.43 3.54 3.83
C SER A 74 1.08 3.67 3.69
N CYS A 75 1.62 4.11 2.54
CA CYS A 75 3.08 4.28 2.34
C CYS A 75 3.47 5.32 1.27
N LYS A 76 4.78 5.60 1.16
CA LYS A 76 5.41 6.54 0.21
C LYS A 76 6.38 5.76 -0.68
N VAL A 77 5.99 5.37 -1.89
CA VAL A 77 6.74 4.42 -2.73
C VAL A 77 7.33 5.09 -3.99
N THR A 78 8.63 4.91 -4.23
CA THR A 78 9.40 5.62 -5.29
C THR A 78 9.83 4.69 -6.46
N ASN A 79 10.79 5.12 -7.29
CA ASN A 79 11.45 4.38 -8.37
C ASN A 79 10.60 4.09 -9.63
N ILE A 80 9.79 5.06 -10.07
CA ILE A 80 9.12 4.99 -11.40
C ILE A 80 9.91 5.72 -12.50
N GLU A 81 10.85 6.60 -12.14
CA GLU A 81 11.80 7.31 -13.01
C GLU A 81 13.26 7.03 -12.58
N GLY A 82 13.46 5.95 -11.81
CA GLY A 82 14.68 5.56 -11.08
C GLY A 82 15.93 5.24 -11.89
N LEU A 83 15.87 5.33 -13.23
CA LEU A 83 17.10 5.28 -14.06
C LEU A 83 18.02 6.49 -13.84
N LEU A 84 17.50 7.54 -13.19
CA LEU A 84 18.19 8.75 -12.75
C LEU A 84 19.55 8.41 -12.10
N HIS A 85 19.54 7.50 -11.13
CA HIS A 85 20.74 6.95 -10.47
C HIS A 85 20.34 5.74 -9.59
N LYS A 86 21.26 4.81 -9.34
CA LYS A 86 21.09 3.80 -8.28
C LYS A 86 21.10 4.50 -6.93
N ASN A 87 20.21 4.12 -6.03
CA ASN A 87 20.12 4.69 -4.70
C ASN A 87 21.14 4.00 -3.76
N ASN A 88 22.44 4.10 -4.08
CA ASN A 88 23.49 3.58 -3.20
C ASN A 88 23.49 4.37 -1.87
N TRP A 89 23.83 3.72 -0.76
CA TRP A 89 24.10 4.39 0.52
C TRP A 89 25.33 3.77 1.19
N ASN A 90 26.51 4.13 0.67
CA ASN A 90 27.81 3.89 1.29
C ASN A 90 28.23 2.42 1.54
N ILE A 91 27.60 1.48 0.84
CA ILE A 91 27.85 0.02 0.95
C ILE A 91 29.34 -0.28 0.73
N GLU A 92 29.92 -1.19 1.52
CA GLU A 92 31.37 -1.42 1.56
C GLU A 92 31.92 -2.10 0.30
N ASP A 93 31.41 -3.27 -0.08
CA ASP A 93 31.89 -4.04 -1.24
C ASP A 93 30.89 -4.07 -2.41
N ASN A 94 29.62 -3.78 -2.11
CA ASN A 94 28.52 -3.50 -3.03
C ASN A 94 28.35 -4.53 -4.17
N ASN A 95 28.45 -5.81 -3.85
CA ASN A 95 28.44 -6.95 -4.77
C ASN A 95 27.70 -8.17 -4.18
N ILE A 96 27.44 -9.20 -4.99
CA ILE A 96 26.60 -10.35 -4.63
C ILE A 96 27.27 -11.23 -3.57
N LYS A 97 26.74 -11.17 -2.33
CA LYS A 97 27.23 -11.93 -1.16
C LYS A 97 26.68 -13.36 -1.11
N ASN A 98 27.31 -14.19 -0.29
CA ASN A 98 26.84 -15.54 0.07
C ASN A 98 25.52 -15.57 0.88
N ALA A 99 25.07 -14.42 1.40
CA ALA A 99 23.99 -14.23 2.39
C ALA A 99 24.38 -14.76 3.79
N SER A 100 23.92 -14.08 4.84
CA SER A 100 24.39 -14.31 6.23
C SER A 100 24.10 -15.73 6.75
N LEU A 101 25.06 -16.31 7.46
CA LEU A 101 24.94 -17.64 8.07
C LEU A 101 24.25 -17.55 9.44
N VAL A 102 23.10 -18.18 9.58
CA VAL A 102 22.18 -18.03 10.73
C VAL A 102 21.67 -19.36 11.30
N GLN A 103 22.29 -20.50 10.93
CA GLN A 103 21.92 -21.87 11.30
C GLN A 103 20.57 -22.33 10.68
N ILE A 104 20.25 -23.62 10.82
CA ILE A 104 18.98 -24.22 10.41
C ILE A 104 17.84 -23.75 11.34
N ASP A 105 18.11 -23.63 12.64
CA ASP A 105 17.09 -23.26 13.64
C ASP A 105 17.68 -22.43 14.82
N ALA A 106 18.02 -21.17 14.55
CA ALA A 106 18.55 -20.22 15.54
C ALA A 106 18.15 -18.75 15.27
N SER A 107 17.01 -18.52 14.61
CA SER A 107 16.49 -17.18 14.30
C SER A 107 15.05 -16.96 14.79
N ASN A 108 14.70 -15.71 15.07
CA ASN A 108 13.39 -15.26 15.54
C ASN A 108 12.86 -14.02 14.77
N GLU A 109 13.73 -13.32 14.05
CA GLU A 109 13.45 -12.16 13.19
C GLU A 109 12.79 -10.96 13.91
N GLN A 110 12.90 -10.90 15.24
CA GLN A 110 12.43 -9.78 16.08
C GLN A 110 13.33 -8.55 15.99
N SER A 111 12.76 -7.37 16.19
CA SER A 111 13.44 -6.07 16.41
C SER A 111 14.57 -5.72 15.42
N SER A 112 14.44 -6.10 14.14
CA SER A 112 15.32 -5.62 13.05
C SER A 112 14.54 -5.36 11.75
N THR A 113 14.97 -4.35 11.00
CA THR A 113 14.30 -3.83 9.79
C THR A 113 15.24 -3.64 8.60
N SER A 114 14.71 -3.74 7.39
CA SER A 114 15.39 -3.41 6.13
C SER A 114 14.80 -2.17 5.44
N SER A 115 13.54 -1.85 5.72
CA SER A 115 12.76 -0.84 4.98
C SER A 115 12.17 0.29 5.84
N SER A 116 12.53 0.38 7.12
CA SER A 116 12.21 1.52 8.01
C SER A 116 13.45 2.31 8.47
N MET A 117 14.58 2.19 7.76
CA MET A 117 15.84 2.90 8.05
C MET A 117 16.24 3.84 6.90
N ILE A 118 16.82 4.99 7.22
CA ILE A 118 17.31 6.01 6.25
C ILE A 118 16.19 6.58 5.34
N ILE A 119 14.90 6.32 5.63
CA ILE A 119 13.78 6.62 4.72
C ILE A 119 13.41 8.10 4.63
N ASP A 120 13.75 8.92 5.63
CA ASP A 120 13.47 10.36 5.68
C ASP A 120 14.64 11.25 5.20
N ALA A 121 15.87 10.71 5.20
CA ALA A 121 17.04 11.35 4.59
C ALA A 121 17.07 11.26 3.05
N GLN A 122 16.25 10.38 2.45
CA GLN A 122 16.23 10.10 1.01
C GLN A 122 15.02 10.60 0.22
N ILE A 123 14.10 11.30 0.87
CA ILE A 123 12.87 11.85 0.27
C ILE A 123 13.20 12.87 -0.82
N SER A 124 14.11 13.81 -0.56
CA SER A 124 14.45 14.86 -1.52
C SER A 124 15.07 14.33 -2.82
N ASN A 125 15.70 13.14 -2.80
CA ASN A 125 16.11 12.44 -4.03
C ASN A 125 15.01 11.51 -4.59
N ALA A 126 14.11 10.98 -3.76
CA ALA A 126 13.00 10.13 -4.21
C ALA A 126 12.03 10.90 -5.13
N LEU A 127 11.67 12.14 -4.78
CA LEU A 127 10.80 12.99 -5.62
C LEU A 127 11.38 13.35 -7.00
N ASN A 128 12.69 13.21 -7.21
CA ASN A 128 13.33 13.38 -8.53
C ASN A 128 13.20 12.12 -9.39
N ALA A 129 13.29 10.93 -8.79
CA ALA A 129 12.97 9.65 -9.43
C ALA A 129 11.47 9.27 -9.25
N GLN A 130 10.63 10.29 -9.00
CA GLN A 130 9.25 10.28 -8.51
C GLN A 130 8.93 9.39 -7.29
N GLN A 131 8.02 9.89 -6.45
CA GLN A 131 7.42 9.15 -5.33
C GLN A 131 5.90 9.32 -5.32
N TYR A 132 5.21 8.30 -4.80
CA TYR A 132 3.77 8.17 -4.80
C TYR A 132 3.26 7.81 -3.39
N LYS A 133 2.33 8.59 -2.85
CA LYS A 133 1.60 8.27 -1.61
C LYS A 133 0.49 7.28 -1.96
N VAL A 134 0.51 6.07 -1.42
CA VAL A 134 -0.46 5.00 -1.74
C VAL A 134 -0.99 4.30 -0.48
N LEU A 135 -2.27 3.89 -0.47
CA LEU A 135 -2.89 3.17 0.64
C LEU A 135 -3.94 2.14 0.21
N ILE A 136 -4.11 1.09 1.02
CA ILE A 136 -4.93 -0.08 0.73
C ILE A 136 -5.46 -0.70 2.02
N GLY A 137 -6.71 -1.19 2.00
CA GLY A 137 -7.23 -2.02 3.07
C GLY A 137 -8.62 -1.62 3.58
N ASN A 138 -9.39 -2.66 3.93
CA ASN A 138 -10.72 -2.59 4.53
C ASN A 138 -11.61 -1.51 3.86
N ARG A 139 -12.45 -0.83 4.64
CA ARG A 139 -13.19 0.39 4.27
C ARG A 139 -12.82 1.61 5.12
N GLU A 140 -12.37 1.41 6.36
CA GLU A 140 -12.14 2.49 7.32
C GLU A 140 -11.02 3.45 6.87
N TRP A 141 -9.96 2.93 6.23
CA TRP A 141 -8.90 3.72 5.60
C TRP A 141 -9.40 4.72 4.53
N MET A 142 -10.50 4.40 3.84
CA MET A 142 -11.10 5.30 2.84
C MET A 142 -11.78 6.51 3.49
N ILE A 143 -12.42 6.27 4.63
CA ILE A 143 -13.01 7.27 5.53
C ILE A 143 -11.87 8.13 6.10
N ARG A 144 -11.01 7.51 6.92
CA ARG A 144 -9.80 8.07 7.55
C ARG A 144 -8.99 9.04 6.66
N ASN A 145 -8.79 8.74 5.37
CA ASN A 145 -8.02 9.58 4.43
C ASN A 145 -8.84 10.72 3.78
N GLY A 146 -10.05 11.03 4.27
CA GLY A 146 -10.86 12.17 3.81
C GLY A 146 -11.45 12.05 2.40
N LEU A 147 -11.62 10.81 1.90
CA LEU A 147 -12.08 10.53 0.53
C LEU A 147 -13.60 10.54 0.41
N VAL A 148 -14.11 10.47 -0.83
CA VAL A 148 -15.53 10.25 -1.15
C VAL A 148 -15.77 8.78 -1.50
N ILE A 149 -16.81 8.16 -0.95
CA ILE A 149 -17.21 6.77 -1.21
C ILE A 149 -18.74 6.64 -1.34
N ASN A 150 -19.20 5.71 -2.18
CA ASN A 150 -20.60 5.58 -2.61
C ASN A 150 -21.27 4.27 -2.10
N ASN A 151 -22.59 4.30 -1.91
CA ASN A 151 -23.36 3.15 -1.43
C ASN A 151 -23.38 1.98 -2.44
N ASP A 152 -23.23 2.24 -3.74
CA ASP A 152 -23.21 1.21 -4.80
C ASP A 152 -21.95 0.32 -4.75
N VAL A 153 -20.78 0.88 -4.42
CA VAL A 153 -19.57 0.07 -4.15
C VAL A 153 -19.62 -0.58 -2.77
N ASN A 154 -20.16 0.11 -1.75
CA ASN A 154 -20.31 -0.45 -0.42
C ASN A 154 -21.25 -1.68 -0.41
N ASP A 155 -22.32 -1.66 -1.20
CA ASP A 155 -23.23 -2.79 -1.41
C ASP A 155 -22.53 -4.00 -2.06
N PHE A 156 -21.63 -3.80 -3.03
CA PHE A 156 -20.80 -4.89 -3.58
C PHE A 156 -19.77 -5.40 -2.55
N MET A 157 -19.21 -4.51 -1.75
CA MET A 157 -18.22 -4.82 -0.71
C MET A 157 -18.82 -5.67 0.42
N THR A 158 -19.93 -5.25 1.02
CA THR A 158 -20.60 -6.00 2.11
C THR A 158 -21.22 -7.31 1.63
N GLU A 159 -21.74 -7.37 0.40
CA GLU A 159 -22.17 -8.61 -0.26
C GLU A 159 -21.02 -9.65 -0.25
N HIS A 160 -19.83 -9.23 -0.67
CA HIS A 160 -18.63 -10.06 -0.70
C HIS A 160 -18.15 -10.45 0.72
N GLU A 161 -18.21 -9.52 1.69
CA GLU A 161 -17.90 -9.80 3.10
C GLU A 161 -18.87 -10.82 3.73
N ARG A 162 -20.18 -10.72 3.46
CA ARG A 162 -21.25 -11.61 3.95
C ARG A 162 -21.20 -13.01 3.31
N LYS A 163 -20.70 -13.11 2.08
CA LYS A 163 -20.36 -14.36 1.36
C LYS A 163 -19.18 -15.13 2.00
N GLY A 164 -18.46 -14.48 2.91
CA GLY A 164 -17.31 -15.03 3.62
C GLY A 164 -15.98 -14.94 2.87
N ARG A 165 -15.89 -14.14 1.80
CA ARG A 165 -14.66 -13.90 1.03
C ARG A 165 -14.09 -12.49 1.32
N THR A 166 -12.79 -12.29 1.10
CA THR A 166 -12.04 -11.09 1.53
C THR A 166 -12.29 -9.87 0.62
N ALA A 167 -12.64 -8.71 1.19
CA ALA A 167 -13.10 -7.53 0.44
C ALA A 167 -12.45 -6.20 0.91
N VAL A 168 -11.69 -5.50 0.06
CA VAL A 168 -10.95 -4.26 0.41
C VAL A 168 -10.96 -3.17 -0.69
N LEU A 169 -10.75 -1.90 -0.30
CA LEU A 169 -10.55 -0.76 -1.20
C LEU A 169 -9.08 -0.30 -1.31
N VAL A 170 -8.79 0.53 -2.31
CA VAL A 170 -7.46 1.12 -2.61
C VAL A 170 -7.59 2.61 -2.98
N ALA A 171 -6.73 3.46 -2.42
CA ALA A 171 -6.66 4.89 -2.69
C ALA A 171 -5.19 5.35 -2.85
N VAL A 172 -4.94 6.48 -3.51
CA VAL A 172 -3.59 7.05 -3.72
C VAL A 172 -3.62 8.58 -3.69
N ASP A 173 -2.62 9.17 -3.03
CA ASP A 173 -2.37 10.61 -2.95
C ASP A 173 -3.65 11.43 -2.75
N ASP A 174 -4.45 10.98 -1.78
CA ASP A 174 -5.73 11.56 -1.36
C ASP A 174 -6.88 11.51 -2.41
N GLU A 175 -6.91 10.46 -3.24
CA GLU A 175 -8.03 10.14 -4.14
C GLU A 175 -8.26 8.60 -4.21
N LEU A 176 -9.50 8.14 -4.34
CA LEU A 176 -9.78 6.70 -4.57
C LEU A 176 -9.29 6.25 -5.95
N CYS A 177 -8.81 5.01 -6.09
CA CYS A 177 -8.42 4.46 -7.40
C CYS A 177 -9.18 3.18 -7.78
N GLY A 178 -9.38 2.23 -6.85
CA GLY A 178 -9.98 0.93 -7.14
C GLY A 178 -10.29 0.06 -5.93
N LEU A 179 -10.71 -1.19 -6.17
CA LEU A 179 -11.04 -2.18 -5.14
C LEU A 179 -10.62 -3.62 -5.53
N ILE A 180 -10.37 -4.44 -4.51
CA ILE A 180 -9.83 -5.81 -4.63
C ILE A 180 -10.68 -6.82 -3.85
N ALA A 181 -10.95 -7.96 -4.48
CA ALA A 181 -11.73 -9.09 -4.00
C ALA A 181 -10.85 -10.38 -4.01
N ILE A 182 -10.73 -11.04 -2.86
CA ILE A 182 -9.77 -12.13 -2.58
C ILE A 182 -10.44 -13.31 -1.85
N ALA A 183 -9.83 -14.50 -1.91
CA ALA A 183 -10.20 -15.67 -1.09
C ALA A 183 -8.97 -16.32 -0.41
N ASP A 184 -9.21 -17.42 0.30
CA ASP A 184 -8.25 -18.13 1.18
C ASP A 184 -7.92 -19.56 0.67
N THR A 185 -6.65 -19.98 0.77
CA THR A 185 -6.13 -21.25 0.21
C THR A 185 -6.59 -22.52 0.92
N SER A 1 10.13 -13.11 7.27
CA SER A 1 8.98 -13.83 6.70
C SER A 1 7.66 -13.32 7.31
N PHE A 2 6.52 -13.94 6.94
CA PHE A 2 5.20 -13.71 7.55
C PHE A 2 4.47 -15.04 7.80
N THR A 3 3.50 -15.05 8.72
CA THR A 3 2.71 -16.24 9.08
C THR A 3 1.25 -15.94 9.40
N MET A 4 0.40 -16.95 9.21
CA MET A 4 -1.05 -16.92 9.43
C MET A 4 -1.64 -18.33 9.35
N HIS A 5 -2.90 -18.52 9.77
CA HIS A 5 -3.67 -19.74 9.54
C HIS A 5 -4.61 -19.60 8.34
N GLY A 6 -5.27 -18.44 8.20
CA GLY A 6 -6.15 -18.16 7.08
C GLY A 6 -5.44 -17.44 5.93
N THR A 7 -4.93 -18.16 4.92
CA THR A 7 -4.13 -17.55 3.85
C THR A 7 -5.03 -16.90 2.79
N PRO A 8 -4.88 -15.58 2.50
CA PRO A 8 -5.68 -14.90 1.49
C PRO A 8 -5.30 -15.31 0.06
N VAL A 9 -6.27 -15.30 -0.85
CA VAL A 9 -6.07 -15.55 -2.29
C VAL A 9 -6.90 -14.58 -3.16
N VAL A 10 -6.25 -13.87 -4.09
CA VAL A 10 -6.88 -12.81 -4.89
C VAL A 10 -7.83 -13.40 -5.94
N ASN A 11 -9.04 -12.82 -6.04
CA ASN A 11 -10.16 -13.41 -6.76
C ASN A 11 -10.82 -12.50 -7.82
N GLN A 12 -10.91 -11.19 -7.61
CA GLN A 12 -11.35 -10.18 -8.60
C GLN A 12 -10.75 -8.79 -8.28
N VAL A 13 -10.54 -7.95 -9.29
CA VAL A 13 -10.17 -6.52 -9.12
C VAL A 13 -11.06 -5.61 -9.96
N LYS A 14 -11.43 -4.42 -9.45
CA LYS A 14 -12.20 -3.39 -10.19
C LYS A 14 -11.70 -1.98 -9.92
N VAL A 15 -11.79 -1.10 -10.92
CA VAL A 15 -11.41 0.32 -10.85
C VAL A 15 -12.62 1.21 -10.57
N LEU A 16 -12.45 2.19 -9.67
CA LEU A 16 -13.44 3.21 -9.29
C LEU A 16 -13.21 4.56 -9.99
N THR A 17 -11.97 4.86 -10.38
CA THR A 17 -11.58 6.12 -11.06
C THR A 17 -11.30 5.96 -12.57
N GLU A 18 -11.89 4.94 -13.21
CA GLU A 18 -11.74 4.69 -14.66
C GLU A 18 -12.16 5.92 -15.47
N SER A 19 -11.29 6.39 -16.37
CA SER A 19 -11.44 7.64 -17.13
C SER A 19 -11.48 8.93 -16.28
N ASN A 20 -11.42 8.87 -14.95
CA ASN A 20 -11.64 10.00 -14.05
C ASN A 20 -10.33 10.55 -13.44
N ARG A 21 -9.32 9.70 -13.18
CA ARG A 21 -7.98 10.15 -12.69
C ARG A 21 -6.81 9.21 -13.01
N ILE A 22 -6.96 7.91 -12.78
CA ILE A 22 -5.90 6.88 -12.91
C ILE A 22 -6.37 5.68 -13.75
N SER A 23 -5.49 5.04 -14.53
CA SER A 23 -5.75 3.83 -15.32
C SER A 23 -5.28 2.54 -14.62
N HIS A 24 -5.85 1.38 -14.98
CA HIS A 24 -5.70 0.12 -14.24
C HIS A 24 -4.27 -0.45 -14.08
N HIS A 25 -3.40 -0.36 -15.09
CA HIS A 25 -2.04 -0.91 -14.98
C HIS A 25 -1.18 -0.05 -14.05
N LYS A 26 -1.40 1.28 -14.04
CA LYS A 26 -0.75 2.19 -13.10
C LYS A 26 -1.12 1.84 -11.65
N ILE A 27 -2.40 1.56 -11.39
CA ILE A 27 -2.90 1.13 -10.07
C ILE A 27 -2.24 -0.20 -9.64
N LEU A 28 -2.28 -1.25 -10.48
CA LEU A 28 -1.72 -2.56 -10.09
C LEU A 28 -0.19 -2.50 -9.95
N ALA A 29 0.49 -1.67 -10.73
CA ALA A 29 1.93 -1.44 -10.62
C ALA A 29 2.31 -0.81 -9.27
N ILE A 30 1.66 0.29 -8.84
CA ILE A 30 2.03 0.96 -7.58
C ILE A 30 1.67 0.13 -6.34
N VAL A 31 0.58 -0.65 -6.35
CA VAL A 31 0.27 -1.59 -5.25
C VAL A 31 1.26 -2.76 -5.22
N GLY A 32 1.50 -3.41 -6.36
CA GLY A 32 2.40 -4.57 -6.41
C GLY A 32 3.86 -4.23 -6.10
N THR A 33 4.33 -3.05 -6.54
CA THR A 33 5.67 -2.55 -6.24
C THR A 33 5.82 -1.97 -4.83
N ALA A 34 4.74 -1.46 -4.23
CA ALA A 34 4.72 -1.09 -2.80
C ALA A 34 4.88 -2.31 -1.87
N GLU A 35 4.21 -3.42 -2.18
CA GLU A 35 4.35 -4.67 -1.43
C GLU A 35 5.67 -5.43 -1.70
N SER A 36 6.44 -5.05 -2.74
CA SER A 36 7.69 -5.72 -3.15
C SER A 36 8.74 -5.86 -2.05
N ASN A 37 8.96 -4.82 -1.23
CA ASN A 37 9.92 -4.84 -0.11
C ASN A 37 9.28 -5.28 1.23
N SER A 38 7.99 -5.61 1.23
CA SER A 38 7.19 -5.91 2.43
C SER A 38 7.24 -7.39 2.81
N GLU A 39 6.76 -7.70 4.02
CA GLU A 39 6.50 -9.06 4.50
C GLU A 39 5.11 -9.13 5.17
N HIS A 40 4.06 -9.23 4.35
CA HIS A 40 2.66 -9.35 4.77
C HIS A 40 1.89 -10.34 3.86
N PRO A 41 0.84 -11.01 4.35
CA PRO A 41 0.19 -12.12 3.64
C PRO A 41 -0.72 -11.70 2.48
N LEU A 42 -1.41 -10.57 2.62
CA LEU A 42 -2.53 -10.15 1.77
C LEU A 42 -2.11 -9.26 0.61
N GLY A 43 -1.20 -8.32 0.85
CA GLY A 43 -0.71 -7.38 -0.16
C GLY A 43 0.31 -7.98 -1.15
N THR A 44 1.16 -8.89 -0.68
CA THR A 44 2.16 -9.57 -1.53
C THR A 44 1.52 -10.45 -2.62
N ALA A 45 0.23 -10.80 -2.49
CA ALA A 45 -0.53 -11.43 -3.56
C ALA A 45 -0.64 -10.51 -4.80
N ILE A 46 -0.78 -9.19 -4.59
CA ILE A 46 -0.72 -8.19 -5.66
C ILE A 46 0.72 -8.03 -6.16
N THR A 47 1.75 -8.18 -5.30
CA THR A 47 3.15 -8.25 -5.80
C THR A 47 3.32 -9.38 -6.81
N LYS A 48 2.83 -10.60 -6.57
CA LYS A 48 2.88 -11.70 -7.55
C LYS A 48 2.09 -11.40 -8.82
N TYR A 49 0.87 -10.88 -8.69
CA TYR A 49 -0.01 -10.51 -9.82
C TYR A 49 0.68 -9.49 -10.75
N CYS A 50 1.37 -8.51 -10.16
CA CYS A 50 2.20 -7.52 -10.84
C CYS A 50 3.48 -8.12 -11.42
N LYS A 51 4.29 -8.84 -10.63
CA LYS A 51 5.53 -9.53 -11.05
C LYS A 51 5.31 -10.37 -12.32
N GLN A 52 4.24 -11.15 -12.37
CA GLN A 52 3.89 -11.99 -13.51
C GLN A 52 3.37 -11.18 -14.72
N GLU A 53 2.72 -10.03 -14.52
CA GLU A 53 2.39 -9.09 -15.61
C GLU A 53 3.64 -8.36 -16.16
N LEU A 54 4.56 -7.93 -15.31
CA LEU A 54 5.80 -7.23 -15.69
C LEU A 54 6.89 -8.14 -16.29
N ASP A 55 6.99 -9.39 -15.83
CA ASP A 55 8.05 -10.37 -16.15
C ASP A 55 9.48 -9.82 -15.97
N THR A 56 9.73 -9.08 -14.87
CA THR A 56 11.00 -8.35 -14.63
C THR A 56 11.78 -8.78 -13.37
N GLU A 57 11.11 -9.40 -12.38
CA GLU A 57 11.59 -9.72 -11.01
C GLU A 57 12.08 -8.55 -10.12
N THR A 58 12.54 -7.44 -10.71
CA THR A 58 13.22 -6.30 -10.05
C THR A 58 12.28 -5.14 -9.70
N LEU A 59 10.99 -5.42 -9.58
CA LEU A 59 9.91 -4.43 -9.46
C LEU A 59 9.96 -3.62 -8.15
N GLY A 60 9.55 -2.35 -8.19
CA GLY A 60 9.71 -1.41 -7.09
C GLY A 60 11.17 -1.05 -6.77
N THR A 61 11.35 -0.30 -5.68
CA THR A 61 12.67 0.08 -5.13
C THR A 61 12.56 0.51 -3.68
N CYS A 62 11.64 1.43 -3.34
CA CYS A 62 11.47 1.97 -1.99
C CYS A 62 10.00 2.12 -1.58
N ILE A 63 9.72 1.84 -0.30
CA ILE A 63 8.52 2.06 0.51
C ILE A 63 8.94 2.39 1.96
N ASP A 64 8.08 3.08 2.71
CA ASP A 64 8.41 3.65 4.04
C ASP A 64 7.69 2.99 5.24
N PHE A 65 6.56 2.31 4.99
CA PHE A 65 5.77 1.47 5.90
C PHE A 65 5.17 2.16 7.14
N GLN A 66 3.85 2.38 7.08
CA GLN A 66 2.97 2.78 8.17
C GLN A 66 1.89 1.70 8.33
N VAL A 67 1.97 0.89 9.39
CA VAL A 67 1.12 -0.30 9.58
C VAL A 67 -0.06 -0.02 10.49
N VAL A 68 -1.20 -0.65 10.20
CA VAL A 68 -2.42 -0.62 11.02
C VAL A 68 -2.96 -2.08 11.06
N PRO A 69 -2.46 -2.92 11.98
CA PRO A 69 -2.67 -4.37 11.99
C PRO A 69 -4.14 -4.81 11.91
N GLY A 70 -4.43 -5.79 11.05
CA GLY A 70 -5.79 -6.27 10.81
C GLY A 70 -6.73 -5.24 10.16
N CYS A 71 -6.22 -4.11 9.70
CA CYS A 71 -7.02 -3.00 9.13
C CYS A 71 -6.51 -2.58 7.75
N GLY A 72 -5.21 -2.35 7.59
CA GLY A 72 -4.61 -1.89 6.33
C GLY A 72 -3.12 -1.54 6.44
N ILE A 73 -2.58 -0.93 5.38
CA ILE A 73 -1.24 -0.31 5.37
C ILE A 73 -1.22 0.98 4.54
N SER A 74 -0.24 1.85 4.80
CA SER A 74 0.11 3.00 3.95
C SER A 74 1.62 3.18 3.83
N CYS A 75 2.08 3.76 2.73
CA CYS A 75 3.51 3.99 2.45
C CYS A 75 3.73 5.01 1.31
N LYS A 76 4.97 5.49 1.15
CA LYS A 76 5.41 6.34 0.03
C LYS A 76 6.33 5.54 -0.87
N VAL A 77 6.00 5.41 -2.16
CA VAL A 77 6.73 4.55 -3.10
C VAL A 77 7.59 5.38 -4.04
N THR A 78 8.75 4.84 -4.42
CA THR A 78 9.55 5.34 -5.55
C THR A 78 10.27 4.22 -6.32
N ASN A 79 10.61 4.63 -7.54
CA ASN A 79 11.56 4.06 -8.49
C ASN A 79 11.80 5.08 -9.62
N ILE A 80 10.75 5.85 -9.95
CA ILE A 80 10.69 6.91 -10.97
C ILE A 80 11.75 8.02 -10.82
N GLU A 81 11.77 8.79 -9.72
CA GLU A 81 12.76 9.88 -9.56
C GLU A 81 13.02 10.30 -8.09
N GLY A 82 12.88 9.38 -7.15
CA GLY A 82 13.18 9.58 -5.72
C GLY A 82 14.69 9.70 -5.40
N LEU A 83 15.56 9.46 -6.40
CA LEU A 83 17.03 9.57 -6.37
C LEU A 83 17.61 10.97 -6.01
N LEU A 84 16.72 11.94 -5.77
CA LEU A 84 17.03 13.27 -5.23
C LEU A 84 17.41 13.22 -3.74
N HIS A 85 16.90 12.24 -2.98
CA HIS A 85 17.11 12.08 -1.54
C HIS A 85 16.81 13.38 -0.77
N LYS A 86 17.78 13.88 -0.01
CA LYS A 86 17.75 15.14 0.75
C LYS A 86 18.99 15.96 0.39
N ASN A 87 18.95 17.28 0.57
CA ASN A 87 20.04 18.15 0.10
C ASN A 87 21.30 18.11 0.99
N ASN A 88 21.18 17.63 2.23
CA ASN A 88 22.25 17.57 3.25
C ASN A 88 22.77 18.95 3.69
N TRP A 89 23.50 18.98 4.80
CA TRP A 89 24.14 20.16 5.39
C TRP A 89 25.59 19.86 5.79
N ASN A 90 25.77 18.96 6.76
CA ASN A 90 27.06 18.70 7.44
C ASN A 90 27.33 17.22 7.83
N ILE A 91 26.32 16.37 7.68
CA ILE A 91 26.34 14.94 8.01
C ILE A 91 26.97 14.16 6.84
N GLU A 92 27.74 13.10 7.09
CA GLU A 92 28.20 12.20 6.00
C GLU A 92 27.12 11.19 5.57
N ASP A 93 26.17 10.88 6.44
CA ASP A 93 25.00 10.04 6.17
C ASP A 93 23.72 10.83 6.41
N ASN A 94 22.99 11.19 5.35
CA ASN A 94 21.81 12.00 5.41
C ASN A 94 20.61 11.34 4.70
N ASN A 95 19.57 11.02 5.46
CA ASN A 95 18.33 10.40 5.00
C ASN A 95 17.08 11.10 5.55
N ILE A 96 16.00 11.13 4.75
CA ILE A 96 14.73 11.79 5.09
C ILE A 96 13.95 11.18 6.26
N LYS A 97 14.21 9.91 6.65
CA LYS A 97 13.57 9.26 7.82
C LYS A 97 14.59 8.68 8.82
N ASN A 98 14.23 8.69 10.10
CA ASN A 98 15.07 8.25 11.24
C ASN A 98 15.08 6.72 11.49
N ALA A 99 14.36 5.96 10.65
CA ALA A 99 14.27 4.49 10.68
C ALA A 99 13.76 3.86 11.97
N SER A 100 12.75 4.51 12.54
CA SER A 100 11.91 3.99 13.62
C SER A 100 11.13 2.75 13.18
N LEU A 101 10.83 1.85 14.11
CA LEU A 101 10.22 0.53 13.85
C LEU A 101 9.40 0.02 15.05
N VAL A 102 8.41 -0.84 14.77
CA VAL A 102 7.44 -1.36 15.76
C VAL A 102 7.33 -2.88 15.71
N GLN A 103 7.01 -3.49 16.86
CA GLN A 103 6.84 -4.93 17.06
C GLN A 103 5.39 -5.18 17.50
N ILE A 104 4.47 -4.83 16.60
CA ILE A 104 3.03 -4.65 16.84
C ILE A 104 2.15 -5.83 16.39
N ASP A 105 1.10 -6.14 17.16
CA ASP A 105 0.01 -7.06 16.81
C ASP A 105 -1.28 -6.75 17.60
N ALA A 106 -2.44 -6.80 16.92
CA ALA A 106 -3.77 -6.46 17.46
C ALA A 106 -3.87 -5.09 18.19
N SER A 107 -3.03 -4.13 17.79
CA SER A 107 -2.94 -2.81 18.42
C SER A 107 -2.52 -1.72 17.42
N ASN A 108 -2.76 -0.45 17.73
CA ASN A 108 -2.63 0.69 16.80
C ASN A 108 -3.52 0.52 15.54
N GLU A 109 -4.83 0.55 15.74
CA GLU A 109 -5.85 0.23 14.74
C GLU A 109 -6.46 1.45 14.02
N GLN A 110 -5.97 2.69 14.26
CA GLN A 110 -6.57 3.94 13.73
C GLN A 110 -5.61 4.99 13.12
N SER A 111 -4.30 5.02 13.40
CA SER A 111 -3.43 6.16 12.99
C SER A 111 -1.92 5.87 12.90
N SER A 112 -1.16 6.56 12.03
CA SER A 112 0.33 6.53 12.03
C SER A 112 1.01 7.56 12.95
N THR A 113 0.26 8.15 13.89
CA THR A 113 0.76 9.21 14.77
C THR A 113 1.99 8.84 15.64
N SER A 114 2.37 7.56 15.74
CA SER A 114 3.63 7.15 16.39
C SER A 114 4.82 7.21 15.42
N SER A 115 5.91 7.86 15.85
CA SER A 115 7.09 8.17 15.02
C SER A 115 6.74 8.85 13.68
N SER A 116 5.82 9.82 13.71
CA SER A 116 5.33 10.56 12.53
C SER A 116 6.32 11.66 12.09
N MET A 117 6.79 12.46 13.05
CA MET A 117 7.86 13.48 12.92
C MET A 117 7.66 14.51 11.79
N ILE A 118 8.65 15.37 11.58
CA ILE A 118 8.62 16.54 10.68
C ILE A 118 8.72 16.21 9.17
N ILE A 119 8.40 14.97 8.78
CA ILE A 119 8.57 14.48 7.39
C ILE A 119 7.47 14.97 6.44
N ASP A 120 6.25 15.20 6.93
CA ASP A 120 5.10 15.55 6.06
C ASP A 120 5.11 17.01 5.56
N ALA A 121 6.04 17.84 6.03
CA ALA A 121 6.34 19.17 5.47
C ALA A 121 7.37 19.12 4.31
N GLN A 122 7.95 17.94 4.04
CA GLN A 122 9.06 17.73 3.10
C GLN A 122 8.63 17.01 1.82
N ILE A 123 7.46 16.38 1.85
CA ILE A 123 6.79 15.70 0.73
C ILE A 123 6.59 16.65 -0.46
N SER A 124 6.45 17.95 -0.22
CA SER A 124 6.28 18.98 -1.25
C SER A 124 7.44 19.09 -2.25
N ASN A 125 8.59 18.44 -1.98
CA ASN A 125 9.67 18.28 -2.97
C ASN A 125 9.35 17.22 -4.05
N ALA A 126 8.28 16.43 -3.91
CA ALA A 126 7.89 15.36 -4.83
C ALA A 126 7.59 15.83 -6.27
N LEU A 127 7.42 17.14 -6.47
CA LEU A 127 7.38 17.77 -7.80
C LEU A 127 8.67 17.45 -8.59
N ASN A 128 9.83 17.46 -7.93
CA ASN A 128 11.14 17.07 -8.48
C ASN A 128 11.54 15.63 -8.07
N ALA A 129 11.35 15.27 -6.79
CA ALA A 129 11.67 13.97 -6.20
C ALA A 129 10.51 12.96 -6.36
N GLN A 130 10.18 12.63 -7.60
CA GLN A 130 8.94 11.91 -7.97
C GLN A 130 8.65 10.65 -7.14
N GLN A 131 7.42 10.58 -6.63
CA GLN A 131 6.93 9.54 -5.71
C GLN A 131 5.40 9.43 -5.70
N TYR A 132 4.90 8.29 -5.18
CA TYR A 132 3.48 7.96 -5.07
C TYR A 132 3.09 7.68 -3.61
N LYS A 133 2.05 8.35 -3.09
CA LYS A 133 1.45 8.04 -1.77
C LYS A 133 0.38 6.96 -1.94
N VAL A 134 0.45 5.86 -1.19
CA VAL A 134 -0.51 4.74 -1.34
C VAL A 134 -1.06 4.20 -0.02
N LEU A 135 -2.27 3.65 -0.05
CA LEU A 135 -2.88 2.88 1.03
C LEU A 135 -3.93 1.86 0.54
N ILE A 136 -4.11 0.78 1.29
CA ILE A 136 -5.02 -0.34 0.99
C ILE A 136 -5.56 -0.97 2.29
N GLY A 137 -6.85 -1.31 2.33
CA GLY A 137 -7.44 -2.04 3.45
C GLY A 137 -8.95 -1.83 3.67
N ASN A 138 -9.33 -1.78 4.95
CA ASN A 138 -10.69 -1.63 5.48
C ASN A 138 -11.45 -0.38 4.96
N ARG A 139 -12.78 -0.41 5.10
CA ARG A 139 -13.70 0.66 4.65
C ARG A 139 -13.61 1.94 5.47
N GLU A 140 -13.17 1.89 6.73
CA GLU A 140 -13.09 3.08 7.60
C GLU A 140 -11.89 4.00 7.27
N TRP A 141 -10.74 3.48 6.82
CA TRP A 141 -9.63 4.33 6.36
C TRP A 141 -10.00 5.17 5.12
N MET A 142 -11.02 4.76 4.35
CA MET A 142 -11.58 5.58 3.26
C MET A 142 -12.21 6.89 3.81
N ILE A 143 -12.80 6.84 5.02
CA ILE A 143 -13.23 7.99 5.81
C ILE A 143 -12.00 8.79 6.27
N ARG A 144 -11.15 8.18 7.11
CA ARG A 144 -9.98 8.82 7.75
C ARG A 144 -9.03 9.53 6.77
N ASN A 145 -8.90 9.04 5.53
CA ASN A 145 -8.13 9.69 4.44
C ASN A 145 -8.92 10.80 3.67
N GLY A 146 -10.12 11.14 4.12
CA GLY A 146 -10.96 12.23 3.57
C GLY A 146 -11.53 11.96 2.18
N LEU A 147 -11.77 10.70 1.83
CA LEU A 147 -12.33 10.27 0.53
C LEU A 147 -13.85 10.07 0.67
N VAL A 148 -14.58 10.08 -0.45
CA VAL A 148 -16.03 9.78 -0.48
C VAL A 148 -16.28 8.44 -1.17
N ILE A 149 -16.98 7.53 -0.48
CA ILE A 149 -17.50 6.28 -1.06
C ILE A 149 -18.97 6.44 -1.49
N ASN A 150 -19.37 5.71 -2.54
CA ASN A 150 -20.66 5.87 -3.23
C ASN A 150 -21.45 4.56 -3.25
N ASN A 151 -22.78 4.63 -3.34
CA ASN A 151 -23.69 3.48 -3.16
C ASN A 151 -23.43 2.29 -4.09
N ASP A 152 -22.95 2.52 -5.31
CA ASP A 152 -22.68 1.49 -6.32
C ASP A 152 -21.55 0.55 -5.86
N VAL A 153 -20.41 1.14 -5.49
CA VAL A 153 -19.23 0.44 -4.98
C VAL A 153 -19.45 -0.05 -3.56
N ASN A 154 -20.19 0.68 -2.72
CA ASN A 154 -20.60 0.24 -1.39
C ASN A 154 -21.46 -1.04 -1.45
N ASP A 155 -22.41 -1.13 -2.40
CA ASP A 155 -23.24 -2.33 -2.55
C ASP A 155 -22.43 -3.57 -2.95
N PHE A 156 -21.50 -3.46 -3.90
CA PHE A 156 -20.57 -4.55 -4.28
C PHE A 156 -19.59 -4.90 -3.14
N MET A 157 -19.13 -3.91 -2.36
CA MET A 157 -18.29 -4.12 -1.18
C MET A 157 -19.00 -4.94 -0.09
N THR A 158 -20.19 -4.50 0.35
CA THR A 158 -20.98 -5.24 1.35
C THR A 158 -21.51 -6.57 0.80
N GLU A 159 -21.86 -6.66 -0.49
CA GLU A 159 -22.26 -7.91 -1.17
C GLU A 159 -21.21 -9.01 -1.01
N HIS A 160 -19.93 -8.67 -1.21
CA HIS A 160 -18.80 -9.58 -0.99
C HIS A 160 -18.53 -9.88 0.49
N GLU A 161 -18.64 -8.88 1.37
CA GLU A 161 -18.57 -9.14 2.81
C GLU A 161 -19.69 -10.11 3.27
N ARG A 162 -20.90 -9.96 2.72
CA ARG A 162 -22.10 -10.79 2.94
C ARG A 162 -22.00 -12.20 2.33
N LYS A 163 -21.10 -12.46 1.37
CA LYS A 163 -20.74 -13.83 0.92
C LYS A 163 -19.90 -14.57 1.98
N GLY A 164 -19.25 -13.82 2.86
CA GLY A 164 -18.38 -14.29 3.95
C GLY A 164 -16.90 -14.40 3.58
N ARG A 165 -16.47 -13.71 2.51
CA ARG A 165 -15.08 -13.66 2.03
C ARG A 165 -14.45 -12.29 2.35
N THR A 166 -13.36 -11.89 1.70
CA THR A 166 -12.64 -10.63 2.03
C THR A 166 -12.84 -9.54 0.97
N ALA A 167 -13.18 -8.33 1.40
CA ALA A 167 -13.47 -7.16 0.57
C ALA A 167 -12.71 -5.91 1.06
N VAL A 168 -11.82 -5.34 0.23
CA VAL A 168 -10.95 -4.19 0.58
C VAL A 168 -10.85 -3.15 -0.54
N LEU A 169 -10.53 -1.90 -0.18
CA LEU A 169 -10.39 -0.76 -1.11
C LEU A 169 -8.94 -0.24 -1.18
N VAL A 170 -8.62 0.47 -2.26
CA VAL A 170 -7.29 1.04 -2.56
C VAL A 170 -7.41 2.54 -2.87
N ALA A 171 -6.68 3.37 -2.12
CA ALA A 171 -6.64 4.82 -2.29
C ALA A 171 -5.18 5.30 -2.48
N VAL A 172 -4.95 6.35 -3.27
CA VAL A 172 -3.60 6.82 -3.66
C VAL A 172 -3.56 8.34 -3.88
N ASP A 173 -2.53 9.01 -3.35
CA ASP A 173 -2.36 10.47 -3.35
C ASP A 173 -3.70 11.22 -3.07
N ASP A 174 -4.37 10.79 -2.00
CA ASP A 174 -5.70 11.21 -1.50
C ASP A 174 -6.86 11.15 -2.51
N GLU A 175 -6.86 10.13 -3.39
CA GLU A 175 -7.95 9.79 -4.31
C GLU A 175 -8.27 8.28 -4.25
N LEU A 176 -9.55 7.89 -4.26
CA LEU A 176 -9.92 6.47 -4.43
C LEU A 176 -9.60 6.00 -5.85
N CYS A 177 -8.99 4.83 -6.01
CA CYS A 177 -8.65 4.29 -7.33
C CYS A 177 -9.38 2.99 -7.66
N GLY A 178 -9.57 2.07 -6.70
CA GLY A 178 -10.27 0.80 -6.95
C GLY A 178 -10.51 -0.06 -5.72
N LEU A 179 -10.99 -1.29 -5.95
CA LEU A 179 -11.31 -2.30 -4.94
C LEU A 179 -10.94 -3.73 -5.37
N ILE A 180 -10.69 -4.58 -4.37
CA ILE A 180 -10.18 -5.95 -4.53
C ILE A 180 -11.08 -6.94 -3.76
N ALA A 181 -11.44 -8.04 -4.41
CA ALA A 181 -12.16 -9.16 -3.83
C ALA A 181 -11.24 -10.38 -3.66
N ILE A 182 -11.26 -11.00 -2.48
CA ILE A 182 -10.35 -12.05 -2.03
C ILE A 182 -11.14 -13.19 -1.35
N ALA A 183 -10.57 -14.40 -1.40
CA ALA A 183 -11.02 -15.61 -0.69
C ALA A 183 -9.92 -16.16 0.24
N ASP A 184 -10.14 -17.31 0.87
CA ASP A 184 -9.18 -17.99 1.76
C ASP A 184 -8.81 -19.38 1.21
N THR A 185 -7.54 -19.80 1.26
CA THR A 185 -7.06 -21.02 0.55
C THR A 185 -7.62 -22.33 1.12
N SER A 1 8.34 -14.20 2.05
CA SER A 1 8.65 -15.56 1.59
C SER A 1 7.69 -16.60 2.16
N PHE A 2 7.59 -16.69 3.50
CA PHE A 2 6.64 -17.56 4.20
C PHE A 2 5.17 -17.08 4.03
N THR A 3 4.19 -17.94 4.34
CA THR A 3 2.77 -17.74 4.04
C THR A 3 1.87 -17.96 5.27
N MET A 4 0.78 -17.19 5.36
CA MET A 4 -0.22 -17.27 6.44
C MET A 4 -1.02 -18.60 6.43
N HIS A 5 -1.67 -18.96 7.54
CA HIS A 5 -2.49 -20.18 7.69
C HIS A 5 -3.57 -20.31 6.61
N GLY A 6 -4.34 -19.24 6.40
CA GLY A 6 -5.26 -19.09 5.27
C GLY A 6 -4.57 -18.38 4.11
N THR A 7 -4.17 -19.12 3.07
CA THR A 7 -3.38 -18.56 1.95
C THR A 7 -4.18 -17.51 1.19
N PRO A 8 -3.66 -16.30 0.99
CA PRO A 8 -4.34 -15.26 0.20
C PRO A 8 -4.23 -15.53 -1.30
N VAL A 9 -5.34 -15.38 -2.02
CA VAL A 9 -5.36 -15.40 -3.49
C VAL A 9 -6.24 -14.28 -4.02
N VAL A 10 -5.74 -13.51 -5.00
CA VAL A 10 -6.51 -12.39 -5.59
C VAL A 10 -7.70 -12.93 -6.39
N ASN A 11 -8.89 -12.48 -6.02
CA ASN A 11 -10.16 -13.01 -6.49
C ASN A 11 -10.82 -12.10 -7.54
N GLN A 12 -10.74 -10.77 -7.37
CA GLN A 12 -11.24 -9.79 -8.34
C GLN A 12 -10.54 -8.42 -8.18
N VAL A 13 -10.33 -7.66 -9.26
CA VAL A 13 -9.86 -6.25 -9.22
C VAL A 13 -10.69 -5.32 -10.12
N LYS A 14 -11.12 -4.17 -9.58
CA LYS A 14 -12.01 -3.21 -10.26
C LYS A 14 -11.56 -1.75 -10.10
N VAL A 15 -11.76 -0.93 -11.14
CA VAL A 15 -11.56 0.53 -11.11
C VAL A 15 -12.75 1.22 -10.45
N LEU A 16 -12.49 2.34 -9.75
CA LEU A 16 -13.49 3.26 -9.18
C LEU A 16 -13.34 4.69 -9.70
N THR A 17 -12.14 5.07 -10.15
CA THR A 17 -11.84 6.35 -10.83
C THR A 17 -11.13 6.08 -12.14
N GLU A 18 -11.81 6.26 -13.29
CA GLU A 18 -11.24 6.06 -14.64
C GLU A 18 -10.88 7.40 -15.30
N SER A 19 -9.65 7.51 -15.83
CA SER A 19 -9.13 8.67 -16.58
C SER A 19 -9.29 10.04 -15.89
N ASN A 20 -9.24 10.05 -14.54
CA ASN A 20 -9.33 11.24 -13.70
C ASN A 20 -8.34 11.24 -12.52
N ARG A 21 -7.44 10.26 -12.42
CA ARG A 21 -6.33 10.19 -11.44
C ARG A 21 -5.18 9.34 -11.98
N ILE A 22 -5.32 8.01 -11.90
CA ILE A 22 -4.37 6.97 -12.33
C ILE A 22 -5.15 5.88 -13.10
N SER A 23 -4.54 5.25 -14.10
CA SER A 23 -5.17 4.28 -15.03
C SER A 23 -4.93 2.81 -14.65
N HIS A 24 -5.82 1.91 -15.06
CA HIS A 24 -5.94 0.51 -14.62
C HIS A 24 -4.63 -0.32 -14.50
N HIS A 25 -3.75 -0.34 -15.51
CA HIS A 25 -2.50 -1.11 -15.41
C HIS A 25 -1.47 -0.40 -14.51
N LYS A 26 -1.53 0.93 -14.40
CA LYS A 26 -0.71 1.69 -13.43
C LYS A 26 -1.13 1.35 -12.00
N ILE A 27 -2.43 1.18 -11.73
CA ILE A 27 -2.95 0.74 -10.42
C ILE A 27 -2.38 -0.64 -10.02
N LEU A 28 -2.45 -1.65 -10.90
CA LEU A 28 -1.93 -3.00 -10.57
C LEU A 28 -0.41 -3.00 -10.40
N ALA A 29 0.31 -2.14 -11.14
CA ALA A 29 1.75 -1.96 -10.98
C ALA A 29 2.11 -1.36 -9.61
N ILE A 30 1.51 -0.24 -9.18
CA ILE A 30 1.87 0.41 -7.90
C ILE A 30 1.44 -0.41 -6.67
N VAL A 31 0.30 -1.11 -6.73
CA VAL A 31 -0.13 -2.00 -5.62
C VAL A 31 0.76 -3.24 -5.53
N GLY A 32 1.06 -3.89 -6.66
CA GLY A 32 1.91 -5.09 -6.68
C GLY A 32 3.36 -4.80 -6.28
N THR A 33 3.89 -3.63 -6.66
CA THR A 33 5.25 -3.20 -6.27
C THR A 33 5.36 -2.79 -4.81
N ALA A 34 4.33 -2.17 -4.23
CA ALA A 34 4.33 -1.79 -2.81
C ALA A 34 4.56 -2.99 -1.87
N GLU A 35 3.78 -4.08 -2.02
CA GLU A 35 4.01 -5.31 -1.28
C GLU A 35 5.25 -6.11 -1.75
N SER A 36 5.84 -5.82 -2.91
CA SER A 36 7.13 -6.41 -3.29
C SER A 36 8.28 -5.96 -2.36
N ASN A 37 8.10 -4.84 -1.66
CA ASN A 37 9.09 -4.20 -0.80
C ASN A 37 8.58 -4.02 0.67
N SER A 38 7.51 -4.75 1.02
CA SER A 38 6.92 -4.83 2.35
C SER A 38 6.78 -6.31 2.79
N GLU A 39 6.19 -6.55 3.96
CA GLU A 39 6.13 -7.86 4.61
C GLU A 39 4.78 -8.09 5.34
N HIS A 40 3.65 -7.79 4.69
CA HIS A 40 2.30 -8.05 5.22
C HIS A 40 1.76 -9.43 4.77
N PRO A 41 0.68 -9.94 5.42
CA PRO A 41 0.22 -11.33 5.24
C PRO A 41 -0.66 -11.57 4.00
N LEU A 42 -1.31 -10.54 3.45
CA LEU A 42 -2.35 -10.67 2.41
C LEU A 42 -1.91 -10.09 1.05
N GLY A 43 -1.38 -8.86 1.08
CA GLY A 43 -1.11 -8.07 -0.13
C GLY A 43 -0.02 -8.64 -1.05
N THR A 44 0.88 -9.50 -0.55
CA THR A 44 1.88 -10.21 -1.36
C THR A 44 1.27 -11.17 -2.41
N ALA A 45 -0.01 -11.54 -2.28
CA ALA A 45 -0.75 -12.23 -3.34
C ALA A 45 -0.93 -11.35 -4.59
N ILE A 46 -1.09 -10.04 -4.40
CA ILE A 46 -1.16 -9.02 -5.46
C ILE A 46 0.23 -8.80 -6.07
N THR A 47 1.30 -8.80 -5.26
CA THR A 47 2.69 -8.82 -5.76
C THR A 47 2.93 -9.97 -6.74
N LYS A 48 2.51 -11.19 -6.41
CA LYS A 48 2.60 -12.35 -7.32
C LYS A 48 1.80 -12.14 -8.61
N TYR A 49 0.53 -11.74 -8.50
CA TYR A 49 -0.34 -11.49 -9.66
C TYR A 49 0.27 -10.44 -10.61
N CYS A 50 0.84 -9.38 -10.05
CA CYS A 50 1.55 -8.32 -10.77
C CYS A 50 2.86 -8.82 -11.39
N LYS A 51 3.80 -9.40 -10.63
CA LYS A 51 5.08 -9.95 -11.13
C LYS A 51 4.82 -10.91 -12.30
N GLN A 52 3.84 -11.80 -12.17
CA GLN A 52 3.46 -12.77 -13.19
C GLN A 52 2.76 -12.12 -14.42
N GLU A 53 1.99 -11.04 -14.24
CA GLU A 53 1.42 -10.23 -15.34
C GLU A 53 2.46 -9.39 -16.11
N LEU A 54 3.40 -8.77 -15.39
CA LEU A 54 4.55 -8.04 -15.97
C LEU A 54 5.60 -9.00 -16.56
N ASP A 55 5.51 -10.29 -16.19
CA ASP A 55 6.49 -11.36 -16.41
C ASP A 55 7.92 -10.90 -16.10
N THR A 56 8.11 -10.24 -14.96
CA THR A 56 9.39 -9.59 -14.61
C THR A 56 9.61 -9.58 -13.10
N GLU A 57 10.86 -9.77 -12.67
CA GLU A 57 11.23 -9.87 -11.25
C GLU A 57 11.80 -8.55 -10.69
N THR A 58 11.87 -7.52 -11.52
CA THR A 58 12.58 -6.24 -11.27
C THR A 58 11.67 -5.08 -10.87
N LEU A 59 10.40 -5.36 -10.60
CA LEU A 59 9.39 -4.39 -10.16
C LEU A 59 9.67 -3.85 -8.73
N GLY A 60 9.27 -2.60 -8.45
CA GLY A 60 9.37 -1.95 -7.12
C GLY A 60 10.78 -1.51 -6.69
N THR A 61 10.89 -0.71 -5.62
CA THR A 61 12.16 -0.17 -5.09
C THR A 61 12.06 0.30 -3.63
N CYS A 62 11.07 1.13 -3.28
CA CYS A 62 10.98 1.86 -2.00
C CYS A 62 9.56 1.85 -1.35
N ILE A 63 9.51 1.76 -0.01
CA ILE A 63 8.36 1.81 0.90
C ILE A 63 8.72 2.65 2.14
N ASP A 64 7.71 3.32 2.71
CA ASP A 64 7.76 3.96 4.04
C ASP A 64 6.48 3.53 4.78
N PHE A 65 6.58 2.52 5.63
CA PHE A 65 5.45 1.77 6.24
C PHE A 65 4.69 2.54 7.34
N GLN A 66 3.37 2.70 7.21
CA GLN A 66 2.45 3.27 8.21
C GLN A 66 1.22 2.35 8.33
N VAL A 67 0.89 1.83 9.52
CA VAL A 67 -0.07 0.72 9.67
C VAL A 67 -1.19 0.93 10.69
N VAL A 68 -2.36 0.33 10.43
CA VAL A 68 -3.47 0.20 11.38
C VAL A 68 -3.88 -1.28 11.42
N PRO A 69 -3.49 -2.02 12.47
CA PRO A 69 -3.65 -3.47 12.52
C PRO A 69 -5.10 -3.95 12.35
N GLY A 70 -5.30 -4.96 11.50
CA GLY A 70 -6.61 -5.53 11.16
C GLY A 70 -7.50 -4.63 10.29
N CYS A 71 -6.97 -3.55 9.72
CA CYS A 71 -7.76 -2.50 9.05
C CYS A 71 -7.13 -1.98 7.76
N GLY A 72 -5.81 -1.75 7.70
CA GLY A 72 -5.14 -1.29 6.49
C GLY A 72 -3.65 -0.96 6.63
N ILE A 73 -3.04 -0.49 5.53
CA ILE A 73 -1.68 0.07 5.48
C ILE A 73 -1.61 1.27 4.51
N SER A 74 -0.73 2.21 4.80
CA SER A 74 -0.41 3.41 4.00
C SER A 74 1.10 3.54 3.85
N CYS A 75 1.58 3.98 2.69
CA CYS A 75 3.02 4.09 2.44
C CYS A 75 3.38 5.15 1.40
N LYS A 76 4.67 5.51 1.34
CA LYS A 76 5.22 6.41 0.33
C LYS A 76 6.20 5.62 -0.53
N VAL A 77 5.97 5.57 -1.84
CA VAL A 77 6.71 4.68 -2.75
C VAL A 77 7.38 5.43 -3.88
N THR A 78 8.63 5.07 -4.19
CA THR A 78 9.30 5.50 -5.43
C THR A 78 9.77 4.30 -6.23
N ASN A 79 9.70 4.46 -7.55
CA ASN A 79 10.43 3.72 -8.57
C ASN A 79 10.40 4.56 -9.86
N ILE A 80 10.65 5.87 -9.70
CA ILE A 80 10.51 6.92 -10.70
C ILE A 80 11.66 7.95 -10.63
N GLU A 81 12.18 8.24 -9.43
CA GLU A 81 13.41 9.03 -9.25
C GLU A 81 14.24 8.53 -8.04
N GLY A 82 14.27 7.21 -7.84
CA GLY A 82 15.05 6.53 -6.79
C GLY A 82 16.57 6.55 -6.98
N LEU A 83 17.05 7.19 -8.06
CA LEU A 83 18.46 7.45 -8.39
C LEU A 83 19.27 8.26 -7.35
N LEU A 84 18.62 8.76 -6.29
CA LEU A 84 19.20 9.72 -5.35
C LEU A 84 19.98 9.03 -4.20
N HIS A 85 19.25 8.30 -3.36
CA HIS A 85 19.69 7.65 -2.11
C HIS A 85 18.59 6.68 -1.64
N LYS A 86 18.92 5.63 -0.88
CA LYS A 86 17.96 4.66 -0.28
C LYS A 86 17.49 5.12 1.09
N ASN A 87 16.23 4.85 1.42
CA ASN A 87 15.63 5.07 2.76
C ASN A 87 15.80 3.89 3.74
N ASN A 88 16.83 3.06 3.58
CA ASN A 88 16.98 1.78 4.27
C ASN A 88 17.22 1.96 5.79
N TRP A 89 16.22 1.62 6.60
CA TRP A 89 16.21 1.73 8.06
C TRP A 89 15.23 0.77 8.71
N ASN A 90 14.02 0.66 8.18
CA ASN A 90 12.93 -0.14 8.77
C ASN A 90 13.17 -1.66 8.61
N ILE A 91 14.11 -2.04 7.75
CA ILE A 91 14.60 -3.41 7.51
C ILE A 91 15.74 -3.80 8.50
N GLU A 92 16.31 -2.79 9.13
CA GLU A 92 17.39 -2.73 10.14
C GLU A 92 18.74 -3.33 9.73
N ASP A 93 18.77 -4.49 9.08
CA ASP A 93 19.98 -5.03 8.45
C ASP A 93 19.74 -5.91 7.21
N ASN A 94 18.54 -6.49 6.98
CA ASN A 94 18.14 -7.29 5.82
C ASN A 94 18.94 -8.59 5.50
N ASN A 95 20.21 -8.70 5.89
CA ASN A 95 21.12 -9.81 5.59
C ASN A 95 21.06 -10.99 6.60
N ILE A 96 20.29 -10.84 7.68
CA ILE A 96 20.27 -11.75 8.84
C ILE A 96 19.46 -13.04 8.65
N LYS A 97 19.84 -14.09 9.39
CA LYS A 97 19.39 -15.49 9.25
C LYS A 97 18.30 -15.93 10.25
N ASN A 98 17.75 -15.03 11.05
CA ASN A 98 16.66 -15.30 12.00
C ASN A 98 15.25 -15.41 11.36
N ALA A 99 15.19 -15.40 10.01
CA ALA A 99 14.00 -15.45 9.16
C ALA A 99 12.98 -14.31 9.37
N SER A 100 11.95 -14.30 8.55
CA SER A 100 10.87 -13.29 8.53
C SER A 100 9.52 -13.98 8.30
N LEU A 101 8.68 -14.01 9.34
CA LEU A 101 7.39 -14.71 9.35
C LEU A 101 6.22 -13.71 9.36
N VAL A 102 5.05 -14.17 8.94
CA VAL A 102 3.77 -13.43 9.03
C VAL A 102 2.78 -14.15 9.96
N GLN A 103 2.03 -13.38 10.73
CA GLN A 103 1.11 -13.88 11.76
C GLN A 103 -0.11 -12.97 11.96
N ILE A 104 -1.15 -13.48 12.62
CA ILE A 104 -2.31 -12.69 13.05
C ILE A 104 -2.86 -13.13 14.42
N ASP A 105 -3.01 -12.18 15.33
CA ASP A 105 -3.73 -12.32 16.59
C ASP A 105 -4.16 -10.93 17.11
N ALA A 106 -5.47 -10.66 17.12
CA ALA A 106 -6.04 -9.38 17.54
C ALA A 106 -5.79 -9.08 19.04
N SER A 107 -5.53 -10.09 19.85
CA SER A 107 -5.29 -9.96 21.31
C SER A 107 -3.87 -9.54 21.71
N ASN A 108 -2.97 -9.40 20.74
CA ASN A 108 -1.54 -9.10 20.94
C ASN A 108 -1.06 -7.94 20.03
N GLU A 109 0.03 -7.26 20.39
CA GLU A 109 0.75 -6.29 19.55
C GLU A 109 2.08 -6.84 19.00
N GLN A 110 2.63 -7.91 19.61
CA GLN A 110 3.97 -8.50 19.42
C GLN A 110 5.13 -7.54 19.76
N SER A 111 5.19 -6.40 19.09
CA SER A 111 6.09 -5.25 19.24
C SER A 111 5.54 -4.12 18.37
N SER A 112 5.56 -2.86 18.80
CA SER A 112 5.05 -1.73 17.99
C SER A 112 5.96 -0.50 18.06
N THR A 113 5.93 0.36 17.03
CA THR A 113 6.87 1.49 16.90
C THR A 113 6.39 2.57 15.92
N SER A 114 6.71 3.83 16.21
CA SER A 114 6.56 4.98 15.31
C SER A 114 7.80 5.88 15.36
N SER A 115 8.23 6.42 14.22
CA SER A 115 9.53 7.08 14.04
C SER A 115 9.84 8.22 15.03
N SER A 116 10.95 8.10 15.76
CA SER A 116 11.49 9.10 16.69
C SER A 116 12.67 9.90 16.12
N MET A 117 13.21 9.51 14.96
CA MET A 117 14.16 10.34 14.19
C MET A 117 13.47 11.66 13.75
N ILE A 118 14.25 12.63 13.27
CA ILE A 118 13.74 13.94 12.77
C ILE A 118 13.02 13.83 11.42
N ILE A 119 11.89 13.12 11.41
CA ILE A 119 11.14 12.74 10.20
C ILE A 119 10.71 13.93 9.31
N ASP A 120 10.55 15.12 9.89
CA ASP A 120 10.20 16.34 9.16
C ASP A 120 11.37 16.98 8.40
N ALA A 121 12.61 16.69 8.81
CA ALA A 121 13.83 17.23 8.19
C ALA A 121 14.22 16.49 6.91
N GLN A 122 13.65 15.30 6.65
CA GLN A 122 14.00 14.42 5.53
C GLN A 122 12.91 14.28 4.46
N ILE A 123 11.75 14.91 4.65
CA ILE A 123 10.66 14.97 3.64
C ILE A 123 11.17 15.57 2.33
N SER A 124 11.97 16.63 2.43
CA SER A 124 12.54 17.34 1.28
C SER A 124 13.48 16.47 0.43
N ASN A 125 13.99 15.35 0.95
CA ASN A 125 14.77 14.40 0.16
C ASN A 125 13.87 13.52 -0.73
N ALA A 126 12.69 13.12 -0.24
CA ALA A 126 11.67 12.42 -1.04
C ALA A 126 10.96 13.38 -2.03
N LEU A 127 10.91 14.67 -1.75
CA LEU A 127 10.46 15.70 -2.72
C LEU A 127 11.36 15.72 -3.98
N ASN A 128 12.67 15.50 -3.80
CA ASN A 128 13.62 15.33 -4.90
C ASN A 128 13.51 13.91 -5.51
N ALA A 129 13.64 12.86 -4.70
CA ALA A 129 13.46 11.46 -5.10
C ALA A 129 11.97 11.07 -5.10
N GLN A 130 11.20 11.68 -6.01
CA GLN A 130 9.73 11.69 -6.10
C GLN A 130 8.99 10.43 -5.60
N GLN A 131 7.93 10.64 -4.83
CA GLN A 131 7.16 9.60 -4.17
C GLN A 131 5.65 9.76 -4.31
N TYR A 132 4.98 8.65 -4.62
CA TYR A 132 3.53 8.51 -4.60
C TYR A 132 3.07 8.06 -3.21
N LYS A 133 1.98 8.62 -2.68
CA LYS A 133 1.34 8.17 -1.43
C LYS A 133 0.24 7.16 -1.77
N VAL A 134 0.34 5.92 -1.27
CA VAL A 134 -0.62 4.85 -1.60
C VAL A 134 -1.09 4.08 -0.35
N LEU A 135 -2.38 3.76 -0.28
CA LEU A 135 -2.98 3.03 0.85
C LEU A 135 -4.10 2.07 0.42
N ILE A 136 -4.34 1.04 1.23
CA ILE A 136 -5.32 -0.04 1.00
C ILE A 136 -5.85 -0.57 2.34
N GLY A 137 -7.17 -0.86 2.42
CA GLY A 137 -7.82 -1.21 3.69
C GLY A 137 -9.34 -1.46 3.60
N ASN A 138 -9.93 -1.90 4.71
CA ASN A 138 -11.31 -2.41 4.80
C ASN A 138 -12.39 -1.42 4.33
N ARG A 139 -12.67 -0.33 5.07
CA ARG A 139 -13.72 0.65 4.74
C ARG A 139 -13.54 2.01 5.39
N GLU A 140 -13.77 2.18 6.70
CA GLU A 140 -13.84 3.52 7.29
C GLU A 140 -12.49 4.25 7.32
N TRP A 141 -11.35 3.55 7.44
CA TRP A 141 -10.04 4.19 7.35
C TRP A 141 -9.72 4.70 5.92
N MET A 142 -10.37 4.12 4.91
CA MET A 142 -10.36 4.60 3.53
C MET A 142 -11.18 5.89 3.40
N ILE A 143 -12.34 5.97 4.06
CA ILE A 143 -13.14 7.20 4.24
C ILE A 143 -12.27 8.29 4.91
N ARG A 144 -11.84 8.04 6.15
CA ARG A 144 -11.00 8.91 7.01
C ARG A 144 -9.70 9.45 6.39
N ASN A 145 -9.25 8.98 5.21
CA ASN A 145 -8.18 9.63 4.44
C ASN A 145 -8.69 10.93 3.74
N GLY A 146 -9.87 11.44 4.11
CA GLY A 146 -10.52 12.59 3.46
C GLY A 146 -11.07 12.28 2.06
N LEU A 147 -11.55 11.06 1.83
CA LEU A 147 -12.14 10.62 0.56
C LEU A 147 -13.69 10.57 0.65
N VAL A 148 -14.38 10.32 -0.47
CA VAL A 148 -15.85 10.15 -0.53
C VAL A 148 -16.19 8.74 -1.02
N ILE A 149 -17.19 8.09 -0.42
CA ILE A 149 -17.66 6.74 -0.80
C ILE A 149 -19.09 6.76 -1.37
N ASN A 150 -19.37 5.94 -2.40
CA ASN A 150 -20.70 5.75 -3.00
C ASN A 150 -21.36 4.42 -2.57
N ASN A 151 -22.69 4.34 -2.69
CA ASN A 151 -23.46 3.15 -2.29
C ASN A 151 -23.32 1.96 -3.25
N ASP A 152 -22.94 2.17 -4.52
CA ASP A 152 -22.86 1.10 -5.54
C ASP A 152 -21.63 0.21 -5.36
N VAL A 153 -20.47 0.80 -5.01
CA VAL A 153 -19.28 0.04 -4.62
C VAL A 153 -19.47 -0.63 -3.27
N ASN A 154 -20.15 0.02 -2.31
CA ASN A 154 -20.41 -0.56 -0.98
C ASN A 154 -21.30 -1.81 -1.04
N ASP A 155 -22.31 -1.83 -1.93
CA ASP A 155 -23.19 -2.99 -2.15
C ASP A 155 -22.41 -4.25 -2.56
N PHE A 156 -21.46 -4.13 -3.49
CA PHE A 156 -20.57 -5.22 -3.89
C PHE A 156 -19.53 -5.56 -2.81
N MET A 157 -18.94 -4.55 -2.18
CA MET A 157 -17.92 -4.70 -1.12
C MET A 157 -18.46 -5.55 0.04
N THR A 158 -19.67 -5.23 0.54
CA THR A 158 -20.31 -5.97 1.63
C THR A 158 -20.85 -7.32 1.17
N GLU A 159 -21.35 -7.46 -0.07
CA GLU A 159 -21.72 -8.76 -0.66
C GLU A 159 -20.54 -9.74 -0.69
N HIS A 160 -19.36 -9.26 -1.10
CA HIS A 160 -18.13 -10.02 -1.13
C HIS A 160 -17.66 -10.42 0.27
N GLU A 161 -17.65 -9.47 1.21
CA GLU A 161 -17.35 -9.74 2.62
C GLU A 161 -18.37 -10.70 3.25
N ARG A 162 -19.65 -10.64 2.86
CA ARG A 162 -20.72 -11.58 3.27
C ARG A 162 -20.57 -12.99 2.66
N LYS A 163 -19.74 -13.19 1.62
CA LYS A 163 -19.31 -14.55 1.21
C LYS A 163 -18.30 -15.16 2.19
N GLY A 164 -17.72 -14.33 3.06
CA GLY A 164 -16.64 -14.64 3.98
C GLY A 164 -15.25 -14.30 3.42
N ARG A 165 -15.17 -13.58 2.29
CA ARG A 165 -13.95 -13.35 1.52
C ARG A 165 -13.56 -11.86 1.51
N THR A 166 -12.30 -11.55 1.78
CA THR A 166 -11.80 -10.19 2.05
C THR A 166 -12.02 -9.19 0.91
N ALA A 167 -12.63 -8.04 1.23
CA ALA A 167 -12.88 -6.93 0.30
C ALA A 167 -12.33 -5.60 0.84
N VAL A 168 -11.56 -4.88 0.01
CA VAL A 168 -10.85 -3.64 0.35
C VAL A 168 -10.87 -2.58 -0.76
N LEU A 169 -10.74 -1.30 -0.41
CA LEU A 169 -10.57 -0.19 -1.35
C LEU A 169 -9.08 0.20 -1.46
N VAL A 170 -8.68 0.89 -2.55
CA VAL A 170 -7.33 1.41 -2.76
C VAL A 170 -7.32 2.89 -3.19
N ALA A 171 -6.60 3.71 -2.43
CA ALA A 171 -6.51 5.16 -2.58
C ALA A 171 -5.06 5.61 -2.84
N VAL A 172 -4.90 6.75 -3.53
CA VAL A 172 -3.64 7.24 -4.11
C VAL A 172 -3.57 8.77 -4.10
N ASP A 173 -2.57 9.33 -3.41
CA ASP A 173 -2.34 10.77 -3.21
C ASP A 173 -3.61 11.55 -2.79
N ASP A 174 -4.33 10.99 -1.82
CA ASP A 174 -5.59 11.46 -1.23
C ASP A 174 -6.81 11.52 -2.19
N GLU A 175 -6.82 10.68 -3.23
CA GLU A 175 -7.96 10.37 -4.11
C GLU A 175 -8.20 8.85 -4.17
N LEU A 176 -9.43 8.40 -4.44
CA LEU A 176 -9.69 6.98 -4.77
C LEU A 176 -9.23 6.61 -6.19
N CYS A 177 -8.80 5.36 -6.41
CA CYS A 177 -8.59 4.82 -7.76
C CYS A 177 -9.38 3.52 -8.04
N GLY A 178 -9.54 2.63 -7.05
CA GLY A 178 -10.18 1.34 -7.27
C GLY A 178 -10.47 0.53 -6.01
N LEU A 179 -10.78 -0.75 -6.21
CA LEU A 179 -11.02 -1.76 -5.18
C LEU A 179 -10.41 -3.11 -5.56
N ILE A 180 -10.08 -3.90 -4.54
CA ILE A 180 -9.43 -5.20 -4.65
C ILE A 180 -10.17 -6.21 -3.76
N ALA A 181 -10.33 -7.45 -4.23
CA ALA A 181 -11.00 -8.52 -3.51
C ALA A 181 -10.15 -9.80 -3.51
N ILE A 182 -9.99 -10.43 -2.34
CA ILE A 182 -9.15 -11.63 -2.09
C ILE A 182 -10.05 -12.80 -1.62
N ALA A 183 -9.58 -14.03 -1.82
CA ALA A 183 -10.15 -15.27 -1.29
C ALA A 183 -9.15 -16.05 -0.40
N ASP A 184 -9.61 -17.16 0.18
CA ASP A 184 -8.82 -18.07 1.02
C ASP A 184 -8.55 -19.41 0.28
N THR A 185 -7.31 -19.91 0.33
CA THR A 185 -6.92 -21.20 -0.31
C THR A 185 -5.92 -22.04 0.51
N SER A 1 8.31 -21.13 15.58
CA SER A 1 7.17 -21.42 16.46
C SER A 1 5.83 -21.40 15.73
N PHE A 2 5.47 -20.31 15.04
CA PHE A 2 4.23 -20.18 14.26
C PHE A 2 4.55 -19.97 12.76
N THR A 3 3.56 -20.18 11.88
CA THR A 3 3.77 -20.24 10.41
C THR A 3 2.63 -19.58 9.64
N MET A 4 2.95 -18.94 8.52
CA MET A 4 1.99 -18.39 7.56
C MET A 4 0.99 -19.46 7.08
N HIS A 5 -0.25 -19.40 7.55
CA HIS A 5 -1.34 -20.31 7.17
C HIS A 5 -2.54 -19.61 6.53
N GLY A 6 -2.89 -18.40 6.99
CA GLY A 6 -4.07 -17.65 6.51
C GLY A 6 -3.87 -16.95 5.15
N THR A 7 -3.82 -17.75 4.08
CA THR A 7 -3.60 -17.30 2.70
C THR A 7 -4.79 -16.53 2.11
N PRO A 8 -4.63 -15.25 1.76
CA PRO A 8 -5.67 -14.46 1.12
C PRO A 8 -5.67 -14.68 -0.40
N VAL A 9 -6.39 -15.72 -0.83
CA VAL A 9 -6.46 -16.15 -2.25
C VAL A 9 -7.16 -15.07 -3.11
N VAL A 10 -6.41 -14.39 -3.97
CA VAL A 10 -6.93 -13.28 -4.81
C VAL A 10 -7.86 -13.80 -5.91
N ASN A 11 -9.03 -13.17 -6.02
CA ASN A 11 -10.17 -13.66 -6.82
C ASN A 11 -10.71 -12.65 -7.87
N GLN A 12 -10.70 -11.35 -7.61
CA GLN A 12 -11.01 -10.32 -8.61
C GLN A 12 -10.36 -8.97 -8.28
N VAL A 13 -9.96 -8.21 -9.30
CA VAL A 13 -9.51 -6.82 -9.17
C VAL A 13 -10.27 -5.88 -10.12
N LYS A 14 -10.73 -4.73 -9.61
CA LYS A 14 -11.55 -3.75 -10.36
C LYS A 14 -11.10 -2.30 -10.13
N VAL A 15 -11.21 -1.48 -11.16
CA VAL A 15 -10.97 -0.03 -11.14
C VAL A 15 -12.27 0.73 -10.79
N LEU A 16 -12.15 1.71 -9.88
CA LEU A 16 -13.18 2.69 -9.53
C LEU A 16 -12.99 4.00 -10.32
N THR A 17 -11.74 4.43 -10.52
CA THR A 17 -11.37 5.69 -11.18
C THR A 17 -10.48 5.41 -12.39
N GLU A 18 -10.99 5.66 -13.60
CA GLU A 18 -10.37 5.25 -14.87
C GLU A 18 -9.81 6.44 -15.67
N SER A 19 -8.60 6.27 -16.21
CA SER A 19 -7.87 7.10 -17.20
C SER A 19 -7.59 8.58 -16.86
N ASN A 20 -8.61 9.38 -16.58
CA ASN A 20 -8.53 10.85 -16.51
C ASN A 20 -7.76 11.45 -15.32
N ARG A 21 -7.33 10.61 -14.37
CA ARG A 21 -6.37 10.95 -13.29
C ARG A 21 -5.38 9.84 -12.97
N ILE A 22 -5.71 8.58 -13.21
CA ILE A 22 -4.78 7.44 -13.13
C ILE A 22 -5.16 6.43 -14.22
N SER A 23 -4.18 5.79 -14.85
CA SER A 23 -4.40 4.74 -15.86
C SER A 23 -4.44 3.35 -15.22
N HIS A 24 -5.28 2.42 -15.71
CA HIS A 24 -5.55 1.15 -15.03
C HIS A 24 -4.31 0.27 -14.75
N HIS A 25 -3.38 0.18 -15.70
CA HIS A 25 -2.13 -0.57 -15.53
C HIS A 25 -1.14 0.16 -14.61
N LYS A 26 -1.19 1.51 -14.57
CA LYS A 26 -0.45 2.31 -13.58
C LYS A 26 -0.99 2.10 -12.16
N ILE A 27 -2.31 1.95 -11.97
CA ILE A 27 -2.92 1.60 -10.66
C ILE A 27 -2.31 0.31 -10.12
N LEU A 28 -2.37 -0.80 -10.88
CA LEU A 28 -1.85 -2.08 -10.37
C LEU A 28 -0.32 -2.06 -10.20
N ALA A 29 0.39 -1.28 -11.02
CA ALA A 29 1.83 -1.08 -10.87
C ALA A 29 2.21 -0.34 -9.59
N ILE A 30 1.54 0.77 -9.22
CA ILE A 30 1.89 1.52 -8.00
C ILE A 30 1.56 0.74 -6.71
N VAL A 31 0.52 -0.10 -6.71
CA VAL A 31 0.26 -1.03 -5.57
C VAL A 31 1.31 -2.14 -5.50
N GLY A 32 1.58 -2.83 -6.62
CA GLY A 32 2.50 -3.97 -6.65
C GLY A 32 3.96 -3.58 -6.39
N THR A 33 4.37 -2.40 -6.87
CA THR A 33 5.73 -1.88 -6.63
C THR A 33 5.92 -1.40 -5.20
N ALA A 34 4.89 -0.81 -4.57
CA ALA A 34 4.95 -0.40 -3.17
C ALA A 34 4.93 -1.58 -2.16
N GLU A 35 4.14 -2.62 -2.42
CA GLU A 35 4.16 -3.83 -1.58
C GLU A 35 5.36 -4.77 -1.81
N SER A 36 6.20 -4.51 -2.82
CA SER A 36 7.33 -5.38 -3.22
C SER A 36 8.39 -5.65 -2.14
N ASN A 37 8.58 -4.74 -1.16
CA ASN A 37 9.48 -4.95 -0.02
C ASN A 37 8.76 -5.48 1.24
N SER A 38 7.41 -5.55 1.24
CA SER A 38 6.59 -5.92 2.41
C SER A 38 6.53 -7.43 2.67
N GLU A 39 6.13 -7.79 3.89
CA GLU A 39 5.90 -9.14 4.40
C GLU A 39 4.41 -9.45 4.71
N HIS A 40 3.50 -8.47 4.58
CA HIS A 40 2.07 -8.65 4.85
C HIS A 40 1.43 -9.75 3.97
N PRO A 41 0.47 -10.54 4.47
CA PRO A 41 -0.14 -11.63 3.71
C PRO A 41 -0.92 -11.12 2.48
N LEU A 42 -1.66 -10.01 2.62
CA LEU A 42 -2.38 -9.38 1.50
C LEU A 42 -1.41 -8.70 0.51
N GLY A 43 -0.43 -7.95 1.02
CA GLY A 43 0.55 -7.22 0.20
C GLY A 43 1.44 -8.13 -0.65
N THR A 44 1.90 -9.24 -0.07
CA THR A 44 2.66 -10.29 -0.78
C THR A 44 1.82 -10.98 -1.86
N ALA A 45 0.53 -11.22 -1.61
CA ALA A 45 -0.40 -11.80 -2.59
C ALA A 45 -0.62 -10.91 -3.81
N ILE A 46 -0.80 -9.59 -3.60
CA ILE A 46 -0.90 -8.61 -4.69
C ILE A 46 0.45 -8.47 -5.41
N THR A 47 1.57 -8.44 -4.68
CA THR A 47 2.92 -8.38 -5.26
C THR A 47 3.15 -9.52 -6.26
N LYS A 48 2.77 -10.76 -5.92
CA LYS A 48 2.83 -11.91 -6.84
C LYS A 48 1.98 -11.68 -8.08
N TYR A 49 0.71 -11.30 -7.90
CA TYR A 49 -0.23 -11.04 -9.00
C TYR A 49 0.29 -9.96 -9.95
N CYS A 50 0.86 -8.87 -9.40
CA CYS A 50 1.42 -7.77 -10.16
C CYS A 50 2.72 -8.13 -10.88
N LYS A 51 3.70 -8.82 -10.25
CA LYS A 51 4.94 -9.22 -10.96
C LYS A 51 4.62 -10.19 -12.12
N GLN A 52 3.63 -11.06 -11.96
CA GLN A 52 3.07 -11.89 -13.03
C GLN A 52 2.37 -11.06 -14.14
N GLU A 53 1.64 -9.99 -13.80
CA GLU A 53 1.00 -9.09 -14.77
C GLU A 53 1.99 -8.22 -15.55
N LEU A 54 2.98 -7.63 -14.88
CA LEU A 54 3.95 -6.68 -15.47
C LEU A 54 4.97 -7.32 -16.43
N ASP A 55 4.96 -8.64 -16.60
CA ASP A 55 5.84 -9.38 -17.53
C ASP A 55 7.34 -9.18 -17.26
N THR A 56 7.68 -8.88 -16.00
CA THR A 56 9.01 -8.45 -15.54
C THR A 56 9.56 -9.36 -14.44
N GLU A 57 10.85 -9.22 -14.11
CA GLU A 57 11.52 -9.84 -12.97
C GLU A 57 11.76 -8.83 -11.81
N THR A 58 11.64 -7.53 -12.08
CA THR A 58 12.01 -6.42 -11.17
C THR A 58 10.90 -5.37 -11.11
N LEU A 59 10.53 -4.92 -9.90
CA LEU A 59 9.54 -3.87 -9.71
C LEU A 59 9.75 -3.11 -8.37
N GLY A 60 9.42 -1.82 -8.34
CA GLY A 60 9.65 -0.93 -7.20
C GLY A 60 11.12 -0.72 -6.82
N THR A 61 11.35 0.13 -5.81
CA THR A 61 12.68 0.32 -5.19
C THR A 61 12.57 0.42 -3.68
N CYS A 62 12.01 1.52 -3.16
CA CYS A 62 11.97 1.81 -1.72
C CYS A 62 10.60 2.32 -1.27
N ILE A 63 10.16 1.89 -0.08
CA ILE A 63 8.94 2.25 0.61
C ILE A 63 9.20 2.54 2.09
N ASP A 64 8.37 3.45 2.61
CA ASP A 64 8.16 3.66 4.04
C ASP A 64 6.75 3.16 4.28
N PHE A 65 6.51 2.22 5.20
CA PHE A 65 5.17 1.62 5.38
C PHE A 65 4.62 1.81 6.81
N GLN A 66 3.33 2.14 6.92
CA GLN A 66 2.62 2.58 8.11
C GLN A 66 1.71 1.44 8.59
N VAL A 67 2.16 0.66 9.57
CA VAL A 67 1.50 -0.61 9.95
C VAL A 67 0.55 -0.39 11.12
N VAL A 68 -0.72 -0.81 10.97
CA VAL A 68 -1.78 -0.73 11.98
C VAL A 68 -2.67 -1.98 11.89
N PRO A 69 -2.69 -2.87 12.91
CA PRO A 69 -3.55 -4.05 12.93
C PRO A 69 -5.05 -3.74 12.77
N GLY A 70 -5.77 -4.57 12.02
CA GLY A 70 -7.23 -4.48 11.83
C GLY A 70 -7.72 -3.12 11.34
N CYS A 71 -6.95 -2.47 10.47
CA CYS A 71 -7.25 -1.15 9.91
C CYS A 71 -6.82 -0.99 8.44
N GLY A 72 -5.71 -1.62 8.02
CA GLY A 72 -5.14 -1.50 6.67
C GLY A 72 -3.69 -1.01 6.70
N ILE A 73 -3.14 -0.56 5.56
CA ILE A 73 -1.75 -0.09 5.44
C ILE A 73 -1.66 1.12 4.50
N SER A 74 -0.66 1.97 4.74
CA SER A 74 -0.24 3.07 3.85
C SER A 74 1.27 3.01 3.63
N CYS A 75 1.77 3.27 2.42
CA CYS A 75 3.20 3.32 2.14
C CYS A 75 3.60 4.39 1.10
N LYS A 76 4.87 4.81 1.14
CA LYS A 76 5.40 5.92 0.32
C LYS A 76 6.46 5.36 -0.62
N VAL A 77 6.11 5.07 -1.87
CA VAL A 77 7.01 4.42 -2.82
C VAL A 77 7.75 5.45 -3.68
N THR A 78 8.99 5.13 -4.04
CA THR A 78 9.80 5.90 -5.00
C THR A 78 10.69 5.06 -5.93
N ASN A 79 11.08 5.76 -7.00
CA ASN A 79 12.17 5.53 -7.97
C ASN A 79 12.11 6.62 -9.07
N ILE A 80 10.92 7.22 -9.30
CA ILE A 80 10.68 8.40 -10.15
C ILE A 80 11.57 9.62 -9.82
N GLU A 81 12.04 9.75 -8.58
CA GLU A 81 13.05 10.73 -8.14
C GLU A 81 14.16 10.02 -7.32
N GLY A 82 14.50 8.78 -7.68
CA GLY A 82 15.51 7.97 -6.98
C GLY A 82 16.90 8.62 -6.88
N LEU A 83 17.17 9.57 -7.78
CA LEU A 83 18.41 10.37 -7.83
C LEU A 83 18.64 11.30 -6.64
N LEU A 84 17.64 11.61 -5.80
CA LEU A 84 17.83 12.38 -4.55
C LEU A 84 18.01 11.52 -3.28
N HIS A 85 17.90 10.19 -3.42
CA HIS A 85 18.20 9.13 -2.45
C HIS A 85 17.95 9.49 -0.97
N LYS A 86 16.71 9.30 -0.50
CA LYS A 86 16.26 9.69 0.84
C LYS A 86 15.91 8.52 1.76
N ASN A 87 16.28 8.67 3.02
CA ASN A 87 15.86 7.86 4.17
C ASN A 87 15.79 8.81 5.39
N ASN A 88 14.80 9.73 5.36
CA ASN A 88 14.66 10.87 6.27
C ASN A 88 15.87 11.86 6.20
N TRP A 89 16.03 12.78 7.14
CA TRP A 89 17.22 13.62 7.30
C TRP A 89 18.22 12.97 8.29
N ASN A 90 19.33 13.67 8.56
CA ASN A 90 20.28 13.39 9.65
C ASN A 90 19.58 13.51 11.03
N ILE A 91 19.04 12.41 11.54
CA ILE A 91 18.26 12.35 12.80
C ILE A 91 18.60 11.05 13.53
N GLU A 92 19.02 11.14 14.80
CA GLU A 92 19.42 10.01 15.63
C GLU A 92 18.22 9.15 16.08
N ASP A 93 17.04 9.76 16.31
CA ASP A 93 15.82 9.02 16.67
C ASP A 93 15.20 8.20 15.52
N ASN A 94 15.70 8.35 14.29
CA ASN A 94 15.38 7.48 13.17
C ASN A 94 15.78 6.02 13.43
N ASN A 95 16.72 5.78 14.36
CA ASN A 95 17.15 4.45 14.73
C ASN A 95 16.05 3.64 15.46
N ILE A 96 16.04 2.32 15.24
CA ILE A 96 14.98 1.41 15.72
C ILE A 96 14.76 1.47 17.24
N LYS A 97 13.50 1.48 17.68
CA LYS A 97 13.06 1.56 19.08
C LYS A 97 11.70 0.87 19.27
N ASN A 98 11.65 -0.27 19.96
CA ASN A 98 10.37 -0.89 20.33
C ASN A 98 9.67 -0.16 21.49
N ALA A 99 10.43 0.30 22.49
CA ALA A 99 9.92 0.82 23.77
C ALA A 99 8.87 -0.12 24.44
N SER A 100 9.07 -1.43 24.30
CA SER A 100 8.17 -2.55 24.61
C SER A 100 6.82 -2.52 23.87
N LEU A 101 6.44 -3.66 23.28
CA LEU A 101 5.29 -3.80 22.39
C LEU A 101 4.07 -4.36 23.14
N VAL A 102 3.00 -4.72 22.41
CA VAL A 102 1.88 -5.47 23.01
C VAL A 102 2.37 -6.83 23.52
N GLN A 103 2.33 -7.04 24.83
CA GLN A 103 2.63 -8.31 25.48
C GLN A 103 1.31 -8.96 25.94
N ILE A 104 0.91 -10.02 25.26
CA ILE A 104 -0.30 -10.82 25.50
C ILE A 104 -0.03 -12.34 25.42
N ASP A 105 1.26 -12.70 25.32
CA ASP A 105 1.79 -14.04 25.10
C ASP A 105 3.21 -14.15 25.68
N ALA A 106 4.04 -15.05 25.17
CA ALA A 106 5.45 -15.23 25.52
C ALA A 106 6.39 -14.08 25.08
N SER A 107 5.87 -12.85 24.92
CA SER A 107 6.64 -11.62 24.63
C SER A 107 7.50 -11.71 23.36
N ASN A 108 6.85 -12.01 22.23
CA ASN A 108 7.45 -12.12 20.89
C ASN A 108 7.73 -10.74 20.24
N GLU A 109 8.28 -9.81 21.02
CA GLU A 109 8.52 -8.41 20.62
C GLU A 109 9.53 -8.30 19.47
N GLN A 110 10.72 -8.89 19.63
CA GLN A 110 11.89 -8.80 18.73
C GLN A 110 12.22 -7.36 18.29
N SER A 111 11.61 -6.87 17.20
CA SER A 111 11.87 -5.61 16.49
C SER A 111 10.61 -5.07 15.79
N SER A 112 10.53 -3.75 15.56
CA SER A 112 9.36 -3.06 14.96
C SER A 112 9.73 -1.77 14.20
N THR A 113 8.95 -1.42 13.17
CA THR A 113 9.18 -0.29 12.23
C THR A 113 7.86 0.37 11.79
N SER A 114 6.88 0.51 12.69
CA SER A 114 5.48 0.84 12.40
C SER A 114 5.16 2.22 11.79
N SER A 115 6.11 3.16 11.75
CA SER A 115 6.06 4.48 11.09
C SER A 115 4.83 5.38 11.42
N SER A 116 4.92 6.10 12.54
CA SER A 116 4.00 7.20 12.88
C SER A 116 4.72 8.53 13.19
N MET A 117 5.99 8.49 13.62
CA MET A 117 6.76 9.66 14.07
C MET A 117 7.89 10.03 13.11
N ILE A 118 8.26 11.32 13.09
CA ILE A 118 9.20 11.97 12.16
C ILE A 118 8.75 11.86 10.68
N ILE A 119 7.50 11.49 10.41
CA ILE A 119 6.96 11.35 9.05
C ILE A 119 6.71 12.72 8.37
N ASP A 120 6.62 13.80 9.15
CA ASP A 120 6.58 15.18 8.64
C ASP A 120 7.92 15.62 7.99
N ALA A 121 9.02 14.92 8.24
CA ALA A 121 10.27 15.12 7.51
C ALA A 121 10.20 14.62 6.06
N GLN A 122 9.34 13.66 5.76
CA GLN A 122 9.16 13.09 4.43
C GLN A 122 8.22 13.97 3.60
N ILE A 123 7.10 14.40 4.22
CA ILE A 123 6.13 15.34 3.64
C ILE A 123 6.81 16.65 3.22
N SER A 124 7.74 17.15 4.04
CA SER A 124 8.52 18.34 3.74
C SER A 124 9.46 18.21 2.53
N ASN A 125 9.77 16.99 2.06
CA ASN A 125 10.56 16.76 0.84
C ASN A 125 9.72 16.44 -0.42
N ALA A 126 8.39 16.33 -0.33
CA ALA A 126 7.52 15.97 -1.46
C ALA A 126 7.62 16.95 -2.65
N LEU A 127 7.99 18.21 -2.38
CA LEU A 127 8.29 19.26 -3.37
C LEU A 127 9.44 18.87 -4.32
N ASN A 128 10.38 18.05 -3.87
CA ASN A 128 11.50 17.52 -4.66
C ASN A 128 11.27 16.05 -5.08
N ALA A 129 10.71 15.24 -4.16
CA ALA A 129 10.63 13.79 -4.28
C ALA A 129 9.41 13.25 -5.05
N GLN A 130 8.28 13.99 -5.11
CA GLN A 130 6.99 13.64 -5.73
C GLN A 130 6.25 12.37 -5.25
N GLN A 131 6.98 11.27 -5.01
CA GLN A 131 6.62 10.02 -4.32
C GLN A 131 5.15 9.61 -4.28
N TYR A 132 4.83 8.44 -4.85
CA TYR A 132 3.49 7.87 -4.80
C TYR A 132 3.16 7.40 -3.38
N LYS A 133 2.16 8.02 -2.74
CA LYS A 133 1.56 7.54 -1.49
C LYS A 133 0.43 6.58 -1.88
N VAL A 134 0.43 5.35 -1.38
CA VAL A 134 -0.63 4.38 -1.63
C VAL A 134 -1.16 3.83 -0.31
N LEU A 135 -2.47 3.61 -0.21
CA LEU A 135 -3.12 2.96 0.94
C LEU A 135 -4.21 1.97 0.50
N ILE A 136 -4.40 0.94 1.33
CA ILE A 136 -5.21 -0.23 1.01
C ILE A 136 -5.64 -0.94 2.31
N GLY A 137 -6.71 -1.73 2.25
CA GLY A 137 -7.11 -2.64 3.32
C GLY A 137 -8.31 -2.18 4.15
N ASN A 138 -8.95 -3.14 4.81
CA ASN A 138 -10.17 -2.96 5.59
C ASN A 138 -11.29 -2.19 4.82
N ARG A 139 -12.26 -1.59 5.54
CA ARG A 139 -13.44 -0.90 4.95
C ARG A 139 -13.61 0.56 5.39
N GLU A 140 -13.75 0.84 6.68
CA GLU A 140 -14.13 2.16 7.20
C GLU A 140 -12.94 3.16 7.26
N TRP A 141 -11.74 2.67 7.62
CA TRP A 141 -10.49 3.43 7.60
C TRP A 141 -10.18 4.05 6.22
N MET A 142 -10.52 3.34 5.14
CA MET A 142 -10.39 3.82 3.75
C MET A 142 -11.25 5.06 3.45
N ILE A 143 -12.45 5.16 4.05
CA ILE A 143 -13.30 6.36 4.06
C ILE A 143 -12.57 7.49 4.80
N ARG A 144 -12.26 7.26 6.09
CA ARG A 144 -11.52 8.14 7.01
C ARG A 144 -10.24 8.79 6.45
N ASN A 145 -9.67 8.36 5.31
CA ASN A 145 -8.58 9.10 4.61
C ASN A 145 -9.09 10.36 3.87
N GLY A 146 -10.24 10.93 4.26
CA GLY A 146 -10.87 12.06 3.56
C GLY A 146 -11.40 11.72 2.15
N LEU A 147 -11.74 10.45 1.87
CA LEU A 147 -12.30 10.03 0.57
C LEU A 147 -13.84 9.98 0.65
N VAL A 148 -14.53 10.27 -0.46
CA VAL A 148 -16.00 10.20 -0.57
C VAL A 148 -16.42 8.87 -1.20
N ILE A 149 -17.32 8.14 -0.53
CA ILE A 149 -17.75 6.78 -0.95
C ILE A 149 -19.17 6.76 -1.54
N ASN A 150 -19.41 5.85 -2.49
CA ASN A 150 -20.61 5.82 -3.33
C ASN A 150 -21.42 4.51 -3.19
N ASN A 151 -22.74 4.59 -3.43
CA ASN A 151 -23.68 3.50 -3.15
C ASN A 151 -23.57 2.27 -4.09
N ASP A 152 -23.11 2.46 -5.34
CA ASP A 152 -22.94 1.38 -6.31
C ASP A 152 -21.74 0.45 -5.96
N VAL A 153 -20.64 1.02 -5.44
CA VAL A 153 -19.51 0.24 -4.86
C VAL A 153 -19.80 -0.30 -3.45
N ASN A 154 -20.52 0.46 -2.61
CA ASN A 154 -20.93 0.05 -1.26
C ASN A 154 -21.70 -1.30 -1.26
N ASP A 155 -22.61 -1.48 -2.23
CA ASP A 155 -23.38 -2.72 -2.40
C ASP A 155 -22.50 -3.93 -2.75
N PHE A 156 -21.48 -3.76 -3.60
CA PHE A 156 -20.52 -4.80 -3.97
C PHE A 156 -19.59 -5.14 -2.78
N MET A 157 -19.17 -4.12 -2.02
CA MET A 157 -18.30 -4.28 -0.83
C MET A 157 -18.96 -5.12 0.27
N THR A 158 -20.18 -4.75 0.70
CA THR A 158 -20.91 -5.47 1.74
C THR A 158 -21.34 -6.87 1.29
N GLU A 159 -21.64 -7.09 0.01
CA GLU A 159 -21.98 -8.41 -0.55
C GLU A 159 -20.88 -9.45 -0.30
N HIS A 160 -19.63 -9.12 -0.65
CA HIS A 160 -18.49 -10.03 -0.45
C HIS A 160 -18.09 -10.20 1.02
N GLU A 161 -18.22 -9.16 1.84
CA GLU A 161 -18.03 -9.27 3.29
C GLU A 161 -19.15 -10.10 3.97
N ARG A 162 -20.41 -10.01 3.50
CA ARG A 162 -21.55 -10.86 3.93
C ARG A 162 -21.46 -12.30 3.44
N LYS A 163 -20.70 -12.58 2.37
CA LYS A 163 -20.30 -13.94 1.94
C LYS A 163 -19.19 -14.53 2.81
N GLY A 164 -18.62 -13.71 3.71
CA GLY A 164 -17.64 -14.10 4.72
C GLY A 164 -16.19 -14.10 4.24
N ARG A 165 -15.94 -13.79 2.96
CA ARG A 165 -14.59 -13.77 2.36
C ARG A 165 -13.91 -12.41 2.63
N THR A 166 -12.98 -11.91 1.81
CA THR A 166 -12.30 -10.62 2.07
C THR A 166 -12.54 -9.62 0.93
N ALA A 167 -13.12 -8.46 1.27
CA ALA A 167 -13.37 -7.32 0.39
C ALA A 167 -12.60 -6.09 0.90
N VAL A 168 -11.79 -5.41 0.06
CA VAL A 168 -11.03 -4.21 0.45
C VAL A 168 -10.97 -3.14 -0.66
N LEU A 169 -10.79 -1.87 -0.27
CA LEU A 169 -10.63 -0.72 -1.18
C LEU A 169 -9.14 -0.33 -1.34
N VAL A 170 -8.83 0.47 -2.38
CA VAL A 170 -7.49 0.97 -2.69
C VAL A 170 -7.52 2.47 -3.06
N ALA A 171 -6.68 3.28 -2.43
CA ALA A 171 -6.58 4.74 -2.65
C ALA A 171 -5.12 5.20 -2.78
N VAL A 172 -4.88 6.30 -3.49
CA VAL A 172 -3.52 6.75 -3.91
C VAL A 172 -3.40 8.27 -4.01
N ASP A 173 -2.37 8.84 -3.40
CA ASP A 173 -2.18 10.28 -3.16
C ASP A 173 -3.50 10.97 -2.72
N ASP A 174 -4.25 10.27 -1.86
CA ASP A 174 -5.59 10.62 -1.35
C ASP A 174 -6.74 10.69 -2.39
N GLU A 175 -6.67 9.91 -3.47
CA GLU A 175 -7.72 9.69 -4.48
C GLU A 175 -8.12 8.19 -4.52
N LEU A 176 -9.42 7.84 -4.55
CA LEU A 176 -9.81 6.43 -4.75
C LEU A 176 -9.46 5.95 -6.17
N CYS A 177 -8.86 4.76 -6.29
CA CYS A 177 -8.46 4.18 -7.58
C CYS A 177 -9.19 2.87 -7.92
N GLY A 178 -9.37 1.96 -6.96
CA GLY A 178 -9.90 0.61 -7.23
C GLY A 178 -10.25 -0.20 -5.99
N LEU A 179 -10.66 -1.46 -6.20
CA LEU A 179 -11.04 -2.42 -5.15
C LEU A 179 -10.60 -3.86 -5.49
N ILE A 180 -10.43 -4.67 -4.45
CA ILE A 180 -9.94 -6.06 -4.51
C ILE A 180 -10.92 -7.01 -3.82
N ALA A 181 -11.22 -8.14 -4.47
CA ALA A 181 -11.98 -9.26 -3.91
C ALA A 181 -11.09 -10.50 -3.76
N ILE A 182 -11.15 -11.12 -2.59
CA ILE A 182 -10.37 -12.29 -2.17
C ILE A 182 -11.34 -13.34 -1.61
N ALA A 183 -11.00 -14.63 -1.78
CA ALA A 183 -11.81 -15.73 -1.28
C ALA A 183 -11.36 -16.27 0.09
N ASP A 184 -10.05 -16.19 0.37
CA ASP A 184 -9.40 -16.59 1.63
C ASP A 184 -9.54 -18.09 1.99
N THR A 185 -8.39 -18.76 2.18
CA THR A 185 -8.23 -20.22 2.33
C THR A 185 -9.22 -20.90 3.27
N SER A 1 0.84 -15.56 -2.22
CA SER A 1 1.43 -15.81 -0.90
C SER A 1 0.80 -17.05 -0.28
N PHE A 2 1.52 -17.70 0.64
CA PHE A 2 1.07 -18.86 1.41
C PHE A 2 0.95 -18.59 2.92
N THR A 3 1.82 -17.68 3.45
CA THR A 3 1.89 -17.21 4.84
C THR A 3 1.89 -18.32 5.91
N MET A 4 1.67 -17.98 7.18
CA MET A 4 1.67 -18.91 8.30
C MET A 4 0.39 -19.75 8.33
N HIS A 5 -0.78 -19.12 8.53
CA HIS A 5 -2.08 -19.78 8.67
C HIS A 5 -3.11 -19.27 7.64
N GLY A 6 -3.56 -18.02 7.74
CA GLY A 6 -4.60 -17.41 6.90
C GLY A 6 -4.17 -17.09 5.45
N THR A 7 -4.11 -18.10 4.58
CA THR A 7 -3.73 -17.93 3.17
C THR A 7 -4.77 -17.12 2.37
N PRO A 8 -4.38 -16.02 1.69
CA PRO A 8 -5.25 -15.24 0.82
C PRO A 8 -5.14 -15.68 -0.65
N VAL A 9 -6.17 -15.41 -1.46
CA VAL A 9 -6.17 -15.62 -2.93
C VAL A 9 -6.76 -14.40 -3.62
N VAL A 10 -5.99 -13.62 -4.40
CA VAL A 10 -6.53 -12.45 -5.12
C VAL A 10 -7.38 -12.92 -6.32
N ASN A 11 -8.58 -12.33 -6.46
CA ASN A 11 -9.64 -12.85 -7.32
C ASN A 11 -10.24 -11.91 -8.39
N GLN A 12 -10.39 -10.61 -8.13
CA GLN A 12 -10.91 -9.63 -9.12
C GLN A 12 -10.45 -8.20 -8.78
N VAL A 13 -10.29 -7.33 -9.79
CA VAL A 13 -9.94 -5.90 -9.61
C VAL A 13 -10.89 -4.99 -10.38
N LYS A 14 -11.35 -3.87 -9.77
CA LYS A 14 -12.33 -2.94 -10.37
C LYS A 14 -12.01 -1.46 -10.07
N VAL A 15 -12.33 -0.55 -10.99
CA VAL A 15 -12.01 0.89 -10.92
C VAL A 15 -13.21 1.73 -10.50
N LEU A 16 -13.02 2.60 -9.51
CA LEU A 16 -14.01 3.54 -8.95
C LEU A 16 -13.84 4.97 -9.50
N THR A 17 -12.60 5.39 -9.72
CA THR A 17 -12.21 6.70 -10.27
C THR A 17 -11.64 6.48 -11.67
N GLU A 18 -12.49 6.48 -12.69
CA GLU A 18 -12.11 6.13 -14.07
C GLU A 18 -11.81 7.38 -14.90
N SER A 19 -10.69 7.34 -15.63
CA SER A 19 -10.21 8.34 -16.59
C SER A 19 -9.97 9.73 -16.00
N ASN A 20 -9.71 9.82 -14.69
CA ASN A 20 -9.61 11.09 -13.94
C ASN A 20 -8.48 11.14 -12.89
N ARG A 21 -7.77 10.03 -12.64
CA ARG A 21 -6.62 9.97 -11.72
C ARG A 21 -5.52 9.06 -12.29
N ILE A 22 -5.68 7.74 -12.20
CA ILE A 22 -4.72 6.69 -12.57
C ILE A 22 -5.43 5.54 -13.32
N SER A 23 -4.75 4.90 -14.26
CA SER A 23 -5.26 3.79 -15.10
C SER A 23 -5.02 2.39 -14.52
N HIS A 24 -5.87 1.41 -14.84
CA HIS A 24 -5.91 0.09 -14.18
C HIS A 24 -4.58 -0.69 -14.11
N HIS A 25 -3.78 -0.73 -15.19
CA HIS A 25 -2.49 -1.43 -15.21
C HIS A 25 -1.41 -0.66 -14.41
N LYS A 26 -1.59 0.66 -14.24
CA LYS A 26 -0.77 1.48 -13.34
C LYS A 26 -1.16 1.26 -11.86
N ILE A 27 -2.45 1.11 -11.54
CA ILE A 27 -2.92 0.76 -10.17
C ILE A 27 -2.27 -0.55 -9.70
N LEU A 28 -2.35 -1.64 -10.48
CA LEU A 28 -1.78 -2.93 -10.07
C LEU A 28 -0.24 -2.88 -9.96
N ALA A 29 0.43 -2.08 -10.80
CA ALA A 29 1.87 -1.89 -10.74
C ALA A 29 2.32 -1.18 -9.44
N ILE A 30 1.69 -0.07 -9.05
CA ILE A 30 2.08 0.68 -7.84
C ILE A 30 1.76 -0.05 -6.53
N VAL A 31 0.65 -0.80 -6.46
CA VAL A 31 0.34 -1.65 -5.29
C VAL A 31 1.30 -2.85 -5.22
N GLY A 32 1.53 -3.54 -6.34
CA GLY A 32 2.41 -4.71 -6.38
C GLY A 32 3.87 -4.39 -6.06
N THR A 33 4.36 -3.23 -6.51
CA THR A 33 5.73 -2.75 -6.21
C THR A 33 5.90 -2.27 -4.78
N ALA A 34 4.91 -1.61 -4.18
CA ALA A 34 4.93 -1.23 -2.77
C ALA A 34 4.98 -2.45 -1.83
N GLU A 35 4.09 -3.43 -2.05
CA GLU A 35 4.07 -4.67 -1.25
C GLU A 35 5.31 -5.56 -1.50
N SER A 36 6.07 -5.34 -2.58
CA SER A 36 7.38 -5.98 -2.81
C SER A 36 8.40 -5.63 -1.71
N ASN A 37 8.35 -4.39 -1.19
CA ASN A 37 9.21 -3.91 -0.10
C ASN A 37 8.62 -4.18 1.30
N SER A 38 7.30 -4.37 1.42
CA SER A 38 6.61 -4.76 2.66
C SER A 38 6.85 -6.25 3.00
N GLU A 39 6.27 -6.73 4.10
CA GLU A 39 6.36 -8.12 4.58
C GLU A 39 5.01 -8.68 5.08
N HIS A 40 3.91 -8.04 4.67
CA HIS A 40 2.54 -8.40 5.07
C HIS A 40 2.02 -9.66 4.34
N PRO A 41 0.95 -10.34 4.85
CA PRO A 41 0.48 -11.61 4.30
C PRO A 41 -0.45 -11.46 3.09
N LEU A 42 -1.26 -10.40 3.09
CA LEU A 42 -2.40 -10.19 2.19
C LEU A 42 -2.04 -9.34 0.95
N GLY A 43 -1.38 -8.20 1.16
CA GLY A 43 -0.95 -7.32 0.07
C GLY A 43 0.09 -7.95 -0.87
N THR A 44 0.94 -8.83 -0.34
CA THR A 44 1.96 -9.57 -1.11
C THR A 44 1.36 -10.58 -2.12
N ALA A 45 0.07 -10.94 -2.00
CA ALA A 45 -0.62 -11.67 -3.05
C ALA A 45 -0.73 -10.83 -4.34
N ILE A 46 -0.90 -9.50 -4.18
CA ILE A 46 -0.90 -8.52 -5.27
C ILE A 46 0.52 -8.34 -5.83
N THR A 47 1.55 -8.37 -4.99
CA THR A 47 2.96 -8.43 -5.47
C THR A 47 3.18 -9.61 -6.43
N LYS A 48 2.73 -10.83 -6.08
CA LYS A 48 2.79 -11.99 -6.98
C LYS A 48 1.92 -11.81 -8.23
N TYR A 49 0.70 -11.34 -8.09
CA TYR A 49 -0.23 -11.08 -9.19
C TYR A 49 0.39 -10.11 -10.21
N CYS A 50 1.03 -9.04 -9.74
CA CYS A 50 1.81 -8.11 -10.53
C CYS A 50 3.06 -8.77 -11.14
N LYS A 51 3.90 -9.44 -10.33
CA LYS A 51 5.13 -10.12 -10.78
C LYS A 51 4.89 -11.06 -11.97
N GLN A 52 3.82 -11.87 -11.90
CA GLN A 52 3.37 -12.71 -13.01
C GLN A 52 2.81 -11.85 -14.17
N GLU A 53 2.00 -10.82 -13.90
CA GLU A 53 1.37 -9.97 -14.91
C GLU A 53 2.38 -9.21 -15.78
N LEU A 54 3.43 -8.65 -15.19
CA LEU A 54 4.50 -7.95 -15.91
C LEU A 54 5.41 -8.91 -16.69
N ASP A 55 5.31 -10.22 -16.43
CA ASP A 55 6.22 -11.26 -16.90
C ASP A 55 7.71 -10.92 -16.61
N THR A 56 7.99 -10.65 -15.33
CA THR A 56 9.29 -10.19 -14.83
C THR A 56 9.78 -11.03 -13.64
N GLU A 57 10.99 -10.75 -13.17
CA GLU A 57 11.58 -11.27 -11.93
C GLU A 57 11.87 -10.15 -10.90
N THR A 58 11.69 -8.86 -11.26
CA THR A 58 12.17 -7.71 -10.46
C THR A 58 11.17 -6.52 -10.43
N LEU A 59 10.80 -6.03 -9.24
CA LEU A 59 9.89 -4.87 -9.03
C LEU A 59 9.98 -4.25 -7.62
N GLY A 60 9.65 -2.95 -7.45
CA GLY A 60 9.74 -2.20 -6.18
C GLY A 60 11.15 -1.72 -5.75
N THR A 61 11.28 -0.45 -5.36
CA THR A 61 12.57 0.19 -4.97
C THR A 61 12.59 0.73 -3.54
N CYS A 62 11.89 1.84 -3.26
CA CYS A 62 11.89 2.52 -1.96
C CYS A 62 10.47 3.00 -1.57
N ILE A 63 10.12 2.90 -0.29
CA ILE A 63 8.83 3.04 0.36
C ILE A 63 9.04 3.75 1.72
N ASP A 64 7.95 4.15 2.37
CA ASP A 64 7.90 4.59 3.78
C ASP A 64 6.61 4.08 4.40
N PHE A 65 6.54 3.79 5.71
CA PHE A 65 5.38 3.08 6.28
C PHE A 65 4.49 3.91 7.25
N GLN A 66 3.21 3.55 7.20
CA GLN A 66 2.12 3.92 8.09
C GLN A 66 1.14 2.71 8.18
N VAL A 67 1.29 1.86 9.20
CA VAL A 67 0.59 0.56 9.34
C VAL A 67 -0.59 0.66 10.33
N VAL A 68 -1.70 -0.05 10.11
CA VAL A 68 -2.81 -0.24 11.07
C VAL A 68 -3.19 -1.73 11.13
N PRO A 69 -3.08 -2.44 12.28
CA PRO A 69 -3.28 -3.89 12.36
C PRO A 69 -4.68 -4.38 11.96
N GLY A 70 -4.73 -5.44 11.13
CA GLY A 70 -5.95 -6.10 10.66
C GLY A 70 -6.87 -5.20 9.83
N CYS A 71 -6.35 -4.10 9.29
CA CYS A 71 -7.13 -3.03 8.69
C CYS A 71 -6.56 -2.50 7.37
N GLY A 72 -5.24 -2.30 7.28
CA GLY A 72 -4.56 -1.88 6.06
C GLY A 72 -3.24 -1.16 6.30
N ILE A 73 -2.61 -0.70 5.21
CA ILE A 73 -1.32 -0.01 5.24
C ILE A 73 -1.27 1.15 4.23
N SER A 74 -0.55 2.20 4.59
CA SER A 74 -0.28 3.40 3.78
C SER A 74 1.21 3.65 3.65
N CYS A 75 1.68 4.05 2.46
CA CYS A 75 3.10 4.26 2.19
C CYS A 75 3.41 5.39 1.20
N LYS A 76 4.68 5.80 1.16
CA LYS A 76 5.23 6.75 0.17
C LYS A 76 6.19 6.00 -0.74
N VAL A 77 5.72 5.51 -1.90
CA VAL A 77 6.51 4.66 -2.81
C VAL A 77 7.08 5.42 -4.02
N THR A 78 8.37 5.26 -4.27
CA THR A 78 9.14 5.93 -5.34
C THR A 78 9.84 4.96 -6.29
N ASN A 79 10.18 5.48 -7.48
CA ASN A 79 11.18 5.00 -8.45
C ASN A 79 11.17 5.90 -9.70
N ILE A 80 9.98 6.38 -10.13
CA ILE A 80 9.73 7.24 -11.31
C ILE A 80 10.59 8.51 -11.44
N GLU A 81 11.19 9.00 -10.36
CA GLU A 81 12.24 10.05 -10.36
C GLU A 81 13.12 9.90 -9.10
N GLY A 82 13.42 8.66 -8.70
CA GLY A 82 14.05 8.33 -7.42
C GLY A 82 15.56 8.64 -7.34
N LEU A 83 16.16 9.19 -8.41
CA LEU A 83 17.57 9.59 -8.46
C LEU A 83 17.95 10.79 -7.57
N LEU A 84 16.98 11.45 -6.93
CA LEU A 84 17.22 12.42 -5.85
C LEU A 84 17.30 11.74 -4.47
N HIS A 85 16.66 10.58 -4.32
CA HIS A 85 16.46 9.83 -3.09
C HIS A 85 15.85 10.64 -1.92
N LYS A 86 15.59 9.93 -0.83
CA LYS A 86 15.17 10.45 0.46
C LYS A 86 16.31 11.18 1.18
N ASN A 87 16.02 11.87 2.29
CA ASN A 87 17.05 12.40 3.19
C ASN A 87 17.45 11.30 4.20
N ASN A 88 17.73 10.07 3.72
CA ASN A 88 18.04 8.91 4.57
C ASN A 88 19.50 8.92 5.10
N TRP A 89 19.99 10.11 5.46
CA TRP A 89 21.33 10.39 5.94
C TRP A 89 21.23 10.84 7.40
N ASN A 90 21.97 10.21 8.29
CA ASN A 90 22.01 10.53 9.73
C ASN A 90 20.62 10.36 10.42
N ILE A 91 19.70 9.66 9.76
CA ILE A 91 18.34 9.32 10.17
C ILE A 91 18.09 7.87 9.75
N GLU A 92 17.46 7.04 10.60
CA GLU A 92 17.00 5.69 10.21
C GLU A 92 15.63 5.78 9.50
N ASP A 93 15.70 6.32 8.27
CA ASP A 93 14.63 6.77 7.37
C ASP A 93 13.98 8.12 7.69
N ASN A 94 14.01 9.03 6.71
CA ASN A 94 13.39 10.34 6.74
C ASN A 94 11.92 10.27 6.27
N ASN A 95 11.01 10.66 7.18
CA ASN A 95 9.59 10.87 6.90
C ASN A 95 8.96 11.83 7.94
N ILE A 96 7.65 12.02 7.84
CA ILE A 96 6.82 12.66 8.88
C ILE A 96 5.56 11.85 9.14
N LYS A 97 5.19 11.71 10.42
CA LYS A 97 3.99 11.03 10.92
C LYS A 97 3.24 11.99 11.87
N ASN A 98 2.80 13.13 11.35
CA ASN A 98 2.29 14.24 12.15
C ASN A 98 0.89 13.98 12.78
N ALA A 99 0.23 12.87 12.44
CA ALA A 99 -0.99 12.42 13.12
C ALA A 99 -1.16 10.89 13.13
N SER A 100 -1.42 10.32 14.30
CA SER A 100 -1.84 8.91 14.46
C SER A 100 -3.14 8.64 13.71
N LEU A 101 -4.09 9.59 13.72
CA LEU A 101 -5.39 9.49 13.06
C LEU A 101 -5.40 10.11 11.64
N VAL A 102 -4.24 10.41 11.07
CA VAL A 102 -4.06 10.95 9.68
C VAL A 102 -4.81 12.28 9.45
N GLN A 103 -5.14 12.99 10.54
CA GLN A 103 -5.84 14.26 10.53
C GLN A 103 -4.93 15.45 10.19
N ILE A 104 -5.56 16.52 9.72
CA ILE A 104 -4.94 17.69 9.11
C ILE A 104 -5.13 18.92 10.02
N ASP A 105 -4.09 19.74 10.20
CA ASP A 105 -4.07 20.83 11.18
C ASP A 105 -3.90 22.21 10.52
N ALA A 106 -4.96 23.03 10.56
CA ALA A 106 -4.94 24.45 10.19
C ALA A 106 -4.41 25.32 11.35
N SER A 107 -3.20 24.98 11.79
CA SER A 107 -2.49 25.54 12.97
C SER A 107 -2.40 27.07 12.97
N ASN A 108 -2.32 27.69 14.15
CA ASN A 108 -2.50 29.14 14.35
C ASN A 108 -1.50 30.04 13.63
N GLU A 109 -0.27 29.59 13.46
CA GLU A 109 0.80 30.40 12.88
C GLU A 109 0.58 30.62 11.38
N GLN A 110 0.92 31.81 10.86
CA GLN A 110 0.87 32.16 9.44
C GLN A 110 2.20 32.77 8.97
N SER A 111 2.34 33.00 7.67
CA SER A 111 3.49 33.57 6.98
C SER A 111 4.33 34.56 7.81
N SER A 112 5.58 34.17 8.07
CA SER A 112 6.62 35.00 8.69
C SER A 112 7.23 35.99 7.67
N THR A 113 7.39 35.53 6.43
CA THR A 113 7.71 36.33 5.22
C THR A 113 7.36 35.57 3.91
N SER A 114 7.05 34.27 3.97
CA SER A 114 6.72 33.40 2.84
C SER A 114 5.21 33.10 2.77
N SER A 115 4.53 33.60 1.72
CA SER A 115 3.13 33.23 1.41
C SER A 115 2.98 31.78 0.90
N SER A 116 4.04 30.97 0.95
CA SER A 116 3.98 29.50 0.80
C SER A 116 3.34 28.84 2.03
N MET A 117 3.20 29.57 3.16
CA MET A 117 2.55 29.10 4.39
C MET A 117 3.11 27.72 4.81
N ILE A 118 2.28 26.82 5.36
CA ILE A 118 2.57 25.40 5.57
C ILE A 118 1.57 24.57 4.75
N ILE A 119 1.49 24.80 3.43
CA ILE A 119 0.60 24.07 2.49
C ILE A 119 1.32 23.13 1.50
N ASP A 120 2.64 23.20 1.41
CA ASP A 120 3.48 22.39 0.52
C ASP A 120 4.90 22.10 1.06
N ALA A 121 5.35 22.72 2.16
CA ALA A 121 6.73 22.61 2.66
C ALA A 121 7.21 21.17 2.92
N GLN A 122 6.30 20.24 3.23
CA GLN A 122 6.59 18.82 3.39
C GLN A 122 6.51 18.03 2.05
N ILE A 123 5.69 18.51 1.11
CA ILE A 123 5.44 17.92 -0.22
C ILE A 123 6.51 18.31 -1.24
N SER A 124 7.09 19.50 -1.13
CA SER A 124 7.98 20.14 -2.11
C SER A 124 9.27 19.38 -2.43
N ASN A 125 9.59 18.34 -1.65
CA ASN A 125 10.65 17.38 -1.97
C ASN A 125 10.11 16.25 -2.87
N ALA A 126 9.08 15.53 -2.40
CA ALA A 126 8.40 14.43 -3.09
C ALA A 126 7.81 14.82 -4.46
N LEU A 127 7.38 16.07 -4.66
CA LEU A 127 6.93 16.57 -5.97
C LEU A 127 8.06 16.61 -7.03
N ASN A 128 9.33 16.68 -6.60
CA ASN A 128 10.51 16.64 -7.47
C ASN A 128 11.15 15.25 -7.50
N ALA A 129 11.35 14.64 -6.33
CA ALA A 129 11.79 13.25 -6.15
C ALA A 129 10.59 12.29 -6.33
N GLN A 130 9.89 12.42 -7.46
CA GLN A 130 8.56 11.87 -7.76
C GLN A 130 8.17 10.60 -6.99
N GLN A 131 7.04 10.74 -6.30
CA GLN A 131 6.60 9.87 -5.23
C GLN A 131 5.08 9.74 -5.18
N TYR A 132 4.59 8.52 -4.96
CA TYR A 132 3.17 8.20 -4.95
C TYR A 132 2.77 7.77 -3.53
N LYS A 133 1.81 8.46 -2.92
CA LYS A 133 1.25 8.11 -1.61
C LYS A 133 0.16 7.08 -1.82
N VAL A 134 0.41 5.80 -1.54
CA VAL A 134 -0.53 4.70 -1.86
C VAL A 134 -0.93 3.92 -0.61
N LEU A 135 -2.21 3.57 -0.51
CA LEU A 135 -2.77 2.81 0.60
C LEU A 135 -3.86 1.83 0.17
N ILE A 136 -4.02 0.75 0.94
CA ILE A 136 -4.96 -0.34 0.70
C ILE A 136 -5.46 -0.89 2.04
N GLY A 137 -6.75 -1.22 2.13
CA GLY A 137 -7.34 -1.73 3.37
C GLY A 137 -8.86 -1.84 3.37
N ASN A 138 -9.42 -2.01 4.57
CA ASN A 138 -10.85 -2.01 4.84
C ASN A 138 -11.42 -0.59 5.05
N ARG A 139 -12.74 -0.48 5.16
CA ARG A 139 -13.55 0.76 5.06
C ARG A 139 -13.24 1.88 6.07
N GLU A 140 -12.42 1.64 7.10
CA GLU A 140 -11.95 2.72 7.98
C GLU A 140 -10.91 3.61 7.28
N TRP A 141 -10.07 3.08 6.39
CA TRP A 141 -9.04 3.87 5.70
C TRP A 141 -9.61 4.94 4.76
N MET A 142 -10.82 4.72 4.24
CA MET A 142 -11.53 5.69 3.40
C MET A 142 -12.03 6.87 4.22
N ILE A 143 -12.43 6.63 5.47
CA ILE A 143 -12.72 7.65 6.48
C ILE A 143 -11.41 8.37 6.82
N ARG A 144 -10.47 7.65 7.46
CA ARG A 144 -9.14 8.10 7.91
C ARG A 144 -8.40 9.07 6.95
N ASN A 145 -8.41 8.83 5.63
CA ASN A 145 -7.74 9.71 4.65
C ASN A 145 -8.62 10.84 4.06
N GLY A 146 -9.88 10.99 4.49
CA GLY A 146 -10.80 12.05 4.00
C GLY A 146 -11.39 11.78 2.61
N LEU A 147 -11.61 10.50 2.27
CA LEU A 147 -12.13 10.07 0.97
C LEU A 147 -13.68 9.93 1.01
N VAL A 148 -14.30 9.58 -0.12
CA VAL A 148 -15.75 9.32 -0.23
C VAL A 148 -16.01 7.90 -0.76
N ILE A 149 -16.92 7.15 -0.13
CA ILE A 149 -17.39 5.85 -0.62
C ILE A 149 -18.84 5.95 -1.14
N ASN A 150 -19.11 5.37 -2.31
CA ASN A 150 -20.36 5.58 -3.06
C ASN A 150 -21.32 4.36 -3.01
N ASN A 151 -22.59 4.56 -3.34
CA ASN A 151 -23.65 3.55 -3.21
C ASN A 151 -23.40 2.27 -4.05
N ASP A 152 -22.90 2.40 -5.27
CA ASP A 152 -22.71 1.27 -6.20
C ASP A 152 -21.52 0.38 -5.79
N VAL A 153 -20.47 0.99 -5.21
CA VAL A 153 -19.32 0.25 -4.67
C VAL A 153 -19.64 -0.37 -3.31
N ASN A 154 -20.49 0.26 -2.49
CA ASN A 154 -21.00 -0.31 -1.23
C ASN A 154 -21.73 -1.65 -1.47
N ASP A 155 -22.62 -1.69 -2.48
CA ASP A 155 -23.38 -2.90 -2.88
C ASP A 155 -22.49 -4.07 -3.36
N PHE A 156 -21.36 -3.77 -4.02
CA PHE A 156 -20.31 -4.75 -4.41
C PHE A 156 -19.43 -5.19 -3.21
N MET A 157 -19.05 -4.24 -2.33
CA MET A 157 -18.18 -4.47 -1.16
C MET A 157 -18.85 -5.40 -0.13
N THR A 158 -20.09 -5.09 0.25
CA THR A 158 -20.89 -5.92 1.17
C THR A 158 -21.19 -7.31 0.59
N GLU A 159 -21.35 -7.43 -0.72
CA GLU A 159 -21.65 -8.69 -1.41
C GLU A 159 -20.52 -9.71 -1.24
N HIS A 160 -19.27 -9.32 -1.49
CA HIS A 160 -18.11 -10.21 -1.32
C HIS A 160 -17.82 -10.54 0.15
N GLU A 161 -18.06 -9.60 1.06
CA GLU A 161 -17.99 -9.86 2.50
C GLU A 161 -19.10 -10.82 2.99
N ARG A 162 -20.34 -10.71 2.49
CA ARG A 162 -21.47 -11.62 2.79
C ARG A 162 -21.32 -13.01 2.16
N LYS A 163 -20.60 -13.11 1.04
CA LYS A 163 -20.12 -14.38 0.44
C LYS A 163 -19.01 -15.07 1.25
N GLY A 164 -18.57 -14.44 2.34
CA GLY A 164 -17.53 -14.94 3.24
C GLY A 164 -16.11 -14.78 2.69
N ARG A 165 -15.91 -13.84 1.77
CA ARG A 165 -14.63 -13.57 1.10
C ARG A 165 -13.92 -12.35 1.71
N THR A 166 -12.90 -11.83 1.03
CA THR A 166 -12.07 -10.72 1.48
C THR A 166 -12.25 -9.52 0.54
N ALA A 167 -12.68 -8.38 1.07
CA ALA A 167 -13.08 -7.21 0.28
C ALA A 167 -12.33 -5.95 0.76
N VAL A 168 -11.53 -5.33 -0.12
CA VAL A 168 -10.66 -4.18 0.21
C VAL A 168 -10.66 -3.11 -0.87
N LEU A 169 -10.39 -1.85 -0.48
CA LEU A 169 -10.32 -0.69 -1.36
C LEU A 169 -8.89 -0.14 -1.47
N VAL A 170 -8.61 0.62 -2.54
CA VAL A 170 -7.28 1.17 -2.86
C VAL A 170 -7.36 2.68 -3.12
N ALA A 171 -6.56 3.46 -2.41
CA ALA A 171 -6.48 4.91 -2.53
C ALA A 171 -5.05 5.39 -2.83
N VAL A 172 -4.93 6.56 -3.47
CA VAL A 172 -3.71 7.11 -4.08
C VAL A 172 -3.72 8.64 -3.99
N ASP A 173 -2.68 9.24 -3.39
CA ASP A 173 -2.53 10.69 -3.14
C ASP A 173 -3.83 11.37 -2.70
N ASP A 174 -4.41 10.83 -1.63
CA ASP A 174 -5.67 11.25 -1.00
C ASP A 174 -6.93 11.24 -1.90
N GLU A 175 -6.98 10.35 -2.89
CA GLU A 175 -8.19 10.05 -3.69
C GLU A 175 -8.36 8.53 -3.85
N LEU A 176 -9.59 8.03 -4.01
CA LEU A 176 -9.81 6.62 -4.37
C LEU A 176 -9.39 6.34 -5.82
N CYS A 177 -8.99 5.09 -6.12
CA CYS A 177 -8.80 4.63 -7.50
C CYS A 177 -9.68 3.40 -7.80
N GLY A 178 -9.74 2.41 -6.90
CA GLY A 178 -10.54 1.20 -7.12
C GLY A 178 -10.66 0.27 -5.91
N LEU A 179 -11.05 -0.97 -6.18
CA LEU A 179 -11.22 -2.04 -5.19
C LEU A 179 -10.74 -3.41 -5.70
N ILE A 180 -10.38 -4.27 -4.75
CA ILE A 180 -9.87 -5.62 -5.00
C ILE A 180 -10.74 -6.63 -4.23
N ALA A 181 -11.24 -7.64 -4.95
CA ALA A 181 -11.91 -8.80 -4.38
C ALA A 181 -10.91 -9.97 -4.25
N ILE A 182 -10.90 -10.61 -3.08
CA ILE A 182 -9.92 -11.61 -2.64
C ILE A 182 -10.70 -12.71 -1.89
N ALA A 183 -10.15 -13.91 -1.74
CA ALA A 183 -10.75 -15.00 -0.95
C ALA A 183 -9.76 -15.55 0.11
N ASP A 184 -10.25 -16.35 1.04
CA ASP A 184 -9.48 -16.92 2.15
C ASP A 184 -9.47 -18.46 2.09
N THR A 185 -8.32 -19.06 2.40
CA THR A 185 -8.06 -20.51 2.41
C THR A 185 -6.96 -20.89 3.42
N SER A 1 8.16 -11.26 8.62
CA SER A 1 6.87 -11.26 7.91
C SER A 1 5.72 -11.42 8.89
N PHE A 2 4.58 -10.78 8.63
CA PHE A 2 3.33 -11.02 9.38
C PHE A 2 2.81 -12.45 9.11
N THR A 3 2.34 -13.15 10.15
CA THR A 3 1.83 -14.54 10.09
C THR A 3 2.87 -15.56 9.53
N MET A 4 2.54 -16.85 9.51
CA MET A 4 3.30 -17.88 8.79
C MET A 4 2.40 -18.84 8.00
N HIS A 5 1.38 -19.43 8.63
CA HIS A 5 0.51 -20.44 8.01
C HIS A 5 -0.67 -19.86 7.19
N GLY A 6 -1.23 -18.72 7.63
CA GLY A 6 -2.34 -18.05 6.95
C GLY A 6 -2.01 -17.74 5.49
N THR A 7 -2.84 -18.24 4.57
CA THR A 7 -2.60 -18.15 3.12
C THR A 7 -3.67 -17.30 2.43
N PRO A 8 -3.32 -16.16 1.82
CA PRO A 8 -4.24 -15.33 1.03
C PRO A 8 -4.41 -15.88 -0.40
N VAL A 9 -5.54 -15.59 -1.04
CA VAL A 9 -5.83 -15.98 -2.43
C VAL A 9 -6.59 -14.83 -3.10
N VAL A 10 -5.94 -14.05 -3.98
CA VAL A 10 -6.61 -12.90 -4.61
C VAL A 10 -7.65 -13.34 -5.64
N ASN A 11 -8.85 -12.79 -5.50
CA ASN A 11 -10.05 -13.18 -6.17
C ASN A 11 -10.43 -12.23 -7.32
N GLN A 12 -10.42 -10.91 -7.10
CA GLN A 12 -10.72 -9.91 -8.13
C GLN A 12 -10.06 -8.54 -7.84
N VAL A 13 -9.67 -7.81 -8.89
CA VAL A 13 -9.26 -6.40 -8.80
C VAL A 13 -10.17 -5.53 -9.67
N LYS A 14 -10.74 -4.44 -9.11
CA LYS A 14 -11.73 -3.59 -9.80
C LYS A 14 -11.44 -2.09 -9.65
N VAL A 15 -11.73 -1.33 -10.69
CA VAL A 15 -11.52 0.13 -10.76
C VAL A 15 -12.75 0.92 -10.29
N LEU A 16 -12.48 2.05 -9.63
CA LEU A 16 -13.47 3.08 -9.26
C LEU A 16 -13.17 4.45 -9.92
N THR A 17 -11.89 4.75 -10.20
CA THR A 17 -11.45 5.98 -10.88
C THR A 17 -10.55 5.63 -12.06
N GLU A 18 -10.91 6.09 -13.26
CA GLU A 18 -10.17 5.93 -14.51
C GLU A 18 -9.90 7.29 -15.16
N SER A 19 -8.73 7.47 -15.78
CA SER A 19 -8.26 8.66 -16.52
C SER A 19 -8.09 9.96 -15.71
N ASN A 20 -8.87 10.20 -14.65
CA ASN A 20 -8.89 11.50 -13.95
C ASN A 20 -7.76 11.70 -12.92
N ARG A 21 -7.03 10.63 -12.58
CA ARG A 21 -5.85 10.65 -11.68
C ARG A 21 -4.95 9.43 -11.86
N ILE A 22 -5.55 8.25 -12.07
CA ILE A 22 -4.89 6.95 -12.31
C ILE A 22 -5.76 6.14 -13.30
N SER A 23 -5.22 5.05 -13.84
CA SER A 23 -5.94 4.03 -14.64
C SER A 23 -5.39 2.62 -14.36
N HIS A 24 -6.15 1.56 -14.70
CA HIS A 24 -5.95 0.15 -14.33
C HIS A 24 -4.50 -0.36 -14.41
N HIS A 25 -3.80 -0.13 -15.53
CA HIS A 25 -2.41 -0.58 -15.71
C HIS A 25 -1.44 0.07 -14.70
N LYS A 26 -1.63 1.36 -14.38
CA LYS A 26 -0.83 2.07 -13.36
C LYS A 26 -1.25 1.63 -11.95
N ILE A 27 -2.54 1.43 -11.68
CA ILE A 27 -3.05 0.97 -10.37
C ILE A 27 -2.41 -0.39 -9.99
N LEU A 28 -2.46 -1.39 -10.87
CA LEU A 28 -1.89 -2.71 -10.57
C LEU A 28 -0.36 -2.67 -10.45
N ALA A 29 0.30 -1.79 -11.20
CA ALA A 29 1.74 -1.60 -11.10
C ALA A 29 2.15 -0.99 -9.74
N ILE A 30 1.52 0.10 -9.28
CA ILE A 30 1.88 0.75 -8.00
C ILE A 30 1.53 -0.09 -6.77
N VAL A 31 0.41 -0.83 -6.78
CA VAL A 31 0.05 -1.75 -5.69
C VAL A 31 0.97 -2.97 -5.66
N GLY A 32 1.25 -3.59 -6.81
CA GLY A 32 2.13 -4.76 -6.88
C GLY A 32 3.59 -4.47 -6.56
N THR A 33 4.09 -3.28 -6.93
CA THR A 33 5.42 -2.81 -6.52
C THR A 33 5.48 -2.52 -5.02
N ALA A 34 4.46 -1.86 -4.44
CA ALA A 34 4.37 -1.64 -3.00
C ALA A 34 4.41 -2.95 -2.19
N GLU A 35 3.61 -3.96 -2.56
CA GLU A 35 3.60 -5.26 -1.89
C GLU A 35 4.88 -6.10 -2.17
N SER A 36 5.66 -5.79 -3.22
CA SER A 36 7.00 -6.37 -3.43
C SER A 36 8.03 -5.83 -2.44
N ASN A 37 7.85 -4.59 -1.96
CA ASN A 37 8.68 -3.94 -0.94
C ASN A 37 8.15 -4.18 0.50
N SER A 38 6.85 -4.49 0.66
CA SER A 38 6.19 -4.73 1.96
C SER A 38 6.51 -6.11 2.57
N GLU A 39 6.05 -6.33 3.81
CA GLU A 39 6.25 -7.55 4.62
C GLU A 39 4.93 -8.10 5.22
N HIS A 40 3.79 -7.63 4.69
CA HIS A 40 2.42 -7.97 5.14
C HIS A 40 2.00 -9.42 4.84
N PRO A 41 0.90 -9.93 5.44
CA PRO A 41 0.50 -11.33 5.32
C PRO A 41 -0.43 -11.64 4.13
N LEU A 42 -1.16 -10.62 3.66
CA LEU A 42 -2.30 -10.71 2.73
C LEU A 42 -1.97 -10.09 1.35
N GLY A 43 -1.41 -8.88 1.34
CA GLY A 43 -1.07 -8.14 0.12
C GLY A 43 -0.08 -8.85 -0.83
N THR A 44 0.70 -9.82 -0.35
CA THR A 44 1.65 -10.58 -1.19
C THR A 44 1.00 -11.47 -2.24
N ALA A 45 -0.30 -11.72 -2.13
CA ALA A 45 -1.11 -12.35 -3.18
C ALA A 45 -1.22 -11.43 -4.43
N ILE A 46 -1.28 -10.11 -4.20
CA ILE A 46 -1.27 -9.07 -5.24
C ILE A 46 0.14 -8.95 -5.84
N THR A 47 1.21 -9.11 -5.05
CA THR A 47 2.58 -9.21 -5.57
C THR A 47 2.71 -10.31 -6.62
N LYS A 48 2.20 -11.53 -6.35
CA LYS A 48 2.16 -12.63 -7.32
C LYS A 48 1.35 -12.25 -8.57
N TYR A 49 0.14 -11.72 -8.39
CA TYR A 49 -0.75 -11.29 -9.50
C TYR A 49 -0.07 -10.26 -10.42
N CYS A 50 0.61 -9.26 -9.85
CA CYS A 50 1.35 -8.24 -10.60
C CYS A 50 2.61 -8.83 -11.26
N LYS A 51 3.46 -9.56 -10.53
CA LYS A 51 4.66 -10.22 -11.10
C LYS A 51 4.31 -11.17 -12.24
N GLN A 52 3.21 -11.90 -12.15
CA GLN A 52 2.70 -12.77 -13.22
C GLN A 52 2.16 -11.98 -14.42
N GLU A 53 1.51 -10.83 -14.21
CA GLU A 53 1.05 -9.92 -15.28
C GLU A 53 2.22 -9.21 -16.00
N LEU A 54 3.18 -8.66 -15.25
CA LEU A 54 4.37 -7.98 -15.78
C LEU A 54 5.41 -8.93 -16.38
N ASP A 55 5.50 -10.17 -15.87
CA ASP A 55 6.50 -11.18 -16.24
C ASP A 55 7.95 -10.64 -16.11
N THR A 56 8.26 -9.97 -14.99
CA THR A 56 9.50 -9.22 -14.78
C THR A 56 10.02 -9.20 -13.34
N GLU A 57 11.34 -9.18 -13.12
CA GLU A 57 11.99 -9.25 -11.80
C GLU A 57 12.59 -7.91 -11.32
N THR A 58 12.16 -6.78 -11.88
CA THR A 58 12.76 -5.45 -11.65
C THR A 58 11.88 -4.49 -10.85
N LEU A 59 10.64 -4.90 -10.55
CA LEU A 59 9.61 -4.06 -9.94
C LEU A 59 9.89 -3.73 -8.45
N GLY A 60 9.44 -2.55 -8.00
CA GLY A 60 9.59 -2.02 -6.64
C GLY A 60 11.01 -1.57 -6.29
N THR A 61 11.13 -0.41 -5.61
CA THR A 61 12.38 0.15 -5.11
C THR A 61 12.25 0.71 -3.67
N CYS A 62 11.16 1.38 -3.34
CA CYS A 62 10.96 2.13 -2.08
C CYS A 62 9.56 1.98 -1.46
N ILE A 63 9.47 1.90 -0.13
CA ILE A 63 8.29 1.98 0.75
C ILE A 63 8.66 2.81 2.00
N ASP A 64 7.82 3.76 2.40
CA ASP A 64 8.03 4.57 3.63
C ASP A 64 7.38 4.01 4.91
N PHE A 65 6.46 3.04 4.79
CA PHE A 65 5.79 2.25 5.85
C PHE A 65 5.08 3.03 6.98
N GLN A 66 3.75 2.89 7.03
CA GLN A 66 2.88 3.27 8.15
C GLN A 66 1.82 2.17 8.25
N VAL A 67 2.06 1.15 9.09
CA VAL A 67 1.23 -0.07 9.14
C VAL A 67 0.23 -0.01 10.30
N VAL A 68 -0.93 -0.66 10.14
CA VAL A 68 -1.96 -0.81 11.17
C VAL A 68 -2.56 -2.23 11.12
N PRO A 69 -2.25 -3.13 12.07
CA PRO A 69 -2.79 -4.50 12.10
C PRO A 69 -4.34 -4.51 12.19
N GLY A 70 -4.98 -5.53 11.63
CA GLY A 70 -6.45 -5.57 11.49
C GLY A 70 -7.01 -4.63 10.41
N CYS A 71 -6.23 -3.63 9.97
CA CYS A 71 -6.66 -2.57 9.07
C CYS A 71 -5.94 -2.60 7.71
N GLY A 72 -4.66 -2.22 7.65
CA GLY A 72 -3.94 -2.04 6.37
C GLY A 72 -2.65 -1.25 6.52
N ILE A 73 -2.23 -0.58 5.44
CA ILE A 73 -1.01 0.24 5.41
C ILE A 73 -1.16 1.51 4.54
N SER A 74 -0.46 2.58 4.93
CA SER A 74 -0.18 3.77 4.12
C SER A 74 1.33 3.91 3.90
N CYS A 75 1.76 4.40 2.74
CA CYS A 75 3.16 4.47 2.36
C CYS A 75 3.43 5.40 1.17
N LYS A 76 4.71 5.77 0.95
CA LYS A 76 5.16 6.40 -0.29
C LYS A 76 6.03 5.41 -1.05
N VAL A 77 5.99 5.45 -2.38
CA VAL A 77 6.88 4.68 -3.26
C VAL A 77 7.64 5.60 -4.21
N THR A 78 8.81 5.15 -4.67
CA THR A 78 9.60 5.84 -5.71
C THR A 78 10.34 4.84 -6.60
N ASN A 79 10.68 5.33 -7.78
CA ASN A 79 11.72 4.89 -8.71
C ASN A 79 11.93 5.99 -9.77
N ILE A 80 10.87 6.72 -10.15
CA ILE A 80 10.93 7.97 -10.96
C ILE A 80 11.88 9.05 -10.41
N GLU A 81 12.21 9.02 -9.11
CA GLU A 81 13.22 9.88 -8.49
C GLU A 81 14.07 9.08 -7.49
N GLY A 82 14.44 7.83 -7.84
CA GLY A 82 15.14 6.88 -6.96
C GLY A 82 16.45 7.37 -6.33
N LEU A 83 17.05 8.43 -6.88
CA LEU A 83 18.23 9.12 -6.35
C LEU A 83 17.99 9.92 -5.04
N LEU A 84 16.74 10.01 -4.57
CA LEU A 84 16.35 10.73 -3.34
C LEU A 84 16.77 10.01 -2.04
N HIS A 85 16.91 8.68 -2.11
CA HIS A 85 17.08 7.77 -0.96
C HIS A 85 15.87 7.75 0.00
N LYS A 86 15.90 6.90 1.04
CA LYS A 86 14.73 6.54 1.87
C LYS A 86 14.55 7.24 3.24
N ASN A 87 15.32 8.30 3.56
CA ASN A 87 15.44 8.95 4.89
C ASN A 87 15.97 8.02 6.01
N ASN A 88 15.20 6.97 6.32
CA ASN A 88 15.38 5.98 7.40
C ASN A 88 15.28 6.55 8.84
N TRP A 89 14.94 5.67 9.78
CA TRP A 89 14.82 5.84 11.24
C TRP A 89 13.72 6.81 11.70
N ASN A 90 13.36 6.71 12.98
CA ASN A 90 12.38 7.58 13.67
C ASN A 90 10.92 7.45 13.18
N ILE A 91 10.67 6.66 12.12
CA ILE A 91 9.36 6.46 11.46
C ILE A 91 8.34 5.74 12.38
N GLU A 92 8.78 5.14 13.48
CA GLU A 92 8.07 4.22 14.37
C GLU A 92 7.89 2.83 13.73
N ASP A 93 7.58 2.78 12.42
CA ASP A 93 7.65 1.59 11.57
C ASP A 93 8.98 1.62 10.76
N ASN A 94 9.09 0.89 9.65
CA ASN A 94 10.27 0.81 8.77
C ASN A 94 11.62 0.42 9.43
N ASN A 95 11.61 -0.19 10.63
CA ASN A 95 12.79 -0.70 11.31
C ASN A 95 12.46 -1.85 12.27
N ILE A 96 11.68 -1.59 13.33
CA ILE A 96 11.35 -2.52 14.42
C ILE A 96 10.56 -3.75 13.91
N LYS A 97 10.58 -4.88 14.64
CA LYS A 97 9.71 -6.04 14.34
C LYS A 97 8.25 -5.75 14.74
N ASN A 98 7.59 -4.95 13.91
CA ASN A 98 6.18 -4.51 14.02
C ASN A 98 5.15 -5.54 13.48
N ALA A 99 5.61 -6.73 13.10
CA ALA A 99 4.83 -7.78 12.44
C ALA A 99 4.28 -8.83 13.43
N SER A 100 3.05 -9.28 13.19
CA SER A 100 2.33 -10.24 14.05
C SER A 100 1.41 -11.17 13.25
N LEU A 101 1.00 -12.30 13.85
CA LEU A 101 0.04 -13.24 13.25
C LEU A 101 -1.44 -12.88 13.46
N VAL A 102 -1.72 -11.80 14.20
CA VAL A 102 -3.06 -11.32 14.61
C VAL A 102 -3.93 -12.47 15.13
N GLN A 103 -3.55 -12.96 16.32
CA GLN A 103 -4.07 -14.16 16.99
C GLN A 103 -5.41 -13.94 17.72
N ILE A 104 -6.18 -12.95 17.30
CA ILE A 104 -7.52 -12.55 17.81
C ILE A 104 -8.42 -12.17 16.62
N ASP A 105 -9.74 -12.35 16.76
CA ASP A 105 -10.74 -12.19 15.70
C ASP A 105 -11.89 -11.21 16.07
N ALA A 106 -11.76 -10.46 17.16
CA ALA A 106 -12.78 -9.55 17.70
C ALA A 106 -12.55 -8.08 17.26
N SER A 107 -12.62 -7.82 15.94
CA SER A 107 -12.44 -6.52 15.26
C SER A 107 -11.29 -5.67 15.85
N ASN A 108 -10.15 -6.32 16.08
CA ASN A 108 -9.04 -5.81 16.88
C ASN A 108 -7.92 -5.08 16.11
N GLU A 109 -7.13 -4.31 16.87
CA GLU A 109 -5.90 -3.58 16.48
C GLU A 109 -6.04 -2.46 15.43
N GLN A 110 -7.24 -2.24 14.84
CA GLN A 110 -7.52 -1.27 13.76
C GLN A 110 -7.24 0.20 14.11
N SER A 111 -7.08 0.50 15.39
CA SER A 111 -6.79 1.83 15.94
C SER A 111 -5.64 1.80 16.97
N SER A 112 -4.83 0.75 16.95
CA SER A 112 -3.75 0.48 17.92
C SER A 112 -2.42 1.21 17.65
N THR A 113 -2.23 1.79 16.47
CA THR A 113 -0.95 2.41 16.05
C THR A 113 -1.15 3.55 15.07
N SER A 114 -0.33 4.59 15.20
CA SER A 114 -0.25 5.75 14.30
C SER A 114 1.11 6.44 14.37
N SER A 115 1.57 6.96 13.24
CA SER A 115 2.86 7.65 13.10
C SER A 115 2.78 9.16 13.38
N SER A 116 3.86 9.72 13.95
CA SER A 116 3.98 11.12 14.40
C SER A 116 5.20 11.86 13.85
N MET A 117 6.32 11.15 13.67
CA MET A 117 7.59 11.67 13.11
C MET A 117 7.81 11.20 11.67
N ILE A 118 8.62 11.93 10.91
CA ILE A 118 8.88 11.82 9.46
C ILE A 118 7.66 12.09 8.55
N ILE A 119 6.43 12.04 9.08
CA ILE A 119 5.18 12.17 8.29
C ILE A 119 4.83 13.60 7.83
N ASP A 120 5.45 14.64 8.41
CA ASP A 120 5.38 16.04 7.94
C ASP A 120 6.72 16.57 7.39
N ALA A 121 7.85 15.98 7.80
CA ALA A 121 9.21 16.37 7.39
C ALA A 121 9.53 16.12 5.90
N GLN A 122 8.68 15.34 5.24
CA GLN A 122 8.80 15.02 3.81
C GLN A 122 8.04 15.99 2.89
N ILE A 123 7.09 16.79 3.43
CA ILE A 123 6.33 17.80 2.67
C ILE A 123 7.28 18.85 2.08
N SER A 124 8.32 19.19 2.84
CA SER A 124 9.35 20.16 2.49
C SER A 124 10.40 19.65 1.48
N ASN A 125 10.33 18.36 1.11
CA ASN A 125 11.08 17.74 0.04
C ASN A 125 10.28 17.56 -1.28
N ALA A 126 8.96 17.78 -1.26
CA ALA A 126 8.04 17.41 -2.36
C ALA A 126 8.35 18.02 -3.74
N LEU A 127 8.92 19.23 -3.80
CA LEU A 127 9.36 19.85 -5.06
C LEU A 127 10.35 18.95 -5.85
N ASN A 128 11.15 18.14 -5.14
CA ASN A 128 11.96 17.07 -5.73
C ASN A 128 11.28 15.69 -5.63
N ALA A 129 10.62 15.37 -4.51
CA ALA A 129 10.09 14.03 -4.25
C ALA A 129 8.75 13.76 -4.99
N GLN A 130 8.85 13.49 -6.30
CA GLN A 130 7.73 13.07 -7.16
C GLN A 130 6.82 11.99 -6.54
N GLN A 131 7.46 11.03 -5.85
CA GLN A 131 6.89 9.99 -4.97
C GLN A 131 5.36 9.90 -4.83
N TYR A 132 4.83 8.74 -5.24
CA TYR A 132 3.43 8.38 -5.15
C TYR A 132 3.04 7.99 -3.70
N LYS A 133 2.02 8.64 -3.12
CA LYS A 133 1.41 8.26 -1.83
C LYS A 133 0.27 7.25 -2.05
N VAL A 134 0.35 6.07 -1.44
CA VAL A 134 -0.66 4.99 -1.59
C VAL A 134 -1.03 4.36 -0.25
N LEU A 135 -2.32 4.01 -0.08
CA LEU A 135 -2.83 3.26 1.08
C LEU A 135 -3.91 2.24 0.68
N ILE A 136 -3.95 1.10 1.36
CA ILE A 136 -4.83 -0.03 1.05
C ILE A 136 -5.28 -0.70 2.34
N GLY A 137 -6.52 -1.22 2.36
CA GLY A 137 -7.03 -2.09 3.43
C GLY A 137 -8.32 -1.62 4.10
N ASN A 138 -8.96 -2.57 4.78
CA ASN A 138 -10.17 -2.38 5.59
C ASN A 138 -11.30 -1.62 4.84
N ARG A 139 -12.13 -0.92 5.62
CA ARG A 139 -13.14 0.07 5.20
C ARG A 139 -13.01 1.38 5.99
N GLU A 140 -12.56 1.36 7.26
CA GLU A 140 -12.49 2.58 8.08
C GLU A 140 -11.46 3.59 7.54
N TRP A 141 -10.31 3.17 7.02
CA TRP A 141 -9.31 4.13 6.49
C TRP A 141 -9.80 4.86 5.22
N MET A 142 -10.81 4.30 4.54
CA MET A 142 -11.48 4.95 3.41
C MET A 142 -12.33 6.15 3.89
N ILE A 143 -12.86 6.08 5.11
CA ILE A 143 -13.47 7.18 5.88
C ILE A 143 -12.33 8.12 6.33
N ARG A 144 -11.47 7.63 7.24
CA ARG A 144 -10.36 8.31 7.94
C ARG A 144 -9.40 9.14 7.07
N ASN A 145 -9.31 8.89 5.75
CA ASN A 145 -8.52 9.68 4.80
C ASN A 145 -9.31 10.82 4.09
N GLY A 146 -10.52 11.16 4.56
CA GLY A 146 -11.30 12.27 4.01
C GLY A 146 -11.83 12.06 2.58
N LEU A 147 -12.22 10.82 2.23
CA LEU A 147 -12.73 10.45 0.90
C LEU A 147 -14.28 10.35 0.89
N VAL A 148 -14.89 10.18 -0.28
CA VAL A 148 -16.33 9.90 -0.50
C VAL A 148 -16.51 8.58 -1.26
N ILE A 149 -17.60 7.85 -0.99
CA ILE A 149 -17.93 6.58 -1.66
C ILE A 149 -19.31 6.57 -2.35
N ASN A 150 -19.45 5.71 -3.36
CA ASN A 150 -20.56 5.64 -4.32
C ASN A 150 -21.35 4.30 -4.25
N ASN A 151 -22.55 4.27 -4.84
CA ASN A 151 -23.52 3.17 -4.70
C ASN A 151 -23.07 1.82 -5.32
N ASP A 152 -22.57 1.80 -6.55
CA ASP A 152 -22.21 0.56 -7.26
C ASP A 152 -21.12 -0.21 -6.49
N VAL A 153 -20.09 0.51 -6.03
CA VAL A 153 -19.00 -0.04 -5.23
C VAL A 153 -19.42 -0.40 -3.80
N ASN A 154 -20.33 0.34 -3.15
CA ASN A 154 -20.83 -0.03 -1.82
C ASN A 154 -21.68 -1.31 -1.86
N ASP A 155 -22.58 -1.42 -2.86
CA ASP A 155 -23.37 -2.63 -3.10
C ASP A 155 -22.47 -3.87 -3.35
N PHE A 156 -21.43 -3.71 -4.17
CA PHE A 156 -20.40 -4.71 -4.45
C PHE A 156 -19.55 -5.06 -3.19
N MET A 157 -19.24 -4.06 -2.36
CA MET A 157 -18.43 -4.22 -1.14
C MET A 157 -19.15 -5.08 -0.09
N THR A 158 -20.40 -4.75 0.23
CA THR A 158 -21.23 -5.59 1.12
C THR A 158 -21.55 -6.94 0.47
N GLU A 159 -21.74 -7.02 -0.85
CA GLU A 159 -21.97 -8.27 -1.58
C GLU A 159 -20.83 -9.28 -1.43
N HIS A 160 -19.58 -8.82 -1.60
CA HIS A 160 -18.38 -9.65 -1.39
C HIS A 160 -18.11 -9.97 0.09
N GLU A 161 -18.40 -9.06 1.02
CA GLU A 161 -18.36 -9.37 2.47
C GLU A 161 -19.41 -10.43 2.88
N ARG A 162 -20.64 -10.32 2.35
CA ARG A 162 -21.78 -11.20 2.68
C ARG A 162 -21.64 -12.63 2.16
N LYS A 163 -20.86 -12.82 1.08
CA LYS A 163 -20.42 -14.15 0.60
C LYS A 163 -19.21 -14.71 1.36
N GLY A 164 -18.80 -14.04 2.44
CA GLY A 164 -17.82 -14.47 3.44
C GLY A 164 -16.36 -14.06 3.17
N ARG A 165 -16.07 -13.46 2.02
CA ARG A 165 -14.71 -13.17 1.55
C ARG A 165 -14.25 -11.77 1.97
N THR A 166 -12.94 -11.52 1.93
CA THR A 166 -12.34 -10.23 2.30
C THR A 166 -12.57 -9.21 1.19
N ALA A 167 -13.25 -8.12 1.52
CA ALA A 167 -13.59 -7.03 0.59
C ALA A 167 -12.97 -5.71 1.09
N VAL A 168 -12.03 -5.14 0.34
CA VAL A 168 -11.20 -3.98 0.77
C VAL A 168 -10.97 -2.96 -0.35
N LEU A 169 -10.64 -1.71 0.01
CA LEU A 169 -10.43 -0.60 -0.93
C LEU A 169 -8.98 -0.10 -0.96
N VAL A 170 -8.61 0.64 -2.01
CA VAL A 170 -7.29 1.27 -2.21
C VAL A 170 -7.41 2.75 -2.63
N ALA A 171 -6.80 3.61 -1.83
CA ALA A 171 -6.75 5.07 -1.99
C ALA A 171 -5.33 5.55 -2.29
N VAL A 172 -5.20 6.68 -2.99
CA VAL A 172 -3.94 7.17 -3.55
C VAL A 172 -3.93 8.70 -3.60
N ASP A 173 -2.96 9.30 -2.92
CA ASP A 173 -2.80 10.76 -2.75
C ASP A 173 -4.14 11.48 -2.49
N ASP A 174 -4.87 10.97 -1.50
CA ASP A 174 -6.16 11.48 -1.04
C ASP A 174 -7.35 11.39 -2.03
N GLU A 175 -7.30 10.48 -3.02
CA GLU A 175 -8.43 10.09 -3.88
C GLU A 175 -8.59 8.56 -3.91
N LEU A 176 -9.81 8.06 -4.11
CA LEU A 176 -10.03 6.62 -4.39
C LEU A 176 -9.56 6.24 -5.81
N CYS A 177 -9.03 5.02 -5.99
CA CYS A 177 -8.75 4.46 -7.33
C CYS A 177 -9.46 3.14 -7.61
N GLY A 178 -9.62 2.26 -6.61
CA GLY A 178 -10.23 0.94 -6.82
C GLY A 178 -10.43 0.12 -5.55
N LEU A 179 -10.77 -1.15 -5.76
CA LEU A 179 -11.01 -2.15 -4.71
C LEU A 179 -10.52 -3.55 -5.10
N ILE A 180 -10.23 -4.36 -4.08
CA ILE A 180 -9.70 -5.73 -4.20
C ILE A 180 -10.58 -6.70 -3.40
N ALA A 181 -10.89 -7.86 -3.99
CA ALA A 181 -11.51 -8.99 -3.33
C ALA A 181 -10.47 -10.11 -3.11
N ILE A 182 -10.38 -10.63 -1.88
CA ILE A 182 -9.50 -11.75 -1.51
C ILE A 182 -10.37 -12.85 -0.91
N ALA A 183 -10.17 -14.07 -1.39
CA ALA A 183 -10.97 -15.23 -1.01
C ALA A 183 -10.32 -16.12 0.07
N ASP A 184 -9.00 -16.18 0.09
CA ASP A 184 -8.19 -17.06 0.96
C ASP A 184 -8.41 -18.57 0.73
N THR A 185 -7.49 -19.41 1.21
CA THR A 185 -7.50 -20.87 0.93
C THR A 185 -8.61 -21.61 1.67
N SER A 1 3.99 -10.96 8.66
CA SER A 1 4.60 -12.29 8.46
C SER A 1 3.84 -13.05 7.39
N PHE A 2 4.51 -13.87 6.57
CA PHE A 2 3.88 -14.67 5.51
C PHE A 2 3.08 -15.86 6.08
N THR A 3 1.86 -16.11 5.59
CA THR A 3 1.00 -17.25 5.95
C THR A 3 0.99 -18.32 4.87
N MET A 4 1.02 -19.57 5.30
CA MET A 4 0.99 -20.76 4.45
C MET A 4 -0.29 -21.58 4.70
N HIS A 5 -0.55 -22.58 3.84
CA HIS A 5 -1.79 -23.35 3.71
C HIS A 5 -2.99 -22.44 3.37
N GLY A 6 -3.52 -21.74 4.37
CA GLY A 6 -4.53 -20.70 4.18
C GLY A 6 -3.88 -19.39 3.73
N THR A 7 -3.40 -19.37 2.49
CA THR A 7 -2.69 -18.23 1.87
C THR A 7 -3.67 -17.41 1.02
N PRO A 8 -3.61 -16.06 1.04
CA PRO A 8 -4.47 -15.21 0.22
C PRO A 8 -4.16 -15.36 -1.27
N VAL A 9 -5.21 -15.26 -2.10
CA VAL A 9 -5.13 -15.21 -3.57
C VAL A 9 -6.02 -14.06 -4.06
N VAL A 10 -5.50 -13.13 -4.88
CA VAL A 10 -6.34 -12.01 -5.36
C VAL A 10 -7.36 -12.54 -6.37
N ASN A 11 -8.63 -12.28 -6.09
CA ASN A 11 -9.77 -12.90 -6.76
C ASN A 11 -10.33 -12.04 -7.89
N GLN A 12 -10.42 -10.72 -7.67
CA GLN A 12 -10.84 -9.72 -8.66
C GLN A 12 -10.35 -8.31 -8.27
N VAL A 13 -10.23 -7.41 -9.24
CA VAL A 13 -10.01 -5.96 -8.99
C VAL A 13 -10.99 -5.13 -9.82
N LYS A 14 -11.46 -4.00 -9.27
CA LYS A 14 -12.35 -3.04 -9.93
C LYS A 14 -11.80 -1.62 -9.79
N VAL A 15 -11.92 -0.82 -10.86
CA VAL A 15 -11.65 0.62 -10.80
C VAL A 15 -12.84 1.32 -10.16
N LEU A 16 -12.60 2.35 -9.35
CA LEU A 16 -13.62 3.13 -8.64
C LEU A 16 -13.69 4.58 -9.17
N THR A 17 -12.54 5.16 -9.46
CA THR A 17 -12.40 6.42 -10.20
C THR A 17 -12.06 6.07 -11.63
N GLU A 18 -13.06 5.92 -12.50
CA GLU A 18 -12.87 5.37 -13.85
C GLU A 18 -12.56 6.47 -14.88
N SER A 19 -11.43 6.34 -15.57
CA SER A 19 -10.96 7.25 -16.63
C SER A 19 -10.93 8.74 -16.27
N ASN A 20 -10.53 9.08 -15.03
CA ASN A 20 -10.50 10.45 -14.50
C ASN A 20 -9.30 10.81 -13.60
N ARG A 21 -8.45 9.84 -13.20
CA ARG A 21 -7.21 10.09 -12.43
C ARG A 21 -6.07 9.13 -12.82
N ILE A 22 -6.22 7.82 -12.56
CA ILE A 22 -5.21 6.75 -12.75
C ILE A 22 -5.89 5.46 -13.26
N SER A 23 -5.22 4.74 -14.17
CA SER A 23 -5.76 3.58 -14.89
C SER A 23 -5.33 2.23 -14.29
N HIS A 24 -6.14 1.18 -14.47
CA HIS A 24 -6.01 -0.10 -13.74
C HIS A 24 -4.60 -0.76 -13.73
N HIS A 25 -3.85 -0.70 -14.84
CA HIS A 25 -2.51 -1.31 -14.90
C HIS A 25 -1.50 -0.57 -14.01
N LYS A 26 -1.63 0.76 -13.90
CA LYS A 26 -0.80 1.55 -12.96
C LYS A 26 -1.23 1.35 -11.50
N ILE A 27 -2.53 1.19 -11.22
CA ILE A 27 -3.02 0.87 -9.85
C ILE A 27 -2.41 -0.45 -9.35
N LEU A 28 -2.48 -1.52 -10.15
CA LEU A 28 -1.91 -2.82 -9.73
C LEU A 28 -0.38 -2.79 -9.67
N ALA A 29 0.29 -2.02 -10.55
CA ALA A 29 1.73 -1.82 -10.52
C ALA A 29 2.19 -1.15 -9.21
N ILE A 30 1.59 -0.03 -8.79
CA ILE A 30 2.04 0.71 -7.59
C ILE A 30 1.76 -0.04 -6.29
N VAL A 31 0.62 -0.74 -6.18
CA VAL A 31 0.32 -1.57 -5.00
C VAL A 31 1.23 -2.81 -4.95
N GLY A 32 1.44 -3.50 -6.08
CA GLY A 32 2.31 -4.69 -6.13
C GLY A 32 3.78 -4.37 -5.84
N THR A 33 4.28 -3.24 -6.34
CA THR A 33 5.67 -2.77 -6.10
C THR A 33 5.88 -2.20 -4.70
N ALA A 34 4.86 -1.62 -4.08
CA ALA A 34 4.89 -1.22 -2.67
C ALA A 34 5.05 -2.44 -1.75
N GLU A 35 4.20 -3.45 -1.92
CA GLU A 35 4.20 -4.68 -1.12
C GLU A 35 5.46 -5.55 -1.33
N SER A 36 6.19 -5.34 -2.43
CA SER A 36 7.45 -6.04 -2.76
C SER A 36 8.55 -5.89 -1.70
N ASN A 37 8.50 -4.83 -0.86
CA ASN A 37 9.41 -4.60 0.27
C ASN A 37 8.79 -4.93 1.66
N SER A 38 7.51 -5.32 1.74
CA SER A 38 6.77 -5.57 3.00
C SER A 38 6.95 -7.00 3.55
N GLU A 39 6.45 -7.25 4.77
CA GLU A 39 6.34 -8.58 5.40
C GLU A 39 4.88 -9.05 5.58
N HIS A 40 3.90 -8.22 5.23
CA HIS A 40 2.47 -8.45 5.50
C HIS A 40 1.87 -9.65 4.73
N PRO A 41 0.82 -10.28 5.27
CA PRO A 41 0.26 -11.52 4.72
C PRO A 41 -0.58 -11.30 3.45
N LEU A 42 -1.38 -10.23 3.42
CA LEU A 42 -2.44 -10.04 2.42
C LEU A 42 -1.94 -9.32 1.15
N GLY A 43 -1.29 -8.17 1.32
CA GLY A 43 -0.83 -7.34 0.20
C GLY A 43 0.25 -7.99 -0.69
N THR A 44 1.07 -8.87 -0.12
CA THR A 44 2.12 -9.60 -0.86
C THR A 44 1.57 -10.59 -1.91
N ALA A 45 0.28 -10.91 -1.90
CA ALA A 45 -0.38 -11.62 -3.01
C ALA A 45 -0.53 -10.69 -4.24
N ILE A 46 -0.75 -9.39 -4.03
CA ILE A 46 -0.84 -8.37 -5.08
C ILE A 46 0.55 -8.16 -5.71
N THR A 47 1.62 -8.24 -4.93
CA THR A 47 3.00 -8.29 -5.48
C THR A 47 3.15 -9.42 -6.50
N LYS A 48 2.75 -10.66 -6.15
CA LYS A 48 2.78 -11.80 -7.07
C LYS A 48 1.89 -11.56 -8.29
N TYR A 49 0.66 -11.08 -8.11
CA TYR A 49 -0.27 -10.77 -9.20
C TYR A 49 0.33 -9.79 -10.22
N CYS A 50 0.96 -8.71 -9.74
CA CYS A 50 1.73 -7.78 -10.56
C CYS A 50 2.94 -8.46 -11.22
N LYS A 51 3.83 -9.12 -10.48
CA LYS A 51 5.03 -9.79 -11.00
C LYS A 51 4.70 -10.79 -12.12
N GLN A 52 3.61 -11.54 -11.96
CA GLN A 52 3.06 -12.46 -12.95
C GLN A 52 2.36 -11.76 -14.14
N GLU A 53 1.69 -10.62 -13.94
CA GLU A 53 1.15 -9.78 -15.04
C GLU A 53 2.26 -9.17 -15.89
N LEU A 54 3.32 -8.67 -15.25
CA LEU A 54 4.52 -8.12 -15.91
C LEU A 54 5.43 -9.21 -16.54
N ASP A 55 5.07 -10.49 -16.46
CA ASP A 55 5.81 -11.65 -16.95
C ASP A 55 7.31 -11.62 -16.57
N THR A 56 7.60 -11.26 -15.32
CA THR A 56 8.97 -10.97 -14.84
C THR A 56 9.32 -11.66 -13.51
N GLU A 57 10.50 -11.36 -12.96
CA GLU A 57 11.08 -11.95 -11.74
C GLU A 57 11.43 -10.89 -10.67
N THR A 58 11.26 -9.60 -11.01
CA THR A 58 11.65 -8.42 -10.19
C THR A 58 10.75 -7.20 -10.47
N LEU A 59 10.47 -6.42 -9.43
CA LEU A 59 9.68 -5.17 -9.42
C LEU A 59 9.97 -4.34 -8.13
N GLY A 60 9.53 -3.07 -8.07
CA GLY A 60 9.67 -2.19 -6.89
C GLY A 60 11.10 -1.77 -6.51
N THR A 61 11.21 -0.79 -5.60
CA THR A 61 12.49 -0.26 -5.05
C THR A 61 12.38 0.23 -3.61
N CYS A 62 11.45 1.15 -3.29
CA CYS A 62 11.37 1.87 -1.99
C CYS A 62 9.93 1.92 -1.45
N ILE A 63 9.74 1.82 -0.13
CA ILE A 63 8.52 1.80 0.65
C ILE A 63 8.75 2.65 1.92
N ASP A 64 7.70 3.29 2.43
CA ASP A 64 7.73 4.02 3.70
C ASP A 64 6.41 3.80 4.44
N PHE A 65 6.16 2.56 4.87
CA PHE A 65 4.86 2.11 5.37
C PHE A 65 4.56 2.41 6.85
N GLN A 66 3.27 2.62 7.14
CA GLN A 66 2.71 2.89 8.46
C GLN A 66 1.82 1.70 8.83
N VAL A 67 2.21 0.95 9.85
CA VAL A 67 1.63 -0.36 10.23
C VAL A 67 0.62 -0.18 11.38
N VAL A 68 -0.61 -0.64 11.16
CA VAL A 68 -1.72 -0.65 12.13
C VAL A 68 -2.46 -1.97 11.96
N PRO A 69 -2.18 -2.99 12.81
CA PRO A 69 -2.70 -4.35 12.61
C PRO A 69 -4.24 -4.42 12.59
N GLY A 70 -4.81 -5.08 11.58
CA GLY A 70 -6.25 -5.19 11.39
C GLY A 70 -6.94 -3.91 10.87
N CYS A 71 -6.22 -3.05 10.13
CA CYS A 71 -6.75 -1.80 9.60
C CYS A 71 -6.37 -1.53 8.14
N GLY A 72 -5.11 -1.77 7.73
CA GLY A 72 -4.62 -1.43 6.40
C GLY A 72 -3.12 -1.12 6.35
N ILE A 73 -2.70 -0.46 5.28
CA ILE A 73 -1.36 0.15 5.12
C ILE A 73 -1.47 1.50 4.43
N SER A 74 -0.60 2.42 4.82
CA SER A 74 -0.33 3.67 4.09
C SER A 74 1.17 3.87 3.97
N CYS A 75 1.66 4.27 2.78
CA CYS A 75 3.09 4.37 2.49
C CYS A 75 3.43 5.38 1.40
N LYS A 76 4.74 5.66 1.26
CA LYS A 76 5.31 6.41 0.13
C LYS A 76 6.11 5.41 -0.69
N VAL A 77 6.10 5.49 -2.01
CA VAL A 77 6.69 4.46 -2.89
C VAL A 77 7.35 5.06 -4.14
N THR A 78 8.54 4.55 -4.50
CA THR A 78 9.19 4.83 -5.80
C THR A 78 9.81 3.59 -6.43
N ASN A 79 9.98 3.67 -7.74
CA ASN A 79 10.83 2.87 -8.60
C ASN A 79 11.02 3.61 -9.95
N ILE A 80 9.98 4.29 -10.44
CA ILE A 80 9.97 5.18 -11.62
C ILE A 80 11.22 6.04 -11.82
N GLU A 81 11.77 6.63 -10.75
CA GLU A 81 13.08 7.31 -10.73
C GLU A 81 13.90 6.84 -9.52
N GLY A 82 14.04 5.52 -9.37
CA GLY A 82 14.82 4.82 -8.33
C GLY A 82 16.33 5.11 -8.32
N LEU A 83 16.81 6.01 -9.19
CA LEU A 83 18.19 6.54 -9.24
C LEU A 83 18.68 7.19 -7.92
N LEU A 84 17.81 7.36 -6.94
CA LEU A 84 18.12 7.84 -5.58
C LEU A 84 18.53 6.73 -4.58
N HIS A 85 18.51 5.46 -5.00
CA HIS A 85 18.65 4.29 -4.14
C HIS A 85 19.41 3.14 -4.84
N LYS A 86 20.14 2.33 -4.06
CA LYS A 86 20.96 1.19 -4.53
C LYS A 86 20.71 -0.10 -3.74
N ASN A 87 20.60 -1.22 -4.45
CA ASN A 87 20.42 -2.58 -3.90
C ASN A 87 21.72 -3.19 -3.37
N ASN A 88 22.86 -2.91 -4.03
CA ASN A 88 24.20 -3.39 -3.70
C ASN A 88 24.35 -4.94 -3.68
N TRP A 89 25.57 -5.45 -3.51
CA TRP A 89 25.87 -6.88 -3.68
C TRP A 89 27.17 -7.33 -3.02
N ASN A 90 28.21 -6.48 -3.12
CA ASN A 90 29.52 -6.68 -2.54
C ASN A 90 29.51 -6.32 -1.05
N ILE A 91 29.00 -5.12 -0.71
CA ILE A 91 28.65 -4.60 0.63
C ILE A 91 29.73 -4.79 1.71
N GLU A 92 30.44 -3.71 2.05
CA GLU A 92 31.38 -3.65 3.18
C GLU A 92 30.67 -3.64 4.55
N ASP A 93 29.40 -3.24 4.65
CA ASP A 93 28.59 -3.24 5.89
C ASP A 93 28.34 -4.67 6.44
N ASN A 94 28.36 -5.71 5.60
CA ASN A 94 27.92 -7.06 5.87
C ASN A 94 29.08 -8.08 6.07
N ASN A 95 29.46 -8.28 7.33
CA ASN A 95 30.34 -9.35 7.83
C ASN A 95 29.93 -9.77 9.25
N ILE A 96 29.52 -8.79 10.07
CA ILE A 96 28.86 -8.96 11.38
C ILE A 96 27.48 -8.30 11.35
N LYS A 97 26.58 -8.70 12.26
CA LYS A 97 25.20 -8.20 12.36
C LYS A 97 24.45 -8.21 11.02
N ASN A 98 24.54 -9.34 10.32
CA ASN A 98 24.11 -9.51 8.93
C ASN A 98 22.59 -9.69 8.72
N ALA A 99 21.80 -9.78 9.80
CA ALA A 99 20.38 -10.14 9.82
C ALA A 99 20.04 -11.53 9.20
N SER A 100 18.83 -12.03 9.49
CA SER A 100 18.35 -13.34 9.04
C SER A 100 16.88 -13.28 8.57
N LEU A 101 16.55 -13.93 7.44
CA LEU A 101 15.24 -13.91 6.79
C LEU A 101 14.15 -14.80 7.45
N VAL A 102 14.29 -15.01 8.76
CA VAL A 102 13.29 -15.59 9.68
C VAL A 102 13.08 -14.72 10.93
N GLN A 103 13.75 -13.57 11.03
CA GLN A 103 13.55 -12.60 12.11
C GLN A 103 12.17 -11.92 12.03
N ILE A 104 11.61 -11.61 13.20
CA ILE A 104 10.23 -11.13 13.38
C ILE A 104 10.18 -9.61 13.57
N ASP A 105 9.19 -8.96 12.95
CA ASP A 105 8.92 -7.51 12.99
C ASP A 105 7.43 -7.23 13.30
N ALA A 106 6.88 -8.01 14.25
CA ALA A 106 5.46 -8.10 14.57
C ALA A 106 4.96 -7.08 15.63
N SER A 107 5.73 -6.04 15.95
CA SER A 107 5.27 -4.92 16.78
C SER A 107 5.94 -3.59 16.44
N ASN A 108 5.12 -2.53 16.33
CA ASN A 108 5.57 -1.14 16.23
C ASN A 108 5.04 -0.30 17.43
N GLU A 109 4.75 -0.98 18.54
CA GLU A 109 4.01 -0.51 19.74
C GLU A 109 2.49 -0.43 19.46
N GLN A 110 1.64 -0.86 20.40
CA GLN A 110 0.19 -0.59 20.26
C GLN A 110 -0.09 0.90 20.40
N SER A 111 -1.07 1.40 19.65
CA SER A 111 -1.56 2.78 19.80
C SER A 111 -0.44 3.83 19.71
N SER A 112 0.56 3.62 18.83
CA SER A 112 1.75 4.48 18.75
C SER A 112 1.43 5.88 18.22
N THR A 113 2.34 6.85 18.43
CA THR A 113 2.26 8.18 17.80
C THR A 113 2.56 8.08 16.30
N SER A 114 2.16 9.07 15.50
CA SER A 114 2.42 9.07 14.05
C SER A 114 3.93 9.08 13.79
N SER A 115 4.36 8.39 12.71
CA SER A 115 5.77 8.08 12.39
C SER A 115 6.53 9.28 11.81
N SER A 116 6.50 10.42 12.53
CA SER A 116 7.14 11.67 12.13
C SER A 116 8.67 11.56 11.99
N MET A 117 9.28 10.49 12.50
CA MET A 117 10.66 10.10 12.20
C MET A 117 10.93 9.93 10.69
N ILE A 118 9.91 9.61 9.87
CA ILE A 118 10.00 9.41 8.41
C ILE A 118 8.86 10.07 7.59
N ILE A 119 8.08 10.99 8.16
CA ILE A 119 7.07 11.74 7.38
C ILE A 119 7.72 12.48 6.22
N ASP A 120 8.88 13.10 6.47
CA ASP A 120 9.67 13.85 5.50
C ASP A 120 10.41 12.95 4.47
N ALA A 121 10.20 11.62 4.49
CA ALA A 121 10.68 10.74 3.43
C ALA A 121 10.19 11.22 2.06
N GLN A 122 8.95 11.73 1.96
CA GLN A 122 8.41 12.33 0.75
C GLN A 122 9.25 13.50 0.20
N ILE A 123 9.92 14.28 1.06
CA ILE A 123 10.81 15.39 0.67
C ILE A 123 12.18 14.87 0.22
N SER A 124 12.76 13.93 0.98
CA SER A 124 14.08 13.36 0.68
C SER A 124 14.07 12.41 -0.53
N ASN A 125 12.88 11.94 -0.92
CA ASN A 125 12.66 11.24 -2.19
C ASN A 125 12.55 12.25 -3.34
N ALA A 126 11.71 13.27 -3.17
CA ALA A 126 11.31 14.17 -4.25
C ALA A 126 12.43 15.06 -4.84
N LEU A 127 13.59 15.18 -4.20
CA LEU A 127 14.68 16.02 -4.70
C LEU A 127 15.18 15.54 -6.08
N ASN A 128 15.36 14.21 -6.23
CA ASN A 128 15.67 13.56 -7.50
C ASN A 128 14.49 12.80 -8.15
N ALA A 129 13.60 12.21 -7.35
CA ALA A 129 12.62 11.24 -7.84
C ALA A 129 11.17 11.71 -8.00
N GLN A 130 10.44 11.00 -8.87
CA GLN A 130 8.97 11.04 -8.92
C GLN A 130 8.46 9.99 -7.90
N GLN A 131 7.28 10.20 -7.34
CA GLN A 131 6.83 9.40 -6.20
C GLN A 131 5.31 9.37 -6.05
N TYR A 132 4.86 8.49 -5.15
CA TYR A 132 3.47 8.11 -5.00
C TYR A 132 3.13 7.86 -3.51
N LYS A 133 2.13 8.56 -2.97
CA LYS A 133 1.56 8.29 -1.64
C LYS A 133 0.36 7.34 -1.81
N VAL A 134 0.40 6.12 -1.27
CA VAL A 134 -0.61 5.08 -1.54
C VAL A 134 -1.05 4.35 -0.28
N LEU A 135 -2.36 4.03 -0.20
CA LEU A 135 -2.95 3.30 0.93
C LEU A 135 -4.08 2.34 0.51
N ILE A 136 -4.26 1.28 1.30
CA ILE A 136 -5.20 0.17 1.07
C ILE A 136 -5.64 -0.44 2.40
N GLY A 137 -6.95 -0.73 2.59
CA GLY A 137 -7.44 -1.33 3.84
C GLY A 137 -8.95 -1.24 4.11
N ASN A 138 -9.30 -1.22 5.39
CA ASN A 138 -10.65 -1.08 5.98
C ASN A 138 -11.42 0.13 5.42
N ARG A 139 -12.75 0.03 5.38
CA ARG A 139 -13.64 1.07 4.82
C ARG A 139 -13.55 2.40 5.55
N GLU A 140 -13.32 2.43 6.86
CA GLU A 140 -13.17 3.69 7.61
C GLU A 140 -11.99 4.56 7.10
N TRP A 141 -10.90 3.97 6.59
CA TRP A 141 -9.77 4.76 6.09
C TRP A 141 -10.11 5.55 4.80
N MET A 142 -11.15 5.14 4.07
CA MET A 142 -11.68 5.93 2.95
C MET A 142 -12.32 7.24 3.43
N ILE A 143 -12.88 7.24 4.64
CA ILE A 143 -13.34 8.43 5.39
C ILE A 143 -12.11 9.21 5.88
N ARG A 144 -11.31 8.61 6.77
CA ARG A 144 -10.12 9.18 7.42
C ARG A 144 -9.11 9.87 6.47
N ASN A 145 -8.97 9.42 5.23
CA ASN A 145 -8.08 10.05 4.23
C ASN A 145 -8.75 11.24 3.48
N GLY A 146 -9.90 11.75 3.94
CA GLY A 146 -10.54 12.95 3.39
C GLY A 146 -11.22 12.77 2.02
N LEU A 147 -11.76 11.58 1.74
CA LEU A 147 -12.34 11.20 0.45
C LEU A 147 -13.91 11.18 0.53
N VAL A 148 -14.57 10.50 -0.42
CA VAL A 148 -16.02 10.18 -0.43
C VAL A 148 -16.24 8.73 -0.89
N ILE A 149 -17.12 7.97 -0.23
CA ILE A 149 -17.51 6.59 -0.63
C ILE A 149 -19.04 6.47 -0.76
N ASN A 150 -19.53 5.76 -1.78
CA ASN A 150 -20.95 5.77 -2.18
C ASN A 150 -21.65 4.39 -2.24
N ASN A 151 -22.98 4.43 -2.38
CA ASN A 151 -23.87 3.26 -2.36
C ASN A 151 -23.58 2.18 -3.44
N ASP A 152 -22.97 2.53 -4.57
CA ASP A 152 -22.73 1.59 -5.68
C ASP A 152 -21.55 0.65 -5.42
N VAL A 153 -20.45 1.14 -4.85
CA VAL A 153 -19.33 0.28 -4.42
C VAL A 153 -19.68 -0.51 -3.17
N ASN A 154 -20.48 0.06 -2.25
CA ASN A 154 -20.98 -0.62 -1.06
C ASN A 154 -21.77 -1.90 -1.41
N ASP A 155 -22.63 -1.84 -2.44
CA ASP A 155 -23.41 -2.99 -2.93
C ASP A 155 -22.53 -4.18 -3.38
N PHE A 156 -21.53 -3.91 -4.22
CA PHE A 156 -20.59 -4.92 -4.74
C PHE A 156 -19.62 -5.43 -3.66
N MET A 157 -19.19 -4.55 -2.74
CA MET A 157 -18.31 -4.83 -1.61
C MET A 157 -18.94 -5.87 -0.67
N THR A 158 -20.10 -5.55 -0.08
CA THR A 158 -20.76 -6.44 0.90
C THR A 158 -21.24 -7.75 0.28
N GLU A 159 -21.62 -7.75 -1.00
CA GLU A 159 -21.93 -8.96 -1.77
C GLU A 159 -20.74 -9.92 -1.85
N HIS A 160 -19.56 -9.42 -2.23
CA HIS A 160 -18.36 -10.25 -2.33
C HIS A 160 -17.88 -10.74 -0.95
N GLU A 161 -18.09 -9.93 0.10
CA GLU A 161 -17.87 -10.32 1.50
C GLU A 161 -18.82 -11.44 1.96
N ARG A 162 -20.11 -11.39 1.60
CA ARG A 162 -21.12 -12.41 1.94
C ARG A 162 -20.88 -13.76 1.26
N LYS A 163 -20.28 -13.73 0.07
CA LYS A 163 -19.74 -14.89 -0.67
C LYS A 163 -18.48 -15.50 -0.03
N GLY A 164 -17.98 -14.90 1.05
CA GLY A 164 -16.92 -15.46 1.90
C GLY A 164 -15.50 -15.08 1.50
N ARG A 165 -15.33 -13.99 0.74
CA ARG A 165 -14.04 -13.45 0.27
C ARG A 165 -13.74 -12.10 0.94
N THR A 166 -12.47 -11.79 1.16
CA THR A 166 -12.00 -10.53 1.80
C THR A 166 -12.04 -9.37 0.81
N ALA A 167 -12.50 -8.19 1.24
CA ALA A 167 -12.78 -7.06 0.34
C ALA A 167 -12.33 -5.70 0.91
N VAL A 168 -11.49 -4.96 0.15
CA VAL A 168 -10.81 -3.72 0.58
C VAL A 168 -10.75 -2.65 -0.51
N LEU A 169 -10.55 -1.39 -0.14
CA LEU A 169 -10.46 -0.24 -1.06
C LEU A 169 -9.04 0.36 -1.13
N VAL A 170 -8.74 1.11 -2.20
CA VAL A 170 -7.42 1.70 -2.52
C VAL A 170 -7.52 3.19 -2.86
N ALA A 171 -6.79 4.02 -2.12
CA ALA A 171 -6.72 5.48 -2.30
C ALA A 171 -5.26 5.91 -2.56
N VAL A 172 -5.07 7.02 -3.29
CA VAL A 172 -3.77 7.48 -3.81
C VAL A 172 -3.64 9.01 -3.78
N ASP A 173 -2.64 9.50 -3.03
CA ASP A 173 -2.29 10.90 -2.79
C ASP A 173 -3.53 11.79 -2.56
N ASP A 174 -4.40 11.33 -1.66
CA ASP A 174 -5.67 11.92 -1.24
C ASP A 174 -6.76 12.02 -2.35
N GLU A 175 -6.84 11.00 -3.20
CA GLU A 175 -7.94 10.77 -4.15
C GLU A 175 -8.22 9.27 -4.28
N LEU A 176 -9.46 8.85 -4.51
CA LEU A 176 -9.77 7.43 -4.75
C LEU A 176 -9.27 6.92 -6.12
N CYS A 177 -8.95 5.62 -6.23
CA CYS A 177 -8.69 4.96 -7.51
C CYS A 177 -9.45 3.65 -7.74
N GLY A 178 -9.47 2.71 -6.78
CA GLY A 178 -10.01 1.35 -7.01
C GLY A 178 -10.28 0.51 -5.76
N LEU A 179 -10.67 -0.75 -5.97
CA LEU A 179 -10.92 -1.74 -4.93
C LEU A 179 -10.50 -3.17 -5.33
N ILE A 180 -10.20 -4.01 -4.32
CA ILE A 180 -9.62 -5.34 -4.46
C ILE A 180 -10.49 -6.37 -3.70
N ALA A 181 -10.76 -7.51 -4.33
CA ALA A 181 -11.42 -8.68 -3.75
C ALA A 181 -10.44 -9.87 -3.70
N ILE A 182 -10.34 -10.57 -2.57
CA ILE A 182 -9.32 -11.59 -2.24
C ILE A 182 -10.00 -12.85 -1.68
N ALA A 183 -9.47 -14.02 -2.02
CA ALA A 183 -9.91 -15.33 -1.56
C ALA A 183 -8.76 -16.11 -0.88
N ASP A 184 -8.94 -17.41 -0.64
CA ASP A 184 -7.88 -18.33 -0.20
C ASP A 184 -7.60 -19.41 -1.26
N THR A 185 -6.33 -19.78 -1.45
CA THR A 185 -5.88 -20.82 -2.41
C THR A 185 -5.80 -22.20 -1.75
N SER A 1 8.28 -22.15 7.17
CA SER A 1 8.39 -23.12 8.28
C SER A 1 7.23 -24.11 8.28
N PHE A 2 5.99 -23.67 8.55
CA PHE A 2 4.78 -24.49 8.53
C PHE A 2 3.53 -23.64 8.26
N THR A 3 2.56 -24.17 7.51
CA THR A 3 1.41 -23.40 6.96
C THR A 3 0.11 -23.55 7.79
N MET A 4 -0.69 -22.47 7.82
CA MET A 4 -1.99 -22.38 8.50
C MET A 4 -3.18 -22.75 7.56
N HIS A 5 -4.37 -22.99 8.12
CA HIS A 5 -5.53 -23.50 7.37
C HIS A 5 -6.03 -22.65 6.19
N GLY A 6 -6.26 -21.35 6.39
CA GLY A 6 -6.88 -20.47 5.40
C GLY A 6 -5.93 -19.36 4.96
N THR A 7 -5.18 -19.58 3.86
CA THR A 7 -4.20 -18.60 3.35
C THR A 7 -4.84 -17.60 2.38
N PRO A 8 -4.37 -16.35 2.31
CA PRO A 8 -4.96 -15.32 1.45
C PRO A 8 -4.76 -15.62 -0.04
N VAL A 9 -5.79 -15.39 -0.85
CA VAL A 9 -5.75 -15.61 -2.32
C VAL A 9 -6.57 -14.56 -3.08
N VAL A 10 -5.95 -13.84 -4.02
CA VAL A 10 -6.60 -12.73 -4.75
C VAL A 10 -7.64 -13.27 -5.75
N ASN A 11 -8.79 -12.60 -5.85
CA ASN A 11 -9.97 -13.14 -6.53
C ASN A 11 -10.59 -12.26 -7.64
N GLN A 12 -10.70 -10.95 -7.47
CA GLN A 12 -11.08 -9.97 -8.53
C GLN A 12 -10.44 -8.60 -8.26
N VAL A 13 -10.23 -7.77 -9.30
CA VAL A 13 -9.61 -6.43 -9.19
C VAL A 13 -10.39 -5.39 -10.00
N LYS A 14 -10.63 -4.19 -9.44
CA LYS A 14 -11.52 -3.19 -10.07
C LYS A 14 -11.03 -1.75 -9.94
N VAL A 15 -11.19 -0.97 -11.00
CA VAL A 15 -10.99 0.49 -11.03
C VAL A 15 -12.26 1.21 -10.57
N LEU A 16 -12.13 2.32 -9.85
CA LEU A 16 -13.21 3.23 -9.42
C LEU A 16 -13.11 4.63 -10.06
N THR A 17 -11.91 5.05 -10.44
CA THR A 17 -11.61 6.37 -11.05
C THR A 17 -10.88 6.23 -12.39
N GLU A 18 -11.56 5.68 -13.40
CA GLU A 18 -10.92 5.39 -14.68
C GLU A 18 -10.69 6.66 -15.51
N SER A 19 -9.47 6.84 -16.02
CA SER A 19 -9.02 7.95 -16.90
C SER A 19 -9.07 9.36 -16.31
N ASN A 20 -9.82 9.60 -15.23
CA ASN A 20 -9.87 10.92 -14.56
C ASN A 20 -8.78 11.11 -13.50
N ARG A 21 -8.12 10.03 -13.05
CA ARG A 21 -6.90 10.09 -12.21
C ARG A 21 -5.92 8.99 -12.63
N ILE A 22 -5.92 7.83 -11.96
CA ILE A 22 -5.03 6.70 -12.21
C ILE A 22 -5.78 5.51 -12.85
N SER A 23 -5.23 4.92 -13.91
CA SER A 23 -5.82 3.80 -14.68
C SER A 23 -5.27 2.42 -14.27
N HIS A 24 -5.95 1.35 -14.67
CA HIS A 24 -5.75 -0.04 -14.22
C HIS A 24 -4.27 -0.52 -14.10
N HIS A 25 -3.48 -0.43 -15.18
CA HIS A 25 -2.10 -0.90 -15.19
C HIS A 25 -1.20 -0.10 -14.23
N LYS A 26 -1.48 1.18 -14.00
CA LYS A 26 -0.74 2.01 -13.03
C LYS A 26 -1.19 1.71 -11.58
N ILE A 27 -2.47 1.48 -11.32
CA ILE A 27 -2.96 1.05 -9.99
C ILE A 27 -2.29 -0.27 -9.57
N LEU A 28 -2.32 -1.30 -10.40
CA LEU A 28 -1.73 -2.61 -10.04
C LEU A 28 -0.19 -2.55 -9.95
N ALA A 29 0.45 -1.65 -10.70
CA ALA A 29 1.89 -1.42 -10.59
C ALA A 29 2.28 -0.73 -9.28
N ILE A 30 1.62 0.36 -8.86
CA ILE A 30 2.02 1.07 -7.63
C ILE A 30 1.74 0.26 -6.35
N VAL A 31 0.68 -0.56 -6.33
CA VAL A 31 0.44 -1.52 -5.23
C VAL A 31 1.46 -2.67 -5.27
N GLY A 32 1.71 -3.27 -6.44
CA GLY A 32 2.64 -4.40 -6.56
C GLY A 32 4.10 -4.04 -6.32
N THR A 33 4.54 -2.86 -6.75
CA THR A 33 5.89 -2.35 -6.47
C THR A 33 6.09 -2.01 -5.00
N ALA A 34 5.05 -1.52 -4.31
CA ALA A 34 5.07 -1.37 -2.86
C ALA A 34 5.18 -2.71 -2.11
N GLU A 35 4.41 -3.72 -2.54
CA GLU A 35 4.49 -5.06 -1.96
C GLU A 35 5.78 -5.83 -2.32
N SER A 36 6.47 -5.46 -3.41
CA SER A 36 7.80 -6.02 -3.75
C SER A 36 8.82 -5.83 -2.62
N ASN A 37 8.85 -4.66 -1.97
CA ASN A 37 9.70 -4.40 -0.79
C ASN A 37 9.11 -4.95 0.53
N SER A 38 7.79 -5.15 0.60
CA SER A 38 7.08 -5.41 1.85
C SER A 38 6.98 -6.91 2.22
N GLU A 39 6.71 -7.17 3.50
CA GLU A 39 6.64 -8.52 4.10
C GLU A 39 5.28 -8.82 4.77
N HIS A 40 4.25 -8.06 4.42
CA HIS A 40 2.87 -8.23 4.92
C HIS A 40 2.21 -9.51 4.38
N PRO A 41 1.39 -10.24 5.17
CA PRO A 41 0.89 -11.58 4.82
C PRO A 41 -0.12 -11.60 3.67
N LEU A 42 -1.12 -10.71 3.68
CA LEU A 42 -2.14 -10.63 2.61
C LEU A 42 -1.53 -10.10 1.30
N GLY A 43 -0.57 -9.19 1.45
CA GLY A 43 0.23 -8.62 0.35
C GLY A 43 1.07 -9.63 -0.44
N THR A 44 1.37 -10.82 0.11
CA THR A 44 2.10 -11.87 -0.61
C THR A 44 1.37 -12.33 -1.89
N ALA A 45 0.03 -12.40 -1.86
CA ALA A 45 -0.79 -12.71 -3.03
C ALA A 45 -0.75 -11.58 -4.08
N ILE A 46 -0.70 -10.31 -3.66
CA ILE A 46 -0.59 -9.17 -4.59
C ILE A 46 0.82 -9.11 -5.22
N THR A 47 1.85 -9.47 -4.46
CA THR A 47 3.24 -9.61 -4.93
C THR A 47 3.30 -10.58 -6.12
N LYS A 48 2.74 -11.79 -5.97
CA LYS A 48 2.53 -12.74 -7.06
C LYS A 48 1.75 -12.11 -8.21
N TYR A 49 0.56 -11.57 -7.92
CA TYR A 49 -0.39 -11.13 -8.94
C TYR A 49 0.20 -10.09 -9.90
N CYS A 50 0.90 -9.08 -9.35
CA CYS A 50 1.56 -8.04 -10.14
C CYS A 50 2.72 -8.63 -10.95
N LYS A 51 3.68 -9.33 -10.32
CA LYS A 51 4.86 -9.89 -10.98
C LYS A 51 4.45 -10.82 -12.13
N GLN A 52 3.43 -11.65 -11.93
CA GLN A 52 2.85 -12.50 -12.99
C GLN A 52 2.17 -11.67 -14.11
N GLU A 53 1.37 -10.65 -13.77
CA GLU A 53 0.66 -9.82 -14.76
C GLU A 53 1.60 -8.96 -15.63
N LEU A 54 2.67 -8.41 -15.03
CA LEU A 54 3.76 -7.73 -15.75
C LEU A 54 4.70 -8.70 -16.49
N ASP A 55 4.69 -9.98 -16.09
CA ASP A 55 5.61 -11.05 -16.50
C ASP A 55 7.09 -10.83 -16.06
N THR A 56 7.35 -9.90 -15.11
CA THR A 56 8.69 -9.39 -14.74
C THR A 56 8.99 -9.38 -13.24
N GLU A 57 10.26 -9.60 -12.86
CA GLU A 57 10.78 -9.39 -11.49
C GLU A 57 11.26 -7.94 -11.29
N THR A 58 11.42 -7.15 -12.35
CA THR A 58 12.10 -5.83 -12.35
C THR A 58 11.34 -4.65 -11.70
N LEU A 59 10.44 -4.93 -10.74
CA LEU A 59 9.55 -3.96 -10.11
C LEU A 59 9.94 -3.55 -8.67
N GLY A 60 9.66 -2.30 -8.29
CA GLY A 60 9.88 -1.74 -6.94
C GLY A 60 11.32 -1.35 -6.57
N THR A 61 11.44 -0.27 -5.77
CA THR A 61 12.71 0.27 -5.23
C THR A 61 12.58 0.78 -3.79
N CYS A 62 11.79 1.82 -3.52
CA CYS A 62 11.77 2.49 -2.20
C CYS A 62 10.33 2.78 -1.71
N ILE A 63 10.12 2.62 -0.40
CA ILE A 63 8.90 2.62 0.40
C ILE A 63 9.18 3.31 1.75
N ASP A 64 8.23 4.12 2.23
CA ASP A 64 8.17 4.62 3.61
C ASP A 64 6.96 3.94 4.26
N PHE A 65 7.18 2.94 5.12
CA PHE A 65 6.16 1.99 5.58
C PHE A 65 5.39 2.44 6.84
N GLN A 66 4.04 2.33 6.83
CA GLN A 66 3.14 2.61 7.95
C GLN A 66 2.01 1.55 8.03
N VAL A 67 1.90 0.84 9.15
CA VAL A 67 0.86 -0.20 9.39
C VAL A 67 -0.23 0.30 10.33
N VAL A 68 -1.49 -0.04 10.06
CA VAL A 68 -2.63 0.17 10.99
C VAL A 68 -3.36 -1.17 11.20
N PRO A 69 -3.32 -1.77 12.41
CA PRO A 69 -3.98 -3.05 12.69
C PRO A 69 -5.52 -3.00 12.54
N GLY A 70 -6.10 -4.07 12.03
CA GLY A 70 -7.54 -4.18 11.71
C GLY A 70 -7.97 -3.29 10.55
N CYS A 71 -7.00 -2.78 9.78
CA CYS A 71 -7.20 -1.85 8.66
C CYS A 71 -6.38 -2.29 7.42
N GLY A 72 -5.11 -1.86 7.34
CA GLY A 72 -4.27 -2.06 6.16
C GLY A 72 -2.93 -1.31 6.27
N ILE A 73 -2.35 -0.91 5.12
CA ILE A 73 -1.01 -0.32 5.03
C ILE A 73 -1.00 0.93 4.12
N SER A 74 -0.16 1.91 4.46
CA SER A 74 0.03 3.17 3.71
C SER A 74 1.52 3.49 3.56
N CYS A 75 1.93 4.08 2.42
CA CYS A 75 3.33 4.34 2.11
C CYS A 75 3.59 5.44 1.07
N LYS A 76 4.87 5.81 0.89
CA LYS A 76 5.37 6.68 -0.19
C LYS A 76 6.28 5.85 -1.06
N VAL A 77 6.01 5.70 -2.35
CA VAL A 77 6.70 4.70 -3.19
C VAL A 77 7.30 5.24 -4.49
N THR A 78 8.54 4.86 -4.80
CA THR A 78 9.18 5.10 -6.11
C THR A 78 9.90 3.89 -6.70
N ASN A 79 10.10 4.02 -8.00
CA ASN A 79 11.03 3.36 -8.88
C ASN A 79 11.21 4.23 -10.15
N ILE A 80 10.17 4.99 -10.55
CA ILE A 80 10.19 6.01 -11.61
C ILE A 80 11.43 6.94 -11.60
N GLU A 81 11.87 7.44 -10.44
CA GLU A 81 13.14 8.18 -10.26
C GLU A 81 14.01 7.52 -9.16
N GLY A 82 14.02 6.18 -9.14
CA GLY A 82 14.81 5.32 -8.25
C GLY A 82 16.33 5.39 -8.41
N LEU A 83 16.83 6.43 -9.09
CA LEU A 83 18.24 6.82 -9.18
C LEU A 83 18.66 7.81 -8.08
N LEU A 84 17.70 8.46 -7.41
CA LEU A 84 17.94 9.52 -6.43
C LEU A 84 17.75 9.02 -4.98
N HIS A 85 16.69 8.26 -4.72
CA HIS A 85 16.40 7.64 -3.42
C HIS A 85 16.28 6.11 -3.56
N LYS A 86 16.90 5.35 -2.65
CA LYS A 86 17.16 3.90 -2.79
C LYS A 86 16.48 2.98 -1.77
N ASN A 87 16.59 1.68 -2.02
CA ASN A 87 16.15 0.57 -1.18
C ASN A 87 16.81 0.50 0.21
N ASN A 88 18.11 0.78 0.28
CA ASN A 88 19.02 0.57 1.41
C ASN A 88 19.17 -0.90 1.87
N TRP A 89 20.31 -1.19 2.52
CA TRP A 89 20.72 -2.48 3.07
C TRP A 89 21.33 -2.28 4.47
N ASN A 90 21.94 -3.33 5.03
CA ASN A 90 22.75 -3.24 6.25
C ASN A 90 23.83 -2.13 6.22
N ILE A 91 24.36 -1.81 5.02
CA ILE A 91 25.26 -0.70 4.65
C ILE A 91 26.55 -0.63 5.48
N GLU A 92 27.69 -0.92 4.84
CA GLU A 92 29.01 -0.94 5.49
C GLU A 92 29.32 0.38 6.23
N ASP A 93 28.91 1.51 5.63
CA ASP A 93 29.15 2.87 6.10
C ASP A 93 28.43 3.22 7.42
N ASN A 94 27.34 2.52 7.73
CA ASN A 94 26.50 2.71 8.91
C ASN A 94 27.08 2.04 10.16
N ASN A 95 26.53 2.40 11.33
CA ASN A 95 26.70 1.71 12.61
C ASN A 95 25.41 0.95 12.91
N ILE A 96 25.48 -0.26 13.46
CA ILE A 96 24.33 -1.18 13.53
C ILE A 96 24.10 -1.84 14.91
N LYS A 97 22.83 -2.14 15.21
CA LYS A 97 22.36 -2.96 16.35
C LYS A 97 21.22 -3.89 15.93
N ASN A 98 21.15 -5.10 16.48
CA ASN A 98 20.23 -6.14 16.01
C ASN A 98 18.76 -5.91 16.41
N ALA A 99 18.47 -5.17 17.47
CA ALA A 99 17.11 -4.82 17.90
C ALA A 99 16.54 -3.54 17.26
N SER A 100 17.28 -2.90 16.34
CA SER A 100 16.92 -1.61 15.70
C SER A 100 16.77 -0.43 16.68
N LEU A 101 16.61 0.79 16.15
CA LEU A 101 16.30 1.98 16.95
C LEU A 101 14.77 2.08 17.16
N VAL A 102 14.35 2.32 18.40
CA VAL A 102 12.94 2.27 18.84
C VAL A 102 12.67 3.30 19.94
N GLN A 103 11.53 4.00 19.86
CA GLN A 103 11.07 4.93 20.92
C GLN A 103 9.57 4.84 21.26
N ILE A 104 8.88 3.85 20.69
CA ILE A 104 7.43 3.63 20.87
C ILE A 104 6.99 2.17 20.66
N ASP A 105 7.50 1.46 19.65
CA ASP A 105 6.97 0.16 19.23
C ASP A 105 8.05 -0.81 18.73
N ALA A 106 8.34 -1.87 19.50
CA ALA A 106 9.43 -2.84 19.23
C ALA A 106 9.08 -3.89 18.13
N SER A 107 8.39 -3.45 17.09
CA SER A 107 7.75 -4.26 16.05
C SER A 107 8.69 -4.81 14.97
N ASN A 108 9.76 -4.09 14.64
CA ASN A 108 10.60 -4.39 13.47
C ASN A 108 12.10 -4.32 13.81
N GLU A 109 12.84 -5.41 13.56
CA GLU A 109 14.22 -5.59 14.06
C GLU A 109 15.19 -6.09 12.96
N GLN A 110 16.51 -5.90 13.17
CA GLN A 110 17.59 -6.04 12.18
C GLN A 110 17.37 -5.12 10.95
N SER A 111 18.18 -5.27 9.87
CA SER A 111 18.01 -4.54 8.60
C SER A 111 18.15 -3.00 8.74
N SER A 112 17.89 -2.26 7.65
CA SER A 112 17.91 -0.79 7.53
C SER A 112 16.70 -0.14 8.23
N THR A 113 16.75 -0.05 9.56
CA THR A 113 15.67 0.57 10.37
C THR A 113 15.37 2.00 9.91
N SER A 114 14.10 2.29 9.63
CA SER A 114 13.66 3.51 8.94
C SER A 114 12.29 4.02 9.45
N SER A 115 12.12 4.14 10.77
CA SER A 115 10.89 4.70 11.37
C SER A 115 10.79 6.24 11.24
N SER A 116 9.71 6.84 11.75
CA SER A 116 9.37 8.26 11.58
C SER A 116 10.49 9.25 11.97
N MET A 117 11.31 8.92 12.97
CA MET A 117 12.48 9.72 13.39
C MET A 117 13.71 9.60 12.47
N ILE A 118 13.74 8.62 11.56
CA ILE A 118 14.85 8.34 10.63
C ILE A 118 14.55 8.86 9.22
N ILE A 119 13.27 8.90 8.83
CA ILE A 119 12.81 9.41 7.53
C ILE A 119 12.67 10.94 7.50
N ASP A 120 12.61 11.63 8.64
CA ASP A 120 12.45 13.09 8.72
C ASP A 120 13.62 13.85 8.07
N ALA A 121 14.83 13.29 8.10
CA ALA A 121 15.98 13.80 7.35
C ALA A 121 15.95 13.45 5.84
N GLN A 122 15.03 12.58 5.38
CA GLN A 122 15.00 11.98 4.04
C GLN A 122 13.85 12.45 3.13
N ILE A 123 12.80 13.03 3.72
CA ILE A 123 11.60 13.54 3.00
C ILE A 123 11.98 14.41 1.80
N SER A 124 12.91 15.36 1.97
CA SER A 124 13.31 16.25 0.88
C SER A 124 13.97 15.52 -0.30
N ASN A 125 14.57 14.34 -0.07
CA ASN A 125 15.10 13.47 -1.13
C ASN A 125 13.97 12.68 -1.81
N ALA A 126 12.99 12.17 -1.05
CA ALA A 126 11.85 11.43 -1.58
C ALA A 126 11.04 12.22 -2.61
N LEU A 127 10.79 13.52 -2.35
CA LEU A 127 10.10 14.42 -3.29
C LEU A 127 10.92 14.77 -4.56
N ASN A 128 12.23 14.50 -4.58
CA ASN A 128 13.07 14.59 -5.78
C ASN A 128 13.14 13.25 -6.54
N ALA A 129 13.04 12.14 -5.81
CA ALA A 129 12.90 10.78 -6.35
C ALA A 129 11.45 10.41 -6.76
N GLN A 130 10.49 11.32 -6.57
CA GLN A 130 9.06 11.15 -6.82
C GLN A 130 8.46 9.89 -6.17
N GLN A 131 8.09 10.05 -4.90
CA GLN A 131 7.51 9.00 -4.06
C GLN A 131 6.00 9.20 -3.93
N TYR A 132 5.25 8.45 -4.74
CA TYR A 132 3.79 8.49 -4.84
C TYR A 132 3.15 8.03 -3.51
N LYS A 133 2.14 8.77 -3.00
CA LYS A 133 1.47 8.45 -1.73
C LYS A 133 0.27 7.53 -1.92
N VAL A 134 0.33 6.30 -1.37
CA VAL A 134 -0.67 5.23 -1.61
C VAL A 134 -1.06 4.48 -0.34
N LEU A 135 -2.32 4.06 -0.23
CA LEU A 135 -2.83 3.17 0.83
C LEU A 135 -3.84 2.12 0.33
N ILE A 136 -3.91 0.99 1.02
CA ILE A 136 -4.78 -0.16 0.69
C ILE A 136 -5.19 -0.90 1.99
N GLY A 137 -6.46 -1.31 2.07
CA GLY A 137 -6.96 -2.21 3.12
C GLY A 137 -8.26 -1.76 3.80
N ASN A 138 -9.05 -2.74 4.25
CA ASN A 138 -10.36 -2.56 4.90
C ASN A 138 -11.33 -1.61 4.14
N ARG A 139 -12.32 -0.99 4.81
CA ARG A 139 -13.29 -0.06 4.17
C ARG A 139 -13.68 1.20 4.94
N GLU A 140 -13.84 1.17 6.27
CA GLU A 140 -14.04 2.39 7.08
C GLU A 140 -12.76 3.26 7.08
N TRP A 141 -11.59 2.64 6.98
CA TRP A 141 -10.30 3.35 6.89
C TRP A 141 -10.24 4.36 5.72
N MET A 142 -10.89 4.07 4.58
CA MET A 142 -11.07 5.03 3.47
C MET A 142 -12.00 6.21 3.82
N ILE A 143 -13.04 5.99 4.63
CA ILE A 143 -13.86 7.06 5.23
C ILE A 143 -12.92 7.97 6.05
N ARG A 144 -12.27 7.38 7.05
CA ARG A 144 -11.20 7.98 7.88
C ARG A 144 -10.07 8.69 7.09
N ASN A 145 -9.76 8.32 5.84
CA ASN A 145 -8.85 9.07 4.95
C ASN A 145 -9.53 10.31 4.30
N GLY A 146 -10.68 10.74 4.80
CA GLY A 146 -11.42 11.89 4.28
C GLY A 146 -12.04 11.72 2.89
N LEU A 147 -12.17 10.49 2.38
CA LEU A 147 -12.70 10.23 1.03
C LEU A 147 -14.23 10.15 1.03
N VAL A 148 -14.81 10.04 -0.18
CA VAL A 148 -16.23 9.73 -0.40
C VAL A 148 -16.36 8.38 -1.09
N ILE A 149 -17.23 7.50 -0.57
CA ILE A 149 -17.59 6.21 -1.18
C ILE A 149 -19.02 6.26 -1.73
N ASN A 150 -19.21 5.90 -3.00
CA ASN A 150 -20.50 5.96 -3.68
C ASN A 150 -21.35 4.67 -3.54
N ASN A 151 -22.67 4.80 -3.72
CA ASN A 151 -23.66 3.76 -3.42
C ASN A 151 -23.50 2.47 -4.27
N ASP A 152 -22.87 2.56 -5.43
CA ASP A 152 -22.72 1.45 -6.38
C ASP A 152 -21.66 0.44 -5.96
N VAL A 153 -20.53 0.98 -5.49
CA VAL A 153 -19.42 0.23 -4.90
C VAL A 153 -19.75 -0.24 -3.48
N ASN A 154 -20.57 0.51 -2.71
CA ASN A 154 -21.13 0.01 -1.44
C ASN A 154 -21.83 -1.35 -1.64
N ASP A 155 -22.72 -1.44 -2.63
CA ASP A 155 -23.47 -2.67 -2.91
C ASP A 155 -22.53 -3.86 -3.18
N PHE A 156 -21.48 -3.66 -3.98
CA PHE A 156 -20.48 -4.69 -4.31
C PHE A 156 -19.54 -5.02 -3.13
N MET A 157 -19.18 -4.03 -2.31
CA MET A 157 -18.32 -4.17 -1.13
C MET A 157 -18.98 -5.08 -0.08
N THR A 158 -20.23 -4.80 0.29
CA THR A 158 -20.99 -5.65 1.23
C THR A 158 -21.35 -7.00 0.58
N GLU A 159 -21.60 -7.06 -0.73
CA GLU A 159 -21.87 -8.30 -1.47
C GLU A 159 -20.71 -9.30 -1.39
N HIS A 160 -19.48 -8.85 -1.62
CA HIS A 160 -18.28 -9.69 -1.44
C HIS A 160 -17.95 -10.02 0.02
N GLU A 161 -18.15 -9.09 0.96
CA GLU A 161 -17.99 -9.40 2.39
C GLU A 161 -19.00 -10.47 2.87
N ARG A 162 -20.24 -10.46 2.36
CA ARG A 162 -21.31 -11.46 2.64
C ARG A 162 -21.11 -12.82 1.97
N LYS A 163 -20.35 -12.91 0.87
CA LYS A 163 -19.90 -14.18 0.24
C LYS A 163 -18.92 -14.99 1.10
N GLY A 164 -18.49 -14.42 2.21
CA GLY A 164 -17.55 -15.01 3.18
C GLY A 164 -16.09 -14.65 2.90
N ARG A 165 -15.86 -13.58 2.13
CA ARG A 165 -14.57 -13.20 1.55
C ARG A 165 -14.08 -11.83 2.06
N THR A 166 -12.90 -11.38 1.62
CA THR A 166 -12.27 -10.10 1.98
C THR A 166 -12.48 -9.07 0.86
N ALA A 167 -13.12 -7.95 1.17
CA ALA A 167 -13.36 -6.84 0.24
C ALA A 167 -12.64 -5.57 0.72
N VAL A 168 -11.71 -5.01 -0.07
CA VAL A 168 -10.87 -3.87 0.34
C VAL A 168 -10.73 -2.80 -0.73
N LEU A 169 -10.47 -1.54 -0.32
CA LEU A 169 -10.27 -0.41 -1.23
C LEU A 169 -8.79 0.00 -1.38
N VAL A 170 -8.49 0.82 -2.38
CA VAL A 170 -7.17 1.42 -2.68
C VAL A 170 -7.32 2.93 -2.93
N ALA A 171 -6.56 3.74 -2.20
CA ALA A 171 -6.60 5.21 -2.29
C ALA A 171 -5.19 5.82 -2.45
N VAL A 172 -5.12 7.03 -3.01
CA VAL A 172 -3.87 7.69 -3.45
C VAL A 172 -3.94 9.21 -3.22
N ASP A 173 -3.01 9.76 -2.43
CA ASP A 173 -2.95 11.18 -2.07
C ASP A 173 -4.32 11.79 -1.69
N ASP A 174 -5.08 11.10 -0.84
CA ASP A 174 -6.46 11.44 -0.45
C ASP A 174 -7.47 11.46 -1.63
N GLU A 175 -7.41 10.49 -2.53
CA GLU A 175 -8.40 10.25 -3.60
C GLU A 175 -8.57 8.73 -3.85
N LEU A 176 -9.78 8.24 -4.11
CA LEU A 176 -9.97 6.82 -4.51
C LEU A 176 -9.53 6.56 -5.96
N CYS A 177 -8.84 5.43 -6.20
CA CYS A 177 -8.50 4.93 -7.55
C CYS A 177 -9.19 3.58 -7.86
N GLY A 178 -9.25 2.64 -6.91
CA GLY A 178 -9.81 1.29 -7.15
C GLY A 178 -10.06 0.45 -5.90
N LEU A 179 -10.44 -0.82 -6.09
CA LEU A 179 -10.73 -1.80 -5.06
C LEU A 179 -10.33 -3.23 -5.47
N ILE A 180 -10.09 -4.10 -4.49
CA ILE A 180 -9.64 -5.50 -4.67
C ILE A 180 -10.53 -6.46 -3.85
N ALA A 181 -10.83 -7.61 -4.44
CA ALA A 181 -11.56 -8.72 -3.82
C ALA A 181 -10.65 -9.93 -3.64
N ILE A 182 -10.62 -10.52 -2.43
CA ILE A 182 -9.72 -11.60 -1.98
C ILE A 182 -10.53 -12.67 -1.25
N ALA A 183 -10.01 -13.90 -1.18
CA ALA A 183 -10.59 -15.04 -0.47
C ALA A 183 -9.56 -15.76 0.42
N ASP A 184 -9.95 -16.88 1.02
CA ASP A 184 -9.06 -17.81 1.74
C ASP A 184 -8.91 -19.16 1.02
N THR A 185 -7.78 -19.84 1.18
CA THR A 185 -7.49 -21.18 0.62
C THR A 185 -6.68 -22.07 1.55
N SER A 1 1.75 -11.35 14.89
CA SER A 1 1.23 -12.63 14.38
C SER A 1 0.11 -12.41 13.39
N PHE A 2 0.12 -13.13 12.27
CA PHE A 2 -0.98 -13.24 11.29
C PHE A 2 -1.34 -14.71 11.08
N THR A 3 -2.44 -14.99 10.36
CA THR A 3 -2.87 -16.31 9.87
C THR A 3 -3.27 -17.31 10.97
N MET A 4 -4.20 -18.19 10.62
CA MET A 4 -4.69 -19.31 11.43
C MET A 4 -4.49 -20.62 10.67
N HIS A 5 -5.35 -20.97 9.70
CA HIS A 5 -5.17 -22.13 8.80
C HIS A 5 -5.27 -21.79 7.29
N GLY A 6 -5.82 -20.63 6.91
CA GLY A 6 -6.17 -20.30 5.52
C GLY A 6 -5.66 -18.96 5.04
N THR A 7 -5.01 -18.95 3.88
CA THR A 7 -4.33 -17.80 3.27
C THR A 7 -5.20 -17.10 2.21
N PRO A 8 -5.03 -15.78 2.03
CA PRO A 8 -5.77 -15.00 1.04
C PRO A 8 -5.44 -15.41 -0.41
N VAL A 9 -6.48 -15.66 -1.22
CA VAL A 9 -6.41 -15.94 -2.66
C VAL A 9 -6.89 -14.71 -3.45
N VAL A 10 -6.08 -14.18 -4.37
CA VAL A 10 -6.55 -13.06 -5.21
C VAL A 10 -7.59 -13.54 -6.22
N ASN A 11 -8.78 -12.93 -6.16
CA ASN A 11 -9.96 -13.40 -6.86
C ASN A 11 -10.39 -12.46 -8.01
N GLN A 12 -10.46 -11.15 -7.73
CA GLN A 12 -10.78 -10.09 -8.69
C GLN A 12 -10.13 -8.75 -8.30
N VAL A 13 -9.78 -7.92 -9.29
CA VAL A 13 -9.38 -6.52 -9.10
C VAL A 13 -10.24 -5.58 -9.94
N LYS A 14 -10.63 -4.42 -9.41
CA LYS A 14 -11.53 -3.47 -10.08
C LYS A 14 -11.15 -2.00 -9.84
N VAL A 15 -11.42 -1.15 -10.82
CA VAL A 15 -11.10 0.29 -10.80
C VAL A 15 -12.37 1.13 -10.60
N LEU A 16 -12.24 2.25 -9.88
CA LEU A 16 -13.34 3.17 -9.52
C LEU A 16 -13.26 4.52 -10.26
N THR A 17 -12.06 4.92 -10.69
CA THR A 17 -11.76 6.14 -11.48
C THR A 17 -11.74 5.87 -13.00
N GLU A 18 -11.85 6.91 -13.83
CA GLU A 18 -11.57 6.82 -15.28
C GLU A 18 -10.97 8.15 -15.79
N SER A 19 -9.72 8.12 -16.27
CA SER A 19 -9.00 9.26 -16.86
C SER A 19 -8.97 10.57 -16.02
N ASN A 20 -8.92 10.46 -14.69
CA ASN A 20 -8.81 11.61 -13.78
C ASN A 20 -7.65 11.51 -12.75
N ARG A 21 -7.29 10.30 -12.34
CA ARG A 21 -6.13 9.99 -11.47
C ARG A 21 -5.75 8.51 -11.66
N ILE A 22 -4.58 8.24 -12.23
CA ILE A 22 -4.01 6.91 -12.54
C ILE A 22 -4.79 6.12 -13.63
N SER A 23 -4.07 5.53 -14.59
CA SER A 23 -4.60 4.58 -15.60
C SER A 23 -4.73 3.14 -15.06
N HIS A 24 -5.67 2.33 -15.56
CA HIS A 24 -6.03 1.01 -14.99
C HIS A 24 -4.85 0.02 -14.78
N HIS A 25 -3.96 -0.14 -15.77
CA HIS A 25 -2.77 -0.98 -15.63
C HIS A 25 -1.69 -0.31 -14.76
N LYS A 26 -1.62 1.03 -14.74
CA LYS A 26 -0.76 1.77 -13.80
C LYS A 26 -1.21 1.61 -12.35
N ILE A 27 -2.52 1.56 -12.08
CA ILE A 27 -3.09 1.24 -10.76
C ILE A 27 -2.58 -0.12 -10.29
N LEU A 28 -2.73 -1.19 -11.09
CA LEU A 28 -2.26 -2.52 -10.64
C LEU A 28 -0.72 -2.57 -10.46
N ALA A 29 0.03 -1.84 -11.29
CA ALA A 29 1.49 -1.75 -11.19
C ALA A 29 1.97 -1.05 -9.91
N ILE A 30 1.40 0.11 -9.52
CA ILE A 30 1.85 0.80 -8.28
C ILE A 30 1.48 0.02 -7.01
N VAL A 31 0.32 -0.66 -6.97
CA VAL A 31 -0.08 -1.46 -5.81
C VAL A 31 0.78 -2.72 -5.67
N GLY A 32 1.01 -3.46 -6.76
CA GLY A 32 1.83 -4.68 -6.73
C GLY A 32 3.31 -4.42 -6.42
N THR A 33 3.87 -3.31 -6.93
CA THR A 33 5.26 -2.91 -6.67
C THR A 33 5.47 -2.37 -5.25
N ALA A 34 4.49 -1.66 -4.68
CA ALA A 34 4.60 -1.13 -3.31
C ALA A 34 4.73 -2.22 -2.23
N GLU A 35 4.00 -3.34 -2.38
CA GLU A 35 4.12 -4.49 -1.49
C GLU A 35 5.42 -5.29 -1.65
N SER A 36 6.22 -5.04 -2.72
CA SER A 36 7.48 -5.75 -3.00
C SER A 36 8.56 -5.54 -1.92
N ASN A 37 8.42 -4.49 -1.09
CA ASN A 37 9.34 -4.15 0.01
C ASN A 37 8.77 -4.45 1.41
N SER A 38 7.53 -4.97 1.52
CA SER A 38 6.78 -5.08 2.79
C SER A 38 6.80 -6.48 3.41
N GLU A 39 6.37 -6.61 4.68
CA GLU A 39 6.32 -7.86 5.46
C GLU A 39 4.89 -8.15 5.98
N HIS A 40 3.90 -8.20 5.07
CA HIS A 40 2.47 -8.39 5.37
C HIS A 40 1.85 -9.60 4.62
N PRO A 41 0.77 -10.19 5.15
CA PRO A 41 0.25 -11.50 4.71
C PRO A 41 -0.62 -11.48 3.44
N LEU A 42 -1.15 -10.33 3.04
CA LEU A 42 -2.22 -10.23 2.04
C LEU A 42 -1.83 -9.39 0.81
N GLY A 43 -1.33 -8.17 1.03
CA GLY A 43 -0.90 -7.29 -0.07
C GLY A 43 0.22 -7.89 -0.93
N THR A 44 1.06 -8.74 -0.34
CA THR A 44 2.12 -9.50 -1.03
C THR A 44 1.59 -10.49 -2.07
N ALA A 45 0.33 -10.93 -1.98
CA ALA A 45 -0.32 -11.69 -3.05
C ALA A 45 -0.55 -10.81 -4.30
N ILE A 46 -0.72 -9.49 -4.13
CA ILE A 46 -0.78 -8.52 -5.23
C ILE A 46 0.61 -8.34 -5.86
N THR A 47 1.70 -8.39 -5.08
CA THR A 47 3.07 -8.48 -5.65
C THR A 47 3.20 -9.71 -6.54
N LYS A 48 2.77 -10.90 -6.09
CA LYS A 48 2.72 -12.13 -6.91
C LYS A 48 1.93 -11.93 -8.20
N TYR A 49 0.70 -11.40 -8.09
CA TYR A 49 -0.19 -11.14 -9.23
C TYR A 49 0.45 -10.18 -10.24
N CYS A 50 1.07 -9.10 -9.76
CA CYS A 50 1.78 -8.13 -10.58
C CYS A 50 3.02 -8.75 -11.25
N LYS A 51 3.90 -9.44 -10.53
CA LYS A 51 5.13 -10.04 -11.08
C LYS A 51 4.79 -11.12 -12.14
N GLN A 52 3.67 -11.83 -11.96
CA GLN A 52 3.09 -12.75 -12.95
C GLN A 52 2.46 -12.02 -14.17
N GLU A 53 1.74 -10.90 -13.97
CA GLU A 53 1.14 -10.09 -15.06
C GLU A 53 2.19 -9.34 -15.90
N LEU A 54 3.22 -8.78 -15.27
CA LEU A 54 4.33 -8.08 -15.92
C LEU A 54 5.30 -9.03 -16.64
N ASP A 55 5.31 -10.32 -16.30
CA ASP A 55 6.22 -11.33 -16.84
C ASP A 55 7.71 -10.92 -16.71
N THR A 56 8.07 -10.37 -15.54
CA THR A 56 9.42 -9.86 -15.20
C THR A 56 9.92 -10.51 -13.89
N GLU A 57 11.21 -10.38 -13.60
CA GLU A 57 11.88 -10.99 -12.43
C GLU A 57 12.09 -10.00 -11.26
N THR A 58 11.88 -8.70 -11.48
CA THR A 58 12.18 -7.62 -10.52
C THR A 58 11.20 -6.45 -10.66
N LEU A 59 10.69 -5.93 -9.54
CA LEU A 59 9.65 -4.89 -9.50
C LEU A 59 9.65 -4.12 -8.15
N GLY A 60 9.26 -2.84 -8.15
CA GLY A 60 9.34 -1.93 -7.00
C GLY A 60 10.76 -1.51 -6.60
N THR A 61 10.91 -0.25 -6.18
CA THR A 61 12.19 0.38 -5.79
C THR A 61 12.25 0.68 -4.29
N CYS A 62 11.63 1.79 -3.82
CA CYS A 62 11.70 2.26 -2.43
C CYS A 62 10.31 2.69 -1.91
N ILE A 63 9.99 2.30 -0.68
CA ILE A 63 8.72 2.33 0.04
C ILE A 63 9.04 2.73 1.50
N ASP A 64 8.12 3.40 2.18
CA ASP A 64 8.17 3.68 3.63
C ASP A 64 6.78 3.45 4.24
N PHE A 65 6.57 2.40 5.03
CA PHE A 65 5.23 2.02 5.50
C PHE A 65 4.84 2.49 6.91
N GLN A 66 3.61 3.01 7.02
CA GLN A 66 2.87 3.36 8.23
C GLN A 66 1.82 2.25 8.46
N VAL A 67 1.95 1.45 9.52
CA VAL A 67 1.17 0.20 9.70
C VAL A 67 0.14 0.22 10.83
N VAL A 68 -1.02 -0.40 10.62
CA VAL A 68 -2.07 -0.63 11.63
C VAL A 68 -2.66 -2.05 11.46
N PRO A 69 -2.79 -2.87 12.52
CA PRO A 69 -3.34 -4.22 12.42
C PRO A 69 -4.83 -4.21 12.07
N GLY A 70 -5.21 -5.00 11.07
CA GLY A 70 -6.57 -5.14 10.51
C GLY A 70 -7.07 -3.95 9.70
N CYS A 71 -6.80 -2.72 10.16
CA CYS A 71 -7.39 -1.47 9.67
C CYS A 71 -6.79 -0.90 8.35
N GLY A 72 -5.96 -1.66 7.62
CA GLY A 72 -5.23 -1.18 6.43
C GLY A 72 -3.90 -0.50 6.77
N ILE A 73 -3.09 -0.18 5.76
CA ILE A 73 -1.78 0.50 5.89
C ILE A 73 -1.59 1.60 4.85
N SER A 74 -0.60 2.47 5.05
CA SER A 74 -0.14 3.46 4.07
C SER A 74 1.37 3.38 3.82
N CYS A 75 1.86 3.76 2.64
CA CYS A 75 3.29 3.94 2.39
C CYS A 75 3.59 5.10 1.44
N LYS A 76 4.88 5.45 1.34
CA LYS A 76 5.40 6.51 0.47
C LYS A 76 6.36 5.86 -0.52
N VAL A 77 6.10 5.95 -1.83
CA VAL A 77 6.82 5.18 -2.84
C VAL A 77 7.41 6.02 -3.97
N THR A 78 8.66 5.71 -4.36
CA THR A 78 9.29 6.25 -5.58
C THR A 78 9.70 5.19 -6.59
N ASN A 79 9.67 5.59 -7.85
CA ASN A 79 10.37 5.02 -9.00
C ASN A 79 10.27 6.02 -10.18
N ILE A 80 10.34 7.32 -9.84
CA ILE A 80 10.09 8.47 -10.73
C ILE A 80 11.24 9.50 -10.61
N GLU A 81 11.31 10.30 -9.54
CA GLU A 81 12.39 11.29 -9.33
C GLU A 81 13.05 11.19 -7.93
N GLY A 82 12.49 10.42 -6.99
CA GLY A 82 12.96 10.25 -5.60
C GLY A 82 14.36 9.67 -5.40
N LEU A 83 15.03 9.22 -6.47
CA LEU A 83 16.46 8.86 -6.49
C LEU A 83 17.43 10.01 -6.06
N LEU A 84 16.88 11.22 -5.91
CA LEU A 84 17.50 12.41 -5.33
C LEU A 84 17.66 12.26 -3.79
N HIS A 85 16.56 11.94 -3.08
CA HIS A 85 16.48 11.94 -1.60
C HIS A 85 15.40 10.97 -1.11
N LYS A 86 15.72 10.16 -0.09
CA LYS A 86 14.89 9.07 0.46
C LYS A 86 14.91 8.95 1.99
N ASN A 87 16.07 9.10 2.63
CA ASN A 87 16.32 8.80 4.06
C ASN A 87 15.83 7.38 4.47
N ASN A 88 15.84 6.42 3.54
CA ASN A 88 15.22 5.10 3.69
C ASN A 88 16.22 4.06 4.24
N TRP A 89 16.89 4.40 5.35
CA TRP A 89 17.77 3.53 6.10
C TRP A 89 16.98 2.77 7.18
N ASN A 90 17.66 1.88 7.88
CA ASN A 90 17.19 1.14 9.07
C ASN A 90 16.34 2.00 10.04
N ILE A 91 16.96 2.85 10.87
CA ILE A 91 16.36 3.87 11.74
C ILE A 91 15.22 3.33 12.63
N GLU A 92 15.56 2.82 13.81
CA GLU A 92 14.59 2.27 14.78
C GLU A 92 13.63 3.35 15.35
N ASP A 93 14.02 4.62 15.27
CA ASP A 93 13.16 5.79 15.55
C ASP A 93 11.95 5.88 14.60
N ASN A 94 12.02 5.24 13.42
CA ASN A 94 10.91 5.07 12.49
C ASN A 94 10.16 3.74 12.72
N ASN A 95 10.90 2.63 12.89
CA ASN A 95 10.34 1.28 12.81
C ASN A 95 9.47 0.82 14.00
N ILE A 96 9.71 1.32 15.21
CA ILE A 96 9.10 0.78 16.45
C ILE A 96 8.83 1.85 17.53
N LYS A 97 8.75 3.13 17.16
CA LYS A 97 8.45 4.23 18.09
C LYS A 97 6.98 4.32 18.45
N ASN A 98 6.08 4.09 17.48
CA ASN A 98 4.61 4.06 17.68
C ASN A 98 4.06 5.25 18.49
N ALA A 99 4.55 6.47 18.25
CA ALA A 99 4.19 7.66 19.03
C ALA A 99 4.16 8.96 18.21
N SER A 100 3.67 10.05 18.81
CA SER A 100 3.62 11.38 18.19
C SER A 100 4.11 12.47 19.17
N LEU A 101 5.08 13.27 18.72
CA LEU A 101 5.73 14.36 19.45
C LEU A 101 5.56 15.70 18.70
N VAL A 102 5.56 16.81 19.45
CA VAL A 102 5.44 18.20 18.96
C VAL A 102 4.26 18.37 17.99
N GLN A 103 3.10 17.83 18.38
CA GLN A 103 1.93 17.68 17.51
C GLN A 103 1.24 19.00 17.18
N ILE A 104 0.94 19.22 15.90
CA ILE A 104 0.24 20.39 15.39
C ILE A 104 -1.26 20.11 15.19
N ASP A 105 -1.61 18.87 14.80
CA ASP A 105 -2.98 18.41 14.53
C ASP A 105 -3.76 19.36 13.60
N ALA A 106 -3.16 19.68 12.45
CA ALA A 106 -3.60 20.72 11.52
C ALA A 106 -4.91 20.40 10.75
N SER A 107 -5.28 19.12 10.66
CA SER A 107 -6.35 18.55 9.81
C SER A 107 -6.11 18.64 8.30
N ASN A 108 -6.87 17.86 7.52
CA ASN A 108 -6.80 17.78 6.05
C ASN A 108 -5.42 17.40 5.48
N GLU A 109 -4.66 16.56 6.20
CA GLU A 109 -3.36 16.01 5.79
C GLU A 109 -3.37 14.47 5.70
N GLN A 110 -4.06 13.82 6.65
CA GLN A 110 -4.16 12.35 6.82
C GLN A 110 -2.83 11.60 7.07
N SER A 111 -2.95 10.34 7.49
CA SER A 111 -1.88 9.37 7.72
C SER A 111 -0.88 9.71 8.84
N SER A 112 0.04 8.78 9.15
CA SER A 112 1.01 8.80 10.26
C SER A 112 0.42 8.77 11.67
N THR A 113 -0.79 8.22 11.83
CA THR A 113 -1.45 8.00 13.14
C THR A 113 -0.87 6.81 13.93
N SER A 114 -0.18 5.89 13.25
CA SER A 114 0.60 4.78 13.87
C SER A 114 1.82 5.32 14.63
N SER A 115 2.66 6.09 13.95
CA SER A 115 3.77 6.89 14.49
C SER A 115 3.98 8.11 13.59
N SER A 116 4.16 9.29 14.19
CA SER A 116 4.14 10.59 13.48
C SER A 116 5.53 11.22 13.27
N MET A 117 6.60 10.42 13.35
CA MET A 117 8.00 10.89 13.40
C MET A 117 8.82 10.29 12.26
N ILE A 118 9.88 10.99 11.84
CA ILE A 118 10.69 10.70 10.63
C ILE A 118 9.88 10.85 9.31
N ILE A 119 8.55 10.64 9.36
CA ILE A 119 7.62 10.82 8.23
C ILE A 119 7.63 12.24 7.66
N ASP A 120 7.92 13.25 8.48
CA ASP A 120 7.89 14.67 8.09
C ASP A 120 9.24 15.23 7.62
N ALA A 121 10.36 14.58 7.95
CA ALA A 121 11.72 15.05 7.62
C ALA A 121 12.12 14.86 6.14
N GLN A 122 11.27 14.21 5.35
CA GLN A 122 11.45 13.80 3.95
C GLN A 122 10.59 14.58 2.93
N ILE A 123 9.86 15.58 3.43
CA ILE A 123 8.95 16.46 2.67
C ILE A 123 9.69 17.63 1.99
N SER A 124 10.71 18.19 2.63
CA SER A 124 11.33 19.46 2.19
C SER A 124 12.03 19.39 0.83
N ASN A 125 12.28 18.18 0.29
CA ASN A 125 12.71 17.94 -1.10
C ASN A 125 11.64 17.38 -2.05
N ALA A 126 10.47 16.94 -1.55
CA ALA A 126 9.49 16.14 -2.29
C ALA A 126 9.16 16.61 -3.73
N LEU A 127 8.88 17.90 -3.94
CA LEU A 127 8.46 18.38 -5.27
C LEU A 127 9.55 18.28 -6.36
N ASN A 128 10.82 18.12 -5.98
CA ASN A 128 11.91 17.78 -6.89
C ASN A 128 12.24 16.27 -6.80
N ALA A 129 12.29 15.71 -5.59
CA ALA A 129 12.50 14.29 -5.31
C ALA A 129 11.19 13.49 -5.34
N GLN A 130 10.42 13.61 -6.43
CA GLN A 130 9.03 13.15 -6.50
C GLN A 130 8.76 11.68 -6.14
N GLN A 131 7.57 11.50 -5.56
CA GLN A 131 7.06 10.34 -4.82
C GLN A 131 5.53 10.26 -4.87
N TYR A 132 4.96 9.17 -4.33
CA TYR A 132 3.53 8.93 -4.20
C TYR A 132 3.15 8.49 -2.77
N LYS A 133 2.13 9.12 -2.17
CA LYS A 133 1.49 8.65 -0.93
C LYS A 133 0.35 7.70 -1.31
N VAL A 134 0.37 6.47 -0.81
CA VAL A 134 -0.63 5.42 -1.12
C VAL A 134 -1.14 4.75 0.16
N LEU A 135 -2.36 4.19 0.12
CA LEU A 135 -2.92 3.39 1.20
C LEU A 135 -3.93 2.34 0.70
N ILE A 136 -4.06 1.24 1.44
CA ILE A 136 -4.85 0.05 1.06
C ILE A 136 -5.32 -0.71 2.30
N GLY A 137 -6.44 -1.42 2.18
CA GLY A 137 -6.91 -2.38 3.18
C GLY A 137 -8.06 -1.87 4.04
N ASN A 138 -8.84 -2.81 4.57
CA ASN A 138 -10.06 -2.60 5.36
C ASN A 138 -11.09 -1.69 4.65
N ARG A 139 -12.03 -1.13 5.43
CA ARG A 139 -12.95 -0.06 5.02
C ARG A 139 -12.91 1.16 5.94
N GLU A 140 -12.57 1.01 7.23
CA GLU A 140 -12.68 2.10 8.22
C GLU A 140 -11.73 3.28 7.93
N TRP A 141 -10.45 3.01 7.66
CA TRP A 141 -9.47 4.05 7.34
C TRP A 141 -9.64 4.57 5.89
N MET A 142 -9.97 3.69 4.95
CA MET A 142 -10.25 4.07 3.54
C MET A 142 -11.36 5.14 3.46
N ILE A 143 -12.37 5.05 4.32
CA ILE A 143 -13.36 6.10 4.59
C ILE A 143 -12.65 7.31 5.21
N ARG A 144 -12.12 7.16 6.44
CA ARG A 144 -11.47 8.19 7.28
C ARG A 144 -10.31 8.99 6.63
N ASN A 145 -9.82 8.61 5.44
CA ASN A 145 -8.90 9.44 4.64
C ASN A 145 -9.64 10.59 3.90
N GLY A 146 -10.84 10.99 4.36
CA GLY A 146 -11.67 12.04 3.75
C GLY A 146 -12.17 11.76 2.34
N LEU A 147 -12.15 10.51 1.88
CA LEU A 147 -12.53 10.14 0.51
C LEU A 147 -14.06 10.13 0.34
N VAL A 148 -14.55 10.15 -0.91
CA VAL A 148 -15.97 9.93 -1.23
C VAL A 148 -16.20 8.43 -1.48
N ILE A 149 -17.18 7.82 -0.81
CA ILE A 149 -17.62 6.43 -1.07
C ILE A 149 -19.08 6.41 -1.53
N ASN A 150 -19.40 5.55 -2.51
CA ASN A 150 -20.68 5.54 -3.23
C ASN A 150 -21.46 4.22 -3.02
N ASN A 151 -22.79 4.27 -3.17
CA ASN A 151 -23.67 3.14 -2.86
C ASN A 151 -23.42 1.90 -3.75
N ASP A 152 -23.10 2.07 -5.03
CA ASP A 152 -22.95 0.95 -5.96
C ASP A 152 -21.67 0.14 -5.74
N VAL A 153 -20.55 0.80 -5.38
CA VAL A 153 -19.33 0.12 -4.92
C VAL A 153 -19.53 -0.46 -3.50
N ASN A 154 -20.28 0.18 -2.61
CA ASN A 154 -20.59 -0.36 -1.28
C ASN A 154 -21.43 -1.65 -1.36
N ASP A 155 -22.44 -1.70 -2.23
CA ASP A 155 -23.27 -2.90 -2.43
C ASP A 155 -22.48 -4.09 -3.02
N PHE A 156 -21.48 -3.82 -3.86
CA PHE A 156 -20.52 -4.82 -4.34
C PHE A 156 -19.48 -5.23 -3.27
N MET A 157 -19.03 -4.30 -2.44
CA MET A 157 -18.07 -4.52 -1.35
C MET A 157 -18.67 -5.44 -0.27
N THR A 158 -19.87 -5.10 0.23
CA THR A 158 -20.60 -5.88 1.24
C THR A 158 -21.03 -7.26 0.72
N GLU A 159 -21.28 -7.42 -0.59
CA GLU A 159 -21.70 -8.69 -1.19
C GLU A 159 -20.73 -9.84 -0.93
N HIS A 160 -19.45 -9.65 -1.27
CA HIS A 160 -18.42 -10.66 -1.01
C HIS A 160 -18.09 -10.77 0.50
N GLU A 161 -18.23 -9.68 1.26
CA GLU A 161 -18.07 -9.67 2.72
C GLU A 161 -19.17 -10.51 3.43
N ARG A 162 -20.42 -10.44 2.96
CA ARG A 162 -21.59 -11.26 3.37
C ARG A 162 -21.47 -12.75 2.95
N LYS A 163 -20.71 -13.03 1.90
CA LYS A 163 -20.27 -14.39 1.49
C LYS A 163 -19.10 -14.92 2.33
N GLY A 164 -18.71 -14.16 3.34
CA GLY A 164 -17.65 -14.48 4.29
C GLY A 164 -16.26 -14.40 3.68
N ARG A 165 -16.11 -13.71 2.54
CA ARG A 165 -14.85 -13.50 1.82
C ARG A 165 -14.30 -12.09 2.09
N THR A 166 -13.21 -11.72 1.42
CA THR A 166 -12.41 -10.52 1.70
C THR A 166 -12.60 -9.46 0.62
N ALA A 167 -13.00 -8.24 1.02
CA ALA A 167 -13.20 -7.10 0.13
C ALA A 167 -12.57 -5.83 0.72
N VAL A 168 -11.72 -5.13 -0.05
CA VAL A 168 -10.97 -3.93 0.40
C VAL A 168 -10.88 -2.84 -0.68
N LEU A 169 -10.64 -1.59 -0.26
CA LEU A 169 -10.41 -0.43 -1.15
C LEU A 169 -8.91 -0.07 -1.24
N VAL A 170 -8.53 0.73 -2.24
CA VAL A 170 -7.18 1.29 -2.41
C VAL A 170 -7.20 2.76 -2.89
N ALA A 171 -6.38 3.61 -2.24
CA ALA A 171 -6.36 5.06 -2.39
C ALA A 171 -4.92 5.62 -2.61
N VAL A 172 -4.83 6.76 -3.28
CA VAL A 172 -3.59 7.40 -3.76
C VAL A 172 -3.71 8.92 -3.69
N ASP A 173 -2.72 9.61 -3.12
CA ASP A 173 -2.64 11.07 -2.95
C ASP A 173 -3.97 11.74 -2.52
N ASP A 174 -4.63 11.14 -1.52
CA ASP A 174 -5.95 11.49 -0.97
C ASP A 174 -7.13 11.43 -1.96
N GLU A 175 -7.07 10.51 -2.93
CA GLU A 175 -8.16 10.11 -3.82
C GLU A 175 -8.30 8.58 -3.90
N LEU A 176 -9.47 8.08 -4.30
CA LEU A 176 -9.64 6.65 -4.65
C LEU A 176 -9.12 6.31 -6.05
N CYS A 177 -8.60 5.10 -6.23
CA CYS A 177 -8.29 4.53 -7.56
C CYS A 177 -9.10 3.26 -7.81
N GLY A 178 -9.25 2.35 -6.84
CA GLY A 178 -9.97 1.09 -7.06
C GLY A 178 -10.24 0.25 -5.80
N LEU A 179 -10.56 -1.03 -6.03
CA LEU A 179 -10.89 -2.04 -5.03
C LEU A 179 -10.34 -3.44 -5.39
N ILE A 180 -10.09 -4.26 -4.38
CA ILE A 180 -9.56 -5.63 -4.50
C ILE A 180 -10.50 -6.61 -3.79
N ALA A 181 -10.78 -7.74 -4.45
CA ALA A 181 -11.62 -8.82 -3.93
C ALA A 181 -10.84 -10.15 -3.87
N ILE A 182 -10.94 -10.83 -2.74
CA ILE A 182 -10.13 -11.98 -2.32
C ILE A 182 -11.00 -13.08 -1.71
N ALA A 183 -10.50 -14.31 -1.70
CA ALA A 183 -11.11 -15.49 -1.08
C ALA A 183 -10.08 -16.25 -0.19
N ASP A 184 -10.41 -17.46 0.29
CA ASP A 184 -9.59 -18.25 1.22
C ASP A 184 -9.22 -19.62 0.63
N THR A 185 -7.95 -20.03 0.75
CA THR A 185 -7.45 -21.39 0.42
C THR A 185 -7.24 -22.22 1.66
N SER A 1 6.05 -16.39 12.24
CA SER A 1 6.28 -17.68 12.91
C SER A 1 6.36 -18.83 11.91
N PHE A 2 6.86 -20.00 12.32
CA PHE A 2 7.15 -21.14 11.43
C PHE A 2 5.91 -21.93 10.95
N THR A 3 4.79 -21.87 11.68
CA THR A 3 3.55 -22.58 11.32
C THR A 3 2.68 -21.82 10.32
N MET A 4 2.05 -22.57 9.40
CA MET A 4 1.00 -22.07 8.50
C MET A 4 0.06 -23.17 7.98
N HIS A 5 -1.16 -22.76 7.63
CA HIS A 5 -2.24 -23.62 7.14
C HIS A 5 -2.83 -23.09 5.83
N GLY A 6 -3.10 -21.79 5.78
CA GLY A 6 -3.74 -21.13 4.64
C GLY A 6 -3.06 -19.81 4.26
N THR A 7 -3.03 -19.49 2.96
CA THR A 7 -2.58 -18.18 2.43
C THR A 7 -3.73 -17.44 1.75
N PRO A 8 -3.73 -16.09 1.78
CA PRO A 8 -4.67 -15.29 1.00
C PRO A 8 -4.36 -15.38 -0.51
N VAL A 9 -5.40 -15.32 -1.35
CA VAL A 9 -5.28 -15.24 -2.82
C VAL A 9 -6.14 -14.11 -3.37
N VAL A 10 -5.60 -13.28 -4.28
CA VAL A 10 -6.36 -12.20 -4.90
C VAL A 10 -7.38 -12.78 -5.89
N ASN A 11 -8.66 -12.62 -5.56
CA ASN A 11 -9.77 -13.29 -6.23
C ASN A 11 -10.32 -12.45 -7.40
N GLN A 12 -10.43 -11.13 -7.21
CA GLN A 12 -10.81 -10.17 -8.27
C GLN A 12 -10.27 -8.76 -7.99
N VAL A 13 -10.03 -7.96 -9.05
CA VAL A 13 -9.68 -6.53 -8.97
C VAL A 13 -10.63 -5.66 -9.81
N LYS A 14 -10.98 -4.47 -9.33
CA LYS A 14 -11.80 -3.49 -10.07
C LYS A 14 -11.40 -2.03 -9.85
N VAL A 15 -11.59 -1.18 -10.86
CA VAL A 15 -11.32 0.26 -10.83
C VAL A 15 -12.58 1.07 -10.50
N LEU A 16 -12.40 2.16 -9.75
CA LEU A 16 -13.40 3.18 -9.42
C LEU A 16 -13.14 4.50 -10.18
N THR A 17 -11.89 4.95 -10.18
CA THR A 17 -11.44 6.23 -10.77
C THR A 17 -10.43 5.94 -11.87
N GLU A 18 -10.66 6.47 -13.07
CA GLU A 18 -9.93 6.07 -14.27
C GLU A 18 -9.84 7.22 -15.28
N SER A 19 -8.67 7.39 -15.91
CA SER A 19 -8.32 8.44 -16.89
C SER A 19 -8.32 9.89 -16.35
N ASN A 20 -8.91 10.16 -15.17
CA ASN A 20 -8.87 11.46 -14.50
C ASN A 20 -7.76 11.61 -13.45
N ARG A 21 -6.98 10.54 -13.20
CA ARG A 21 -5.76 10.59 -12.37
C ARG A 21 -4.79 9.43 -12.68
N ILE A 22 -5.33 8.21 -12.78
CA ILE A 22 -4.60 6.93 -12.94
C ILE A 22 -5.26 6.07 -14.05
N SER A 23 -4.51 5.13 -14.66
CA SER A 23 -5.00 4.12 -15.62
C SER A 23 -4.92 2.68 -15.07
N HIS A 24 -5.82 1.77 -15.48
CA HIS A 24 -5.98 0.44 -14.85
C HIS A 24 -4.73 -0.44 -14.75
N HIS A 25 -3.96 -0.60 -15.83
CA HIS A 25 -2.75 -1.45 -15.81
C HIS A 25 -1.63 -0.80 -14.96
N LYS A 26 -1.74 0.50 -14.69
CA LYS A 26 -0.83 1.29 -13.84
C LYS A 26 -1.25 1.27 -12.37
N ILE A 27 -2.57 1.16 -12.08
CA ILE A 27 -3.08 0.89 -10.71
C ILE A 27 -2.50 -0.45 -10.21
N LEU A 28 -2.63 -1.54 -10.98
CA LEU A 28 -2.08 -2.83 -10.56
C LEU A 28 -0.55 -2.80 -10.46
N ALA A 29 0.13 -2.05 -11.33
CA ALA A 29 1.58 -1.85 -11.22
C ALA A 29 1.99 -1.20 -9.87
N ILE A 30 1.39 -0.06 -9.47
CA ILE A 30 1.78 0.62 -8.22
C ILE A 30 1.39 -0.16 -6.95
N VAL A 31 0.30 -0.92 -6.96
CA VAL A 31 -0.05 -1.82 -5.83
C VAL A 31 0.94 -2.99 -5.76
N GLY A 32 1.24 -3.62 -6.90
CA GLY A 32 2.18 -4.74 -6.98
C GLY A 32 3.60 -4.36 -6.54
N THR A 33 4.08 -3.18 -6.93
CA THR A 33 5.41 -2.68 -6.53
C THR A 33 5.46 -2.23 -5.07
N ALA A 34 4.40 -1.61 -4.53
CA ALA A 34 4.36 -1.16 -3.14
C ALA A 34 4.44 -2.34 -2.15
N GLU A 35 3.66 -3.38 -2.38
CA GLU A 35 3.68 -4.58 -1.53
C GLU A 35 4.96 -5.41 -1.69
N SER A 36 5.75 -5.19 -2.76
CA SER A 36 7.00 -5.91 -3.04
C SER A 36 8.09 -5.72 -1.97
N ASN A 37 8.06 -4.62 -1.22
CA ASN A 37 8.98 -4.39 -0.08
C ASN A 37 8.37 -4.85 1.27
N SER A 38 7.06 -5.13 1.34
CA SER A 38 6.33 -5.34 2.60
C SER A 38 6.60 -6.68 3.30
N GLU A 39 6.28 -6.72 4.60
CA GLU A 39 6.25 -7.90 5.49
C GLU A 39 4.83 -8.35 5.87
N HIS A 40 3.79 -7.83 5.20
CA HIS A 40 2.40 -8.21 5.40
C HIS A 40 1.97 -9.48 4.61
N PRO A 41 0.88 -10.15 5.02
CA PRO A 41 0.44 -11.43 4.48
C PRO A 41 -0.47 -11.33 3.25
N LEU A 42 -1.32 -10.30 3.19
CA LEU A 42 -2.44 -10.22 2.24
C LEU A 42 -2.09 -9.46 0.97
N GLY A 43 -1.55 -8.25 1.11
CA GLY A 43 -1.18 -7.42 -0.04
C GLY A 43 -0.06 -8.05 -0.90
N THR A 44 0.84 -8.83 -0.29
CA THR A 44 1.90 -9.57 -1.00
C THR A 44 1.36 -10.67 -1.93
N ALA A 45 0.11 -11.13 -1.76
CA ALA A 45 -0.56 -11.98 -2.74
C ALA A 45 -0.81 -11.25 -4.07
N ILE A 46 -1.04 -9.93 -4.00
CA ILE A 46 -1.17 -9.02 -5.15
C ILE A 46 0.19 -8.80 -5.82
N THR A 47 1.29 -8.64 -5.07
CA THR A 47 2.65 -8.60 -5.66
C THR A 47 2.92 -9.82 -6.54
N LYS A 48 2.62 -11.03 -6.07
CA LYS A 48 2.76 -12.25 -6.89
C LYS A 48 1.92 -12.20 -8.16
N TYR A 49 0.62 -11.88 -8.04
CA TYR A 49 -0.31 -11.76 -9.16
C TYR A 49 0.14 -10.72 -10.20
N CYS A 50 0.67 -9.59 -9.74
CA CYS A 50 1.23 -8.50 -10.55
C CYS A 50 2.57 -8.87 -11.19
N LYS A 51 3.51 -9.49 -10.47
CA LYS A 51 4.80 -9.95 -11.04
C LYS A 51 4.57 -10.97 -12.16
N GLN A 52 3.56 -11.83 -12.00
CA GLN A 52 3.07 -12.71 -13.05
C GLN A 52 2.47 -11.91 -14.22
N GLU A 53 1.61 -10.90 -13.96
CA GLU A 53 0.99 -10.08 -15.03
C GLU A 53 2.02 -9.27 -15.86
N LEU A 54 2.99 -8.63 -15.20
CA LEU A 54 4.00 -7.81 -15.86
C LEU A 54 5.03 -8.63 -16.66
N ASP A 55 5.17 -9.93 -16.38
CA ASP A 55 6.17 -10.84 -16.97
C ASP A 55 7.62 -10.28 -16.93
N THR A 56 7.91 -9.50 -15.89
CA THR A 56 9.11 -8.64 -15.76
C THR A 56 10.23 -9.23 -14.89
N GLU A 57 9.96 -10.31 -14.14
CA GLU A 57 10.87 -11.01 -13.21
C GLU A 57 11.31 -10.23 -11.95
N THR A 58 11.23 -8.89 -11.92
CA THR A 58 11.60 -8.06 -10.75
C THR A 58 10.86 -6.69 -10.72
N LEU A 59 10.39 -6.26 -9.54
CA LEU A 59 9.63 -5.01 -9.34
C LEU A 59 9.70 -4.44 -7.90
N GLY A 60 9.52 -3.12 -7.75
CA GLY A 60 9.50 -2.40 -6.45
C GLY A 60 10.82 -1.73 -6.07
N THR A 61 10.76 -0.50 -5.55
CA THR A 61 11.94 0.33 -5.22
C THR A 61 11.92 0.82 -3.76
N CYS A 62 11.01 1.74 -3.39
CA CYS A 62 10.98 2.38 -2.06
C CYS A 62 9.58 2.54 -1.44
N ILE A 63 9.47 2.36 -0.13
CA ILE A 63 8.29 2.32 0.74
C ILE A 63 8.64 2.98 2.10
N ASP A 64 7.72 3.77 2.67
CA ASP A 64 7.86 4.47 3.97
C ASP A 64 7.25 3.69 5.16
N PHE A 65 6.23 2.86 4.91
CA PHE A 65 5.64 1.88 5.85
C PHE A 65 5.03 2.45 7.15
N GLN A 66 3.71 2.65 7.16
CA GLN A 66 2.90 2.98 8.36
C GLN A 66 1.83 1.89 8.56
N VAL A 67 1.94 1.14 9.67
CA VAL A 67 1.15 -0.07 9.97
C VAL A 67 0.22 0.16 11.16
N VAL A 68 -1.06 -0.20 11.01
CA VAL A 68 -2.05 -0.29 12.09
C VAL A 68 -2.80 -1.62 11.93
N PRO A 69 -2.77 -2.56 12.90
CA PRO A 69 -3.41 -3.87 12.78
C PRO A 69 -4.89 -3.80 12.40
N GLY A 70 -5.31 -4.67 11.48
CA GLY A 70 -6.66 -4.73 10.90
C GLY A 70 -6.99 -3.59 9.93
N CYS A 71 -6.67 -2.35 10.30
CA CYS A 71 -7.11 -1.09 9.67
C CYS A 71 -6.52 -0.76 8.29
N GLY A 72 -5.57 -1.53 7.76
CA GLY A 72 -4.88 -1.25 6.49
C GLY A 72 -3.41 -0.85 6.65
N ILE A 73 -2.79 -0.34 5.57
CA ILE A 73 -1.40 0.15 5.56
C ILE A 73 -1.28 1.40 4.67
N SER A 74 -0.45 2.38 5.04
CA SER A 74 -0.16 3.59 4.24
C SER A 74 1.34 3.81 4.09
N CYS A 75 1.76 4.46 2.99
CA CYS A 75 3.16 4.67 2.66
C CYS A 75 3.38 5.76 1.61
N LYS A 76 4.66 6.10 1.40
CA LYS A 76 5.14 6.94 0.30
C LYS A 76 6.01 6.07 -0.60
N VAL A 77 5.84 6.17 -1.90
CA VAL A 77 6.60 5.39 -2.89
C VAL A 77 7.23 6.26 -3.97
N THR A 78 8.38 5.82 -4.46
CA THR A 78 9.00 6.33 -5.70
C THR A 78 9.46 5.16 -6.55
N ASN A 79 9.37 5.34 -7.85
CA ASN A 79 10.09 4.61 -8.88
C ASN A 79 9.98 5.39 -10.20
N ILE A 80 10.17 6.71 -10.10
CA ILE A 80 9.92 7.71 -11.16
C ILE A 80 11.06 8.74 -11.25
N GLU A 81 11.74 9.06 -10.15
CA GLU A 81 12.94 9.93 -10.13
C GLU A 81 14.03 9.46 -9.13
N GLY A 82 13.82 8.37 -8.37
CA GLY A 82 14.66 7.94 -7.23
C GLY A 82 16.15 7.71 -7.48
N LEU A 83 16.60 7.63 -8.74
CA LEU A 83 18.00 7.51 -9.13
C LEU A 83 18.84 8.79 -8.93
N LEU A 84 18.23 9.90 -8.49
CA LEU A 84 18.86 11.18 -8.07
C LEU A 84 19.60 11.12 -6.71
N HIS A 85 20.09 9.93 -6.39
CA HIS A 85 20.84 9.54 -5.19
C HIS A 85 21.98 10.49 -4.85
N LYS A 86 22.12 10.80 -3.55
CA LYS A 86 23.20 11.64 -3.03
C LYS A 86 24.55 10.94 -3.10
N ASN A 87 25.54 11.58 -3.71
CA ASN A 87 26.92 11.09 -3.82
C ASN A 87 27.51 10.80 -2.43
N ASN A 88 27.42 11.77 -1.51
CA ASN A 88 27.72 11.59 -0.08
C ASN A 88 27.11 12.72 0.79
N TRP A 89 26.59 12.35 1.97
CA TRP A 89 25.96 13.23 2.96
C TRP A 89 24.73 13.97 2.42
N ASN A 90 24.27 15.04 3.09
CA ASN A 90 23.00 15.73 2.84
C ASN A 90 21.76 14.86 3.17
N ILE A 91 21.97 13.84 4.01
CA ILE A 91 21.00 12.82 4.41
C ILE A 91 20.57 12.99 5.88
N GLU A 92 21.39 13.64 6.71
CA GLU A 92 21.23 13.95 8.15
C GLU A 92 21.13 12.74 9.11
N ASP A 93 20.57 11.63 8.64
CA ASP A 93 20.37 10.36 9.36
C ASP A 93 21.27 9.21 8.83
N ASN A 94 22.27 9.52 7.98
CA ASN A 94 23.09 8.62 7.18
C ASN A 94 23.59 7.32 7.85
N ASN A 95 23.80 7.30 9.16
CA ASN A 95 24.02 6.08 9.94
C ASN A 95 22.71 5.26 10.12
N ILE A 96 22.06 4.90 9.00
CA ILE A 96 20.71 4.32 8.99
C ILE A 96 20.72 2.88 9.50
N LYS A 97 20.20 2.65 10.71
CA LYS A 97 19.99 1.33 11.31
C LYS A 97 18.57 1.24 11.85
N ASN A 98 17.58 1.20 10.95
CA ASN A 98 16.14 1.22 11.28
C ASN A 98 15.54 -0.17 11.58
N ALA A 99 16.23 -1.27 11.26
CA ALA A 99 15.69 -2.63 11.37
C ALA A 99 15.33 -3.04 12.80
N SER A 100 14.15 -3.65 12.96
CA SER A 100 13.53 -4.02 14.24
C SER A 100 13.25 -5.52 14.37
N LEU A 101 13.19 -6.02 15.60
CA LEU A 101 13.10 -7.45 15.95
C LEU A 101 11.65 -7.98 15.88
N VAL A 102 10.88 -7.58 14.85
CA VAL A 102 9.52 -8.04 14.60
C VAL A 102 9.55 -9.47 14.02
N GLN A 103 8.78 -10.37 14.63
CA GLN A 103 8.72 -11.82 14.44
C GLN A 103 10.05 -12.58 14.66
N ILE A 104 9.91 -13.80 15.18
CA ILE A 104 10.97 -14.76 15.54
C ILE A 104 11.93 -14.27 16.64
N ASP A 105 12.34 -15.21 17.48
CA ASP A 105 13.39 -15.10 18.50
C ASP A 105 14.52 -16.12 18.23
N ALA A 106 14.25 -17.19 17.47
CA ALA A 106 15.22 -18.22 17.05
C ALA A 106 16.27 -17.76 16.02
N SER A 107 16.33 -16.46 15.68
CA SER A 107 17.44 -15.83 14.93
C SER A 107 18.26 -14.88 15.83
N ASN A 108 17.86 -14.75 17.10
CA ASN A 108 18.55 -14.14 18.24
C ASN A 108 19.28 -12.80 18.00
N GLU A 109 18.66 -11.84 17.30
CA GLU A 109 19.26 -10.54 16.92
C GLU A 109 20.45 -10.62 15.94
N GLN A 110 20.70 -11.77 15.29
CA GLN A 110 21.86 -12.01 14.40
C GLN A 110 21.53 -11.95 12.90
N SER A 111 20.28 -11.66 12.54
CA SER A 111 19.76 -11.77 11.17
C SER A 111 18.89 -10.56 10.76
N SER A 112 18.82 -9.50 11.57
CA SER A 112 17.85 -8.42 11.38
C SER A 112 18.06 -7.56 10.12
N THR A 113 16.94 -7.25 9.46
CA THR A 113 16.81 -6.26 8.38
C THR A 113 15.31 -5.93 8.15
N SER A 114 14.98 -4.84 7.47
CA SER A 114 13.60 -4.47 7.15
C SER A 114 13.48 -3.54 5.93
N SER A 115 12.26 -3.30 5.49
CA SER A 115 11.93 -2.31 4.45
C SER A 115 12.35 -0.88 4.82
N SER A 116 12.52 -0.58 6.12
CA SER A 116 12.93 0.75 6.60
C SER A 116 14.45 1.00 6.52
N MET A 117 15.26 0.04 6.07
CA MET A 117 16.69 0.25 5.85
C MET A 117 16.93 1.09 4.60
N ILE A 118 17.98 1.92 4.62
CA ILE A 118 18.33 2.95 3.61
C ILE A 118 17.25 4.06 3.41
N ILE A 119 16.00 3.89 3.88
CA ILE A 119 14.88 4.80 3.50
C ILE A 119 15.10 6.29 3.80
N ASP A 120 15.86 6.66 4.83
CA ASP A 120 16.10 8.08 5.12
C ASP A 120 16.97 8.77 4.06
N ALA A 121 17.85 8.03 3.38
CA ALA A 121 18.55 8.51 2.19
C ALA A 121 17.57 8.77 1.03
N GLN A 122 16.50 7.95 0.96
CA GLN A 122 15.59 7.88 -0.18
C GLN A 122 14.50 8.96 -0.09
N ILE A 123 13.94 9.16 1.10
CA ILE A 123 13.01 10.26 1.41
C ILE A 123 13.72 11.61 1.39
N SER A 124 14.95 11.70 1.92
CA SER A 124 15.66 12.99 1.97
C SER A 124 15.98 13.53 0.58
N ASN A 125 16.19 12.67 -0.42
CA ASN A 125 16.36 13.13 -1.82
C ASN A 125 15.05 13.35 -2.58
N ALA A 126 13.90 13.02 -2.00
CA ALA A 126 12.59 13.15 -2.65
C ALA A 126 12.20 14.61 -3.01
N LEU A 127 12.84 15.59 -2.38
CA LEU A 127 12.80 17.01 -2.77
C LEU A 127 13.23 17.19 -4.25
N ASN A 128 14.16 16.35 -4.72
CA ASN A 128 14.53 16.20 -6.12
C ASN A 128 13.80 15.04 -6.81
N ALA A 129 13.49 13.95 -6.10
CA ALA A 129 12.87 12.75 -6.66
C ALA A 129 11.39 12.52 -6.29
N GLN A 130 10.46 12.80 -7.22
CA GLN A 130 9.01 12.70 -7.00
C GLN A 130 8.52 11.41 -6.31
N GLN A 131 7.51 11.58 -5.47
CA GLN A 131 6.83 10.54 -4.69
C GLN A 131 5.30 10.58 -4.82
N TYR A 132 4.66 9.45 -4.48
CA TYR A 132 3.22 9.20 -4.45
C TYR A 132 2.83 8.67 -3.06
N LYS A 133 1.74 9.18 -2.45
CA LYS A 133 1.22 8.73 -1.13
C LYS A 133 0.11 7.69 -1.32
N VAL A 134 0.39 6.42 -1.05
CA VAL A 134 -0.52 5.29 -1.38
C VAL A 134 -0.87 4.44 -0.17
N LEU A 135 -2.12 3.99 -0.11
CA LEU A 135 -2.66 3.16 0.96
C LEU A 135 -3.69 2.13 0.48
N ILE A 136 -3.79 1.01 1.20
CA ILE A 136 -4.63 -0.16 0.88
C ILE A 136 -5.15 -0.80 2.17
N GLY A 137 -6.28 -1.51 2.07
CA GLY A 137 -6.78 -2.38 3.13
C GLY A 137 -8.00 -1.83 3.86
N ASN A 138 -8.66 -2.74 4.58
CA ASN A 138 -9.85 -2.50 5.39
C ASN A 138 -10.99 -1.74 4.64
N ARG A 139 -11.84 -1.05 5.41
CA ARG A 139 -12.94 -0.16 4.98
C ARG A 139 -12.89 1.18 5.70
N GLU A 140 -12.47 1.22 6.97
CA GLU A 140 -12.57 2.41 7.83
C GLU A 140 -11.49 3.47 7.57
N TRP A 141 -10.27 3.10 7.16
CA TRP A 141 -9.25 4.09 6.79
C TRP A 141 -9.57 4.77 5.44
N MET A 142 -10.26 4.06 4.54
CA MET A 142 -10.81 4.62 3.29
C MET A 142 -11.76 5.81 3.57
N ILE A 143 -12.49 5.75 4.68
CA ILE A 143 -13.28 6.85 5.28
C ILE A 143 -12.34 7.92 5.83
N ARG A 144 -11.56 7.61 6.87
CA ARG A 144 -10.64 8.55 7.57
C ARG A 144 -9.60 9.27 6.68
N ASN A 145 -9.30 8.78 5.48
CA ASN A 145 -8.49 9.50 4.47
C ASN A 145 -9.31 10.60 3.74
N GLY A 146 -10.52 10.93 4.20
CA GLY A 146 -11.35 12.04 3.72
C GLY A 146 -11.98 11.83 2.34
N LEU A 147 -12.07 10.59 1.86
CA LEU A 147 -12.58 10.26 0.52
C LEU A 147 -14.12 10.17 0.51
N VAL A 148 -14.72 10.05 -0.68
CA VAL A 148 -16.17 9.88 -0.87
C VAL A 148 -16.47 8.44 -1.34
N ILE A 149 -17.26 7.69 -0.57
CA ILE A 149 -17.71 6.34 -0.93
C ILE A 149 -19.14 6.37 -1.49
N ASN A 150 -19.29 5.81 -2.69
CA ASN A 150 -20.56 5.78 -3.44
C ASN A 150 -21.40 4.51 -3.18
N ASN A 151 -22.70 4.61 -3.41
CA ASN A 151 -23.67 3.53 -3.20
C ASN A 151 -23.38 2.28 -4.04
N ASP A 152 -22.80 2.46 -5.22
CA ASP A 152 -22.52 1.39 -6.18
C ASP A 152 -21.36 0.49 -5.70
N VAL A 153 -20.28 1.09 -5.16
CA VAL A 153 -19.17 0.34 -4.54
C VAL A 153 -19.50 -0.15 -3.12
N ASN A 154 -20.26 0.60 -2.32
CA ASN A 154 -20.65 0.16 -0.97
C ASN A 154 -21.49 -1.13 -1.02
N ASP A 155 -22.38 -1.24 -2.00
CA ASP A 155 -23.11 -2.47 -2.31
C ASP A 155 -22.16 -3.63 -2.68
N PHE A 156 -21.21 -3.39 -3.59
CA PHE A 156 -20.19 -4.37 -4.04
C PHE A 156 -19.37 -4.90 -2.85
N MET A 157 -18.99 -4.00 -1.93
CA MET A 157 -18.14 -4.26 -0.78
C MET A 157 -18.81 -5.22 0.21
N THR A 158 -20.08 -4.97 0.59
CA THR A 158 -20.84 -5.88 1.46
C THR A 158 -21.32 -7.15 0.73
N GLU A 159 -21.60 -7.09 -0.58
CA GLU A 159 -22.05 -8.21 -1.40
C GLU A 159 -21.06 -9.39 -1.38
N HIS A 160 -19.79 -9.13 -1.70
CA HIS A 160 -18.72 -10.13 -1.66
C HIS A 160 -18.33 -10.54 -0.22
N GLU A 161 -18.50 -9.65 0.75
CA GLU A 161 -18.34 -9.96 2.19
C GLU A 161 -19.39 -10.99 2.66
N ARG A 162 -20.67 -10.83 2.29
CA ARG A 162 -21.78 -11.76 2.59
C ARG A 162 -21.65 -13.11 1.87
N LYS A 163 -21.03 -13.14 0.69
CA LYS A 163 -20.61 -14.35 -0.04
C LYS A 163 -19.54 -15.18 0.69
N GLY A 164 -18.95 -14.61 1.74
CA GLY A 164 -18.06 -15.31 2.68
C GLY A 164 -16.58 -15.20 2.33
N ARG A 165 -16.15 -14.11 1.68
CA ARG A 165 -14.75 -13.82 1.31
C ARG A 165 -14.33 -12.43 1.82
N THR A 166 -13.06 -12.03 1.62
CA THR A 166 -12.49 -10.74 2.10
C THR A 166 -12.65 -9.65 1.03
N ALA A 167 -12.99 -8.41 1.44
CA ALA A 167 -13.13 -7.26 0.54
C ALA A 167 -12.50 -5.97 1.11
N VAL A 168 -11.67 -5.29 0.29
CA VAL A 168 -10.89 -4.09 0.67
C VAL A 168 -10.81 -3.03 -0.46
N LEU A 169 -10.40 -1.79 -0.12
CA LEU A 169 -10.25 -0.66 -1.06
C LEU A 169 -8.80 -0.13 -1.16
N VAL A 170 -8.52 0.73 -2.15
CA VAL A 170 -7.19 1.31 -2.45
C VAL A 170 -7.26 2.81 -2.76
N ALA A 171 -6.44 3.63 -2.10
CA ALA A 171 -6.38 5.09 -2.25
C ALA A 171 -4.97 5.63 -2.57
N VAL A 172 -4.87 6.74 -3.30
CA VAL A 172 -3.64 7.34 -3.84
C VAL A 172 -3.72 8.88 -3.87
N ASP A 173 -2.74 9.57 -3.26
CA ASP A 173 -2.68 11.02 -3.04
C ASP A 173 -4.04 11.65 -2.70
N ASP A 174 -4.73 11.11 -1.68
CA ASP A 174 -6.06 11.53 -1.22
C ASP A 174 -7.21 11.46 -2.26
N GLU A 175 -7.11 10.54 -3.21
CA GLU A 175 -8.18 10.10 -4.12
C GLU A 175 -8.35 8.58 -4.04
N LEU A 176 -9.56 8.07 -4.30
CA LEU A 176 -9.80 6.63 -4.51
C LEU A 176 -9.38 6.22 -5.92
N CYS A 177 -8.84 5.01 -6.10
CA CYS A 177 -8.57 4.44 -7.43
C CYS A 177 -9.35 3.14 -7.69
N GLY A 178 -9.50 2.23 -6.72
CA GLY A 178 -10.16 0.94 -6.95
C GLY A 178 -10.43 0.09 -5.70
N LEU A 179 -10.89 -1.15 -5.93
CA LEU A 179 -11.24 -2.16 -4.92
C LEU A 179 -10.76 -3.57 -5.29
N ILE A 180 -10.52 -4.39 -4.28
CA ILE A 180 -9.96 -5.74 -4.41
C ILE A 180 -10.78 -6.74 -3.56
N ALA A 181 -11.07 -7.91 -4.14
CA ALA A 181 -11.70 -9.06 -3.48
C ALA A 181 -10.68 -10.20 -3.32
N ILE A 182 -10.65 -10.85 -2.14
CA ILE A 182 -9.63 -11.83 -1.73
C ILE A 182 -10.27 -13.07 -1.10
N ALA A 183 -9.67 -14.23 -1.36
CA ALA A 183 -10.08 -15.55 -0.88
C ALA A 183 -8.95 -16.27 -0.10
N ASP A 184 -9.13 -17.54 0.25
CA ASP A 184 -8.18 -18.38 1.02
C ASP A 184 -7.82 -19.69 0.27
N THR A 185 -6.53 -20.05 0.21
CA THR A 185 -6.00 -21.19 -0.56
C THR A 185 -4.96 -22.02 0.19
#